data_2LSN
#
_entry.id   2LSN
#
_entity_poly.entity_id   1
_entity_poly.type   'polypeptide(L)'
_entity_poly.pdbx_seq_one_letter_code
;GAMGQYEGVFYTDGSAIKSPDPTKSNNAGMGIVHATYKPEYQVLNQWSIPLGNHTAQMAEIAAVEFACKKALKIPGPVLV
ITDSFYVAESANKELPYWKSNGFVNNKKKPLKHISKWKSIAECLSMKPDITIQHEKGHQPTNTSIHTEGNALADKLATQG
SYVVN
;
_entity_poly.pdbx_strand_id   A
#
# COMPACT_ATOMS: atom_id res chain seq x y z
N GLY A 1 -5.41 -18.33 -14.06
CA GLY A 1 -4.56 -18.79 -15.19
C GLY A 1 -3.17 -18.13 -15.09
N ALA A 2 -2.93 -17.13 -15.89
CA ALA A 2 -1.60 -16.45 -15.83
C ALA A 2 -1.41 -15.81 -14.46
N MET A 3 -2.50 -15.44 -13.81
CA MET A 3 -2.38 -14.81 -12.46
C MET A 3 -1.78 -15.81 -11.48
N GLY A 4 -2.08 -17.07 -11.64
CA GLY A 4 -1.53 -18.10 -10.72
C GLY A 4 -2.44 -18.21 -9.48
N GLN A 5 -1.95 -18.81 -8.43
CA GLN A 5 -2.77 -18.95 -7.20
C GLN A 5 -2.02 -18.37 -6.02
N TYR A 6 -2.56 -17.37 -5.37
CA TYR A 6 -1.87 -16.76 -4.20
C TYR A 6 -2.71 -16.97 -2.94
N GLU A 7 -2.10 -16.91 -1.80
CA GLU A 7 -2.88 -17.09 -0.54
C GLU A 7 -4.03 -16.09 -0.51
N GLY A 8 -3.80 -14.90 -0.99
CA GLY A 8 -4.88 -13.87 -0.99
C GLY A 8 -4.37 -12.59 -1.64
N VAL A 9 -5.09 -11.51 -1.51
CA VAL A 9 -4.64 -10.23 -2.11
C VAL A 9 -4.77 -9.11 -1.07
N PHE A 10 -3.88 -8.17 -1.08
CA PHE A 10 -3.95 -7.06 -0.09
C PHE A 10 -4.12 -5.72 -0.80
N TYR A 11 -5.18 -5.01 -0.52
CA TYR A 11 -5.40 -3.70 -1.17
C TYR A 11 -5.18 -2.59 -0.14
N THR A 12 -4.33 -1.64 -0.46
CA THR A 12 -4.06 -0.55 0.52
C THR A 12 -4.54 0.79 -0.05
N ASP A 13 -4.94 1.69 0.81
CA ASP A 13 -5.41 3.02 0.35
C ASP A 13 -4.93 4.10 1.31
N GLY A 14 -4.80 5.31 0.85
CA GLY A 14 -4.32 6.40 1.75
C GLY A 14 -5.14 7.68 1.50
N SER A 15 -5.51 8.37 2.54
CA SER A 15 -6.30 9.61 2.35
C SER A 15 -5.87 10.65 3.39
N ALA A 16 -6.16 11.90 3.15
CA ALA A 16 -5.76 12.96 4.13
C ALA A 16 -6.81 14.07 4.15
N ILE A 17 -6.97 14.72 5.27
CA ILE A 17 -7.98 15.81 5.35
C ILE A 17 -7.31 17.09 5.86
N LYS A 18 -7.64 18.22 5.29
CA LYS A 18 -7.02 19.49 5.74
C LYS A 18 -8.05 20.32 6.50
N SER A 19 -7.66 20.95 7.58
CA SER A 19 -8.63 21.78 8.35
C SER A 19 -8.09 23.20 8.48
N PRO A 20 -8.97 24.14 8.88
CA PRO A 20 -8.60 25.55 9.05
C PRO A 20 -7.69 25.74 10.27
N ASP A 21 -7.85 24.94 11.28
CA ASP A 21 -6.99 25.09 12.49
C ASP A 21 -5.58 24.57 12.20
N PRO A 22 -5.45 23.27 11.90
CA PRO A 22 -4.16 22.65 11.60
C PRO A 22 -3.62 23.10 10.23
N THR A 23 -3.28 24.35 10.11
CA THR A 23 -2.74 24.85 8.81
C THR A 23 -1.53 24.01 8.40
N LYS A 24 -0.60 23.84 9.29
CA LYS A 24 0.61 23.03 8.95
C LYS A 24 0.41 21.59 9.43
N SER A 25 -0.80 21.11 9.43
CA SER A 25 -1.05 19.73 9.89
C SER A 25 -2.28 19.16 9.17
N ASN A 26 -2.25 17.90 8.83
CA ASN A 26 -3.42 17.29 8.13
C ASN A 26 -3.72 15.92 8.73
N ASN A 27 -4.94 15.48 8.67
CA ASN A 27 -5.30 14.16 9.23
C ASN A 27 -5.38 13.13 8.10
N ALA A 28 -4.60 12.08 8.18
CA ALA A 28 -4.63 11.06 7.11
C ALA A 28 -4.79 9.67 7.73
N GLY A 29 -5.33 8.73 6.99
CA GLY A 29 -5.51 7.36 7.54
C GLY A 29 -5.22 6.34 6.44
N MET A 30 -5.01 5.10 6.81
CA MET A 30 -4.71 4.05 5.79
C MET A 30 -5.75 2.94 5.90
N GLY A 31 -6.18 2.41 4.79
CA GLY A 31 -7.19 1.31 4.82
C GLY A 31 -6.67 0.11 4.02
N ILE A 32 -6.58 -1.04 4.64
CA ILE A 32 -6.08 -2.23 3.92
C ILE A 32 -7.22 -3.25 3.75
N VAL A 33 -7.32 -3.86 2.61
CA VAL A 33 -8.41 -4.86 2.39
C VAL A 33 -7.79 -6.20 1.99
N HIS A 34 -8.27 -7.27 2.56
CA HIS A 34 -7.71 -8.61 2.22
C HIS A 34 -8.72 -9.39 1.39
N ALA A 35 -8.28 -10.04 0.35
CA ALA A 35 -9.21 -10.81 -0.51
C ALA A 35 -8.65 -12.23 -0.71
N THR A 36 -9.44 -13.11 -1.27
CA THR A 36 -8.96 -14.51 -1.50
C THR A 36 -9.30 -14.95 -2.92
N TYR A 37 -8.70 -16.01 -3.38
CA TYR A 37 -8.98 -16.49 -4.76
C TYR A 37 -9.89 -17.73 -4.69
N LYS A 38 -10.43 -18.01 -3.54
CA LYS A 38 -11.32 -19.19 -3.41
C LYS A 38 -12.40 -19.14 -4.50
N PRO A 39 -13.31 -20.13 -4.54
CA PRO A 39 -14.37 -20.16 -5.55
C PRO A 39 -15.37 -19.03 -5.35
N GLU A 40 -15.22 -18.27 -4.30
CA GLU A 40 -16.14 -17.13 -4.05
C GLU A 40 -15.33 -15.90 -3.64
N TYR A 41 -15.20 -14.94 -4.52
CA TYR A 41 -14.42 -13.72 -4.17
C TYR A 41 -15.02 -13.06 -2.93
N GLN A 42 -14.23 -12.87 -1.91
CA GLN A 42 -14.76 -12.24 -0.66
C GLN A 42 -13.60 -11.64 0.14
N VAL A 43 -13.85 -10.56 0.84
CA VAL A 43 -12.76 -9.93 1.65
C VAL A 43 -12.54 -10.74 2.93
N LEU A 44 -11.35 -11.22 3.14
CA LEU A 44 -11.08 -12.01 4.38
C LEU A 44 -11.23 -11.10 5.61
N ASN A 45 -10.80 -9.89 5.51
CA ASN A 45 -10.92 -8.95 6.67
C ASN A 45 -10.48 -7.56 6.26
N GLN A 46 -10.84 -6.55 7.01
CA GLN A 46 -10.44 -5.17 6.65
C GLN A 46 -9.46 -4.63 7.70
N TRP A 47 -8.63 -3.70 7.33
CA TRP A 47 -7.65 -3.13 8.31
C TRP A 47 -7.63 -1.62 8.20
N SER A 48 -7.70 -0.93 9.30
CA SER A 48 -7.67 0.56 9.25
C SER A 48 -6.51 1.07 10.11
N ILE A 49 -5.69 1.92 9.55
CA ILE A 49 -4.53 2.46 10.33
C ILE A 49 -4.50 3.99 10.23
N PRO A 50 -5.17 4.67 11.17
CA PRO A 50 -5.22 6.13 11.21
C PRO A 50 -3.87 6.75 11.57
N LEU A 51 -3.44 7.74 10.83
CA LEU A 51 -2.12 8.38 11.14
C LEU A 51 -2.37 9.67 11.93
N GLY A 52 -1.47 10.02 12.80
CA GLY A 52 -1.64 11.26 13.60
C GLY A 52 -0.77 12.37 13.00
N ASN A 53 0.53 12.18 13.00
CA ASN A 53 1.43 13.23 12.43
C ASN A 53 2.01 12.74 11.10
N HIS A 54 1.17 12.40 10.17
CA HIS A 54 1.67 11.92 8.85
C HIS A 54 1.00 12.70 7.72
N THR A 55 1.36 12.43 6.49
CA THR A 55 0.73 13.17 5.36
C THR A 55 0.11 12.16 4.38
N ALA A 56 -0.65 12.62 3.45
CA ALA A 56 -1.28 11.70 2.46
C ALA A 56 -0.19 10.90 1.75
N GLN A 57 0.89 11.54 1.39
CA GLN A 57 1.99 10.81 0.70
C GLN A 57 2.53 9.71 1.61
N MET A 58 2.68 9.99 2.87
CA MET A 58 3.19 8.95 3.81
C MET A 58 2.14 7.87 4.01
N ALA A 59 0.89 8.22 3.95
CA ALA A 59 -0.18 7.19 4.14
C ALA A 59 -0.18 6.23 2.95
N GLU A 60 0.15 6.71 1.78
CA GLU A 60 0.18 5.82 0.59
C GLU A 60 1.37 4.86 0.69
N ILE A 61 2.53 5.37 0.99
CA ILE A 61 3.72 4.49 1.11
C ILE A 61 3.58 3.59 2.35
N ALA A 62 3.05 4.12 3.41
CA ALA A 62 2.88 3.30 4.65
C ALA A 62 1.87 2.17 4.38
N ALA A 63 0.91 2.42 3.54
CA ALA A 63 -0.11 1.37 3.24
C ALA A 63 0.57 0.20 2.52
N VAL A 64 1.49 0.48 1.64
CA VAL A 64 2.19 -0.62 0.91
C VAL A 64 3.09 -1.39 1.87
N GLU A 65 3.73 -0.71 2.78
CA GLU A 65 4.62 -1.41 3.75
C GLU A 65 3.77 -2.24 4.71
N PHE A 66 2.64 -1.73 5.10
CA PHE A 66 1.76 -2.48 6.02
C PHE A 66 1.43 -3.85 5.43
N ALA A 67 0.71 -3.87 4.34
CA ALA A 67 0.36 -5.18 3.71
C ALA A 67 1.65 -5.92 3.31
N CYS A 68 2.68 -5.19 2.96
CA CYS A 68 3.95 -5.85 2.57
C CYS A 68 4.35 -6.87 3.64
N LYS A 69 4.49 -6.44 4.86
CA LYS A 69 4.89 -7.37 5.94
C LYS A 69 3.78 -8.41 6.14
N LYS A 70 2.54 -7.98 6.14
CA LYS A 70 1.42 -8.94 6.33
C LYS A 70 1.38 -9.92 5.16
N ALA A 71 1.77 -9.48 3.99
CA ALA A 71 1.76 -10.39 2.80
C ALA A 71 2.79 -11.50 3.01
N LEU A 72 4.04 -11.17 3.05
CA LEU A 72 5.08 -12.22 3.25
C LEU A 72 4.77 -13.01 4.51
N LYS A 73 4.30 -12.36 5.54
CA LYS A 73 3.97 -13.09 6.80
C LYS A 73 3.21 -14.36 6.45
N ILE A 74 2.23 -14.26 5.61
CA ILE A 74 1.45 -15.47 5.21
C ILE A 74 2.42 -16.56 4.74
N PRO A 75 2.14 -17.83 5.05
CA PRO A 75 3.00 -18.95 4.67
C PRO A 75 3.03 -19.13 3.14
N GLY A 76 2.23 -18.38 2.44
CA GLY A 76 2.23 -18.49 0.95
C GLY A 76 2.37 -17.09 0.35
N PRO A 77 2.59 -17.02 -0.98
CA PRO A 77 2.76 -15.74 -1.68
C PRO A 77 1.44 -14.95 -1.74
N VAL A 78 1.51 -13.66 -1.57
CA VAL A 78 0.27 -12.84 -1.63
C VAL A 78 0.45 -11.69 -2.61
N LEU A 79 -0.62 -11.08 -3.04
CA LEU A 79 -0.49 -9.96 -4.01
C LEU A 79 -0.89 -8.65 -3.32
N VAL A 80 -0.09 -7.63 -3.43
CA VAL A 80 -0.41 -6.33 -2.79
C VAL A 80 -0.67 -5.27 -3.85
N ILE A 81 -1.80 -4.62 -3.80
CA ILE A 81 -2.11 -3.57 -4.81
C ILE A 81 -2.19 -2.21 -4.12
N THR A 82 -1.71 -1.18 -4.75
CA THR A 82 -1.76 0.17 -4.14
C THR A 82 -2.36 1.17 -5.13
N ASP A 83 -2.81 2.30 -4.65
CA ASP A 83 -3.40 3.32 -5.58
C ASP A 83 -2.29 4.23 -6.11
N SER A 84 -1.06 3.93 -5.78
CA SER A 84 0.05 4.79 -6.26
C SER A 84 1.06 3.94 -7.05
N PHE A 85 1.34 4.29 -8.27
CA PHE A 85 2.30 3.51 -9.07
C PHE A 85 3.71 3.75 -8.56
N TYR A 86 4.04 4.98 -8.24
CA TYR A 86 5.40 5.28 -7.73
C TYR A 86 5.71 4.38 -6.53
N VAL A 87 4.91 4.45 -5.50
CA VAL A 87 5.16 3.59 -4.30
C VAL A 87 5.15 2.12 -4.72
N ALA A 88 4.17 1.72 -5.49
CA ALA A 88 4.11 0.30 -5.94
C ALA A 88 5.41 -0.05 -6.67
N GLU A 89 5.67 0.59 -7.78
CA GLU A 89 6.92 0.30 -8.53
C GLU A 89 8.12 0.52 -7.61
N SER A 90 7.93 1.24 -6.54
CA SER A 90 9.06 1.50 -5.61
C SER A 90 9.49 0.18 -4.95
N ALA A 91 8.62 -0.40 -4.16
CA ALA A 91 8.97 -1.69 -3.49
C ALA A 91 9.12 -2.79 -4.55
N ASN A 92 8.72 -2.52 -5.76
CA ASN A 92 8.82 -3.55 -6.83
C ASN A 92 10.20 -3.45 -7.50
N LYS A 93 10.67 -2.27 -7.76
CA LYS A 93 12.01 -2.13 -8.42
C LYS A 93 12.90 -1.20 -7.59
N GLU A 94 12.39 -0.06 -7.21
CA GLU A 94 13.22 0.89 -6.40
C GLU A 94 13.78 0.16 -5.17
N LEU A 95 12.98 -0.65 -4.54
CA LEU A 95 13.45 -1.38 -3.33
C LEU A 95 14.78 -2.07 -3.65
N PRO A 96 14.75 -3.04 -4.57
CA PRO A 96 15.96 -3.79 -4.98
C PRO A 96 16.95 -2.91 -5.76
N TYR A 97 16.44 -2.03 -6.58
CA TYR A 97 17.35 -1.15 -7.38
C TYR A 97 18.08 -0.19 -6.43
N TRP A 98 17.39 0.36 -5.47
CA TRP A 98 18.05 1.30 -4.52
C TRP A 98 19.12 0.56 -3.72
N LYS A 99 18.81 -0.63 -3.28
CA LYS A 99 19.82 -1.40 -2.50
C LYS A 99 21.12 -1.51 -3.29
N SER A 100 21.04 -1.75 -4.56
CA SER A 100 22.27 -1.87 -5.38
C SER A 100 23.07 -0.56 -5.28
N ASN A 101 22.40 0.55 -5.23
CA ASN A 101 23.12 1.85 -5.13
C ASN A 101 23.29 2.24 -3.66
N GLY A 102 23.12 1.29 -2.77
CA GLY A 102 23.27 1.59 -1.33
C GLY A 102 22.08 2.43 -0.85
N PHE A 103 20.90 2.08 -1.29
CA PHE A 103 19.70 2.85 -0.86
C PHE A 103 19.76 4.27 -1.43
N VAL A 104 20.32 4.42 -2.61
CA VAL A 104 20.42 5.78 -3.21
C VAL A 104 19.76 5.76 -4.60
N ASN A 105 18.93 6.74 -4.88
CA ASN A 105 18.26 6.77 -6.21
C ASN A 105 19.26 7.23 -7.27
N ASN A 106 19.64 8.48 -7.25
CA ASN A 106 20.62 8.98 -8.25
C ASN A 106 21.76 9.71 -7.54
N LYS A 107 22.91 9.77 -8.16
CA LYS A 107 24.06 10.46 -7.51
C LYS A 107 23.72 11.95 -7.33
N LYS A 108 22.85 12.47 -8.16
CA LYS A 108 22.47 13.91 -8.04
C LYS A 108 21.70 14.12 -6.73
N LYS A 109 20.86 13.19 -6.37
CA LYS A 109 20.08 13.34 -5.12
C LYS A 109 20.01 11.98 -4.40
N PRO A 110 20.12 12.00 -3.06
CA PRO A 110 20.06 10.78 -2.25
C PRO A 110 18.65 10.17 -2.22
N LEU A 111 18.52 8.98 -1.70
CA LEU A 111 17.18 8.34 -1.66
C LEU A 111 16.35 8.99 -0.55
N LYS A 112 15.12 9.34 -0.83
CA LYS A 112 14.26 9.96 0.21
C LYS A 112 13.38 8.90 0.85
N HIS A 113 13.02 9.08 2.10
CA HIS A 113 12.16 8.07 2.77
C HIS A 113 12.88 6.72 2.81
N ILE A 114 14.18 6.74 3.01
CA ILE A 114 14.93 5.46 3.05
C ILE A 114 14.45 4.61 4.23
N SER A 115 14.16 5.24 5.33
CA SER A 115 13.68 4.48 6.53
C SER A 115 12.42 3.70 6.16
N LYS A 116 11.50 4.33 5.49
CA LYS A 116 10.25 3.62 5.10
C LYS A 116 10.59 2.47 4.15
N TRP A 117 11.44 2.71 3.18
CA TRP A 117 11.81 1.64 2.23
C TRP A 117 12.64 0.57 2.96
N LYS A 118 13.44 0.98 3.90
CA LYS A 118 14.28 -0.01 4.64
C LYS A 118 13.38 -1.05 5.29
N SER A 119 12.31 -0.63 5.90
CA SER A 119 11.39 -1.60 6.56
C SER A 119 10.80 -2.53 5.49
N ILE A 120 10.40 -2.00 4.38
CA ILE A 120 9.81 -2.85 3.31
C ILE A 120 10.90 -3.74 2.71
N ALA A 121 12.11 -3.24 2.64
CA ALA A 121 13.22 -4.06 2.07
C ALA A 121 13.43 -5.30 2.93
N GLU A 122 13.22 -5.19 4.22
CA GLU A 122 13.40 -6.37 5.11
C GLU A 122 12.37 -7.44 4.75
N CYS A 123 11.19 -7.04 4.34
CA CYS A 123 10.15 -8.03 3.97
C CYS A 123 10.41 -8.55 2.56
N LEU A 124 10.57 -7.67 1.61
CA LEU A 124 10.83 -8.10 0.22
C LEU A 124 12.15 -8.88 0.16
N SER A 125 13.05 -8.60 1.06
CA SER A 125 14.36 -9.31 1.06
C SER A 125 14.15 -10.77 1.46
N MET A 126 13.12 -11.04 2.21
CA MET A 126 12.85 -12.44 2.64
C MET A 126 12.37 -13.25 1.43
N LYS A 127 11.67 -12.63 0.52
CA LYS A 127 11.18 -13.38 -0.67
C LYS A 127 10.34 -12.43 -1.54
N PRO A 128 10.59 -12.43 -2.85
CA PRO A 128 9.87 -11.58 -3.81
C PRO A 128 8.41 -12.04 -3.98
N ASP A 129 8.04 -13.11 -3.33
CA ASP A 129 6.64 -13.61 -3.46
C ASP A 129 5.67 -12.44 -3.32
N ILE A 130 6.06 -11.40 -2.63
CA ILE A 130 5.16 -10.23 -2.46
C ILE A 130 4.99 -9.52 -3.80
N THR A 131 3.82 -9.60 -4.37
CA THR A 131 3.59 -8.92 -5.68
C THR A 131 3.00 -7.53 -5.44
N ILE A 132 3.41 -6.55 -6.21
CA ILE A 132 2.88 -5.17 -6.01
C ILE A 132 2.16 -4.73 -7.29
N GLN A 133 1.02 -4.10 -7.15
CA GLN A 133 0.27 -3.64 -8.35
C GLN A 133 -0.21 -2.20 -8.13
N HIS A 134 -0.47 -1.48 -9.18
CA HIS A 134 -0.95 -0.08 -9.02
C HIS A 134 -2.40 0.03 -9.51
N GLU A 135 -3.27 0.54 -8.69
CA GLU A 135 -4.70 0.67 -9.10
C GLU A 135 -4.80 1.61 -10.30
N LYS A 136 -5.79 1.42 -11.13
CA LYS A 136 -5.93 2.31 -12.32
C LYS A 136 -6.91 3.43 -12.01
N GLY A 137 -6.87 3.95 -10.81
CA GLY A 137 -7.80 5.05 -10.45
C GLY A 137 -9.07 4.47 -9.82
N HIS A 138 -10.19 5.12 -10.01
CA HIS A 138 -11.46 4.60 -9.42
C HIS A 138 -12.40 4.18 -10.53
N GLN A 139 -12.90 2.97 -10.48
CA GLN A 139 -13.83 2.50 -11.55
C GLN A 139 -13.29 2.89 -12.91
N PRO A 140 -12.12 2.34 -13.29
CA PRO A 140 -11.48 2.63 -14.57
C PRO A 140 -12.25 2.03 -15.76
N THR A 141 -12.91 0.92 -15.54
CA THR A 141 -13.67 0.29 -16.65
C THR A 141 -15.09 -0.02 -16.18
N ASN A 142 -15.98 -0.29 -17.10
CA ASN A 142 -17.38 -0.60 -16.72
C ASN A 142 -17.39 -1.64 -15.60
N THR A 143 -16.47 -2.58 -15.65
CA THR A 143 -16.42 -3.63 -14.60
C THR A 143 -14.97 -3.90 -14.22
N SER A 144 -14.70 -4.01 -12.94
CA SER A 144 -13.29 -4.27 -12.52
C SER A 144 -13.30 -4.97 -11.15
N ILE A 145 -12.54 -6.01 -11.01
CA ILE A 145 -12.51 -6.74 -9.71
C ILE A 145 -11.65 -5.96 -8.70
N HIS A 146 -10.62 -5.31 -9.18
CA HIS A 146 -9.74 -4.53 -8.25
C HIS A 146 -10.51 -3.30 -7.75
N THR A 147 -11.37 -2.74 -8.56
CA THR A 147 -12.14 -1.55 -8.13
C THR A 147 -12.90 -1.87 -6.84
N GLU A 148 -13.52 -3.01 -6.78
CA GLU A 148 -14.27 -3.38 -5.55
C GLU A 148 -13.39 -3.15 -4.33
N GLY A 149 -12.19 -3.65 -4.34
CA GLY A 149 -11.28 -3.47 -3.17
C GLY A 149 -11.05 -1.98 -2.93
N ASN A 150 -10.96 -1.21 -3.99
CA ASN A 150 -10.74 0.26 -3.82
C ASN A 150 -11.89 0.87 -3.03
N ALA A 151 -13.09 0.42 -3.27
CA ALA A 151 -14.25 0.98 -2.53
C ALA A 151 -14.14 0.62 -1.04
N LEU A 152 -13.84 -0.61 -0.74
CA LEU A 152 -13.71 -1.02 0.69
C LEU A 152 -12.53 -0.29 1.33
N ALA A 153 -11.46 -0.13 0.60
CA ALA A 153 -10.28 0.58 1.17
C ALA A 153 -10.60 2.06 1.34
N ASP A 154 -11.36 2.62 0.44
CA ASP A 154 -11.71 4.07 0.55
C ASP A 154 -12.47 4.32 1.86
N LYS A 155 -13.38 3.45 2.19
CA LYS A 155 -14.15 3.64 3.46
C LYS A 155 -13.21 3.49 4.66
N LEU A 156 -12.32 2.55 4.60
CA LEU A 156 -11.38 2.35 5.74
C LEU A 156 -10.49 3.58 5.89
N ALA A 157 -10.03 4.13 4.80
CA ALA A 157 -9.15 5.33 4.88
C ALA A 157 -9.94 6.50 5.47
N THR A 158 -11.18 6.66 5.09
CA THR A 158 -12.00 7.77 5.62
C THR A 158 -12.21 7.57 7.13
N GLN A 159 -12.40 6.35 7.55
CA GLN A 159 -12.62 6.09 9.00
C GLN A 159 -11.36 6.44 9.78
N GLY A 160 -10.21 6.28 9.18
CA GLY A 160 -8.93 6.61 9.89
C GLY A 160 -8.90 8.10 10.20
N SER A 161 -9.46 8.92 9.35
CA SER A 161 -9.45 10.38 9.60
C SER A 161 -10.34 10.70 10.80
N TYR A 162 -11.41 9.97 10.98
CA TYR A 162 -12.31 10.24 12.13
C TYR A 162 -11.63 9.78 13.42
N VAL A 163 -10.68 8.89 13.32
CA VAL A 163 -9.98 8.42 14.55
C VAL A 163 -9.10 9.54 15.11
N VAL A 164 -8.68 10.45 14.27
CA VAL A 164 -7.83 11.57 14.77
C VAL A 164 -8.41 12.90 14.30
N ASN A 165 -8.10 13.98 14.98
CA ASN A 165 -8.64 15.30 14.56
C ASN A 165 -7.59 16.38 14.83
N GLY A 1 -6.83 -20.43 -13.71
CA GLY A 1 -6.76 -19.99 -12.29
C GLY A 1 -5.32 -19.61 -11.94
N ALA A 2 -4.66 -18.89 -12.80
CA ALA A 2 -3.26 -18.48 -12.52
C ALA A 2 -3.21 -17.67 -11.23
N MET A 3 -4.24 -16.93 -10.94
CA MET A 3 -4.26 -16.11 -9.69
C MET A 3 -4.18 -17.04 -8.48
N GLY A 4 -4.85 -18.16 -8.54
CA GLY A 4 -4.81 -19.11 -7.38
C GLY A 4 -3.36 -19.42 -7.03
N GLN A 5 -2.46 -19.21 -7.95
CA GLN A 5 -1.02 -19.50 -7.67
C GLN A 5 -0.62 -18.81 -6.37
N TYR A 6 -1.14 -17.64 -6.11
CA TYR A 6 -0.77 -16.93 -4.85
C TYR A 6 -1.77 -17.30 -3.75
N GLU A 7 -1.45 -16.97 -2.53
CA GLU A 7 -2.37 -17.30 -1.41
C GLU A 7 -3.60 -16.40 -1.50
N GLY A 8 -3.40 -15.16 -1.89
CA GLY A 8 -4.55 -14.22 -2.00
C GLY A 8 -4.04 -12.85 -2.48
N VAL A 9 -4.85 -11.84 -2.38
CA VAL A 9 -4.41 -10.49 -2.83
C VAL A 9 -4.93 -9.44 -1.84
N PHE A 10 -4.13 -8.45 -1.55
CA PHE A 10 -4.58 -7.40 -0.59
C PHE A 10 -4.64 -6.04 -1.28
N TYR A 11 -5.51 -5.18 -0.82
CA TYR A 11 -5.62 -3.82 -1.45
C TYR A 11 -5.38 -2.76 -0.37
N THR A 12 -4.52 -1.82 -0.64
CA THR A 12 -4.25 -0.75 0.37
C THR A 12 -4.70 0.60 -0.17
N ASP A 13 -5.07 1.50 0.70
CA ASP A 13 -5.51 2.85 0.25
C ASP A 13 -4.97 3.91 1.20
N GLY A 14 -4.77 5.11 0.71
CA GLY A 14 -4.24 6.19 1.60
C GLY A 14 -4.98 7.49 1.32
N SER A 15 -5.49 8.13 2.33
CA SER A 15 -6.23 9.41 2.12
C SER A 15 -5.75 10.44 3.14
N ALA A 16 -5.75 11.70 2.78
CA ALA A 16 -5.30 12.75 3.74
C ALA A 16 -6.26 13.94 3.68
N ILE A 17 -6.45 14.60 4.79
CA ILE A 17 -7.37 15.78 4.80
C ILE A 17 -6.62 17.01 5.31
N LYS A 18 -6.86 18.15 4.72
CA LYS A 18 -6.15 19.38 5.18
C LYS A 18 -7.12 20.26 5.97
N SER A 19 -6.68 20.82 7.07
CA SER A 19 -7.58 21.69 7.88
C SER A 19 -6.98 23.10 7.94
N PRO A 20 -7.84 24.11 8.16
CA PRO A 20 -7.41 25.51 8.25
C PRO A 20 -6.58 25.78 9.52
N ASP A 21 -6.78 24.98 10.53
CA ASP A 21 -6.01 25.18 11.79
C ASP A 21 -4.56 24.75 11.57
N PRO A 22 -4.34 23.46 11.29
CA PRO A 22 -2.99 22.91 11.05
C PRO A 22 -2.42 23.38 9.71
N THR A 23 -1.90 24.59 9.66
CA THR A 23 -1.32 25.09 8.39
C THR A 23 -0.24 24.14 7.90
N LYS A 24 0.66 23.75 8.77
CA LYS A 24 1.75 22.83 8.35
C LYS A 24 1.45 21.42 8.86
N SER A 25 0.20 21.06 8.93
CA SER A 25 -0.16 19.69 9.41
C SER A 25 -1.45 19.24 8.73
N ASN A 26 -1.64 17.95 8.59
CA ASN A 26 -2.87 17.43 7.94
C ASN A 26 -3.23 16.07 8.53
N ASN A 27 -4.39 15.57 8.22
CA ASN A 27 -4.80 14.23 8.76
C ASN A 27 -4.69 13.18 7.65
N ALA A 28 -4.30 11.99 8.00
CA ALA A 28 -4.17 10.92 6.96
C ALA A 28 -4.61 9.58 7.54
N GLY A 29 -5.17 8.72 6.74
CA GLY A 29 -5.62 7.40 7.25
C GLY A 29 -5.32 6.32 6.20
N MET A 30 -5.23 5.09 6.62
CA MET A 30 -4.94 4.00 5.65
C MET A 30 -5.98 2.89 5.81
N GLY A 31 -6.31 2.21 4.74
CA GLY A 31 -7.31 1.12 4.83
C GLY A 31 -6.84 -0.07 3.97
N ILE A 32 -6.69 -1.22 4.56
CA ILE A 32 -6.25 -2.40 3.77
C ILE A 32 -7.39 -3.40 3.64
N VAL A 33 -7.62 -3.91 2.46
CA VAL A 33 -8.73 -4.88 2.26
C VAL A 33 -8.18 -6.17 1.65
N HIS A 34 -8.52 -7.30 2.20
CA HIS A 34 -8.01 -8.59 1.64
C HIS A 34 -9.14 -9.33 0.92
N ALA A 35 -8.83 -9.97 -0.17
CA ALA A 35 -9.88 -10.72 -0.92
C ALA A 35 -9.39 -12.13 -1.22
N THR A 36 -10.29 -13.04 -1.48
CA THR A 36 -9.87 -14.44 -1.79
C THR A 36 -10.41 -14.85 -3.15
N TYR A 37 -9.86 -15.88 -3.73
CA TYR A 37 -10.34 -16.33 -5.07
C TYR A 37 -11.16 -17.61 -4.93
N LYS A 38 -11.39 -18.05 -3.71
CA LYS A 38 -12.18 -19.29 -3.51
C LYS A 38 -13.50 -19.18 -4.29
N PRO A 39 -14.34 -20.22 -4.25
CA PRO A 39 -15.63 -20.21 -4.96
C PRO A 39 -16.58 -19.16 -4.39
N GLU A 40 -16.20 -18.51 -3.33
CA GLU A 40 -17.07 -17.47 -2.71
C GLU A 40 -16.26 -16.18 -2.56
N TYR A 41 -16.51 -15.19 -3.38
CA TYR A 41 -15.75 -13.92 -3.27
C TYR A 41 -16.23 -13.13 -2.05
N GLN A 42 -15.33 -12.79 -1.17
CA GLN A 42 -15.73 -12.02 0.05
C GLN A 42 -14.47 -11.51 0.76
N VAL A 43 -14.46 -10.26 1.13
CA VAL A 43 -13.26 -9.71 1.83
C VAL A 43 -12.90 -10.61 3.01
N LEU A 44 -11.73 -11.17 3.01
CA LEU A 44 -11.32 -12.06 4.13
C LEU A 44 -11.24 -11.23 5.43
N ASN A 45 -10.63 -10.07 5.36
CA ASN A 45 -10.52 -9.23 6.58
C ASN A 45 -10.23 -7.79 6.17
N GLN A 46 -10.60 -6.84 7.00
CA GLN A 46 -10.35 -5.42 6.67
C GLN A 46 -9.42 -4.80 7.71
N TRP A 47 -8.55 -3.92 7.31
CA TRP A 47 -7.61 -3.30 8.28
C TRP A 47 -7.64 -1.78 8.13
N SER A 48 -7.57 -1.06 9.22
CA SER A 48 -7.59 0.43 9.14
C SER A 48 -6.47 1.00 10.00
N ILE A 49 -5.66 1.85 9.44
CA ILE A 49 -4.54 2.45 10.23
C ILE A 49 -4.62 3.98 10.16
N PRO A 50 -5.36 4.60 11.09
CA PRO A 50 -5.52 6.05 11.15
C PRO A 50 -4.22 6.76 11.55
N LEU A 51 -3.81 7.73 10.79
CA LEU A 51 -2.55 8.46 11.12
C LEU A 51 -2.90 9.80 11.76
N GLY A 52 -2.07 10.27 12.65
CA GLY A 52 -2.34 11.59 13.31
C GLY A 52 -1.18 12.55 13.04
N ASN A 53 0.01 12.05 13.00
CA ASN A 53 1.19 12.93 12.74
C ASN A 53 1.90 12.48 11.47
N HIS A 54 1.16 12.17 10.44
CA HIS A 54 1.80 11.73 9.16
C HIS A 54 1.25 12.55 8.00
N THR A 55 1.64 12.23 6.80
CA THR A 55 1.15 13.00 5.62
C THR A 55 0.54 12.03 4.60
N ALA A 56 -0.11 12.54 3.60
CA ALA A 56 -0.72 11.65 2.57
C ALA A 56 0.37 10.76 1.96
N GLN A 57 1.53 11.30 1.75
CA GLN A 57 2.64 10.49 1.16
C GLN A 57 3.02 9.37 2.12
N MET A 58 3.57 9.70 3.26
CA MET A 58 3.96 8.65 4.23
C MET A 58 2.83 7.64 4.37
N ALA A 59 1.60 8.06 4.14
CA ALA A 59 0.45 7.12 4.24
C ALA A 59 0.45 6.19 3.02
N GLU A 60 0.81 6.70 1.87
CA GLU A 60 0.82 5.83 0.65
C GLU A 60 1.91 4.79 0.80
N ILE A 61 3.06 5.17 1.29
CA ILE A 61 4.17 4.19 1.46
C ILE A 61 3.82 3.22 2.59
N ALA A 62 3.22 3.72 3.63
CA ALA A 62 2.84 2.82 4.77
C ALA A 62 1.81 1.80 4.29
N ALA A 63 0.89 2.23 3.47
CA ALA A 63 -0.15 1.28 2.96
C ALA A 63 0.53 0.05 2.38
N VAL A 64 1.54 0.23 1.56
CA VAL A 64 2.24 -0.93 0.95
C VAL A 64 3.04 -1.65 2.03
N GLU A 65 3.82 -0.93 2.80
CA GLU A 65 4.63 -1.58 3.87
C GLU A 65 3.70 -2.41 4.76
N PHE A 66 2.57 -1.89 5.11
CA PHE A 66 1.63 -2.65 5.97
C PHE A 66 1.32 -4.00 5.31
N ALA A 67 0.66 -3.98 4.18
CA ALA A 67 0.34 -5.26 3.48
C ALA A 67 1.64 -5.99 3.13
N CYS A 68 2.74 -5.30 3.17
CA CYS A 68 4.05 -5.95 2.83
C CYS A 68 4.40 -6.95 3.92
N LYS A 69 4.56 -6.50 5.14
CA LYS A 69 4.91 -7.44 6.24
C LYS A 69 3.83 -8.52 6.35
N LYS A 70 2.59 -8.13 6.36
CA LYS A 70 1.49 -9.14 6.46
C LYS A 70 1.55 -10.08 5.25
N ALA A 71 1.80 -9.55 4.08
CA ALA A 71 1.87 -10.41 2.88
C ALA A 71 2.89 -11.53 3.11
N LEU A 72 4.15 -11.20 3.11
CA LEU A 72 5.19 -12.24 3.33
C LEU A 72 4.82 -13.09 4.56
N LYS A 73 4.36 -12.46 5.60
CA LYS A 73 3.98 -13.23 6.82
C LYS A 73 3.18 -14.46 6.40
N ILE A 74 2.29 -14.31 5.46
CA ILE A 74 1.47 -15.47 5.00
C ILE A 74 2.42 -16.59 4.58
N PRO A 75 2.03 -17.85 4.84
CA PRO A 75 2.85 -19.03 4.49
C PRO A 75 3.02 -19.20 2.98
N GLY A 76 2.40 -18.34 2.20
CA GLY A 76 2.53 -18.44 0.72
C GLY A 76 2.67 -17.04 0.13
N PRO A 77 3.02 -16.97 -1.17
CA PRO A 77 3.20 -15.68 -1.86
C PRO A 77 1.87 -14.96 -2.06
N VAL A 78 1.71 -13.81 -1.47
CA VAL A 78 0.43 -13.05 -1.64
C VAL A 78 0.68 -11.82 -2.49
N LEU A 79 -0.32 -11.32 -3.17
CA LEU A 79 -0.13 -10.12 -4.02
C LEU A 79 -0.57 -8.87 -3.25
N VAL A 80 -0.01 -7.74 -3.57
CA VAL A 80 -0.40 -6.49 -2.86
C VAL A 80 -0.82 -5.44 -3.88
N ILE A 81 -1.98 -4.84 -3.71
CA ILE A 81 -2.44 -3.81 -4.68
C ILE A 81 -2.36 -2.44 -4.02
N THR A 82 -1.92 -1.45 -4.76
CA THR A 82 -1.82 -0.08 -4.18
C THR A 82 -2.49 0.94 -5.12
N ASP A 83 -2.81 2.09 -4.63
CA ASP A 83 -3.46 3.11 -5.49
C ASP A 83 -2.40 4.08 -6.03
N SER A 84 -1.16 3.85 -5.72
CA SER A 84 -0.09 4.75 -6.22
C SER A 84 0.99 3.93 -6.95
N PHE A 85 1.35 4.34 -8.13
CA PHE A 85 2.39 3.59 -8.89
C PHE A 85 3.77 3.86 -8.28
N TYR A 86 4.02 5.08 -7.90
CA TYR A 86 5.34 5.41 -7.30
C TYR A 86 5.61 4.50 -6.10
N VAL A 87 4.69 4.44 -5.18
CA VAL A 87 4.90 3.56 -3.98
C VAL A 87 5.05 2.11 -4.44
N ALA A 88 4.10 1.60 -5.19
CA ALA A 88 4.18 0.20 -5.66
C ALA A 88 5.56 -0.04 -6.29
N GLU A 89 5.91 0.74 -7.27
CA GLU A 89 7.23 0.57 -7.94
C GLU A 89 8.34 0.66 -6.89
N SER A 90 8.18 1.50 -5.91
CA SER A 90 9.21 1.64 -4.85
C SER A 90 9.55 0.25 -4.29
N ALA A 91 8.56 -0.48 -3.88
CA ALA A 91 8.82 -1.84 -3.31
C ALA A 91 8.84 -2.87 -4.44
N ASN A 92 8.61 -2.45 -5.66
CA ASN A 92 8.62 -3.42 -6.79
C ASN A 92 10.07 -3.63 -7.27
N LYS A 93 10.63 -2.66 -7.94
CA LYS A 93 12.03 -2.82 -8.42
C LYS A 93 12.88 -1.64 -7.94
N GLU A 94 12.28 -0.51 -7.71
CA GLU A 94 13.05 0.67 -7.24
C GLU A 94 13.64 0.39 -5.85
N LEU A 95 12.98 -0.42 -5.07
CA LEU A 95 13.50 -0.73 -3.70
C LEU A 95 14.94 -1.23 -3.81
N PRO A 96 15.15 -2.33 -4.54
CA PRO A 96 16.50 -2.92 -4.73
C PRO A 96 17.40 -2.00 -5.56
N TYR A 97 16.85 -1.28 -6.48
CA TYR A 97 17.68 -0.37 -7.32
C TYR A 97 18.22 0.75 -6.44
N TRP A 98 17.41 1.27 -5.56
CA TRP A 98 17.87 2.37 -4.66
C TRP A 98 19.02 1.86 -3.79
N LYS A 99 18.83 0.74 -3.15
CA LYS A 99 19.91 0.20 -2.28
C LYS A 99 21.22 0.13 -3.07
N SER A 100 21.14 -0.24 -4.32
CA SER A 100 22.38 -0.32 -5.14
C SER A 100 23.06 1.04 -5.19
N ASN A 101 22.30 2.09 -5.34
CA ASN A 101 22.90 3.46 -5.38
C ASN A 101 23.11 3.97 -3.96
N GLY A 102 22.95 3.11 -2.98
CA GLY A 102 23.15 3.55 -1.57
C GLY A 102 22.00 4.45 -1.15
N PHE A 103 20.80 4.13 -1.54
CA PHE A 103 19.63 4.97 -1.17
C PHE A 103 19.77 6.35 -1.83
N VAL A 104 20.32 6.40 -3.01
CA VAL A 104 20.48 7.71 -3.70
C VAL A 104 19.49 7.80 -4.86
N ASN A 105 18.82 8.92 -5.00
CA ASN A 105 17.84 9.07 -6.11
C ASN A 105 18.57 9.50 -7.38
N ASN A 106 18.35 8.82 -8.47
CA ASN A 106 19.02 9.20 -9.73
C ASN A 106 18.76 10.68 -10.04
N LYS A 107 17.62 11.18 -9.64
CA LYS A 107 17.31 12.61 -9.90
C LYS A 107 18.14 13.49 -8.97
N LYS A 108 18.28 14.75 -9.30
CA LYS A 108 19.08 15.65 -8.43
C LYS A 108 18.49 15.66 -7.01
N LYS A 109 17.20 15.54 -6.91
CA LYS A 109 16.55 15.53 -5.56
C LYS A 109 16.91 14.24 -4.83
N PRO A 110 17.18 14.34 -3.52
CA PRO A 110 17.54 13.18 -2.70
C PRO A 110 16.35 12.24 -2.49
N LEU A 111 16.61 11.03 -2.07
CA LEU A 111 15.48 10.06 -1.85
C LEU A 111 14.83 10.33 -0.50
N LYS A 112 13.54 10.47 -0.47
CA LYS A 112 12.84 10.74 0.82
C LYS A 112 12.24 9.43 1.35
N HIS A 113 12.06 9.34 2.65
CA HIS A 113 11.48 8.09 3.22
C HIS A 113 12.44 6.93 2.99
N ILE A 114 13.72 7.18 3.00
CA ILE A 114 14.71 6.08 2.77
C ILE A 114 14.54 5.03 3.88
N SER A 115 14.46 5.46 5.11
CA SER A 115 14.31 4.49 6.22
C SER A 115 13.03 3.67 6.02
N LYS A 116 11.95 4.34 5.70
CA LYS A 116 10.67 3.60 5.49
C LYS A 116 10.88 2.52 4.42
N TRP A 117 11.50 2.87 3.33
CA TRP A 117 11.73 1.86 2.26
C TRP A 117 12.59 0.73 2.80
N LYS A 118 13.54 1.04 3.63
CA LYS A 118 14.41 -0.04 4.20
C LYS A 118 13.55 -1.06 4.92
N SER A 119 12.57 -0.63 5.66
CA SER A 119 11.69 -1.59 6.38
C SER A 119 11.05 -2.54 5.36
N ILE A 120 10.54 -2.01 4.28
CA ILE A 120 9.91 -2.89 3.25
C ILE A 120 10.98 -3.76 2.60
N ALA A 121 12.16 -3.24 2.40
CA ALA A 121 13.24 -4.04 1.77
C ALA A 121 13.52 -5.28 2.62
N GLU A 122 13.44 -5.16 3.91
CA GLU A 122 13.70 -6.33 4.80
C GLU A 122 12.66 -7.42 4.52
N CYS A 123 11.42 -7.04 4.39
CA CYS A 123 10.37 -8.05 4.13
C CYS A 123 10.56 -8.63 2.73
N LEU A 124 10.82 -7.80 1.76
CA LEU A 124 11.02 -8.29 0.37
C LEU A 124 12.35 -9.04 0.29
N SER A 125 13.31 -8.65 1.09
CA SER A 125 14.62 -9.34 1.05
C SER A 125 14.45 -10.80 1.46
N MET A 126 13.51 -11.07 2.32
CA MET A 126 13.29 -12.49 2.76
C MET A 126 12.83 -13.32 1.56
N LYS A 127 12.11 -12.72 0.65
CA LYS A 127 11.63 -13.48 -0.54
C LYS A 127 10.79 -12.57 -1.42
N PRO A 128 11.00 -12.63 -2.74
CA PRO A 128 10.26 -11.81 -3.70
C PRO A 128 8.80 -12.27 -3.82
N ASP A 129 8.44 -13.30 -3.10
CA ASP A 129 7.03 -13.79 -3.16
C ASP A 129 6.07 -12.60 -3.10
N ILE A 130 6.32 -11.67 -2.23
CA ILE A 130 5.41 -10.48 -2.13
C ILE A 130 5.31 -9.81 -3.50
N THR A 131 4.11 -9.66 -4.01
CA THR A 131 3.95 -9.00 -5.33
C THR A 131 3.20 -7.68 -5.14
N ILE A 132 3.58 -6.66 -5.85
CA ILE A 132 2.89 -5.35 -5.69
C ILE A 132 2.40 -4.87 -7.05
N GLN A 133 1.20 -4.35 -7.12
CA GLN A 133 0.66 -3.87 -8.42
C GLN A 133 0.16 -2.42 -8.25
N HIS A 134 -0.08 -1.74 -9.34
CA HIS A 134 -0.56 -0.34 -9.24
C HIS A 134 -2.01 -0.27 -9.73
N GLU A 135 -2.84 0.49 -9.04
CA GLU A 135 -4.26 0.60 -9.47
C GLU A 135 -4.71 2.06 -9.35
N LYS A 136 -5.46 2.54 -10.30
CA LYS A 136 -5.93 3.95 -10.24
C LYS A 136 -7.36 4.00 -9.70
N GLY A 137 -7.63 4.88 -8.78
CA GLY A 137 -9.00 4.98 -8.21
C GLY A 137 -9.82 6.00 -9.00
N HIS A 138 -10.98 6.35 -8.52
CA HIS A 138 -11.82 7.35 -9.25
C HIS A 138 -11.89 6.96 -10.73
N GLN A 139 -11.86 5.69 -11.03
CA GLN A 139 -11.92 5.26 -12.45
C GLN A 139 -13.16 4.39 -12.67
N PRO A 140 -14.33 5.03 -12.82
CA PRO A 140 -15.60 4.31 -13.04
C PRO A 140 -15.66 3.66 -14.42
N THR A 141 -14.96 4.20 -15.38
CA THR A 141 -14.98 3.61 -16.74
C THR A 141 -14.48 2.17 -16.67
N ASN A 142 -13.47 1.92 -15.87
CA ASN A 142 -12.94 0.52 -15.78
C ASN A 142 -13.33 -0.07 -14.42
N THR A 143 -14.11 -1.12 -14.43
CA THR A 143 -14.51 -1.76 -13.14
C THR A 143 -14.06 -3.22 -13.13
N SER A 144 -13.60 -3.69 -12.01
CA SER A 144 -13.13 -5.11 -11.93
C SER A 144 -13.26 -5.61 -10.48
N ILE A 145 -13.12 -6.89 -10.28
CA ILE A 145 -13.23 -7.44 -8.89
C ILE A 145 -12.17 -6.79 -8.00
N HIS A 146 -11.03 -6.50 -8.54
CA HIS A 146 -9.95 -5.86 -7.72
C HIS A 146 -10.38 -4.43 -7.34
N THR A 147 -11.02 -3.74 -8.25
CA THR A 147 -11.46 -2.35 -7.94
C THR A 147 -12.44 -2.37 -6.76
N GLU A 148 -13.30 -3.35 -6.72
CA GLU A 148 -14.29 -3.43 -5.60
C GLU A 148 -13.55 -3.26 -4.27
N GLY A 149 -12.51 -4.02 -4.07
CA GLY A 149 -11.76 -3.90 -2.79
C GLY A 149 -11.35 -2.45 -2.57
N ASN A 150 -10.93 -1.78 -3.60
CA ASN A 150 -10.52 -0.36 -3.45
C ASN A 150 -11.68 0.44 -2.85
N ALA A 151 -12.87 0.25 -3.35
CA ALA A 151 -14.04 1.00 -2.81
C ALA A 151 -14.13 0.77 -1.30
N LEU A 152 -14.19 -0.46 -0.87
CA LEU A 152 -14.27 -0.74 0.59
C LEU A 152 -13.08 -0.09 1.29
N ALA A 153 -11.90 -0.26 0.76
CA ALA A 153 -10.70 0.35 1.40
C ALA A 153 -10.88 1.86 1.50
N ASP A 154 -11.40 2.47 0.46
CA ASP A 154 -11.61 3.95 0.49
C ASP A 154 -12.43 4.32 1.72
N LYS A 155 -13.47 3.59 1.99
CA LYS A 155 -14.31 3.90 3.18
C LYS A 155 -13.45 3.82 4.44
N LEU A 156 -12.61 2.82 4.53
CA LEU A 156 -11.75 2.68 5.74
C LEU A 156 -10.75 3.83 5.79
N ALA A 157 -10.25 4.25 4.65
CA ALA A 157 -9.27 5.37 4.63
C ALA A 157 -9.93 6.63 5.16
N THR A 158 -11.12 6.93 4.70
CA THR A 158 -11.83 8.15 5.16
C THR A 158 -12.07 8.05 6.68
N GLN A 159 -12.41 6.89 7.15
CA GLN A 159 -12.66 6.74 8.62
C GLN A 159 -11.37 7.00 9.38
N GLY A 160 -10.24 6.66 8.80
CA GLY A 160 -8.95 6.90 9.50
C GLY A 160 -8.83 8.38 9.88
N SER A 161 -9.26 9.26 9.02
CA SER A 161 -9.18 10.71 9.32
C SER A 161 -10.07 11.02 10.52
N TYR A 162 -11.19 10.36 10.62
CA TYR A 162 -12.10 10.63 11.77
C TYR A 162 -11.46 10.10 13.07
N VAL A 163 -10.55 9.18 12.96
CA VAL A 163 -9.90 8.63 14.17
C VAL A 163 -9.08 9.74 14.85
N VAL A 164 -8.65 10.71 14.10
CA VAL A 164 -7.84 11.81 14.70
C VAL A 164 -8.40 13.16 14.25
N ASN A 165 -8.39 14.15 15.11
CA ASN A 165 -8.93 15.48 14.73
C ASN A 165 -10.32 15.32 14.11
N GLY A 1 -4.28 -20.18 -12.64
CA GLY A 1 -4.15 -19.75 -14.06
C GLY A 1 -3.26 -18.50 -14.13
N ALA A 2 -3.69 -17.51 -14.87
CA ALA A 2 -2.87 -16.27 -14.99
C ALA A 2 -2.81 -15.57 -13.63
N MET A 3 -3.81 -15.75 -12.81
CA MET A 3 -3.81 -15.10 -11.46
C MET A 3 -2.69 -15.70 -10.61
N GLY A 4 -2.37 -16.94 -10.83
CA GLY A 4 -1.28 -17.58 -10.03
C GLY A 4 -1.90 -18.29 -8.82
N GLN A 5 -3.13 -18.00 -8.50
CA GLN A 5 -3.78 -18.66 -7.33
C GLN A 5 -2.99 -18.32 -6.06
N TYR A 6 -2.56 -17.09 -5.92
CA TYR A 6 -1.79 -16.71 -4.71
C TYR A 6 -2.62 -17.04 -3.46
N GLU A 7 -2.03 -16.89 -2.30
CA GLU A 7 -2.77 -17.19 -1.05
C GLU A 7 -3.99 -16.26 -0.94
N GLY A 8 -3.86 -15.05 -1.40
CA GLY A 8 -5.01 -14.10 -1.33
C GLY A 8 -4.62 -12.77 -1.94
N VAL A 9 -5.39 -11.74 -1.72
CA VAL A 9 -5.06 -10.40 -2.30
C VAL A 9 -5.23 -9.33 -1.23
N PHE A 10 -4.39 -8.34 -1.23
CA PHE A 10 -4.50 -7.26 -0.20
C PHE A 10 -4.74 -5.91 -0.89
N TYR A 11 -5.71 -5.16 -0.43
CA TYR A 11 -5.99 -3.84 -1.05
C TYR A 11 -5.63 -2.73 -0.04
N THR A 12 -4.79 -1.82 -0.44
CA THR A 12 -4.39 -0.73 0.49
C THR A 12 -4.88 0.63 -0.06
N ASP A 13 -5.24 1.52 0.81
CA ASP A 13 -5.72 2.86 0.35
C ASP A 13 -5.27 3.93 1.35
N GLY A 14 -4.82 5.06 0.85
CA GLY A 14 -4.36 6.14 1.77
C GLY A 14 -4.83 7.50 1.23
N SER A 15 -5.51 8.26 2.03
CA SER A 15 -5.99 9.59 1.56
C SER A 15 -5.92 10.61 2.71
N ALA A 16 -5.78 11.86 2.39
CA ALA A 16 -5.70 12.89 3.47
C ALA A 16 -6.93 13.81 3.39
N ILE A 17 -7.44 14.22 4.52
CA ILE A 17 -8.64 15.12 4.51
C ILE A 17 -8.27 16.46 5.16
N LYS A 18 -8.72 17.54 4.60
CA LYS A 18 -8.39 18.87 5.19
C LYS A 18 -9.65 19.43 5.90
N SER A 19 -9.52 19.75 7.16
CA SER A 19 -10.70 20.29 7.90
C SER A 19 -10.46 21.77 8.21
N PRO A 20 -11.55 22.50 8.52
CA PRO A 20 -11.48 23.93 8.85
C PRO A 20 -10.80 24.18 10.20
N ASP A 21 -11.00 23.29 11.13
CA ASP A 21 -10.37 23.47 12.47
C ASP A 21 -8.84 23.44 12.34
N PRO A 22 -8.30 22.28 11.93
CA PRO A 22 -6.85 22.11 11.76
C PRO A 22 -6.33 22.90 10.54
N THR A 23 -6.15 24.18 10.70
CA THR A 23 -5.65 25.02 9.58
C THR A 23 -4.33 24.43 9.07
N LYS A 24 -3.55 23.84 9.93
CA LYS A 24 -2.26 23.26 9.49
C LYS A 24 -2.36 21.73 9.49
N SER A 25 -1.62 21.07 8.64
CA SER A 25 -1.67 19.58 8.58
C SER A 25 -3.07 19.14 8.17
N ASN A 26 -3.24 17.88 7.88
CA ASN A 26 -4.58 17.38 7.46
C ASN A 26 -4.84 16.02 8.11
N ASN A 27 -5.97 15.42 7.82
CA ASN A 27 -6.28 14.10 8.42
C ASN A 27 -5.95 12.98 7.41
N ALA A 28 -4.91 12.23 7.66
CA ALA A 28 -4.56 11.13 6.72
C ALA A 28 -4.94 9.78 7.33
N GLY A 29 -5.39 8.86 6.52
CA GLY A 29 -5.78 7.53 7.05
C GLY A 29 -5.45 6.45 6.03
N MET A 30 -5.25 5.24 6.46
CA MET A 30 -4.94 4.14 5.50
C MET A 30 -5.90 2.98 5.71
N GLY A 31 -6.05 2.12 4.73
CA GLY A 31 -6.97 0.97 4.88
C GLY A 31 -6.38 -0.25 4.17
N ILE A 32 -6.18 -1.33 4.89
CA ILE A 32 -5.60 -2.55 4.25
C ILE A 32 -6.54 -3.73 4.48
N VAL A 33 -7.16 -4.22 3.43
CA VAL A 33 -8.09 -5.37 3.59
C VAL A 33 -7.54 -6.59 2.84
N HIS A 34 -8.00 -7.76 3.18
CA HIS A 34 -7.51 -8.99 2.50
C HIS A 34 -8.68 -9.64 1.75
N ALA A 35 -8.42 -10.22 0.61
CA ALA A 35 -9.51 -10.88 -0.16
C ALA A 35 -9.06 -12.28 -0.60
N THR A 36 -9.97 -13.07 -1.10
CA THR A 36 -9.59 -14.45 -1.55
C THR A 36 -10.04 -14.65 -3.00
N TYR A 37 -9.56 -15.68 -3.63
CA TYR A 37 -9.95 -15.92 -5.05
C TYR A 37 -10.94 -17.09 -5.11
N LYS A 38 -11.43 -17.52 -3.97
CA LYS A 38 -12.41 -18.64 -3.96
C LYS A 38 -13.55 -18.33 -4.94
N PRO A 39 -14.53 -19.24 -5.07
CA PRO A 39 -15.66 -19.04 -5.98
C PRO A 39 -16.55 -17.87 -5.54
N GLU A 40 -16.26 -17.31 -4.41
CA GLU A 40 -17.07 -16.16 -3.92
C GLU A 40 -16.13 -15.04 -3.46
N TYR A 41 -16.02 -13.99 -4.23
CA TYR A 41 -15.10 -12.87 -3.84
C TYR A 41 -15.53 -12.34 -2.47
N GLN A 42 -14.62 -12.30 -1.53
CA GLN A 42 -14.98 -11.79 -0.18
C GLN A 42 -13.71 -11.32 0.54
N VAL A 43 -13.81 -10.26 1.29
CA VAL A 43 -12.62 -9.75 2.03
C VAL A 43 -12.40 -10.59 3.29
N LEU A 44 -11.28 -11.26 3.40
CA LEU A 44 -11.02 -12.09 4.60
C LEU A 44 -11.04 -11.20 5.84
N ASN A 45 -10.37 -10.07 5.78
CA ASN A 45 -10.35 -9.16 6.96
C ASN A 45 -9.95 -7.75 6.51
N GLN A 46 -10.48 -6.74 7.14
CA GLN A 46 -10.14 -5.35 6.73
C GLN A 46 -9.24 -4.72 7.79
N TRP A 47 -8.35 -3.85 7.39
CA TRP A 47 -7.44 -3.20 8.38
C TRP A 47 -7.41 -1.69 8.17
N SER A 48 -7.38 -0.93 9.22
CA SER A 48 -7.36 0.55 9.08
C SER A 48 -6.20 1.11 9.91
N ILE A 49 -5.53 2.12 9.40
CA ILE A 49 -4.40 2.71 10.17
C ILE A 49 -4.50 4.24 10.13
N PRO A 50 -5.10 4.83 11.16
CA PRO A 50 -5.26 6.29 11.27
C PRO A 50 -3.93 6.98 11.54
N LEU A 51 -3.65 8.05 10.85
CA LEU A 51 -2.37 8.77 11.07
C LEU A 51 -2.63 10.06 11.86
N GLY A 52 -1.77 10.38 12.79
CA GLY A 52 -1.98 11.61 13.60
C GLY A 52 -1.36 12.81 12.87
N ASN A 53 -0.06 12.86 12.79
CA ASN A 53 0.60 14.00 12.10
C ASN A 53 1.47 13.48 10.96
N HIS A 54 0.88 13.13 9.85
CA HIS A 54 1.68 12.61 8.71
C HIS A 54 1.25 13.31 7.41
N THR A 55 1.87 12.99 6.31
CA THR A 55 1.49 13.64 5.03
C THR A 55 0.95 12.58 4.06
N ALA A 56 0.36 13.00 2.98
CA ALA A 56 -0.19 12.02 1.99
C ALA A 56 0.94 11.18 1.42
N GLN A 57 2.13 11.73 1.34
CA GLN A 57 3.27 10.96 0.79
C GLN A 57 3.65 9.83 1.76
N MET A 58 3.66 10.11 3.03
CA MET A 58 4.01 9.05 4.02
C MET A 58 2.82 8.12 4.21
N ALA A 59 1.63 8.61 4.00
CA ALA A 59 0.43 7.74 4.16
C ALA A 59 0.32 6.78 2.98
N GLU A 60 0.70 7.21 1.80
CA GLU A 60 0.62 6.32 0.62
C GLU A 60 1.73 5.26 0.70
N ILE A 61 2.89 5.65 1.15
CA ILE A 61 4.01 4.67 1.24
C ILE A 61 3.73 3.68 2.38
N ALA A 62 2.99 4.10 3.37
CA ALA A 62 2.69 3.17 4.51
C ALA A 62 1.65 2.16 4.07
N ALA A 63 0.70 2.57 3.26
CA ALA A 63 -0.35 1.61 2.80
C ALA A 63 0.29 0.43 2.10
N VAL A 64 1.32 0.66 1.33
CA VAL A 64 1.99 -0.47 0.62
C VAL A 64 2.85 -1.27 1.61
N GLU A 65 3.62 -0.61 2.41
CA GLU A 65 4.48 -1.34 3.38
C GLU A 65 3.60 -2.16 4.33
N PHE A 66 2.45 -1.66 4.68
CA PHE A 66 1.55 -2.42 5.60
C PHE A 66 1.23 -3.79 4.98
N ALA A 67 0.49 -3.81 3.91
CA ALA A 67 0.13 -5.11 3.28
C ALA A 67 1.41 -5.81 2.80
N CYS A 68 2.50 -5.10 2.75
CA CYS A 68 3.78 -5.73 2.30
C CYS A 68 4.26 -6.72 3.36
N LYS A 69 4.52 -6.26 4.55
CA LYS A 69 4.99 -7.17 5.62
C LYS A 69 3.93 -8.24 5.90
N LYS A 70 2.69 -7.85 6.00
CA LYS A 70 1.61 -8.85 6.26
C LYS A 70 1.58 -9.87 5.13
N ALA A 71 1.86 -9.46 3.93
CA ALA A 71 1.84 -10.41 2.79
C ALA A 71 2.87 -11.51 3.02
N LEU A 72 4.11 -11.15 3.17
CA LEU A 72 5.16 -12.19 3.40
C LEU A 72 4.76 -13.06 4.59
N LYS A 73 4.32 -12.47 5.67
CA LYS A 73 3.90 -13.27 6.85
C LYS A 73 3.09 -14.48 6.38
N ILE A 74 2.13 -14.25 5.52
CA ILE A 74 1.32 -15.39 5.02
C ILE A 74 2.24 -16.53 4.59
N PRO A 75 1.85 -17.78 4.85
CA PRO A 75 2.65 -18.95 4.49
C PRO A 75 2.77 -19.12 2.97
N GLY A 76 2.08 -18.30 2.23
CA GLY A 76 2.15 -18.39 0.75
C GLY A 76 2.32 -16.97 0.17
N PRO A 77 2.68 -16.88 -1.11
CA PRO A 77 2.88 -15.58 -1.79
C PRO A 77 1.55 -14.84 -1.98
N VAL A 78 1.50 -13.59 -1.61
CA VAL A 78 0.24 -12.82 -1.77
C VAL A 78 0.49 -11.61 -2.68
N LEU A 79 -0.55 -10.95 -3.12
CA LEU A 79 -0.37 -9.77 -4.00
C LEU A 79 -0.90 -8.52 -3.29
N VAL A 80 -0.12 -7.48 -3.26
CA VAL A 80 -0.57 -6.23 -2.59
C VAL A 80 -0.97 -5.19 -3.65
N ILE A 81 -2.08 -4.55 -3.46
CA ILE A 81 -2.52 -3.52 -4.46
C ILE A 81 -2.65 -2.16 -3.78
N THR A 82 -2.19 -1.13 -4.41
CA THR A 82 -2.29 0.23 -3.81
C THR A 82 -2.58 1.27 -4.89
N ASP A 83 -3.06 2.42 -4.51
CA ASP A 83 -3.35 3.47 -5.53
C ASP A 83 -2.11 4.34 -5.75
N SER A 84 -0.95 3.80 -5.49
CA SER A 84 0.30 4.59 -5.68
C SER A 84 1.28 3.79 -6.54
N PHE A 85 1.62 4.29 -7.69
CA PHE A 85 2.57 3.56 -8.57
C PHE A 85 3.99 3.75 -8.06
N TYR A 86 4.35 4.95 -7.71
CA TYR A 86 5.73 5.20 -7.19
C TYR A 86 5.98 4.33 -5.96
N VAL A 87 5.03 4.29 -5.06
CA VAL A 87 5.21 3.46 -3.84
C VAL A 87 5.37 1.99 -4.23
N ALA A 88 4.50 1.50 -5.05
CA ALA A 88 4.60 0.07 -5.48
C ALA A 88 5.96 -0.16 -6.12
N GLU A 89 6.35 0.67 -7.05
CA GLU A 89 7.67 0.50 -7.71
C GLU A 89 8.78 0.61 -6.67
N SER A 90 8.62 1.47 -5.71
CA SER A 90 9.66 1.62 -4.65
C SER A 90 9.97 0.26 -4.04
N ALA A 91 8.96 -0.49 -3.70
CA ALA A 91 9.20 -1.84 -3.10
C ALA A 91 9.21 -2.90 -4.20
N ASN A 92 9.00 -2.50 -5.43
CA ASN A 92 8.99 -3.50 -6.54
C ASN A 92 10.41 -3.71 -7.05
N LYS A 93 10.95 -2.75 -7.77
CA LYS A 93 12.34 -2.91 -8.30
C LYS A 93 13.20 -1.71 -7.91
N GLU A 94 12.61 -0.60 -7.63
CA GLU A 94 13.43 0.60 -7.24
C GLU A 94 14.09 0.35 -5.88
N LEU A 95 13.49 -0.46 -5.06
CA LEU A 95 14.10 -0.74 -3.72
C LEU A 95 15.52 -1.27 -3.91
N PRO A 96 15.67 -2.39 -4.63
CA PRO A 96 16.98 -3.00 -4.89
C PRO A 96 17.84 -2.10 -5.76
N TYR A 97 17.23 -1.25 -6.54
CA TYR A 97 18.03 -0.32 -7.40
C TYR A 97 18.67 0.74 -6.51
N TRP A 98 17.97 1.16 -5.49
CA TRP A 98 18.55 2.18 -4.57
C TRP A 98 19.76 1.58 -3.85
N LYS A 99 19.58 0.42 -3.28
CA LYS A 99 20.72 -0.23 -2.55
C LYS A 99 21.99 -0.09 -3.38
N SER A 100 21.90 -0.31 -4.66
CA SER A 100 23.11 -0.18 -5.52
C SER A 100 23.76 1.19 -5.29
N ASN A 101 22.97 2.22 -5.25
CA ASN A 101 23.53 3.58 -5.03
C ASN A 101 23.66 3.84 -3.52
N GLY A 102 23.48 2.82 -2.73
CA GLY A 102 23.58 3.01 -1.25
C GLY A 102 22.25 3.55 -0.71
N PHE A 103 21.16 3.09 -1.24
CA PHE A 103 19.83 3.58 -0.76
C PHE A 103 19.67 5.05 -1.13
N VAL A 104 20.30 5.48 -2.20
CA VAL A 104 20.18 6.91 -2.60
C VAL A 104 19.57 6.98 -4.01
N ASN A 105 18.49 7.71 -4.15
CA ASN A 105 17.85 7.83 -5.49
C ASN A 105 18.89 8.28 -6.52
N ASN A 106 19.76 9.18 -6.14
CA ASN A 106 20.80 9.66 -7.09
C ASN A 106 21.82 10.51 -6.34
N LYS A 107 23.07 10.43 -6.73
CA LYS A 107 24.11 11.25 -6.04
C LYS A 107 23.68 12.72 -6.01
N LYS A 108 22.84 13.11 -6.93
CA LYS A 108 22.38 14.53 -6.96
C LYS A 108 21.46 14.79 -5.77
N LYS A 109 20.63 13.84 -5.44
CA LYS A 109 19.70 14.03 -4.29
C LYS A 109 19.60 12.72 -3.49
N PRO A 110 19.60 12.81 -2.16
CA PRO A 110 19.51 11.64 -1.28
C PRO A 110 18.12 11.00 -1.33
N LEU A 111 18.01 9.75 -0.94
CA LEU A 111 16.68 9.08 -0.97
C LEU A 111 15.89 9.46 0.28
N LYS A 112 14.65 9.82 0.12
CA LYS A 112 13.82 10.21 1.30
C LYS A 112 12.96 9.01 1.73
N HIS A 113 12.67 8.92 3.00
CA HIS A 113 11.83 7.79 3.49
C HIS A 113 12.58 6.47 3.29
N ILE A 114 13.87 6.47 3.46
CA ILE A 114 14.65 5.22 3.28
C ILE A 114 14.28 4.24 4.39
N SER A 115 14.22 4.70 5.61
CA SER A 115 13.87 3.80 6.73
C SER A 115 12.58 3.04 6.39
N LYS A 116 11.58 3.73 5.92
CA LYS A 116 10.31 3.06 5.55
C LYS A 116 10.58 2.03 4.46
N TRP A 117 11.44 2.35 3.53
CA TRP A 117 11.75 1.39 2.43
C TRP A 117 12.53 0.20 3.01
N LYS A 118 13.44 0.45 3.91
CA LYS A 118 14.23 -0.66 4.50
C LYS A 118 13.27 -1.70 5.09
N SER A 119 12.24 -1.25 5.75
CA SER A 119 11.27 -2.22 6.36
C SER A 119 10.70 -3.12 5.26
N ILE A 120 10.30 -2.54 4.15
CA ILE A 120 9.73 -3.36 3.05
C ILE A 120 10.83 -4.22 2.43
N ALA A 121 12.03 -3.69 2.35
CA ALA A 121 13.14 -4.49 1.75
C ALA A 121 13.39 -5.74 2.60
N GLU A 122 13.32 -5.60 3.90
CA GLU A 122 13.55 -6.79 4.78
C GLU A 122 12.60 -7.92 4.37
N CYS A 123 11.38 -7.60 4.05
CA CYS A 123 10.41 -8.65 3.63
C CYS A 123 10.72 -9.08 2.19
N LEU A 124 10.83 -8.14 1.30
CA LEU A 124 11.12 -8.49 -0.12
C LEU A 124 12.43 -9.29 -0.19
N SER A 125 13.39 -8.95 0.63
CA SER A 125 14.68 -9.68 0.61
C SER A 125 14.44 -11.15 0.93
N MET A 126 13.46 -11.43 1.76
CA MET A 126 13.16 -12.85 2.12
C MET A 126 12.69 -13.60 0.88
N LYS A 127 11.95 -12.94 0.03
CA LYS A 127 11.45 -13.62 -1.20
C LYS A 127 10.54 -12.66 -1.98
N PRO A 128 10.59 -12.72 -3.31
CA PRO A 128 9.78 -11.87 -4.18
C PRO A 128 8.30 -12.25 -4.11
N ASP A 129 7.97 -13.26 -3.36
CA ASP A 129 6.54 -13.69 -3.25
C ASP A 129 5.66 -12.44 -3.10
N ILE A 130 6.11 -11.47 -2.37
CA ILE A 130 5.31 -10.23 -2.17
C ILE A 130 5.23 -9.47 -3.50
N THR A 131 4.08 -9.45 -4.11
CA THR A 131 3.93 -8.72 -5.40
C THR A 131 3.07 -7.47 -5.19
N ILE A 132 3.34 -6.42 -5.91
CA ILE A 132 2.53 -5.17 -5.74
C ILE A 132 1.87 -4.80 -7.06
N GLN A 133 0.69 -4.26 -7.02
CA GLN A 133 -0.01 -3.87 -8.28
C GLN A 133 -0.39 -2.40 -8.22
N HIS A 134 -0.55 -1.76 -9.35
CA HIS A 134 -0.91 -0.32 -9.36
C HIS A 134 -2.35 -0.17 -9.87
N GLU A 135 -3.18 0.53 -9.15
CA GLU A 135 -4.59 0.72 -9.61
C GLU A 135 -4.89 2.21 -9.72
N LYS A 136 -5.72 2.60 -10.65
CA LYS A 136 -6.05 4.04 -10.81
C LYS A 136 -7.49 4.29 -10.38
N GLY A 137 -7.70 5.19 -9.46
CA GLY A 137 -9.08 5.47 -8.99
C GLY A 137 -9.83 6.26 -10.07
N HIS A 138 -9.13 7.04 -10.85
CA HIS A 138 -9.79 7.84 -11.91
C HIS A 138 -10.45 6.89 -12.92
N GLN A 139 -9.81 5.79 -13.21
CA GLN A 139 -10.39 4.83 -14.19
C GLN A 139 -10.66 3.49 -13.49
N PRO A 140 -11.56 2.67 -14.07
CA PRO A 140 -11.92 1.36 -13.50
C PRO A 140 -10.76 0.37 -13.61
N THR A 141 -10.73 -0.62 -12.76
CA THR A 141 -9.64 -1.63 -12.82
C THR A 141 -9.92 -2.62 -13.95
N ASN A 142 -8.95 -3.41 -14.32
CA ASN A 142 -9.16 -4.40 -15.41
C ASN A 142 -10.43 -5.21 -15.13
N THR A 143 -10.65 -5.56 -13.89
CA THR A 143 -11.87 -6.35 -13.55
C THR A 143 -12.67 -5.62 -12.47
N SER A 144 -13.97 -5.59 -12.61
CA SER A 144 -14.81 -4.89 -11.59
C SER A 144 -14.61 -5.56 -10.22
N ILE A 145 -14.21 -6.80 -10.21
CA ILE A 145 -14.00 -7.50 -8.92
C ILE A 145 -12.89 -6.81 -8.12
N HIS A 146 -11.85 -6.39 -8.79
CA HIS A 146 -10.73 -5.71 -8.08
C HIS A 146 -11.21 -4.36 -7.55
N THR A 147 -12.19 -3.78 -8.18
CA THR A 147 -12.70 -2.45 -7.72
C THR A 147 -13.40 -2.63 -6.36
N GLU A 148 -14.05 -3.74 -6.17
CA GLU A 148 -14.75 -3.97 -4.87
C GLU A 148 -13.76 -3.81 -3.73
N GLY A 149 -12.56 -4.28 -3.90
CA GLY A 149 -11.54 -4.15 -2.82
C GLY A 149 -11.21 -2.67 -2.62
N ASN A 150 -11.14 -1.91 -3.67
CA ASN A 150 -10.82 -0.47 -3.54
C ASN A 150 -11.94 0.23 -2.77
N ALA A 151 -13.16 -0.22 -2.92
CA ALA A 151 -14.29 0.41 -2.21
C ALA A 151 -14.14 0.17 -0.70
N LEU A 152 -13.97 -1.06 -0.30
CA LEU A 152 -13.81 -1.36 1.16
C LEU A 152 -12.53 -0.71 1.68
N ALA A 153 -11.44 -0.89 0.97
CA ALA A 153 -10.15 -0.28 1.42
C ALA A 153 -10.34 1.22 1.65
N ASP A 154 -11.08 1.87 0.80
CA ASP A 154 -11.30 3.34 0.97
C ASP A 154 -12.15 3.58 2.22
N LYS A 155 -13.10 2.74 2.49
CA LYS A 155 -13.96 2.92 3.68
C LYS A 155 -13.08 2.99 4.94
N LEU A 156 -12.11 2.13 5.04
CA LEU A 156 -11.22 2.14 6.23
C LEU A 156 -10.30 3.36 6.17
N ALA A 157 -9.86 3.72 4.99
CA ALA A 157 -8.96 4.91 4.86
C ALA A 157 -9.72 6.18 5.23
N THR A 158 -10.94 6.30 4.76
CA THR A 158 -11.74 7.53 5.09
C THR A 158 -11.99 7.59 6.59
N GLN A 159 -12.30 6.47 7.20
CA GLN A 159 -12.56 6.47 8.67
C GLN A 159 -11.28 6.80 9.42
N GLY A 160 -10.15 6.48 8.85
CA GLY A 160 -8.87 6.79 9.54
C GLY A 160 -8.73 8.30 9.74
N SER A 161 -9.14 9.07 8.76
CA SER A 161 -9.04 10.56 8.91
C SER A 161 -9.88 11.02 10.10
N TYR A 162 -11.02 10.42 10.29
CA TYR A 162 -11.88 10.82 11.44
C TYR A 162 -11.19 10.46 12.75
N VAL A 163 -10.41 9.41 12.74
CA VAL A 163 -9.71 8.99 13.99
C VAL A 163 -8.83 10.13 14.50
N VAL A 164 -8.21 10.86 13.61
CA VAL A 164 -7.34 11.99 14.03
C VAL A 164 -7.98 13.32 13.61
N ASN A 165 -7.95 14.30 14.46
CA ASN A 165 -8.55 15.61 14.11
C ASN A 165 -7.51 16.72 14.28
N GLY A 1 -4.21 -20.01 -13.48
CA GLY A 1 -4.46 -18.91 -14.46
C GLY A 1 -3.21 -18.04 -14.56
N ALA A 2 -3.25 -17.02 -15.38
CA ALA A 2 -2.07 -16.13 -15.52
C ALA A 2 -1.77 -15.45 -14.18
N MET A 3 -2.77 -15.30 -13.36
CA MET A 3 -2.54 -14.65 -12.03
C MET A 3 -1.60 -15.52 -11.19
N GLY A 4 -1.73 -16.81 -11.29
CA GLY A 4 -0.85 -17.72 -10.51
C GLY A 4 -1.63 -18.27 -9.30
N GLN A 5 -2.74 -17.68 -8.99
CA GLN A 5 -3.55 -18.17 -7.84
C GLN A 5 -2.74 -18.03 -6.54
N TYR A 6 -2.15 -16.88 -6.34
CA TYR A 6 -1.35 -16.67 -5.09
C TYR A 6 -2.19 -17.05 -3.87
N GLU A 7 -1.68 -16.82 -2.69
CA GLU A 7 -2.46 -17.16 -1.47
C GLU A 7 -3.66 -16.21 -1.37
N GLY A 8 -3.49 -14.97 -1.73
CA GLY A 8 -4.62 -14.01 -1.65
C GLY A 8 -4.17 -12.64 -2.18
N VAL A 9 -5.00 -11.65 -2.07
CA VAL A 9 -4.62 -10.29 -2.56
C VAL A 9 -5.08 -9.24 -1.54
N PHE A 10 -4.25 -8.29 -1.25
CA PHE A 10 -4.64 -7.24 -0.27
C PHE A 10 -4.63 -5.86 -0.94
N TYR A 11 -5.62 -5.05 -0.66
CA TYR A 11 -5.67 -3.70 -1.29
C TYR A 11 -5.34 -2.65 -0.23
N THR A 12 -4.45 -1.74 -0.52
CA THR A 12 -4.10 -0.70 0.49
C THR A 12 -4.48 0.68 -0.06
N ASP A 13 -4.87 1.58 0.81
CA ASP A 13 -5.25 2.95 0.35
C ASP A 13 -4.90 3.97 1.43
N GLY A 14 -4.67 5.19 1.04
CA GLY A 14 -4.32 6.24 2.05
C GLY A 14 -5.04 7.54 1.70
N SER A 15 -5.78 8.09 2.63
CA SER A 15 -6.50 9.36 2.35
C SER A 15 -6.19 10.38 3.45
N ALA A 16 -6.27 11.65 3.14
CA ALA A 16 -5.98 12.68 4.17
C ALA A 16 -6.97 13.83 4.03
N ILE A 17 -7.37 14.42 5.13
CA ILE A 17 -8.33 15.55 5.07
C ILE A 17 -7.68 16.82 5.61
N LYS A 18 -8.04 17.96 5.09
CA LYS A 18 -7.44 19.23 5.58
C LYS A 18 -8.40 19.91 6.55
N SER A 19 -7.92 20.86 7.30
CA SER A 19 -8.80 21.58 8.26
C SER A 19 -8.71 23.09 7.99
N PRO A 20 -9.50 23.89 8.73
CA PRO A 20 -9.51 25.35 8.58
C PRO A 20 -8.20 25.97 9.07
N ASP A 21 -7.53 26.71 8.24
CA ASP A 21 -6.24 27.34 8.66
C ASP A 21 -5.25 26.23 9.02
N PRO A 22 -4.98 25.34 8.05
CA PRO A 22 -4.05 24.21 8.25
C PRO A 22 -2.59 24.68 8.34
N THR A 23 -2.27 25.45 9.33
CA THR A 23 -0.86 25.92 9.48
C THR A 23 0.07 24.71 9.54
N LYS A 24 -0.28 23.73 10.31
CA LYS A 24 0.58 22.51 10.41
C LYS A 24 -0.25 21.34 10.95
N SER A 25 -1.46 21.21 10.49
CA SER A 25 -2.33 20.10 10.98
C SER A 25 -3.08 19.48 9.79
N ASN A 26 -3.22 18.18 9.78
CA ASN A 26 -3.93 17.51 8.65
C ASN A 26 -4.38 16.11 9.11
N ASN A 27 -5.51 15.67 8.62
CA ASN A 27 -6.00 14.32 9.01
C ASN A 27 -5.56 13.29 7.97
N ALA A 28 -5.10 12.14 8.40
CA ALA A 28 -4.67 11.10 7.43
C ALA A 28 -4.99 9.72 7.99
N GLY A 29 -5.25 8.76 7.14
CA GLY A 29 -5.57 7.39 7.63
C GLY A 29 -5.30 6.38 6.52
N MET A 30 -5.23 5.12 6.86
CA MET A 30 -4.97 4.08 5.81
C MET A 30 -6.09 3.05 5.84
N GLY A 31 -6.22 2.26 4.80
CA GLY A 31 -7.29 1.24 4.76
C GLY A 31 -6.81 0.02 3.97
N ILE A 32 -6.76 -1.13 4.59
CA ILE A 32 -6.30 -2.34 3.86
C ILE A 32 -7.45 -3.34 3.75
N VAL A 33 -7.61 -3.94 2.61
CA VAL A 33 -8.72 -4.93 2.44
C VAL A 33 -8.14 -6.28 1.99
N HIS A 34 -8.60 -7.35 2.57
CA HIS A 34 -8.08 -8.69 2.17
C HIS A 34 -9.15 -9.47 1.41
N ALA A 35 -8.79 -10.09 0.33
CA ALA A 35 -9.79 -10.87 -0.45
C ALA A 35 -9.18 -12.21 -0.87
N THR A 36 -9.99 -13.14 -1.28
CA THR A 36 -9.45 -14.47 -1.69
C THR A 36 -10.04 -14.87 -3.05
N TYR A 37 -9.48 -15.87 -3.67
CA TYR A 37 -10.02 -16.31 -5.00
C TYR A 37 -10.88 -17.56 -4.80
N LYS A 38 -11.22 -17.88 -3.58
CA LYS A 38 -12.06 -19.07 -3.33
C LYS A 38 -13.31 -19.00 -4.21
N PRO A 39 -14.20 -20.00 -4.12
CA PRO A 39 -15.43 -20.03 -4.93
C PRO A 39 -16.39 -18.91 -4.54
N GLU A 40 -16.05 -18.17 -3.52
CA GLU A 40 -16.93 -17.04 -3.09
C GLU A 40 -16.06 -15.81 -2.80
N TYR A 41 -16.08 -14.83 -3.66
CA TYR A 41 -15.25 -13.61 -3.42
C TYR A 41 -15.80 -12.86 -2.21
N GLN A 42 -14.99 -12.64 -1.22
CA GLN A 42 -15.47 -11.91 -0.01
C GLN A 42 -14.27 -11.33 0.75
N VAL A 43 -14.42 -10.15 1.30
CA VAL A 43 -13.29 -9.54 2.06
C VAL A 43 -12.99 -10.38 3.30
N LEU A 44 -11.86 -11.04 3.33
CA LEU A 44 -11.51 -11.87 4.51
C LEU A 44 -11.52 -11.00 5.76
N ASN A 45 -10.87 -9.87 5.72
CA ASN A 45 -10.84 -8.99 6.92
C ASN A 45 -10.49 -7.56 6.49
N GLN A 46 -10.91 -6.59 7.23
CA GLN A 46 -10.59 -5.17 6.87
C GLN A 46 -9.58 -4.61 7.86
N TRP A 47 -8.71 -3.75 7.40
CA TRP A 47 -7.69 -3.16 8.33
C TRP A 47 -7.66 -1.64 8.17
N SER A 48 -7.62 -0.92 9.25
CA SER A 48 -7.59 0.57 9.17
C SER A 48 -6.46 1.10 10.05
N ILE A 49 -5.62 1.95 9.53
CA ILE A 49 -4.50 2.49 10.34
C ILE A 49 -4.45 4.02 10.20
N PRO A 50 -5.01 4.73 11.18
CA PRO A 50 -5.02 6.20 11.18
C PRO A 50 -3.64 6.79 11.44
N LEU A 51 -3.25 7.79 10.71
CA LEU A 51 -1.91 8.40 10.93
C LEU A 51 -2.06 9.72 11.68
N GLY A 52 -1.18 10.00 12.60
CA GLY A 52 -1.28 11.27 13.36
C GLY A 52 -0.23 12.26 12.84
N ASN A 53 -0.67 13.34 12.24
CA ASN A 53 0.29 14.34 11.70
C ASN A 53 0.93 13.81 10.41
N HIS A 54 0.17 13.11 9.62
CA HIS A 54 0.73 12.57 8.35
C HIS A 54 -0.05 13.13 7.15
N THR A 55 0.41 12.89 5.97
CA THR A 55 -0.31 13.41 4.76
C THR A 55 -0.92 12.24 4.00
N ALA A 56 -1.74 12.52 3.03
CA ALA A 56 -2.37 11.42 2.24
C ALA A 56 -1.26 10.56 1.62
N GLN A 57 -0.17 11.17 1.24
CA GLN A 57 0.94 10.38 0.65
C GLN A 57 1.60 9.53 1.73
N MET A 58 2.09 10.15 2.76
CA MET A 58 2.74 9.36 3.86
C MET A 58 1.88 8.14 4.18
N ALA A 59 0.59 8.25 4.02
CA ALA A 59 -0.31 7.10 4.32
C ALA A 59 -0.24 6.09 3.17
N GLU A 60 -0.09 6.57 1.97
CA GLU A 60 -0.01 5.64 0.81
C GLU A 60 1.23 4.76 0.94
N ILE A 61 2.33 5.31 1.35
CA ILE A 61 3.58 4.50 1.50
C ILE A 61 3.43 3.57 2.71
N ALA A 62 2.81 4.05 3.75
CA ALA A 62 2.65 3.20 4.96
C ALA A 62 1.70 2.04 4.65
N ALA A 63 0.77 2.25 3.77
CA ALA A 63 -0.18 1.17 3.41
C ALA A 63 0.57 0.05 2.68
N VAL A 64 1.50 0.40 1.83
CA VAL A 64 2.26 -0.63 1.09
C VAL A 64 3.17 -1.38 2.05
N GLU A 65 3.80 -0.68 2.97
CA GLU A 65 4.70 -1.36 3.94
C GLU A 65 3.87 -2.23 4.88
N PHE A 66 2.73 -1.74 5.30
CA PHE A 66 1.87 -2.53 6.21
C PHE A 66 1.51 -3.86 5.56
N ALA A 67 0.79 -3.82 4.47
CA ALA A 67 0.40 -5.08 3.79
C ALA A 67 1.66 -5.85 3.38
N CYS A 68 2.71 -5.16 3.06
CA CYS A 68 3.97 -5.85 2.65
C CYS A 68 4.33 -6.89 3.70
N LYS A 69 4.41 -6.49 4.95
CA LYS A 69 4.77 -7.46 6.02
C LYS A 69 3.68 -8.53 6.14
N LYS A 70 2.43 -8.13 6.07
CA LYS A 70 1.32 -9.12 6.17
C LYS A 70 1.41 -10.11 5.00
N ALA A 71 1.77 -9.63 3.83
CA ALA A 71 1.87 -10.54 2.66
C ALA A 71 2.91 -11.62 2.94
N LEU A 72 4.14 -11.23 3.14
CA LEU A 72 5.20 -12.24 3.42
C LEU A 72 4.79 -13.09 4.62
N LYS A 73 4.25 -12.49 5.63
CA LYS A 73 3.82 -13.27 6.83
C LYS A 73 3.08 -14.53 6.37
N ILE A 74 2.24 -14.40 5.38
CA ILE A 74 1.49 -15.59 4.88
C ILE A 74 2.50 -16.66 4.43
N PRO A 75 2.18 -17.94 4.66
CA PRO A 75 3.06 -19.05 4.28
C PRO A 75 3.22 -19.14 2.76
N GLY A 76 2.50 -18.35 2.03
CA GLY A 76 2.61 -18.38 0.54
C GLY A 76 2.69 -16.93 0.03
N PRO A 77 2.99 -16.75 -1.26
CA PRO A 77 3.09 -15.42 -1.88
C PRO A 77 1.73 -14.74 -1.97
N VAL A 78 1.65 -13.49 -1.62
CA VAL A 78 0.35 -12.77 -1.70
C VAL A 78 0.51 -11.52 -2.57
N LEU A 79 -0.57 -11.01 -3.10
CA LEU A 79 -0.48 -9.80 -3.97
C LEU A 79 -1.07 -8.60 -3.22
N VAL A 80 -0.51 -7.44 -3.41
CA VAL A 80 -1.05 -6.24 -2.71
C VAL A 80 -1.42 -5.17 -3.75
N ILE A 81 -2.47 -4.43 -3.50
CA ILE A 81 -2.88 -3.38 -4.47
C ILE A 81 -2.72 -2.00 -3.82
N THR A 82 -2.12 -1.07 -4.52
CA THR A 82 -1.94 0.29 -3.94
C THR A 82 -2.51 1.34 -4.89
N ASP A 83 -2.76 2.53 -4.41
CA ASP A 83 -3.31 3.59 -5.29
C ASP A 83 -2.18 4.51 -5.74
N SER A 84 -0.95 4.10 -5.55
CA SER A 84 0.19 4.95 -5.97
C SER A 84 1.26 4.09 -6.65
N PHE A 85 1.66 4.42 -7.84
CA PHE A 85 2.70 3.62 -8.54
C PHE A 85 4.08 3.95 -7.97
N TYR A 86 4.30 5.19 -7.62
CA TYR A 86 5.62 5.57 -7.05
C TYR A 86 5.95 4.67 -5.86
N VAL A 87 5.03 4.53 -4.94
CA VAL A 87 5.29 3.66 -3.75
C VAL A 87 5.39 2.20 -4.21
N ALA A 88 4.48 1.78 -5.05
CA ALA A 88 4.51 0.36 -5.52
C ALA A 88 5.89 0.05 -6.12
N GLU A 89 6.38 0.92 -6.97
CA GLU A 89 7.71 0.68 -7.59
C GLU A 89 8.79 0.66 -6.49
N SER A 90 8.68 1.54 -5.53
CA SER A 90 9.69 1.56 -4.43
C SER A 90 9.86 0.16 -3.86
N ALA A 91 8.78 -0.53 -3.61
CA ALA A 91 8.88 -1.90 -3.04
C ALA A 91 8.85 -2.94 -4.18
N ASN A 92 8.74 -2.49 -5.40
CA ASN A 92 8.70 -3.45 -6.55
C ASN A 92 10.12 -3.71 -7.05
N LYS A 93 10.71 -2.75 -7.71
CA LYS A 93 12.09 -2.95 -8.22
C LYS A 93 12.99 -1.79 -7.76
N GLU A 94 12.43 -0.62 -7.63
CA GLU A 94 13.24 0.56 -7.19
C GLU A 94 13.94 0.23 -5.86
N LEU A 95 13.30 -0.53 -5.02
CA LEU A 95 13.93 -0.87 -3.71
C LEU A 95 15.29 -1.53 -3.95
N PRO A 96 15.30 -2.69 -4.63
CA PRO A 96 16.53 -3.43 -4.93
C PRO A 96 17.42 -2.66 -5.92
N TYR A 97 16.82 -1.92 -6.81
CA TYR A 97 17.64 -1.15 -7.79
C TYR A 97 18.40 -0.04 -7.06
N TRP A 98 17.77 0.57 -6.09
CA TRP A 98 18.46 1.65 -5.33
C TRP A 98 19.65 1.06 -4.57
N LYS A 99 19.43 -0.02 -3.86
CA LYS A 99 20.55 -0.64 -3.09
C LYS A 99 21.77 -0.77 -4.01
N SER A 100 21.58 -1.18 -5.23
CA SER A 100 22.73 -1.33 -6.16
C SER A 100 23.44 0.01 -6.32
N ASN A 101 22.70 1.09 -6.40
CA ASN A 101 23.34 2.42 -6.56
C ASN A 101 23.64 2.99 -5.17
N GLY A 102 23.55 2.19 -4.15
CA GLY A 102 23.84 2.69 -2.78
C GLY A 102 22.72 3.63 -2.33
N PHE A 103 21.49 3.33 -2.67
CA PHE A 103 20.37 4.21 -2.28
C PHE A 103 20.56 5.60 -2.89
N VAL A 104 20.88 5.66 -4.15
CA VAL A 104 21.09 6.98 -4.81
C VAL A 104 19.98 7.22 -5.83
N ASN A 105 19.38 8.38 -5.81
CA ASN A 105 18.29 8.67 -6.79
C ASN A 105 18.88 9.38 -8.00
N ASN A 106 18.39 9.07 -9.17
CA ASN A 106 18.91 9.73 -10.40
C ASN A 106 18.96 11.24 -10.20
N LYS A 107 17.99 11.78 -9.51
CA LYS A 107 17.98 13.26 -9.28
C LYS A 107 19.13 13.64 -8.35
N LYS A 108 19.63 14.84 -8.47
CA LYS A 108 20.75 15.28 -7.59
C LYS A 108 20.40 14.97 -6.13
N LYS A 109 19.15 15.06 -5.78
CA LYS A 109 18.75 14.78 -4.37
C LYS A 109 18.78 13.27 -4.12
N PRO A 110 19.24 12.86 -2.94
CA PRO A 110 19.33 11.44 -2.57
C PRO A 110 17.95 10.83 -2.34
N LEU A 111 17.88 9.54 -2.13
CA LEU A 111 16.57 8.88 -1.91
C LEU A 111 15.96 9.39 -0.60
N LYS A 112 14.69 9.66 -0.59
CA LYS A 112 14.03 10.16 0.65
C LYS A 112 13.16 9.05 1.25
N HIS A 113 12.94 9.09 2.54
CA HIS A 113 12.09 8.05 3.18
C HIS A 113 12.76 6.68 3.02
N ILE A 114 14.05 6.65 2.92
CA ILE A 114 14.76 5.34 2.76
C ILE A 114 14.41 4.44 3.95
N SER A 115 14.37 4.99 5.14
CA SER A 115 14.04 4.15 6.33
C SER A 115 12.76 3.37 6.04
N LYS A 116 11.74 4.01 5.53
CA LYS A 116 10.47 3.30 5.24
C LYS A 116 10.74 2.20 4.22
N TRP A 117 11.49 2.49 3.19
CA TRP A 117 11.79 1.45 2.17
C TRP A 117 12.64 0.34 2.80
N LYS A 118 13.59 0.72 3.62
CA LYS A 118 14.45 -0.31 4.28
C LYS A 118 13.58 -1.36 4.95
N SER A 119 12.62 -0.93 5.73
CA SER A 119 11.73 -1.91 6.43
C SER A 119 11.09 -2.82 5.38
N ILE A 120 10.59 -2.26 4.31
CA ILE A 120 9.95 -3.11 3.25
C ILE A 120 11.02 -3.97 2.58
N ALA A 121 12.19 -3.43 2.37
CA ALA A 121 13.27 -4.22 1.73
C ALA A 121 13.47 -5.53 2.48
N GLU A 122 13.45 -5.49 3.78
CA GLU A 122 13.64 -6.73 4.58
C GLU A 122 12.60 -7.78 4.13
N CYS A 123 11.37 -7.36 3.96
CA CYS A 123 10.32 -8.32 3.52
C CYS A 123 10.67 -8.86 2.13
N LEU A 124 10.97 -7.99 1.21
CA LEU A 124 11.33 -8.45 -0.17
C LEU A 124 12.60 -9.29 -0.11
N SER A 125 13.50 -8.96 0.78
CA SER A 125 14.76 -9.74 0.87
C SER A 125 14.45 -11.19 1.23
N MET A 126 13.41 -11.42 2.00
CA MET A 126 13.06 -12.82 2.38
C MET A 126 12.64 -13.59 1.13
N LYS A 127 12.10 -12.92 0.16
CA LYS A 127 11.67 -13.62 -1.09
C LYS A 127 10.72 -12.72 -1.89
N PRO A 128 10.77 -12.81 -3.22
CA PRO A 128 9.91 -12.01 -4.10
C PRO A 128 8.44 -12.45 -4.02
N ASP A 129 8.16 -13.45 -3.23
CA ASP A 129 6.75 -13.93 -3.10
C ASP A 129 5.82 -12.72 -2.97
N ILE A 130 6.27 -11.67 -2.33
CA ILE A 130 5.40 -10.47 -2.17
C ILE A 130 5.29 -9.75 -3.51
N THR A 131 4.08 -9.55 -3.98
CA THR A 131 3.90 -8.84 -5.28
C THR A 131 3.08 -7.56 -5.05
N ILE A 132 3.45 -6.50 -5.70
CA ILE A 132 2.69 -5.21 -5.51
C ILE A 132 2.12 -4.76 -6.84
N GLN A 133 0.89 -4.31 -6.84
CA GLN A 133 0.27 -3.85 -8.11
C GLN A 133 -0.14 -2.38 -7.96
N HIS A 134 -0.24 -1.67 -9.06
CA HIS A 134 -0.63 -0.23 -8.97
C HIS A 134 -1.99 -0.03 -9.65
N GLU A 135 -2.86 0.73 -9.03
CA GLU A 135 -4.21 0.97 -9.63
C GLU A 135 -4.25 2.38 -10.21
N LYS A 136 -4.85 2.54 -11.36
CA LYS A 136 -4.93 3.90 -11.98
C LYS A 136 -5.94 4.75 -11.22
N GLY A 137 -5.49 5.57 -10.30
CA GLY A 137 -6.43 6.41 -9.53
C GLY A 137 -7.00 7.50 -10.44
N HIS A 138 -6.32 7.78 -11.53
CA HIS A 138 -6.82 8.83 -12.46
C HIS A 138 -8.21 8.44 -12.99
N GLN A 139 -8.37 7.19 -13.35
CA GLN A 139 -9.70 6.73 -13.87
C GLN A 139 -9.89 5.26 -13.50
N PRO A 140 -10.34 4.99 -12.27
CA PRO A 140 -10.57 3.62 -11.78
C PRO A 140 -11.78 2.97 -12.47
N THR A 141 -11.66 1.72 -12.84
CA THR A 141 -12.80 1.04 -13.51
C THR A 141 -13.16 -0.22 -12.71
N ASN A 142 -14.40 -0.65 -12.78
CA ASN A 142 -14.81 -1.86 -12.03
C ASN A 142 -14.61 -3.10 -12.90
N THR A 143 -14.00 -2.95 -14.04
CA THR A 143 -13.78 -4.12 -14.95
C THR A 143 -12.82 -5.10 -14.27
N SER A 144 -12.09 -4.65 -13.28
CA SER A 144 -11.13 -5.55 -12.59
C SER A 144 -11.65 -5.87 -11.19
N ILE A 145 -11.54 -7.11 -10.77
CA ILE A 145 -12.04 -7.49 -9.42
C ILE A 145 -11.18 -6.79 -8.35
N HIS A 146 -10.00 -6.37 -8.71
CA HIS A 146 -9.12 -5.68 -7.72
C HIS A 146 -9.71 -4.31 -7.39
N THR A 147 -10.35 -3.68 -8.33
CA THR A 147 -10.94 -2.34 -8.07
C THR A 147 -11.87 -2.43 -6.85
N GLU A 148 -12.75 -3.39 -6.84
CA GLU A 148 -13.69 -3.52 -5.69
C GLU A 148 -12.90 -3.45 -4.38
N GLY A 149 -11.84 -4.21 -4.26
CA GLY A 149 -11.04 -4.18 -3.01
C GLY A 149 -10.56 -2.75 -2.74
N ASN A 150 -10.18 -2.03 -3.77
CA ASN A 150 -9.71 -0.64 -3.57
C ASN A 150 -10.86 0.22 -3.04
N ALA A 151 -12.06 -0.04 -3.48
CA ALA A 151 -13.23 0.75 -3.00
C ALA A 151 -13.38 0.58 -1.49
N LEU A 152 -13.33 -0.64 -1.01
CA LEU A 152 -13.47 -0.87 0.45
C LEU A 152 -12.29 -0.24 1.18
N ALA A 153 -11.12 -0.30 0.61
CA ALA A 153 -9.93 0.30 1.27
C ALA A 153 -10.09 1.82 1.35
N ASP A 154 -10.57 2.42 0.30
CA ASP A 154 -10.76 3.90 0.31
C ASP A 154 -11.66 4.29 1.47
N LYS A 155 -12.78 3.63 1.62
CA LYS A 155 -13.71 3.96 2.74
C LYS A 155 -12.95 3.90 4.07
N LEU A 156 -12.22 2.84 4.30
CA LEU A 156 -11.46 2.73 5.57
C LEU A 156 -10.47 3.89 5.69
N ALA A 157 -9.85 4.27 4.61
CA ALA A 157 -8.88 5.40 4.66
C ALA A 157 -9.55 6.63 5.27
N THR A 158 -10.77 6.90 4.87
CA THR A 158 -11.48 8.09 5.43
C THR A 158 -11.82 7.85 6.89
N GLN A 159 -12.05 6.62 7.26
CA GLN A 159 -12.40 6.33 8.68
C GLN A 159 -11.21 6.71 9.58
N GLY A 160 -10.01 6.50 9.12
CA GLY A 160 -8.82 6.85 9.95
C GLY A 160 -8.85 8.34 10.26
N SER A 161 -9.26 9.15 9.32
CA SER A 161 -9.30 10.62 9.55
C SER A 161 -10.24 10.92 10.73
N TYR A 162 -11.36 10.26 10.79
CA TYR A 162 -12.31 10.50 11.90
C TYR A 162 -11.66 10.10 13.23
N VAL A 163 -10.71 9.20 13.19
CA VAL A 163 -10.03 8.77 14.44
C VAL A 163 -9.18 9.92 14.98
N VAL A 164 -8.79 10.84 14.14
CA VAL A 164 -7.97 11.99 14.61
C VAL A 164 -8.61 13.30 14.16
N ASN A 165 -8.32 14.38 14.84
CA ASN A 165 -8.92 15.69 14.44
C ASN A 165 -7.85 16.77 14.52
N GLY A 1 -0.43 -10.49 -17.48
CA GLY A 1 -0.30 -11.94 -17.82
C GLY A 1 -1.27 -12.75 -16.97
N ALA A 2 -1.06 -14.04 -16.87
CA ALA A 2 -1.98 -14.88 -16.06
C ALA A 2 -1.99 -14.38 -14.62
N MET A 3 -3.10 -14.50 -13.94
CA MET A 3 -3.18 -14.03 -12.53
C MET A 3 -2.21 -14.85 -11.67
N GLY A 4 -2.12 -16.13 -11.90
CA GLY A 4 -1.19 -16.97 -11.10
C GLY A 4 -1.94 -17.53 -9.89
N GLN A 5 -1.22 -17.96 -8.88
CA GLN A 5 -1.89 -18.50 -7.67
C GLN A 5 -1.17 -17.99 -6.42
N TYR A 6 -1.81 -17.14 -5.66
CA TYR A 6 -1.15 -16.61 -4.43
C TYR A 6 -2.02 -16.93 -3.21
N GLU A 7 -1.45 -16.87 -2.04
CA GLU A 7 -2.25 -17.16 -0.81
C GLU A 7 -3.47 -16.25 -0.78
N GLY A 8 -3.33 -15.03 -1.18
CA GLY A 8 -4.48 -14.08 -1.16
C GLY A 8 -4.05 -12.72 -1.71
N VAL A 9 -4.93 -11.76 -1.68
CA VAL A 9 -4.57 -10.40 -2.19
C VAL A 9 -5.05 -9.36 -1.18
N PHE A 10 -4.23 -8.36 -0.91
CA PHE A 10 -4.64 -7.32 0.06
C PHE A 10 -4.73 -5.95 -0.62
N TYR A 11 -5.77 -5.22 -0.37
CA TYR A 11 -5.92 -3.88 -0.99
C TYR A 11 -5.68 -2.80 0.06
N THR A 12 -4.82 -1.85 -0.22
CA THR A 12 -4.54 -0.79 0.78
C THR A 12 -4.94 0.59 0.20
N ASP A 13 -5.37 1.48 1.04
CA ASP A 13 -5.78 2.83 0.55
C ASP A 13 -5.26 3.89 1.53
N GLY A 14 -4.90 5.05 1.04
CA GLY A 14 -4.39 6.11 1.96
C GLY A 14 -5.03 7.45 1.59
N SER A 15 -5.44 8.21 2.58
CA SER A 15 -6.08 9.52 2.29
C SER A 15 -5.66 10.53 3.37
N ALA A 16 -5.80 11.80 3.09
CA ALA A 16 -5.41 12.82 4.11
C ALA A 16 -6.24 14.09 3.90
N ILE A 17 -6.56 14.78 4.96
CA ILE A 17 -7.36 16.03 4.82
C ILE A 17 -6.53 17.22 5.30
N LYS A 18 -6.60 18.33 4.60
CA LYS A 18 -5.81 19.51 5.02
C LYS A 18 -6.76 20.62 5.49
N SER A 19 -6.57 21.11 6.68
CA SER A 19 -7.46 22.19 7.20
C SER A 19 -6.61 23.42 7.54
N PRO A 20 -7.25 24.60 7.56
CA PRO A 20 -6.57 25.87 7.86
C PRO A 20 -6.05 25.92 9.31
N ASP A 21 -6.58 25.07 10.16
CA ASP A 21 -6.12 25.08 11.57
C ASP A 21 -4.86 24.22 11.71
N PRO A 22 -5.02 22.89 11.52
CA PRO A 22 -3.90 21.95 11.61
C PRO A 22 -2.97 22.06 10.38
N THR A 23 -2.54 23.25 10.07
CA THR A 23 -1.65 23.42 8.89
C THR A 23 -0.43 22.50 9.03
N LYS A 24 0.12 22.40 10.20
CA LYS A 24 1.30 21.51 10.38
C LYS A 24 0.86 20.18 11.01
N SER A 25 -0.36 19.79 10.77
CA SER A 25 -0.86 18.51 11.34
C SER A 25 -1.40 17.62 10.22
N ASN A 26 -2.48 18.02 9.61
CA ASN A 26 -3.06 17.20 8.50
C ASN A 26 -3.48 15.84 9.04
N ASN A 27 -4.68 15.41 8.74
CA ASN A 27 -5.15 14.09 9.24
C ASN A 27 -5.14 13.09 8.08
N ALA A 28 -4.66 11.90 8.31
CA ALA A 28 -4.63 10.88 7.23
C ALA A 28 -5.02 9.51 7.79
N GLY A 29 -5.67 8.71 6.99
CA GLY A 29 -6.08 7.36 7.48
C GLY A 29 -5.82 6.32 6.37
N MET A 30 -5.71 5.08 6.73
CA MET A 30 -5.46 4.03 5.70
C MET A 30 -6.43 2.86 5.91
N GLY A 31 -6.76 2.17 4.85
CA GLY A 31 -7.71 1.03 4.99
C GLY A 31 -7.17 -0.18 4.22
N ILE A 32 -7.08 -1.32 4.86
CA ILE A 32 -6.56 -2.52 4.16
C ILE A 32 -7.66 -3.57 4.07
N VAL A 33 -7.80 -4.19 2.93
CA VAL A 33 -8.86 -5.22 2.77
C VAL A 33 -8.24 -6.52 2.25
N HIS A 34 -8.60 -7.64 2.83
CA HIS A 34 -8.02 -8.93 2.37
C HIS A 34 -9.10 -9.76 1.69
N ALA A 35 -8.85 -10.22 0.50
CA ALA A 35 -9.87 -11.04 -0.22
C ALA A 35 -9.30 -12.42 -0.52
N THR A 36 -10.11 -13.33 -0.99
CA THR A 36 -9.61 -14.70 -1.30
C THR A 36 -10.04 -15.10 -2.72
N TYR A 37 -9.46 -16.13 -3.25
CA TYR A 37 -9.83 -16.56 -4.63
C TYR A 37 -10.79 -17.75 -4.54
N LYS A 38 -11.33 -18.02 -3.38
CA LYS A 38 -12.28 -19.15 -3.23
C LYS A 38 -13.38 -19.03 -4.29
N PRO A 39 -14.34 -19.97 -4.31
CA PRO A 39 -15.43 -19.94 -5.30
C PRO A 39 -16.35 -18.74 -5.07
N GLU A 40 -16.13 -17.99 -4.04
CA GLU A 40 -16.98 -16.80 -3.77
C GLU A 40 -16.09 -15.63 -3.33
N TYR A 41 -15.90 -14.67 -4.19
CA TYR A 41 -15.04 -13.51 -3.83
C TYR A 41 -15.55 -12.88 -2.52
N GLN A 42 -14.73 -12.82 -1.52
CA GLN A 42 -15.17 -12.23 -0.23
C GLN A 42 -13.97 -11.66 0.52
N VAL A 43 -14.20 -10.72 1.39
CA VAL A 43 -13.06 -10.13 2.16
C VAL A 43 -12.83 -10.92 3.44
N LEU A 44 -11.67 -11.51 3.58
CA LEU A 44 -11.39 -12.30 4.81
C LEU A 44 -11.54 -11.40 6.04
N ASN A 45 -10.99 -10.22 5.98
CA ASN A 45 -11.09 -9.28 7.14
C ASN A 45 -10.75 -7.87 6.70
N GLN A 46 -11.02 -6.89 7.52
CA GLN A 46 -10.72 -5.49 7.13
C GLN A 46 -9.76 -4.87 8.15
N TRP A 47 -8.87 -4.02 7.71
CA TRP A 47 -7.91 -3.39 8.65
C TRP A 47 -7.92 -1.88 8.47
N SER A 48 -7.86 -1.13 9.55
CA SER A 48 -7.86 0.35 9.43
C SER A 48 -6.64 0.92 10.15
N ILE A 49 -5.89 1.76 9.49
CA ILE A 49 -4.68 2.35 10.14
C ILE A 49 -4.74 3.88 10.03
N PRO A 50 -5.40 4.54 10.99
CA PRO A 50 -5.52 6.00 11.01
C PRO A 50 -4.19 6.67 11.33
N LEU A 51 -3.79 7.64 10.56
CA LEU A 51 -2.51 8.34 10.83
C LEU A 51 -2.78 9.74 11.38
N GLY A 52 -1.88 10.27 12.15
CA GLY A 52 -2.09 11.63 12.72
C GLY A 52 -0.90 12.53 12.35
N ASN A 53 0.28 12.01 12.40
CA ASN A 53 1.47 12.84 12.05
C ASN A 53 2.04 12.38 10.70
N HIS A 54 1.19 11.91 9.83
CA HIS A 54 1.67 11.45 8.49
C HIS A 54 1.01 12.28 7.39
N THR A 55 1.71 12.54 6.32
CA THR A 55 1.12 13.34 5.21
C THR A 55 0.42 12.40 4.23
N ALA A 56 -0.34 12.93 3.32
CA ALA A 56 -1.04 12.06 2.33
C ALA A 56 -0.03 11.09 1.73
N GLN A 57 1.17 11.55 1.48
CA GLN A 57 2.21 10.65 0.88
C GLN A 57 2.64 9.63 1.93
N MET A 58 3.13 10.09 3.05
CA MET A 58 3.57 9.13 4.11
C MET A 58 2.51 8.04 4.27
N ALA A 59 1.27 8.36 4.04
CA ALA A 59 0.20 7.34 4.17
C ALA A 59 0.23 6.40 2.97
N GLU A 60 0.51 6.92 1.80
CA GLU A 60 0.56 6.06 0.59
C GLU A 60 1.70 5.06 0.72
N ILE A 61 2.82 5.49 1.23
CA ILE A 61 3.99 4.56 1.38
C ILE A 61 3.68 3.54 2.48
N ALA A 62 2.97 3.95 3.51
CA ALA A 62 2.66 3.01 4.61
C ALA A 62 1.66 1.96 4.12
N ALA A 63 0.78 2.34 3.23
CA ALA A 63 -0.22 1.36 2.70
C ALA A 63 0.51 0.19 2.06
N VAL A 64 1.53 0.47 1.29
CA VAL A 64 2.29 -0.63 0.62
C VAL A 64 3.08 -1.41 1.67
N GLU A 65 3.83 -0.73 2.49
CA GLU A 65 4.64 -1.43 3.53
C GLU A 65 3.71 -2.24 4.44
N PHE A 66 2.58 -1.68 4.79
CA PHE A 66 1.63 -2.41 5.67
C PHE A 66 1.32 -3.79 5.07
N ALA A 67 0.58 -3.82 3.99
CA ALA A 67 0.25 -5.13 3.36
C ALA A 67 1.53 -5.80 2.86
N CYS A 68 2.62 -5.10 2.85
CA CYS A 68 3.90 -5.70 2.37
C CYS A 68 4.46 -6.63 3.45
N LYS A 69 4.66 -6.13 4.64
CA LYS A 69 5.20 -6.99 5.73
C LYS A 69 4.20 -8.11 6.04
N LYS A 70 2.93 -7.79 6.07
CA LYS A 70 1.91 -8.83 6.37
C LYS A 70 1.89 -9.86 5.24
N ALA A 71 2.12 -9.43 4.03
CA ALA A 71 2.11 -10.39 2.89
C ALA A 71 3.18 -11.46 3.11
N LEU A 72 4.41 -11.05 3.23
CA LEU A 72 5.51 -12.04 3.45
C LEU A 72 5.19 -12.89 4.69
N LYS A 73 4.75 -12.27 5.75
CA LYS A 73 4.41 -13.04 6.98
C LYS A 73 3.63 -14.29 6.59
N ILE A 74 2.72 -14.17 5.66
CA ILE A 74 1.92 -15.34 5.22
C ILE A 74 2.89 -16.44 4.74
N PRO A 75 2.57 -17.71 5.02
CA PRO A 75 3.42 -18.84 4.61
C PRO A 75 3.52 -18.98 3.09
N GLY A 76 2.79 -18.18 2.36
CA GLY A 76 2.85 -18.24 0.88
C GLY A 76 2.92 -16.82 0.32
N PRO A 77 3.14 -16.69 -1.00
CA PRO A 77 3.22 -15.38 -1.65
C PRO A 77 1.85 -14.68 -1.71
N VAL A 78 1.81 -13.43 -1.34
CA VAL A 78 0.51 -12.70 -1.38
C VAL A 78 0.64 -11.49 -2.30
N LEU A 79 -0.47 -10.94 -2.74
CA LEU A 79 -0.40 -9.77 -3.65
C LEU A 79 -0.84 -8.51 -2.88
N VAL A 80 -0.14 -7.42 -3.08
CA VAL A 80 -0.51 -6.17 -2.37
C VAL A 80 -0.93 -5.11 -3.40
N ILE A 81 -2.05 -4.48 -3.19
CA ILE A 81 -2.51 -3.44 -4.16
C ILE A 81 -2.60 -2.09 -3.46
N THR A 82 -2.13 -1.05 -4.08
CA THR A 82 -2.18 0.30 -3.45
C THR A 82 -2.56 1.34 -4.50
N ASP A 83 -3.04 2.48 -4.08
CA ASP A 83 -3.43 3.54 -5.05
C ASP A 83 -2.22 4.43 -5.33
N SER A 84 -1.03 3.96 -5.07
CA SER A 84 0.17 4.78 -5.33
C SER A 84 1.11 4.03 -6.28
N PHE A 85 1.34 4.56 -7.45
CA PHE A 85 2.25 3.87 -8.41
C PHE A 85 3.71 4.09 -7.99
N TYR A 86 4.06 5.30 -7.65
CA TYR A 86 5.46 5.57 -7.23
C TYR A 86 5.84 4.64 -6.08
N VAL A 87 5.01 4.56 -5.07
CA VAL A 87 5.32 3.67 -3.92
C VAL A 87 5.45 2.23 -4.41
N ALA A 88 4.50 1.77 -5.17
CA ALA A 88 4.56 0.38 -5.68
C ALA A 88 5.91 0.16 -6.39
N GLU A 89 6.22 0.98 -7.35
CA GLU A 89 7.51 0.84 -8.07
C GLU A 89 8.67 0.93 -7.07
N SER A 90 8.47 1.65 -5.99
CA SER A 90 9.55 1.79 -4.98
C SER A 90 9.94 0.41 -4.44
N ALA A 91 8.95 -0.40 -4.11
CA ALA A 91 9.25 -1.76 -3.57
C ALA A 91 9.28 -2.77 -4.72
N ASN A 92 9.04 -2.33 -5.93
CA ASN A 92 9.05 -3.28 -7.07
C ASN A 92 10.47 -3.42 -7.63
N LYS A 93 10.99 -2.38 -8.21
CA LYS A 93 12.37 -2.48 -8.78
C LYS A 93 13.26 -1.40 -8.15
N GLU A 94 12.72 -0.26 -7.86
CA GLU A 94 13.54 0.83 -7.24
C GLU A 94 14.07 0.36 -5.88
N LEU A 95 13.33 -0.45 -5.18
CA LEU A 95 13.79 -0.93 -3.85
C LEU A 95 15.15 -1.61 -4.01
N PRO A 96 15.21 -2.68 -4.83
CA PRO A 96 16.45 -3.42 -5.08
C PRO A 96 17.46 -2.57 -5.85
N TYR A 97 16.99 -1.71 -6.71
CA TYR A 97 17.92 -0.85 -7.50
C TYR A 97 18.51 0.21 -6.57
N TRP A 98 17.72 0.72 -5.66
CA TRP A 98 18.22 1.75 -4.72
C TRP A 98 19.39 1.18 -3.92
N LYS A 99 19.19 0.04 -3.30
CA LYS A 99 20.28 -0.58 -2.50
C LYS A 99 21.58 -0.52 -3.29
N SER A 100 21.52 -0.80 -4.56
CA SER A 100 22.76 -0.77 -5.40
C SER A 100 23.16 0.69 -5.64
N ASN A 101 22.21 1.58 -5.64
CA ASN A 101 22.55 3.01 -5.88
C ASN A 101 22.90 3.68 -4.55
N GLY A 102 23.05 2.91 -3.51
CA GLY A 102 23.38 3.50 -2.19
C GLY A 102 22.11 4.03 -1.52
N PHE A 103 20.97 3.49 -1.87
CA PHE A 103 19.71 3.96 -1.26
C PHE A 103 19.51 5.45 -1.58
N VAL A 104 19.94 5.88 -2.74
CA VAL A 104 19.77 7.30 -3.11
C VAL A 104 18.99 7.41 -4.42
N ASN A 105 17.95 8.19 -4.44
CA ASN A 105 17.16 8.33 -5.70
C ASN A 105 18.07 8.83 -6.83
N ASN A 106 18.94 9.76 -6.53
CA ASN A 106 19.84 10.29 -7.59
C ASN A 106 20.83 11.28 -6.97
N LYS A 107 21.96 11.47 -7.58
CA LYS A 107 22.96 12.43 -7.02
C LYS A 107 22.34 13.83 -6.94
N LYS A 108 21.41 14.13 -7.81
CA LYS A 108 20.77 15.48 -7.78
C LYS A 108 19.95 15.62 -6.50
N LYS A 109 19.33 14.56 -6.05
CA LYS A 109 18.51 14.64 -4.81
C LYS A 109 18.60 13.31 -4.06
N PRO A 110 18.73 13.38 -2.72
CA PRO A 110 18.83 12.19 -1.88
C PRO A 110 17.50 11.41 -1.82
N LEU A 111 17.53 10.19 -1.35
CA LEU A 111 16.28 9.40 -1.27
C LEU A 111 15.54 9.74 0.03
N LYS A 112 14.27 9.97 -0.06
CA LYS A 112 13.48 10.30 1.17
C LYS A 112 12.85 9.03 1.74
N HIS A 113 12.65 8.98 3.02
CA HIS A 113 12.03 7.76 3.63
C HIS A 113 12.92 6.55 3.34
N ILE A 114 14.21 6.69 3.47
CA ILE A 114 15.12 5.54 3.20
C ILE A 114 14.87 4.44 4.23
N SER A 115 14.70 4.80 5.48
CA SER A 115 14.45 3.76 6.52
C SER A 115 13.14 3.03 6.21
N LYS A 116 12.14 3.74 5.76
CA LYS A 116 10.84 3.08 5.43
C LYS A 116 11.06 2.04 4.34
N TRP A 117 11.80 2.38 3.32
CA TRP A 117 12.05 1.41 2.22
C TRP A 117 12.86 0.23 2.76
N LYS A 118 13.81 0.49 3.63
CA LYS A 118 14.62 -0.62 4.19
C LYS A 118 13.71 -1.63 4.89
N SER A 119 12.68 -1.16 5.55
CA SER A 119 11.76 -2.09 6.25
C SER A 119 11.08 -3.00 5.22
N ILE A 120 10.65 -2.46 4.12
CA ILE A 120 9.98 -3.29 3.09
C ILE A 120 11.01 -4.21 2.43
N ALA A 121 12.21 -3.73 2.25
CA ALA A 121 13.26 -4.58 1.62
C ALA A 121 13.56 -5.79 2.51
N GLU A 122 13.49 -5.60 3.80
CA GLU A 122 13.77 -6.74 4.73
C GLU A 122 12.89 -7.93 4.36
N CYS A 123 11.68 -7.68 3.95
CA CYS A 123 10.77 -8.80 3.56
C CYS A 123 11.05 -9.20 2.12
N LEU A 124 11.17 -8.25 1.23
CA LEU A 124 11.44 -8.58 -0.19
C LEU A 124 12.78 -9.31 -0.30
N SER A 125 13.70 -9.00 0.56
CA SER A 125 15.03 -9.68 0.51
C SER A 125 14.83 -11.19 0.60
N MET A 126 13.88 -11.63 1.37
CA MET A 126 13.64 -13.10 1.50
C MET A 126 13.19 -13.66 0.15
N LYS A 127 12.43 -12.92 -0.59
CA LYS A 127 11.96 -13.41 -1.92
C LYS A 127 10.91 -12.46 -2.48
N PRO A 128 10.73 -12.47 -3.81
CA PRO A 128 9.76 -11.61 -4.50
C PRO A 128 8.32 -12.06 -4.25
N ASP A 129 8.13 -13.06 -3.43
CA ASP A 129 6.75 -13.54 -3.14
C ASP A 129 5.82 -12.35 -2.95
N ILE A 130 6.29 -11.30 -2.36
CA ILE A 130 5.43 -10.10 -2.13
C ILE A 130 5.25 -9.36 -3.47
N THR A 131 4.05 -9.29 -3.96
CA THR A 131 3.80 -8.58 -5.24
C THR A 131 3.01 -7.29 -4.97
N ILE A 132 3.31 -6.25 -5.69
CA ILE A 132 2.56 -4.97 -5.46
C ILE A 132 1.88 -4.54 -6.76
N GLN A 133 0.67 -4.09 -6.68
CA GLN A 133 -0.06 -3.66 -7.92
C GLN A 133 -0.41 -2.17 -7.80
N HIS A 134 -0.78 -1.55 -8.89
CA HIS A 134 -1.13 -0.11 -8.83
C HIS A 134 -2.58 0.08 -9.32
N GLU A 135 -3.35 0.85 -8.61
CA GLU A 135 -4.76 1.07 -9.02
C GLU A 135 -4.89 2.44 -9.68
N LYS A 136 -5.92 2.64 -10.46
CA LYS A 136 -6.09 3.96 -11.13
C LYS A 136 -7.04 4.83 -10.31
N GLY A 137 -6.99 4.70 -9.01
CA GLY A 137 -7.89 5.52 -8.15
C GLY A 137 -9.26 4.84 -8.03
N HIS A 138 -10.19 5.47 -7.38
CA HIS A 138 -11.54 4.86 -7.24
C HIS A 138 -12.20 4.75 -8.62
N GLN A 139 -11.99 5.71 -9.46
CA GLN A 139 -12.60 5.65 -10.83
C GLN A 139 -11.53 5.31 -11.86
N PRO A 140 -11.13 4.03 -11.90
CA PRO A 140 -10.10 3.56 -12.85
C PRO A 140 -10.62 3.56 -14.29
N THR A 141 -9.77 3.86 -15.23
CA THR A 141 -10.20 3.88 -16.66
C THR A 141 -10.77 2.51 -17.04
N ASN A 142 -10.18 1.46 -16.54
CA ASN A 142 -10.69 0.09 -16.86
C ASN A 142 -11.26 -0.55 -15.60
N THR A 143 -12.47 -1.04 -15.67
CA THR A 143 -13.07 -1.69 -14.46
C THR A 143 -12.52 -3.10 -14.31
N SER A 144 -12.17 -3.49 -13.11
CA SER A 144 -11.62 -4.85 -12.89
C SER A 144 -12.10 -5.38 -11.54
N ILE A 145 -11.88 -6.64 -11.27
CA ILE A 145 -12.33 -7.22 -9.97
C ILE A 145 -11.59 -6.53 -8.82
N HIS A 146 -10.39 -6.10 -9.04
CA HIS A 146 -9.61 -5.42 -7.96
C HIS A 146 -10.25 -4.06 -7.67
N THR A 147 -10.92 -3.49 -8.63
CA THR A 147 -11.56 -2.16 -8.40
C THR A 147 -12.49 -2.25 -7.18
N GLU A 148 -13.29 -3.28 -7.11
CA GLU A 148 -14.22 -3.42 -5.95
C GLU A 148 -13.43 -3.27 -4.65
N GLY A 149 -12.28 -3.89 -4.56
CA GLY A 149 -11.47 -3.78 -3.31
C GLY A 149 -11.20 -2.30 -3.01
N ASN A 150 -10.93 -1.52 -4.02
CA ASN A 150 -10.65 -0.07 -3.79
C ASN A 150 -11.89 0.59 -3.17
N ALA A 151 -13.05 0.24 -3.64
CA ALA A 151 -14.29 0.86 -3.09
C ALA A 151 -14.36 0.60 -1.58
N LEU A 152 -14.21 -0.62 -1.17
CA LEU A 152 -14.27 -0.93 0.29
C LEU A 152 -13.09 -0.28 1.00
N ALA A 153 -11.92 -0.38 0.43
CA ALA A 153 -10.72 0.24 1.08
C ALA A 153 -10.94 1.74 1.22
N ASP A 154 -11.50 2.36 0.22
CA ASP A 154 -11.74 3.83 0.30
C ASP A 154 -12.68 4.14 1.47
N LYS A 155 -13.65 3.31 1.70
CA LYS A 155 -14.60 3.56 2.82
C LYS A 155 -13.84 3.51 4.15
N LEU A 156 -12.93 2.59 4.29
CA LEU A 156 -12.16 2.50 5.56
C LEU A 156 -11.18 3.67 5.66
N ALA A 157 -10.60 4.06 4.56
CA ALA A 157 -9.62 5.19 4.58
C ALA A 157 -10.37 6.49 4.90
N THR A 158 -11.49 6.71 4.27
CA THR A 158 -12.26 7.95 4.53
C THR A 158 -12.66 8.01 6.00
N GLN A 159 -13.09 6.91 6.56
CA GLN A 159 -13.50 6.90 7.99
C GLN A 159 -12.27 7.13 8.88
N GLY A 160 -11.11 6.77 8.40
CA GLY A 160 -9.88 6.97 9.21
C GLY A 160 -9.62 8.47 9.39
N SER A 161 -10.08 9.27 8.46
CA SER A 161 -9.86 10.74 8.58
C SER A 161 -10.83 11.32 9.63
N TYR A 162 -11.93 10.68 9.85
CA TYR A 162 -12.90 11.18 10.86
C TYR A 162 -12.45 10.76 12.25
N VAL A 163 -11.71 9.69 12.36
CA VAL A 163 -11.24 9.24 13.70
C VAL A 163 -10.34 10.31 14.32
N VAL A 164 -9.73 11.12 13.50
CA VAL A 164 -8.84 12.20 14.05
C VAL A 164 -9.31 13.56 13.53
N ASN A 165 -9.35 14.55 14.39
CA ASN A 165 -9.80 15.89 13.94
C ASN A 165 -8.72 16.92 14.29
N GLY A 1 -4.44 -17.73 -14.56
CA GLY A 1 -3.62 -17.88 -15.80
C GLY A 1 -2.28 -17.16 -15.61
N ALA A 2 -2.06 -16.09 -16.33
CA ALA A 2 -0.78 -15.35 -16.20
C ALA A 2 -0.66 -14.79 -14.78
N MET A 3 -1.77 -14.52 -14.13
CA MET A 3 -1.72 -13.98 -12.74
C MET A 3 -1.06 -15.00 -11.82
N GLY A 4 -1.27 -16.27 -12.07
CA GLY A 4 -0.65 -17.32 -11.21
C GLY A 4 -1.56 -17.58 -10.01
N GLN A 5 -1.07 -18.28 -9.02
CA GLN A 5 -1.91 -18.57 -7.83
C GLN A 5 -1.21 -18.04 -6.57
N TYR A 6 -1.86 -17.17 -5.84
CA TYR A 6 -1.23 -16.62 -4.61
C TYR A 6 -2.11 -16.94 -3.40
N GLU A 7 -1.58 -16.85 -2.22
CA GLU A 7 -2.39 -17.14 -1.00
C GLU A 7 -3.59 -16.20 -0.96
N GLY A 8 -3.40 -14.97 -1.35
CA GLY A 8 -4.52 -13.99 -1.33
C GLY A 8 -4.05 -12.65 -1.88
N VAL A 9 -4.84 -11.63 -1.74
CA VAL A 9 -4.43 -10.29 -2.24
C VAL A 9 -4.91 -9.21 -1.27
N PHE A 10 -4.12 -8.21 -1.03
CA PHE A 10 -4.54 -7.14 -0.08
C PHE A 10 -4.55 -5.78 -0.81
N TYR A 11 -5.50 -4.94 -0.49
CA TYR A 11 -5.56 -3.61 -1.15
C TYR A 11 -5.31 -2.53 -0.09
N THR A 12 -4.42 -1.61 -0.37
CA THR A 12 -4.14 -0.54 0.63
C THR A 12 -4.62 0.81 0.09
N ASP A 13 -4.99 1.71 0.97
CA ASP A 13 -5.45 3.05 0.53
C ASP A 13 -5.02 4.10 1.55
N GLY A 14 -4.71 5.28 1.11
CA GLY A 14 -4.28 6.34 2.07
C GLY A 14 -4.88 7.68 1.68
N SER A 15 -5.36 8.42 2.63
CA SER A 15 -5.96 9.76 2.31
C SER A 15 -5.62 10.74 3.43
N ALA A 16 -5.75 12.02 3.19
CA ALA A 16 -5.43 13.01 4.24
C ALA A 16 -6.36 14.22 4.12
N ILE A 17 -6.68 14.85 5.22
CA ILE A 17 -7.58 16.03 5.17
C ILE A 17 -6.82 17.27 5.67
N LYS A 18 -7.04 18.40 5.06
CA LYS A 18 -6.34 19.64 5.49
C LYS A 18 -7.29 20.51 6.32
N SER A 19 -6.90 20.87 7.50
CA SER A 19 -7.78 21.72 8.36
C SER A 19 -7.07 23.05 8.64
N PRO A 20 -7.85 24.10 8.92
CA PRO A 20 -7.31 25.44 9.20
C PRO A 20 -6.55 25.46 10.53
N ASP A 21 -6.61 24.40 11.29
CA ASP A 21 -5.88 24.39 12.59
C ASP A 21 -4.56 23.62 12.43
N PRO A 22 -4.63 22.29 12.24
CA PRO A 22 -3.44 21.46 12.08
C PRO A 22 -2.79 21.67 10.70
N THR A 23 -2.49 22.90 10.36
CA THR A 23 -1.86 23.16 9.04
C THR A 23 -0.59 22.32 8.89
N LYS A 24 0.19 22.23 9.93
CA LYS A 24 1.44 21.42 9.84
C LYS A 24 1.19 20.02 10.42
N SER A 25 -0.01 19.53 10.29
CA SER A 25 -0.32 18.18 10.82
C SER A 25 -1.12 17.39 9.78
N ASN A 26 -2.24 17.89 9.36
CA ASN A 26 -3.06 17.17 8.35
C ASN A 26 -3.49 15.81 8.92
N ASN A 27 -4.76 15.50 8.84
CA ASN A 27 -5.24 14.20 9.38
C ASN A 27 -5.41 13.21 8.23
N ALA A 28 -4.79 12.07 8.33
CA ALA A 28 -4.92 11.06 7.24
C ALA A 28 -5.15 9.67 7.84
N GLY A 29 -5.70 8.77 7.07
CA GLY A 29 -5.96 7.40 7.60
C GLY A 29 -5.64 6.37 6.52
N MET A 30 -5.41 5.14 6.90
CA MET A 30 -5.10 4.10 5.88
C MET A 30 -6.16 3.00 5.94
N GLY A 31 -6.37 2.31 4.85
CA GLY A 31 -7.38 1.22 4.84
C GLY A 31 -6.86 0.02 4.06
N ILE A 32 -6.76 -1.11 4.69
CA ILE A 32 -6.24 -2.32 3.98
C ILE A 32 -7.37 -3.33 3.81
N VAL A 33 -7.52 -3.87 2.63
CA VAL A 33 -8.61 -4.86 2.40
C VAL A 33 -8.00 -6.20 1.99
N HIS A 34 -8.50 -7.29 2.52
CA HIS A 34 -7.94 -8.61 2.16
C HIS A 34 -8.97 -9.42 1.36
N ALA A 35 -8.59 -9.96 0.24
CA ALA A 35 -9.54 -10.75 -0.58
C ALA A 35 -8.90 -12.08 -0.97
N THR A 36 -9.67 -13.01 -1.46
CA THR A 36 -9.10 -14.33 -1.86
C THR A 36 -9.52 -14.66 -3.30
N TYR A 37 -8.74 -15.45 -3.98
CA TYR A 37 -9.08 -15.81 -5.38
C TYR A 37 -9.85 -17.14 -5.40
N LYS A 38 -10.16 -17.67 -4.25
CA LYS A 38 -10.91 -18.96 -4.19
C LYS A 38 -12.15 -18.85 -5.09
N PRO A 39 -12.95 -19.93 -5.17
CA PRO A 39 -14.17 -19.94 -6.00
C PRO A 39 -15.22 -18.97 -5.46
N GLU A 40 -14.97 -18.37 -4.34
CA GLU A 40 -15.95 -17.40 -3.77
C GLU A 40 -15.21 -16.10 -3.41
N TYR A 41 -15.40 -15.08 -4.19
CA TYR A 41 -14.70 -13.79 -3.90
C TYR A 41 -15.30 -13.14 -2.65
N GLN A 42 -14.48 -12.75 -1.72
CA GLN A 42 -15.02 -12.12 -0.47
C GLN A 42 -13.87 -11.48 0.31
N VAL A 43 -14.14 -10.45 1.06
CA VAL A 43 -13.07 -9.80 1.84
C VAL A 43 -12.74 -10.64 3.07
N LEU A 44 -11.50 -11.00 3.25
CA LEU A 44 -11.12 -11.82 4.43
C LEU A 44 -11.19 -10.96 5.69
N ASN A 45 -10.82 -9.71 5.59
CA ASN A 45 -10.86 -8.82 6.78
C ASN A 45 -10.54 -7.40 6.37
N GLN A 46 -10.95 -6.43 7.16
CA GLN A 46 -10.66 -5.01 6.80
C GLN A 46 -9.69 -4.42 7.82
N TRP A 47 -8.74 -3.64 7.37
CA TRP A 47 -7.76 -3.05 8.31
C TRP A 47 -7.80 -1.53 8.21
N SER A 48 -7.80 -0.84 9.32
CA SER A 48 -7.85 0.65 9.28
C SER A 48 -6.72 1.20 10.16
N ILE A 49 -5.94 2.11 9.64
CA ILE A 49 -4.83 2.68 10.44
C ILE A 49 -4.80 4.21 10.29
N PRO A 50 -5.49 4.92 11.21
CA PRO A 50 -5.55 6.38 11.19
C PRO A 50 -4.21 7.02 11.55
N LEU A 51 -3.83 8.07 10.89
CA LEU A 51 -2.53 8.73 11.20
C LEU A 51 -2.79 10.07 11.89
N GLY A 52 -1.85 10.55 12.66
CA GLY A 52 -2.05 11.84 13.36
C GLY A 52 -0.89 12.79 13.03
N ASN A 53 0.29 12.25 12.88
CA ASN A 53 1.47 13.11 12.55
C ASN A 53 2.04 12.70 11.19
N HIS A 54 1.19 12.32 10.27
CA HIS A 54 1.69 11.91 8.93
C HIS A 54 0.97 12.73 7.84
N THR A 55 1.43 12.63 6.62
CA THR A 55 0.77 13.40 5.52
C THR A 55 0.07 12.43 4.58
N ALA A 56 -0.50 12.92 3.51
CA ALA A 56 -1.19 12.03 2.55
C ALA A 56 -0.17 11.13 1.85
N GLN A 57 0.97 11.67 1.52
CA GLN A 57 2.02 10.84 0.84
C GLN A 57 2.53 9.77 1.80
N MET A 58 2.81 10.14 3.02
CA MET A 58 3.32 9.14 4.00
C MET A 58 2.24 8.09 4.28
N ALA A 59 1.00 8.51 4.32
CA ALA A 59 -0.10 7.54 4.59
C ALA A 59 -0.16 6.51 3.45
N GLU A 60 0.06 6.95 2.24
CA GLU A 60 0.01 6.00 1.09
C GLU A 60 1.16 5.01 1.19
N ILE A 61 2.36 5.49 1.41
CA ILE A 61 3.52 4.57 1.52
C ILE A 61 3.37 3.70 2.77
N ALA A 62 2.84 4.24 3.82
CA ALA A 62 2.66 3.44 5.07
C ALA A 62 1.67 2.31 4.81
N ALA A 63 0.75 2.51 3.90
CA ALA A 63 -0.24 1.44 3.61
C ALA A 63 0.46 0.25 2.93
N VAL A 64 1.37 0.52 2.04
CA VAL A 64 2.09 -0.59 1.36
C VAL A 64 3.03 -1.28 2.34
N GLU A 65 3.66 -0.54 3.21
CA GLU A 65 4.58 -1.16 4.20
C GLU A 65 3.78 -2.02 5.16
N PHE A 66 2.60 -1.58 5.52
CA PHE A 66 1.76 -2.37 6.45
C PHE A 66 1.39 -3.71 5.81
N ALA A 67 0.60 -3.69 4.77
CA ALA A 67 0.20 -4.97 4.11
C ALA A 67 1.44 -5.73 3.65
N CYS A 68 2.38 -5.05 3.03
CA CYS A 68 3.61 -5.73 2.56
C CYS A 68 4.11 -6.71 3.62
N LYS A 69 4.47 -6.22 4.78
CA LYS A 69 4.96 -7.13 5.85
C LYS A 69 3.91 -8.22 6.12
N LYS A 70 2.67 -7.83 6.31
CA LYS A 70 1.62 -8.84 6.58
C LYS A 70 1.60 -9.88 5.44
N ALA A 71 1.83 -9.45 4.23
CA ALA A 71 1.82 -10.41 3.09
C ALA A 71 2.87 -11.50 3.34
N LEU A 72 4.11 -11.13 3.45
CA LEU A 72 5.18 -12.15 3.69
C LEU A 72 4.77 -13.02 4.89
N LYS A 73 4.32 -12.41 5.95
CA LYS A 73 3.91 -13.20 7.15
C LYS A 73 3.10 -14.41 6.70
N ILE A 74 2.14 -14.21 5.83
CA ILE A 74 1.32 -15.36 5.35
C ILE A 74 2.26 -16.50 4.94
N PRO A 75 1.85 -17.75 5.21
CA PRO A 75 2.66 -18.94 4.85
C PRO A 75 2.79 -19.10 3.33
N GLY A 76 2.13 -18.27 2.58
CA GLY A 76 2.23 -18.36 1.10
C GLY A 76 2.38 -16.94 0.52
N PRO A 77 2.71 -16.85 -0.78
CA PRO A 77 2.88 -15.55 -1.44
C PRO A 77 1.55 -14.81 -1.60
N VAL A 78 1.52 -13.56 -1.22
CA VAL A 78 0.26 -12.78 -1.34
C VAL A 78 0.49 -11.58 -2.25
N LEU A 79 -0.56 -11.04 -2.81
CA LEU A 79 -0.40 -9.86 -3.71
C LEU A 79 -0.78 -8.58 -2.95
N VAL A 80 -0.10 -7.50 -3.21
CA VAL A 80 -0.43 -6.23 -2.50
C VAL A 80 -0.83 -5.17 -3.52
N ILE A 81 -1.93 -4.51 -3.31
CA ILE A 81 -2.38 -3.46 -4.26
C ILE A 81 -2.26 -2.08 -3.60
N THR A 82 -1.86 -1.08 -4.34
CA THR A 82 -1.72 0.28 -3.76
C THR A 82 -2.40 1.30 -4.66
N ASP A 83 -2.77 2.44 -4.13
CA ASP A 83 -3.44 3.47 -4.97
C ASP A 83 -2.37 4.27 -5.73
N SER A 84 -1.15 4.24 -5.27
CA SER A 84 -0.08 5.00 -5.96
C SER A 84 0.89 4.02 -6.62
N PHE A 85 1.21 4.24 -7.88
CA PHE A 85 2.15 3.32 -8.57
C PHE A 85 3.58 3.60 -8.11
N TYR A 86 3.89 4.84 -7.84
CA TYR A 86 5.26 5.18 -7.38
C TYR A 86 5.59 4.38 -6.12
N VAL A 87 4.74 4.44 -5.13
CA VAL A 87 5.01 3.67 -3.87
C VAL A 87 5.05 2.18 -4.19
N ALA A 88 4.09 1.69 -4.92
CA ALA A 88 4.08 0.24 -5.27
C ALA A 88 5.40 -0.13 -5.95
N GLU A 89 5.75 0.57 -6.99
CA GLU A 89 7.03 0.26 -7.70
C GLU A 89 8.20 0.42 -6.71
N SER A 90 8.11 1.37 -5.81
CA SER A 90 9.21 1.56 -4.83
C SER A 90 9.54 0.23 -4.16
N ALA A 91 8.54 -0.47 -3.69
CA ALA A 91 8.80 -1.78 -3.03
C ALA A 91 8.73 -2.90 -4.06
N ASN A 92 8.47 -2.58 -5.30
CA ASN A 92 8.39 -3.64 -6.35
C ASN A 92 9.79 -3.92 -6.89
N LYS A 93 10.33 -3.02 -7.68
CA LYS A 93 11.69 -3.26 -8.24
C LYS A 93 12.59 -2.05 -7.93
N GLU A 94 12.02 -0.89 -7.79
CA GLU A 94 12.86 0.31 -7.49
C GLU A 94 13.59 0.12 -6.16
N LEU A 95 13.00 -0.60 -5.24
CA LEU A 95 13.68 -0.82 -3.93
C LEU A 95 15.03 -1.50 -4.15
N PRO A 96 15.02 -2.69 -4.76
CA PRO A 96 16.25 -3.44 -5.04
C PRO A 96 17.13 -2.74 -6.09
N TYR A 97 16.50 -2.06 -7.02
CA TYR A 97 17.30 -1.34 -8.05
C TYR A 97 18.01 -0.16 -7.40
N TRP A 98 17.38 0.48 -6.46
CA TRP A 98 18.01 1.64 -5.77
C TRP A 98 19.25 1.17 -5.03
N LYS A 99 19.14 0.14 -4.24
CA LYS A 99 20.32 -0.37 -3.50
C LYS A 99 21.50 -0.51 -4.45
N SER A 100 21.27 -1.00 -5.64
CA SER A 100 22.38 -1.17 -6.61
C SER A 100 22.97 0.21 -6.95
N ASN A 101 22.14 1.22 -6.98
CA ASN A 101 22.65 2.59 -7.30
C ASN A 101 23.17 3.25 -6.03
N GLY A 102 23.24 2.52 -4.95
CA GLY A 102 23.75 3.11 -3.68
C GLY A 102 22.64 3.97 -3.04
N PHE A 103 21.40 3.61 -3.27
CA PHE A 103 20.29 4.40 -2.67
C PHE A 103 20.33 5.83 -3.23
N VAL A 104 20.53 5.97 -4.50
CA VAL A 104 20.58 7.34 -5.11
C VAL A 104 19.47 7.48 -6.13
N ASN A 105 18.77 8.59 -6.11
CA ASN A 105 17.67 8.80 -7.09
C ASN A 105 18.22 9.46 -8.35
N ASN A 106 18.06 8.82 -9.48
CA ASN A 106 18.58 9.41 -10.75
C ASN A 106 17.90 10.75 -11.01
N LYS A 107 16.65 10.88 -10.60
CA LYS A 107 15.93 12.16 -10.82
C LYS A 107 16.68 13.30 -10.12
N LYS A 108 17.22 13.05 -8.96
CA LYS A 108 17.96 14.11 -8.24
C LYS A 108 19.26 13.54 -7.68
N LYS A 109 19.18 12.74 -6.66
CA LYS A 109 20.41 12.14 -6.07
C LYS A 109 20.04 11.31 -4.84
N PRO A 110 19.56 11.98 -3.78
CA PRO A 110 19.17 11.31 -2.53
C PRO A 110 17.89 10.48 -2.70
N LEU A 111 17.94 9.21 -2.44
CA LEU A 111 16.72 8.37 -2.58
C LEU A 111 15.64 8.88 -1.64
N LYS A 112 16.01 9.32 -0.47
CA LYS A 112 14.99 9.84 0.49
C LYS A 112 14.01 8.71 0.86
N HIS A 113 13.52 8.71 2.07
CA HIS A 113 12.57 7.65 2.48
C HIS A 113 13.28 6.29 2.47
N ILE A 114 14.49 6.25 2.93
CA ILE A 114 15.24 4.95 2.94
C ILE A 114 14.65 4.05 4.03
N SER A 115 14.38 4.59 5.18
CA SER A 115 13.81 3.76 6.28
C SER A 115 12.45 3.21 5.85
N LYS A 116 11.66 4.01 5.18
CA LYS A 116 10.33 3.53 4.73
C LYS A 116 10.51 2.37 3.75
N TRP A 117 11.43 2.49 2.83
CA TRP A 117 11.66 1.40 1.85
C TRP A 117 12.49 0.29 2.51
N LYS A 118 13.36 0.66 3.42
CA LYS A 118 14.19 -0.37 4.10
C LYS A 118 13.28 -1.40 4.79
N SER A 119 12.22 -0.94 5.39
CA SER A 119 11.30 -1.89 6.08
C SER A 119 10.73 -2.88 5.05
N ILE A 120 10.25 -2.38 3.94
CA ILE A 120 9.69 -3.27 2.90
C ILE A 120 10.81 -4.07 2.25
N ALA A 121 11.96 -3.47 2.10
CA ALA A 121 13.10 -4.20 1.46
C ALA A 121 13.51 -5.37 2.35
N GLU A 122 13.40 -5.22 3.64
CA GLU A 122 13.77 -6.34 4.56
C GLU A 122 12.85 -7.53 4.30
N CYS A 123 11.60 -7.29 4.01
CA CYS A 123 10.66 -8.41 3.73
C CYS A 123 10.86 -8.91 2.30
N LEU A 124 10.89 -8.02 1.35
CA LEU A 124 11.08 -8.45 -0.06
C LEU A 124 12.42 -9.20 -0.18
N SER A 125 13.41 -8.78 0.54
CA SER A 125 14.73 -9.47 0.47
C SER A 125 14.58 -10.90 0.95
N MET A 126 13.71 -11.14 1.89
CA MET A 126 13.52 -12.53 2.39
C MET A 126 12.92 -13.40 1.29
N LYS A 127 12.08 -12.84 0.47
CA LYS A 127 11.47 -13.63 -0.62
C LYS A 127 10.57 -12.73 -1.47
N PRO A 128 10.66 -12.85 -2.80
CA PRO A 128 9.86 -12.04 -3.73
C PRO A 128 8.38 -12.44 -3.69
N ASP A 129 8.04 -13.43 -2.90
CA ASP A 129 6.63 -13.86 -2.81
C ASP A 129 5.72 -12.63 -2.73
N ILE A 130 6.16 -11.61 -2.04
CA ILE A 130 5.33 -10.38 -1.92
C ILE A 130 5.21 -9.70 -3.28
N THR A 131 4.02 -9.63 -3.81
CA THR A 131 3.84 -8.98 -5.14
C THR A 131 3.17 -7.61 -4.96
N ILE A 132 3.54 -6.65 -5.76
CA ILE A 132 2.93 -5.29 -5.62
C ILE A 132 2.33 -4.87 -6.96
N GLN A 133 1.17 -4.29 -6.95
CA GLN A 133 0.54 -3.85 -8.22
C GLN A 133 -0.05 -2.44 -8.04
N HIS A 134 -0.26 -1.74 -9.13
CA HIS A 134 -0.82 -0.37 -9.02
C HIS A 134 -2.31 -0.39 -9.36
N GLU A 135 -3.13 0.23 -8.55
CA GLU A 135 -4.59 0.24 -8.83
C GLU A 135 -5.08 1.68 -8.89
N LYS A 136 -6.11 1.94 -9.67
CA LYS A 136 -6.64 3.32 -9.77
C LYS A 136 -5.48 4.29 -10.04
N GLY A 137 -5.60 5.51 -9.60
CA GLY A 137 -4.50 6.49 -9.84
C GLY A 137 -4.88 7.41 -10.99
N HIS A 138 -4.17 7.35 -12.08
CA HIS A 138 -4.50 8.24 -13.24
C HIS A 138 -5.04 7.38 -14.39
N GLN A 139 -6.14 7.78 -14.95
CA GLN A 139 -6.73 7.00 -16.08
C GLN A 139 -6.77 5.52 -15.71
N PRO A 140 -7.66 5.15 -14.77
CA PRO A 140 -7.82 3.77 -14.31
C PRO A 140 -8.45 2.88 -15.39
N THR A 141 -7.96 1.68 -15.54
CA THR A 141 -8.55 0.77 -16.58
C THR A 141 -10.01 0.47 -16.24
N ASN A 142 -10.31 0.33 -14.97
CA ASN A 142 -11.72 0.05 -14.58
C ASN A 142 -12.19 -1.23 -15.27
N THR A 143 -11.36 -2.23 -15.30
CA THR A 143 -11.76 -3.51 -15.96
C THR A 143 -11.17 -4.70 -15.20
N SER A 144 -10.70 -4.45 -14.00
CA SER A 144 -10.11 -5.57 -13.20
C SER A 144 -10.94 -5.78 -11.93
N ILE A 145 -10.93 -6.97 -11.39
CA ILE A 145 -11.72 -7.23 -10.16
C ILE A 145 -11.10 -6.46 -8.98
N HIS A 146 -9.89 -6.00 -9.12
CA HIS A 146 -9.25 -5.25 -8.02
C HIS A 146 -9.99 -3.93 -7.79
N THR A 147 -10.59 -3.40 -8.82
CA THR A 147 -11.33 -2.12 -8.68
C THR A 147 -12.26 -2.21 -7.47
N GLU A 148 -13.08 -3.22 -7.41
CA GLU A 148 -14.01 -3.36 -6.26
C GLU A 148 -13.22 -3.26 -4.95
N GLY A 149 -12.15 -4.01 -4.83
CA GLY A 149 -11.34 -3.94 -3.58
C GLY A 149 -10.97 -2.49 -3.28
N ASN A 150 -10.66 -1.73 -4.29
CA ASN A 150 -10.30 -0.30 -4.07
C ASN A 150 -11.47 0.41 -3.37
N ALA A 151 -12.67 0.17 -3.81
CA ALA A 151 -13.85 0.83 -3.18
C ALA A 151 -13.88 0.51 -1.69
N LEU A 152 -13.75 -0.74 -1.35
CA LEU A 152 -13.78 -1.13 0.09
C LEU A 152 -12.64 -0.43 0.82
N ALA A 153 -11.45 -0.46 0.27
CA ALA A 153 -10.30 0.21 0.94
C ALA A 153 -10.60 1.70 1.10
N ASP A 154 -11.22 2.30 0.13
CA ASP A 154 -11.55 3.76 0.23
C ASP A 154 -12.39 4.00 1.48
N LYS A 155 -13.36 3.15 1.73
CA LYS A 155 -14.21 3.34 2.94
C LYS A 155 -13.35 3.24 4.20
N LEU A 156 -12.41 2.33 4.22
CA LEU A 156 -11.53 2.20 5.43
C LEU A 156 -10.70 3.47 5.60
N ALA A 157 -10.16 3.98 4.52
CA ALA A 157 -9.34 5.21 4.62
C ALA A 157 -10.21 6.36 5.12
N THR A 158 -11.38 6.53 4.57
CA THR A 158 -12.28 7.63 5.03
C THR A 158 -12.55 7.47 6.53
N GLN A 159 -12.79 6.27 6.97
CA GLN A 159 -13.07 6.07 8.43
C GLN A 159 -11.84 6.46 9.24
N GLY A 160 -10.67 6.26 8.72
CA GLY A 160 -9.44 6.62 9.46
C GLY A 160 -9.47 8.12 9.80
N SER A 161 -9.90 8.94 8.88
CA SER A 161 -9.96 10.40 9.15
C SER A 161 -10.99 10.67 10.25
N TYR A 162 -12.02 9.87 10.32
CA TYR A 162 -13.06 10.09 11.37
C TYR A 162 -12.47 9.78 12.75
N VAL A 163 -11.50 8.90 12.80
CA VAL A 163 -10.89 8.55 14.11
C VAL A 163 -10.13 9.76 14.66
N VAL A 164 -9.75 10.67 13.80
CA VAL A 164 -9.01 11.88 14.27
C VAL A 164 -9.89 13.12 14.10
N ASN A 165 -9.95 13.97 15.09
CA ASN A 165 -10.78 15.19 14.97
C ASN A 165 -12.23 14.80 14.65
N GLY A 1 -6.83 -19.65 -12.18
CA GLY A 1 -5.65 -20.53 -11.98
C GLY A 1 -4.44 -19.68 -11.58
N ALA A 2 -4.11 -18.69 -12.35
CA ALA A 2 -2.94 -17.83 -12.01
C ALA A 2 -3.15 -17.21 -10.63
N MET A 3 -4.35 -16.81 -10.32
CA MET A 3 -4.61 -16.20 -8.99
C MET A 3 -4.32 -17.23 -7.90
N GLY A 4 -4.65 -18.48 -8.13
CA GLY A 4 -4.39 -19.52 -7.11
C GLY A 4 -2.91 -19.52 -6.74
N GLN A 5 -2.07 -19.07 -7.63
CA GLN A 5 -0.60 -19.05 -7.33
C GLN A 5 -0.37 -18.40 -5.97
N TYR A 6 -0.99 -17.28 -5.72
CA TYR A 6 -0.80 -16.59 -4.41
C TYR A 6 -1.94 -16.97 -3.47
N GLU A 7 -1.80 -16.66 -2.21
CA GLU A 7 -2.88 -16.99 -1.24
C GLU A 7 -4.06 -16.05 -1.46
N GLY A 8 -3.79 -14.82 -1.82
CA GLY A 8 -4.90 -13.85 -2.05
C GLY A 8 -4.31 -12.50 -2.49
N VAL A 9 -5.12 -11.48 -2.48
CA VAL A 9 -4.60 -10.13 -2.88
C VAL A 9 -5.07 -9.10 -1.85
N PHE A 10 -4.24 -8.15 -1.52
CA PHE A 10 -4.63 -7.13 -0.51
C PHE A 10 -4.74 -5.76 -1.18
N TYR A 11 -5.63 -4.93 -0.73
CA TYR A 11 -5.78 -3.58 -1.33
C TYR A 11 -5.45 -2.52 -0.27
N THR A 12 -4.61 -1.58 -0.60
CA THR A 12 -4.25 -0.54 0.40
C THR A 12 -4.64 0.85 -0.11
N ASP A 13 -4.96 1.75 0.78
CA ASP A 13 -5.36 3.12 0.34
C ASP A 13 -4.90 4.13 1.40
N GLY A 14 -4.85 5.38 1.05
CA GLY A 14 -4.42 6.41 2.04
C GLY A 14 -5.29 7.66 1.90
N SER A 15 -6.00 8.01 2.93
CA SER A 15 -6.87 9.22 2.86
C SER A 15 -6.48 10.20 3.97
N ALA A 16 -6.54 11.47 3.71
CA ALA A 16 -6.17 12.48 4.75
C ALA A 16 -7.10 13.69 4.64
N ILE A 17 -7.27 14.42 5.71
CA ILE A 17 -8.15 15.60 5.67
C ILE A 17 -7.35 16.85 6.01
N LYS A 18 -7.56 17.93 5.32
CA LYS A 18 -6.80 19.18 5.61
C LYS A 18 -7.76 20.26 6.11
N SER A 19 -7.32 21.07 7.03
CA SER A 19 -8.20 22.14 7.57
C SER A 19 -7.50 23.50 7.43
N PRO A 20 -8.24 24.60 7.67
CA PRO A 20 -7.69 25.95 7.57
C PRO A 20 -6.66 26.23 8.67
N ASP A 21 -6.87 25.70 9.83
CA ASP A 21 -5.90 25.92 10.95
C ASP A 21 -5.36 24.56 11.43
N PRO A 22 -4.54 23.92 10.60
CA PRO A 22 -3.95 22.62 10.92
C PRO A 22 -2.92 22.72 12.06
N THR A 23 -3.34 23.16 13.21
CA THR A 23 -2.39 23.28 14.34
C THR A 23 -1.81 21.91 14.66
N LYS A 24 -2.53 20.86 14.37
CA LYS A 24 -2.01 19.49 14.65
C LYS A 24 -1.72 18.77 13.34
N SER A 25 -1.35 19.50 12.33
CA SER A 25 -1.06 18.85 11.01
C SER A 25 -2.34 18.29 10.41
N ASN A 26 -2.34 17.99 9.13
CA ASN A 26 -3.57 17.45 8.49
C ASN A 26 -3.84 16.04 9.02
N ASN A 27 -5.03 15.55 8.82
CA ASN A 27 -5.36 14.18 9.31
C ASN A 27 -5.07 13.16 8.21
N ALA A 28 -4.60 11.99 8.57
CA ALA A 28 -4.30 10.96 7.54
C ALA A 28 -4.73 9.58 8.05
N GLY A 29 -5.02 8.67 7.16
CA GLY A 29 -5.44 7.32 7.61
C GLY A 29 -5.16 6.31 6.49
N MET A 30 -4.90 5.08 6.84
CA MET A 30 -4.63 4.05 5.79
C MET A 30 -5.74 3.00 5.81
N GLY A 31 -5.78 2.15 4.82
CA GLY A 31 -6.84 1.11 4.78
C GLY A 31 -6.34 -0.11 4.00
N ILE A 32 -6.21 -1.23 4.65
CA ILE A 32 -5.72 -2.45 3.94
C ILE A 32 -6.71 -3.59 4.16
N VAL A 33 -7.29 -4.10 3.11
CA VAL A 33 -8.28 -5.21 3.26
C VAL A 33 -7.77 -6.45 2.52
N HIS A 34 -8.14 -7.61 2.99
CA HIS A 34 -7.69 -8.86 2.32
C HIS A 34 -8.84 -9.45 1.50
N ALA A 35 -8.57 -9.90 0.30
CA ALA A 35 -9.65 -10.48 -0.54
C ALA A 35 -9.26 -11.88 -1.00
N THR A 36 -10.22 -12.68 -1.36
CA THR A 36 -9.91 -14.07 -1.82
C THR A 36 -10.53 -14.30 -3.20
N TYR A 37 -10.10 -15.32 -3.88
CA TYR A 37 -10.67 -15.60 -5.24
C TYR A 37 -11.38 -16.95 -5.22
N LYS A 38 -11.55 -17.53 -4.06
CA LYS A 38 -12.26 -18.84 -3.98
C LYS A 38 -13.60 -18.73 -4.70
N PRO A 39 -14.40 -19.81 -4.73
CA PRO A 39 -15.71 -19.80 -5.39
C PRO A 39 -16.69 -18.86 -4.70
N GLU A 40 -16.30 -18.29 -3.60
CA GLU A 40 -17.19 -17.34 -2.88
C GLU A 40 -16.45 -16.02 -2.67
N TYR A 41 -16.79 -15.01 -3.41
CA TYR A 41 -16.09 -13.70 -3.25
C TYR A 41 -16.54 -13.03 -1.96
N GLN A 42 -15.62 -12.72 -1.09
CA GLN A 42 -16.00 -12.06 0.19
C GLN A 42 -14.73 -11.55 0.88
N VAL A 43 -14.63 -10.27 1.08
CA VAL A 43 -13.42 -9.71 1.74
C VAL A 43 -13.12 -10.51 3.00
N LEU A 44 -11.94 -11.06 3.10
CA LEU A 44 -11.58 -11.86 4.31
C LEU A 44 -11.54 -10.96 5.54
N ASN A 45 -11.05 -9.75 5.39
CA ASN A 45 -10.99 -8.83 6.55
C ASN A 45 -10.50 -7.45 6.10
N GLN A 46 -10.84 -6.43 6.83
CA GLN A 46 -10.39 -5.05 6.45
C GLN A 46 -9.41 -4.56 7.51
N TRP A 47 -8.48 -3.72 7.14
CA TRP A 47 -7.50 -3.20 8.13
C TRP A 47 -7.44 -1.67 8.06
N SER A 48 -7.53 -1.02 9.18
CA SER A 48 -7.49 0.47 9.19
C SER A 48 -6.33 0.93 10.07
N ILE A 49 -5.54 1.86 9.60
CA ILE A 49 -4.41 2.36 10.42
C ILE A 49 -4.36 3.89 10.37
N PRO A 50 -5.08 4.54 11.29
CA PRO A 50 -5.15 6.00 11.37
C PRO A 50 -3.81 6.60 11.83
N LEU A 51 -3.40 7.69 11.24
CA LEU A 51 -2.11 8.32 11.64
C LEU A 51 -2.39 9.58 12.45
N GLY A 52 -1.55 9.91 13.38
CA GLY A 52 -1.76 11.14 14.20
C GLY A 52 -1.01 12.32 13.57
N ASN A 53 0.29 12.27 13.59
CA ASN A 53 1.08 13.39 12.99
C ASN A 53 1.66 12.94 11.65
N HIS A 54 0.82 12.59 10.72
CA HIS A 54 1.33 12.15 9.38
C HIS A 54 0.54 12.86 8.28
N THR A 55 0.95 12.69 7.06
CA THR A 55 0.22 13.36 5.94
C THR A 55 -0.37 12.29 5.01
N ALA A 56 -1.16 12.70 4.05
CA ALA A 56 -1.76 11.71 3.11
C ALA A 56 -0.65 10.88 2.46
N GLN A 57 0.39 11.53 2.01
CA GLN A 57 1.52 10.78 1.37
C GLN A 57 2.07 9.75 2.36
N MET A 58 2.62 10.21 3.45
CA MET A 58 3.19 9.27 4.46
C MET A 58 2.22 8.10 4.66
N ALA A 59 0.95 8.35 4.48
CA ALA A 59 -0.04 7.25 4.67
C ALA A 59 -0.12 6.40 3.39
N GLU A 60 0.15 6.99 2.26
CA GLU A 60 0.09 6.21 0.98
C GLU A 60 1.27 5.24 0.93
N ILE A 61 2.40 5.62 1.45
CA ILE A 61 3.58 4.71 1.43
C ILE A 61 3.49 3.71 2.58
N ALA A 62 2.95 4.12 3.70
CA ALA A 62 2.83 3.19 4.86
C ALA A 62 1.79 2.12 4.54
N ALA A 63 0.85 2.43 3.69
CA ALA A 63 -0.19 1.42 3.34
C ALA A 63 0.45 0.26 2.57
N VAL A 64 1.41 0.55 1.74
CA VAL A 64 2.08 -0.53 0.97
C VAL A 64 3.02 -1.31 1.89
N GLU A 65 3.67 -0.63 2.80
CA GLU A 65 4.60 -1.32 3.73
C GLU A 65 3.79 -2.19 4.70
N PHE A 66 2.65 -1.70 5.12
CA PHE A 66 1.81 -2.48 6.06
C PHE A 66 1.41 -3.81 5.40
N ALA A 67 0.62 -3.75 4.37
CA ALA A 67 0.19 -5.00 3.69
C ALA A 67 1.42 -5.81 3.29
N CYS A 68 2.51 -5.15 3.00
CA CYS A 68 3.74 -5.89 2.60
C CYS A 68 4.10 -6.90 3.69
N LYS A 69 4.31 -6.44 4.89
CA LYS A 69 4.67 -7.38 5.99
C LYS A 69 3.51 -8.36 6.23
N LYS A 70 2.30 -7.89 6.15
CA LYS A 70 1.13 -8.79 6.37
C LYS A 70 1.17 -9.93 5.34
N ALA A 71 1.64 -9.65 4.16
CA ALA A 71 1.70 -10.72 3.12
C ALA A 71 2.78 -11.72 3.49
N LEU A 72 4.01 -11.28 3.61
CA LEU A 72 5.10 -12.22 3.97
C LEU A 72 4.64 -13.12 5.12
N LYS A 73 4.06 -12.54 6.14
CA LYS A 73 3.57 -13.36 7.29
C LYS A 73 2.86 -14.60 6.76
N ILE A 74 1.96 -14.42 5.83
CA ILE A 74 1.23 -15.59 5.27
C ILE A 74 2.25 -16.61 4.75
N PRO A 75 1.96 -17.91 4.95
CA PRO A 75 2.85 -18.99 4.50
C PRO A 75 2.94 -19.04 2.97
N GLY A 76 2.14 -18.26 2.30
CA GLY A 76 2.19 -18.25 0.81
C GLY A 76 2.34 -16.80 0.34
N PRO A 77 2.78 -16.61 -0.92
CA PRO A 77 2.96 -15.27 -1.49
C PRO A 77 1.63 -14.56 -1.72
N VAL A 78 1.61 -13.26 -1.57
CA VAL A 78 0.35 -12.51 -1.76
C VAL A 78 0.61 -11.27 -2.62
N LEU A 79 -0.41 -10.72 -3.23
CA LEU A 79 -0.22 -9.52 -4.07
C LEU A 79 -0.83 -8.31 -3.38
N VAL A 80 -0.12 -7.22 -3.31
CA VAL A 80 -0.67 -6.00 -2.64
C VAL A 80 -1.11 -4.99 -3.71
N ILE A 81 -2.28 -4.45 -3.57
CA ILE A 81 -2.77 -3.45 -4.58
C ILE A 81 -2.71 -2.05 -3.98
N THR A 82 -2.16 -1.11 -4.70
CA THR A 82 -2.07 0.28 -4.17
C THR A 82 -2.54 1.27 -5.24
N ASP A 83 -2.87 2.47 -4.84
CA ASP A 83 -3.33 3.48 -5.84
C ASP A 83 -2.14 4.31 -6.31
N SER A 84 -0.95 3.94 -5.92
CA SER A 84 0.25 4.71 -6.34
C SER A 84 1.31 3.75 -6.90
N PHE A 85 1.73 3.96 -8.12
CA PHE A 85 2.76 3.07 -8.71
C PHE A 85 4.14 3.41 -8.14
N TYR A 86 4.43 4.68 -8.02
CA TYR A 86 5.75 5.08 -7.47
C TYR A 86 6.04 4.29 -6.19
N VAL A 87 5.11 4.25 -5.28
CA VAL A 87 5.31 3.50 -4.02
C VAL A 87 5.38 2.00 -4.33
N ALA A 88 4.46 1.50 -5.10
CA ALA A 88 4.48 0.05 -5.45
C ALA A 88 5.85 -0.31 -6.03
N GLU A 89 6.34 0.48 -6.95
CA GLU A 89 7.67 0.17 -7.56
C GLU A 89 8.75 0.30 -6.48
N SER A 90 8.59 1.22 -5.58
CA SER A 90 9.61 1.40 -4.51
C SER A 90 9.86 0.05 -3.81
N ALA A 91 8.81 -0.66 -3.51
CA ALA A 91 8.98 -1.98 -2.82
C ALA A 91 8.94 -3.10 -3.87
N ASN A 92 8.77 -2.77 -5.11
CA ASN A 92 8.71 -3.82 -6.16
C ASN A 92 10.11 -4.03 -6.76
N LYS A 93 10.58 -3.10 -7.53
CA LYS A 93 11.94 -3.25 -8.14
C LYS A 93 12.79 -2.01 -7.84
N GLU A 94 12.17 -0.89 -7.66
CA GLU A 94 12.94 0.36 -7.37
C GLU A 94 13.73 0.18 -6.06
N LEU A 95 13.20 -0.58 -5.14
CA LEU A 95 13.92 -0.78 -3.84
C LEU A 95 15.33 -1.31 -4.12
N PRO A 96 15.41 -2.49 -4.76
CA PRO A 96 16.70 -3.13 -5.07
C PRO A 96 17.48 -2.33 -6.12
N TYR A 97 16.79 -1.72 -7.05
CA TYR A 97 17.50 -0.91 -8.09
C TYR A 97 18.11 0.33 -7.45
N TRP A 98 17.45 0.90 -6.48
CA TRP A 98 18.00 2.10 -5.80
C TRP A 98 19.28 1.73 -5.06
N LYS A 99 19.25 0.66 -4.31
CA LYS A 99 20.48 0.24 -3.56
C LYS A 99 21.70 0.38 -4.47
N SER A 100 21.60 -0.05 -5.69
CA SER A 100 22.75 0.07 -6.62
C SER A 100 23.09 1.54 -6.84
N ASN A 101 22.09 2.39 -6.85
CA ASN A 101 22.36 3.84 -7.07
C ASN A 101 22.70 4.49 -5.72
N GLY A 102 22.87 3.70 -4.70
CA GLY A 102 23.22 4.28 -3.36
C GLY A 102 21.95 4.75 -2.67
N PHE A 103 20.84 4.11 -2.93
CA PHE A 103 19.56 4.52 -2.29
C PHE A 103 19.19 5.93 -2.75
N VAL A 104 19.61 6.32 -3.92
CA VAL A 104 19.29 7.67 -4.42
C VAL A 104 18.62 7.56 -5.80
N ASN A 105 17.45 8.13 -5.95
CA ASN A 105 16.75 8.06 -7.26
C ASN A 105 17.63 8.69 -8.35
N ASN A 106 18.35 9.72 -8.02
CA ASN A 106 19.23 10.37 -9.03
C ASN A 106 20.08 11.45 -8.35
N LYS A 107 21.25 11.69 -8.86
CA LYS A 107 22.14 12.73 -8.25
C LYS A 107 21.40 14.08 -8.22
N LYS A 108 20.49 14.27 -9.14
CA LYS A 108 19.74 15.57 -9.17
C LYS A 108 18.90 15.70 -7.90
N LYS A 109 18.36 14.60 -7.42
CA LYS A 109 17.53 14.67 -6.19
C LYS A 109 17.67 13.36 -5.41
N PRO A 110 17.68 13.46 -4.07
CA PRO A 110 17.81 12.29 -3.20
C PRO A 110 16.56 11.40 -3.23
N LEU A 111 16.72 10.13 -3.00
CA LEU A 111 15.54 9.22 -3.01
C LEU A 111 14.50 9.71 -1.99
N LYS A 112 14.94 10.20 -0.86
CA LYS A 112 13.99 10.69 0.17
C LYS A 112 13.11 9.53 0.65
N HIS A 113 12.85 9.47 1.92
CA HIS A 113 12.00 8.36 2.46
C HIS A 113 12.72 7.03 2.28
N ILE A 114 14.03 7.05 2.23
CA ILE A 114 14.78 5.77 2.06
C ILE A 114 14.55 4.88 3.28
N SER A 115 14.57 5.45 4.45
CA SER A 115 14.33 4.63 5.68
C SER A 115 13.03 3.87 5.53
N LYS A 116 11.99 4.52 5.10
CA LYS A 116 10.68 3.83 4.93
C LYS A 116 10.85 2.67 3.95
N TRP A 117 11.58 2.88 2.89
CA TRP A 117 11.78 1.78 1.90
C TRP A 117 12.63 0.68 2.54
N LYS A 118 13.55 1.04 3.39
CA LYS A 118 14.41 0.03 4.04
C LYS A 118 13.53 -0.94 4.85
N SER A 119 12.49 -0.44 5.45
CA SER A 119 11.59 -1.33 6.24
C SER A 119 10.89 -2.31 5.31
N ILE A 120 10.40 -1.84 4.19
CA ILE A 120 9.70 -2.75 3.24
C ILE A 120 10.72 -3.74 2.66
N ALA A 121 11.91 -3.29 2.38
CA ALA A 121 12.94 -4.21 1.81
C ALA A 121 13.23 -5.32 2.82
N GLU A 122 13.21 -5.01 4.08
CA GLU A 122 13.50 -6.06 5.10
C GLU A 122 12.55 -7.25 4.89
N CYS A 123 11.31 -6.98 4.57
CA CYS A 123 10.35 -8.10 4.35
C CYS A 123 10.60 -8.71 2.97
N LEU A 124 10.75 -7.89 1.95
CA LEU A 124 11.00 -8.44 0.60
C LEU A 124 12.30 -9.23 0.59
N SER A 125 13.28 -8.78 1.33
CA SER A 125 14.59 -9.51 1.36
C SER A 125 14.35 -10.92 1.90
N MET A 126 13.43 -11.09 2.81
CA MET A 126 13.16 -12.43 3.37
C MET A 126 12.64 -13.35 2.26
N LYS A 127 11.95 -12.80 1.30
CA LYS A 127 11.42 -13.65 0.20
C LYS A 127 10.57 -12.78 -0.75
N PRO A 128 10.75 -12.98 -2.06
CA PRO A 128 10.01 -12.22 -3.08
C PRO A 128 8.53 -12.63 -3.13
N ASP A 129 8.14 -13.56 -2.30
CA ASP A 129 6.71 -14.00 -2.30
C ASP A 129 5.80 -12.78 -2.23
N ILE A 130 6.30 -11.68 -1.75
CA ILE A 130 5.46 -10.45 -1.65
C ILE A 130 5.39 -9.76 -3.01
N THR A 131 4.23 -9.72 -3.60
CA THR A 131 4.10 -9.05 -4.93
C THR A 131 3.26 -7.78 -4.77
N ILE A 132 3.68 -6.69 -5.36
CA ILE A 132 2.89 -5.44 -5.23
C ILE A 132 2.38 -5.00 -6.61
N GLN A 133 1.15 -4.55 -6.67
CA GLN A 133 0.60 -4.12 -7.98
C GLN A 133 0.09 -2.67 -7.87
N HIS A 134 -0.04 -1.99 -8.97
CA HIS A 134 -0.53 -0.57 -8.91
C HIS A 134 -1.83 -0.45 -9.69
N GLU A 135 -2.75 0.34 -9.21
CA GLU A 135 -4.04 0.50 -9.93
C GLU A 135 -4.07 1.87 -10.61
N LYS A 136 -4.68 1.96 -11.77
CA LYS A 136 -4.75 3.27 -12.47
C LYS A 136 -6.04 4.00 -12.09
N GLY A 137 -6.44 3.91 -10.85
CA GLY A 137 -7.69 4.60 -10.42
C GLY A 137 -8.87 4.09 -11.26
N HIS A 138 -9.37 4.91 -12.15
CA HIS A 138 -10.51 4.48 -12.99
C HIS A 138 -9.99 3.95 -14.33
N GLN A 139 -9.95 2.65 -14.50
CA GLN A 139 -9.44 2.09 -15.78
C GLN A 139 -10.15 0.76 -16.05
N PRO A 140 -10.17 0.33 -17.32
CA PRO A 140 -10.82 -0.93 -17.72
C PRO A 140 -10.04 -2.15 -17.24
N THR A 141 -10.69 -3.05 -16.54
CA THR A 141 -10.00 -4.26 -16.03
C THR A 141 -10.69 -5.51 -16.57
N ASN A 142 -9.95 -6.54 -16.86
CA ASN A 142 -10.56 -7.79 -17.38
C ASN A 142 -11.68 -8.23 -16.46
N THR A 143 -11.53 -8.02 -15.18
CA THR A 143 -12.59 -8.43 -14.21
C THR A 143 -12.99 -7.23 -13.34
N SER A 144 -14.21 -7.19 -12.89
CA SER A 144 -14.65 -6.06 -12.04
C SER A 144 -14.44 -6.40 -10.57
N ILE A 145 -13.88 -7.55 -10.28
CA ILE A 145 -13.64 -7.93 -8.87
C ILE A 145 -12.54 -7.06 -8.27
N HIS A 146 -11.60 -6.65 -9.08
CA HIS A 146 -10.49 -5.80 -8.56
C HIS A 146 -11.04 -4.41 -8.23
N THR A 147 -12.05 -3.97 -8.94
CA THR A 147 -12.62 -2.63 -8.67
C THR A 147 -13.29 -2.62 -7.28
N GLU A 148 -14.01 -3.65 -6.96
CA GLU A 148 -14.68 -3.71 -5.63
C GLU A 148 -13.62 -3.64 -4.52
N GLY A 149 -12.49 -4.25 -4.73
CA GLY A 149 -11.43 -4.21 -3.68
C GLY A 149 -10.86 -2.79 -3.58
N ASN A 150 -10.96 -2.03 -4.63
CA ASN A 150 -10.44 -0.63 -4.60
C ASN A 150 -11.38 0.25 -3.79
N ALA A 151 -12.66 -0.01 -3.85
CA ALA A 151 -13.63 0.81 -3.09
C ALA A 151 -13.55 0.45 -1.61
N LEU A 152 -13.45 -0.81 -1.29
CA LEU A 152 -13.37 -1.22 0.14
C LEU A 152 -12.08 -0.67 0.76
N ALA A 153 -11.01 -0.68 0.02
CA ALA A 153 -9.73 -0.15 0.58
C ALA A 153 -9.82 1.37 0.73
N ASP A 154 -10.43 2.04 -0.20
CA ASP A 154 -10.55 3.52 -0.09
C ASP A 154 -11.45 3.87 1.09
N LYS A 155 -12.50 3.13 1.31
CA LYS A 155 -13.40 3.43 2.46
C LYS A 155 -12.64 3.23 3.78
N LEU A 156 -11.76 2.26 3.82
CA LEU A 156 -10.99 2.01 5.07
C LEU A 156 -10.03 3.18 5.32
N ALA A 157 -9.41 3.69 4.30
CA ALA A 157 -8.46 4.82 4.48
C ALA A 157 -9.23 6.05 4.97
N THR A 158 -10.37 6.32 4.39
CA THR A 158 -11.16 7.51 4.81
C THR A 158 -11.48 7.40 6.31
N GLN A 159 -11.89 6.24 6.75
CA GLN A 159 -12.22 6.07 8.19
C GLN A 159 -10.97 6.34 9.04
N GLY A 160 -9.82 5.94 8.57
CA GLY A 160 -8.57 6.15 9.35
C GLY A 160 -8.40 7.65 9.61
N SER A 161 -8.54 8.47 8.60
CA SER A 161 -8.38 9.94 8.79
C SER A 161 -9.48 10.46 9.71
N TYR A 162 -10.65 9.87 9.65
CA TYR A 162 -11.77 10.34 10.52
C TYR A 162 -11.39 10.10 11.99
N VAL A 163 -10.75 9.01 12.28
CA VAL A 163 -10.36 8.74 13.70
C VAL A 163 -9.51 9.89 14.23
N VAL A 164 -8.65 10.43 13.41
CA VAL A 164 -7.80 11.55 13.88
C VAL A 164 -8.31 12.88 13.28
N ASN A 165 -8.41 13.90 14.09
CA ASN A 165 -8.91 15.21 13.57
C ASN A 165 -7.83 16.27 13.78
N GLY A 1 2.94 -16.53 -14.85
CA GLY A 1 2.40 -15.74 -13.71
C GLY A 1 0.97 -16.19 -13.40
N ALA A 2 0.78 -17.46 -13.19
CA ALA A 2 -0.59 -17.95 -12.89
C ALA A 2 -1.10 -17.29 -11.61
N MET A 3 -2.39 -17.04 -11.53
CA MET A 3 -2.94 -16.38 -10.31
C MET A 3 -2.81 -17.34 -9.11
N GLY A 4 -2.80 -18.62 -9.36
CA GLY A 4 -2.67 -19.59 -8.24
C GLY A 4 -1.34 -19.38 -7.53
N GLN A 5 -0.44 -18.66 -8.14
CA GLN A 5 0.88 -18.42 -7.50
C GLN A 5 0.68 -17.75 -6.13
N TYR A 6 -0.19 -16.76 -6.07
CA TYR A 6 -0.44 -16.07 -4.78
C TYR A 6 -1.60 -16.75 -4.05
N GLU A 7 -1.64 -16.66 -2.75
CA GLU A 7 -2.75 -17.29 -2.00
C GLU A 7 -3.92 -16.30 -1.87
N GLY A 8 -3.64 -15.03 -1.89
CA GLY A 8 -4.73 -14.02 -1.76
C GLY A 8 -4.24 -12.67 -2.27
N VAL A 9 -5.04 -11.65 -2.14
CA VAL A 9 -4.62 -10.30 -2.61
C VAL A 9 -4.86 -9.27 -1.50
N PHE A 10 -3.99 -8.30 -1.38
CA PHE A 10 -4.17 -7.28 -0.32
C PHE A 10 -4.31 -5.89 -0.96
N TYR A 11 -5.37 -5.21 -0.67
CA TYR A 11 -5.57 -3.85 -1.27
C TYR A 11 -5.32 -2.78 -0.20
N THR A 12 -4.53 -1.80 -0.51
CA THR A 12 -4.25 -0.73 0.50
C THR A 12 -4.70 0.62 -0.05
N ASP A 13 -5.08 1.52 0.80
CA ASP A 13 -5.53 2.87 0.32
C ASP A 13 -5.06 3.94 1.29
N GLY A 14 -4.83 5.14 0.81
CA GLY A 14 -4.37 6.23 1.71
C GLY A 14 -5.20 7.49 1.44
N SER A 15 -5.89 7.98 2.42
CA SER A 15 -6.72 9.21 2.21
C SER A 15 -6.38 10.23 3.30
N ALA A 16 -6.55 11.50 3.01
CA ALA A 16 -6.24 12.54 4.02
C ALA A 16 -7.33 13.62 3.98
N ILE A 17 -7.51 14.33 5.07
CA ILE A 17 -8.56 15.39 5.09
C ILE A 17 -7.92 16.73 5.47
N LYS A 18 -8.34 17.79 4.84
CA LYS A 18 -7.75 19.13 5.17
C LYS A 18 -8.76 19.95 5.96
N SER A 19 -8.33 20.55 7.04
CA SER A 19 -9.26 21.38 7.86
C SER A 19 -8.77 22.83 7.90
N PRO A 20 -9.66 23.76 8.26
CA PRO A 20 -9.32 25.18 8.34
C PRO A 20 -8.36 25.48 9.50
N ASP A 21 -8.63 24.95 10.66
CA ASP A 21 -7.75 25.20 11.82
C ASP A 21 -6.32 24.77 11.48
N PRO A 22 -6.14 23.48 11.17
CA PRO A 22 -4.81 22.93 10.82
C PRO A 22 -4.35 23.42 9.45
N THR A 23 -4.08 24.69 9.32
CA THR A 23 -3.63 25.22 8.00
C THR A 23 -2.39 24.45 7.54
N LYS A 24 -1.42 24.30 8.38
CA LYS A 24 -0.20 23.55 7.99
C LYS A 24 -0.30 22.11 8.50
N SER A 25 -1.50 21.59 8.63
CA SER A 25 -1.65 20.20 9.13
C SER A 25 -2.86 19.55 8.45
N ASN A 26 -2.80 18.27 8.21
CA ASN A 26 -3.95 17.58 7.55
C ASN A 26 -4.11 16.18 8.16
N ASN A 27 -5.31 15.65 8.13
CA ASN A 27 -5.54 14.29 8.69
C ASN A 27 -5.24 13.23 7.63
N ALA A 28 -4.71 12.11 8.02
CA ALA A 28 -4.40 11.04 7.03
C ALA A 28 -4.75 9.68 7.61
N GLY A 29 -5.12 8.73 6.79
CA GLY A 29 -5.47 7.39 7.31
C GLY A 29 -5.18 6.33 6.23
N MET A 30 -5.15 5.09 6.61
CA MET A 30 -4.89 4.02 5.60
C MET A 30 -5.91 2.89 5.77
N GLY A 31 -6.19 2.17 4.73
CA GLY A 31 -7.19 1.06 4.84
C GLY A 31 -6.70 -0.15 4.04
N ILE A 32 -6.61 -1.28 4.66
CA ILE A 32 -6.14 -2.50 3.94
C ILE A 32 -7.30 -3.48 3.79
N VAL A 33 -7.40 -4.16 2.68
CA VAL A 33 -8.51 -5.13 2.49
C VAL A 33 -7.98 -6.41 1.87
N HIS A 34 -8.21 -7.53 2.51
CA HIS A 34 -7.72 -8.83 1.95
C HIS A 34 -8.89 -9.55 1.29
N ALA A 35 -8.65 -10.14 0.14
CA ALA A 35 -9.76 -10.86 -0.56
C ALA A 35 -9.21 -12.13 -1.21
N THR A 36 -10.08 -13.04 -1.57
CA THR A 36 -9.62 -14.30 -2.22
C THR A 36 -10.32 -14.45 -3.57
N TYR A 37 -9.83 -15.32 -4.42
CA TYR A 37 -10.47 -15.49 -5.75
C TYR A 37 -11.31 -16.78 -5.75
N LYS A 38 -11.49 -17.38 -4.61
CA LYS A 38 -12.30 -18.62 -4.55
C LYS A 38 -13.65 -18.37 -5.25
N PRO A 39 -14.54 -19.38 -5.29
CA PRO A 39 -15.85 -19.22 -5.95
C PRO A 39 -16.73 -18.20 -5.22
N GLU A 40 -16.27 -17.70 -4.10
CA GLU A 40 -17.05 -16.67 -3.37
C GLU A 40 -16.17 -15.46 -3.10
N TYR A 41 -16.37 -14.39 -3.82
CA TYR A 41 -15.52 -13.18 -3.60
C TYR A 41 -15.92 -12.50 -2.29
N GLN A 42 -14.99 -12.25 -1.42
CA GLN A 42 -15.32 -11.60 -0.12
C GLN A 42 -14.03 -11.15 0.56
N VAL A 43 -14.10 -10.07 1.30
CA VAL A 43 -12.87 -9.58 2.00
C VAL A 43 -12.53 -10.52 3.15
N LEU A 44 -11.35 -11.09 3.14
CA LEU A 44 -10.96 -12.01 4.25
C LEU A 44 -10.89 -11.24 5.56
N ASN A 45 -10.31 -10.08 5.54
CA ASN A 45 -10.21 -9.27 6.80
C ASN A 45 -9.98 -7.80 6.43
N GLN A 46 -10.48 -6.90 7.23
CA GLN A 46 -10.29 -5.46 6.93
C GLN A 46 -9.27 -4.86 7.91
N TRP A 47 -8.45 -3.94 7.46
CA TRP A 47 -7.44 -3.34 8.36
C TRP A 47 -7.45 -1.81 8.20
N SER A 48 -7.35 -1.09 9.29
CA SER A 48 -7.34 0.39 9.20
C SER A 48 -6.18 0.94 10.02
N ILE A 49 -5.57 2.01 9.57
CA ILE A 49 -4.42 2.59 10.32
C ILE A 49 -4.53 4.11 10.34
N PRO A 50 -5.08 4.66 11.43
CA PRO A 50 -5.25 6.11 11.58
C PRO A 50 -3.90 6.81 11.79
N LEU A 51 -3.70 7.93 11.14
CA LEU A 51 -2.41 8.67 11.31
C LEU A 51 -2.62 9.88 12.23
N GLY A 52 -1.68 10.16 13.07
CA GLY A 52 -1.82 11.32 13.99
C GLY A 52 -1.10 12.53 13.41
N ASN A 53 0.20 12.47 13.31
CA ASN A 53 0.95 13.62 12.74
C ASN A 53 1.65 13.20 11.44
N HIS A 54 0.88 12.80 10.46
CA HIS A 54 1.48 12.37 9.17
C HIS A 54 0.78 13.08 8.01
N THR A 55 1.13 12.77 6.80
CA THR A 55 0.48 13.44 5.64
C THR A 55 -0.04 12.37 4.68
N ALA A 56 -0.85 12.76 3.73
CA ALA A 56 -1.39 11.77 2.75
C ALA A 56 -0.24 10.99 2.12
N GLN A 57 0.87 11.65 1.87
CA GLN A 57 2.02 10.94 1.25
C GLN A 57 2.49 9.82 2.17
N MET A 58 2.52 10.06 3.46
CA MET A 58 2.95 9.00 4.40
C MET A 58 1.95 7.84 4.38
N ALA A 59 0.69 8.14 4.16
CA ALA A 59 -0.33 7.06 4.13
C ALA A 59 -0.10 6.16 2.90
N GLU A 60 0.36 6.73 1.83
CA GLU A 60 0.61 5.91 0.60
C GLU A 60 1.84 5.02 0.82
N ILE A 61 2.86 5.55 1.42
CA ILE A 61 4.09 4.74 1.65
C ILE A 61 3.83 3.74 2.78
N ALA A 62 3.05 4.11 3.76
CA ALA A 62 2.77 3.18 4.89
C ALA A 62 1.76 2.12 4.42
N ALA A 63 0.90 2.46 3.52
CA ALA A 63 -0.10 1.46 3.03
C ALA A 63 0.62 0.32 2.31
N VAL A 64 1.62 0.63 1.55
CA VAL A 64 2.36 -0.44 0.82
C VAL A 64 3.22 -1.24 1.80
N GLU A 65 3.84 -0.58 2.74
CA GLU A 65 4.69 -1.31 3.72
C GLU A 65 3.80 -2.13 4.64
N PHE A 66 2.67 -1.60 5.03
CA PHE A 66 1.75 -2.37 5.91
C PHE A 66 1.47 -3.74 5.29
N ALA A 67 0.84 -3.77 4.16
CA ALA A 67 0.53 -5.09 3.52
C ALA A 67 1.83 -5.81 3.17
N CYS A 68 2.90 -5.08 2.95
CA CYS A 68 4.19 -5.73 2.61
C CYS A 68 4.59 -6.69 3.74
N LYS A 69 4.72 -6.18 4.94
CA LYS A 69 5.10 -7.06 6.08
C LYS A 69 4.04 -8.14 6.27
N LYS A 70 2.80 -7.78 6.27
CA LYS A 70 1.72 -8.79 6.46
C LYS A 70 1.74 -9.77 5.29
N ALA A 71 2.07 -9.31 4.11
CA ALA A 71 2.11 -10.24 2.94
C ALA A 71 3.06 -11.40 3.22
N LEU A 72 4.31 -11.10 3.46
CA LEU A 72 5.29 -12.18 3.75
C LEU A 72 4.82 -12.99 4.96
N LYS A 73 4.22 -12.35 5.93
CA LYS A 73 3.74 -13.09 7.13
C LYS A 73 2.88 -14.27 6.68
N ILE A 74 2.02 -14.07 5.73
CA ILE A 74 1.15 -15.18 5.24
C ILE A 74 2.04 -16.41 4.98
N PRO A 75 1.53 -17.61 5.28
CA PRO A 75 2.27 -18.87 5.08
C PRO A 75 2.55 -19.12 3.60
N GLY A 76 2.01 -18.30 2.73
CA GLY A 76 2.25 -18.47 1.28
C GLY A 76 2.46 -17.09 0.65
N PRO A 77 2.85 -17.05 -0.63
CA PRO A 77 3.09 -15.79 -1.34
C PRO A 77 1.78 -15.04 -1.59
N VAL A 78 1.77 -13.75 -1.34
CA VAL A 78 0.53 -12.96 -1.56
C VAL A 78 0.86 -11.75 -2.44
N LEU A 79 -0.14 -11.08 -2.94
CA LEU A 79 0.11 -9.91 -3.81
C LEU A 79 -0.64 -8.68 -3.26
N VAL A 80 0.05 -7.60 -3.07
CA VAL A 80 -0.62 -6.38 -2.55
C VAL A 80 -0.88 -5.41 -3.70
N ILE A 81 -2.07 -4.87 -3.79
CA ILE A 81 -2.38 -3.93 -4.90
C ILE A 81 -2.71 -2.55 -4.32
N THR A 82 -2.15 -1.51 -4.88
CA THR A 82 -2.42 -0.14 -4.36
C THR A 82 -2.51 0.83 -5.53
N ASP A 83 -3.13 1.96 -5.32
CA ASP A 83 -3.24 2.97 -6.42
C ASP A 83 -1.97 3.81 -6.48
N SER A 84 -1.07 3.61 -5.55
CA SER A 84 0.20 4.41 -5.56
C SER A 84 1.14 3.84 -6.62
N PHE A 85 1.17 4.43 -7.79
CA PHE A 85 2.07 3.93 -8.85
C PHE A 85 3.53 4.09 -8.41
N TYR A 86 3.88 5.26 -7.95
CA TYR A 86 5.29 5.49 -7.51
C TYR A 86 5.60 4.59 -6.32
N VAL A 87 4.79 4.63 -5.30
CA VAL A 87 5.04 3.77 -4.11
C VAL A 87 5.15 2.30 -4.54
N ALA A 88 4.12 1.77 -5.13
CA ALA A 88 4.16 0.35 -5.58
C ALA A 88 5.51 0.07 -6.24
N GLU A 89 5.84 0.80 -7.26
CA GLU A 89 7.14 0.57 -7.96
C GLU A 89 8.28 0.64 -6.94
N SER A 90 8.21 1.56 -6.01
CA SER A 90 9.29 1.68 -4.99
C SER A 90 9.60 0.29 -4.42
N ALA A 91 8.60 -0.41 -3.97
CA ALA A 91 8.84 -1.77 -3.40
C ALA A 91 8.74 -2.82 -4.51
N ASN A 92 8.46 -2.40 -5.71
CA ASN A 92 8.36 -3.38 -6.84
C ASN A 92 9.76 -3.71 -7.36
N LYS A 93 10.38 -2.80 -8.06
CA LYS A 93 11.74 -3.06 -8.60
C LYS A 93 12.70 -1.96 -8.18
N GLU A 94 12.19 -0.80 -7.85
CA GLU A 94 13.09 0.32 -7.43
C GLU A 94 13.74 -0.03 -6.09
N LEU A 95 13.12 -0.87 -5.31
CA LEU A 95 13.71 -1.23 -3.99
C LEU A 95 15.13 -1.77 -4.20
N PRO A 96 15.28 -2.84 -4.99
CA PRO A 96 16.58 -3.45 -5.28
C PRO A 96 17.47 -2.51 -6.10
N TYR A 97 16.87 -1.72 -6.95
CA TYR A 97 17.68 -0.77 -7.77
C TYR A 97 18.32 0.26 -6.85
N TRP A 98 17.60 0.72 -5.87
CA TRP A 98 18.17 1.73 -4.93
C TRP A 98 19.35 1.11 -4.19
N LYS A 99 19.17 -0.05 -3.63
CA LYS A 99 20.29 -0.71 -2.89
C LYS A 99 21.58 -0.57 -3.70
N SER A 100 21.51 -0.76 -4.98
CA SER A 100 22.73 -0.63 -5.82
C SER A 100 23.29 0.79 -5.71
N ASN A 101 22.42 1.77 -5.66
CA ASN A 101 22.90 3.17 -5.53
C ASN A 101 23.07 3.52 -4.06
N GLY A 102 23.02 2.54 -3.19
CA GLY A 102 23.18 2.82 -1.74
C GLY A 102 21.89 3.44 -1.19
N PHE A 103 20.76 2.97 -1.65
CA PHE A 103 19.47 3.52 -1.15
C PHE A 103 19.36 4.99 -1.55
N VAL A 104 19.92 5.35 -2.68
CA VAL A 104 19.85 6.77 -3.12
C VAL A 104 19.34 6.83 -4.56
N ASN A 105 18.27 7.54 -4.80
CA ASN A 105 17.72 7.63 -6.18
C ASN A 105 18.79 8.24 -7.10
N ASN A 106 19.50 9.22 -6.64
CA ASN A 106 20.55 9.84 -7.50
C ASN A 106 21.56 10.58 -6.61
N LYS A 107 22.81 10.59 -7.00
CA LYS A 107 23.83 11.30 -6.18
C LYS A 107 23.44 12.78 -6.05
N LYS A 108 22.66 13.28 -6.97
CA LYS A 108 22.25 14.71 -6.89
C LYS A 108 21.36 14.91 -5.66
N LYS A 109 20.52 13.97 -5.36
CA LYS A 109 19.63 14.11 -4.17
C LYS A 109 19.46 12.75 -3.50
N PRO A 110 19.27 12.74 -2.17
CA PRO A 110 19.09 11.51 -1.40
C PRO A 110 17.72 10.86 -1.68
N LEU A 111 17.62 9.58 -1.48
CA LEU A 111 16.32 8.89 -1.74
C LEU A 111 15.25 9.45 -0.79
N LYS A 112 15.65 9.86 0.39
CA LYS A 112 14.65 10.42 1.35
C LYS A 112 13.70 9.31 1.81
N HIS A 113 13.35 9.29 3.06
CA HIS A 113 12.44 8.24 3.56
C HIS A 113 13.09 6.85 3.38
N ILE A 114 14.39 6.81 3.39
CA ILE A 114 15.09 5.50 3.22
C ILE A 114 14.68 4.56 4.36
N SER A 115 14.60 5.07 5.56
CA SER A 115 14.21 4.20 6.71
C SER A 115 12.87 3.52 6.41
N LYS A 116 11.92 4.27 5.93
CA LYS A 116 10.58 3.67 5.62
C LYS A 116 10.76 2.58 4.56
N TRP A 117 11.49 2.87 3.51
CA TRP A 117 11.69 1.85 2.45
C TRP A 117 12.54 0.70 2.99
N LYS A 118 13.46 1.00 3.87
CA LYS A 118 14.32 -0.07 4.44
C LYS A 118 13.44 -1.15 5.07
N SER A 119 12.45 -0.75 5.82
CA SER A 119 11.55 -1.76 6.45
C SER A 119 10.92 -2.66 5.38
N ILE A 120 10.48 -2.08 4.30
CA ILE A 120 9.87 -2.89 3.22
C ILE A 120 10.94 -3.79 2.59
N ALA A 121 12.12 -3.29 2.40
CA ALA A 121 13.19 -4.12 1.80
C ALA A 121 13.49 -5.31 2.72
N GLU A 122 13.42 -5.11 4.00
CA GLU A 122 13.70 -6.22 4.95
C GLU A 122 12.77 -7.40 4.64
N CYS A 123 11.56 -7.12 4.24
CA CYS A 123 10.62 -8.23 3.93
C CYS A 123 10.90 -8.77 2.53
N LEU A 124 11.03 -7.90 1.56
CA LEU A 124 11.32 -8.37 0.18
C LEU A 124 12.62 -9.17 0.17
N SER A 125 13.58 -8.76 0.95
CA SER A 125 14.88 -9.50 1.00
C SER A 125 14.62 -10.95 1.39
N MET A 126 13.65 -11.18 2.24
CA MET A 126 13.35 -12.58 2.67
C MET A 126 12.90 -13.40 1.46
N LYS A 127 12.16 -12.82 0.58
CA LYS A 127 11.69 -13.57 -0.62
C LYS A 127 10.78 -12.67 -1.46
N PRO A 128 10.86 -12.80 -2.79
CA PRO A 128 10.04 -12.01 -3.72
C PRO A 128 8.57 -12.42 -3.67
N ASP A 129 8.24 -13.39 -2.87
CA ASP A 129 6.82 -13.83 -2.77
C ASP A 129 5.90 -12.60 -2.72
N ILE A 130 6.35 -11.55 -2.08
CA ILE A 130 5.51 -10.33 -2.00
C ILE A 130 5.42 -9.68 -3.38
N THR A 131 4.23 -9.52 -3.90
CA THR A 131 4.08 -8.90 -5.24
C THR A 131 3.25 -7.62 -5.12
N ILE A 132 3.57 -6.61 -5.88
CA ILE A 132 2.80 -5.33 -5.79
C ILE A 132 2.24 -4.99 -7.17
N GLN A 133 0.97 -4.68 -7.25
CA GLN A 133 0.36 -4.34 -8.57
C GLN A 133 -0.31 -2.96 -8.47
N HIS A 134 -0.42 -2.28 -9.57
CA HIS A 134 -1.07 -0.93 -9.54
C HIS A 134 -2.57 -1.09 -9.77
N GLU A 135 -3.37 -0.44 -8.97
CA GLU A 135 -4.85 -0.54 -9.16
C GLU A 135 -5.26 0.18 -10.44
N LYS A 136 -6.19 -0.37 -11.17
CA LYS A 136 -6.63 0.29 -12.43
C LYS A 136 -7.77 1.27 -12.12
N GLY A 137 -7.46 2.34 -11.44
CA GLY A 137 -8.52 3.33 -11.11
C GLY A 137 -9.40 3.57 -12.34
N HIS A 138 -9.04 4.50 -13.18
CA HIS A 138 -9.86 4.77 -14.39
C HIS A 138 -8.96 4.74 -15.63
N GLN A 139 -9.43 4.14 -16.68
CA GLN A 139 -8.61 4.06 -17.92
C GLN A 139 -9.19 3.00 -18.86
N PRO A 140 -9.14 1.73 -18.44
CA PRO A 140 -9.66 0.61 -19.22
C PRO A 140 -11.19 0.60 -19.26
N THR A 141 -11.82 0.49 -18.13
CA THR A 141 -13.32 0.48 -18.09
C THR A 141 -13.81 1.37 -16.95
N ASN A 142 -15.10 1.58 -16.86
CA ASN A 142 -15.63 2.43 -15.77
C ASN A 142 -15.34 1.78 -14.42
N THR A 143 -15.47 0.48 -14.34
CA THR A 143 -15.20 -0.22 -13.05
C THR A 143 -14.35 -1.46 -13.32
N SER A 144 -13.70 -1.98 -12.32
CA SER A 144 -12.85 -3.19 -12.52
C SER A 144 -12.90 -4.06 -11.27
N ILE A 145 -12.52 -5.31 -11.39
CA ILE A 145 -12.54 -6.21 -10.20
C ILE A 145 -11.70 -5.60 -9.07
N HIS A 146 -10.52 -5.13 -9.39
CA HIS A 146 -9.65 -4.52 -8.34
C HIS A 146 -10.30 -3.24 -7.83
N THR A 147 -11.12 -2.61 -8.63
CA THR A 147 -11.78 -1.36 -8.19
C THR A 147 -12.59 -1.62 -6.91
N GLU A 148 -13.30 -2.71 -6.86
CA GLU A 148 -14.11 -3.01 -5.65
C GLU A 148 -13.23 -2.92 -4.40
N GLY A 149 -12.05 -3.50 -4.46
CA GLY A 149 -11.14 -3.45 -3.28
C GLY A 149 -10.84 -2.00 -2.93
N ASN A 150 -10.71 -1.15 -3.91
CA ASN A 150 -10.41 0.29 -3.64
C ASN A 150 -11.60 0.92 -2.91
N ALA A 151 -12.79 0.49 -3.21
CA ALA A 151 -13.98 1.08 -2.55
C ALA A 151 -13.94 0.74 -1.05
N LEU A 152 -13.79 -0.52 -0.71
CA LEU A 152 -13.74 -0.91 0.72
C LEU A 152 -12.50 -0.31 1.38
N ALA A 153 -11.37 -0.43 0.75
CA ALA A 153 -10.12 0.14 1.34
C ALA A 153 -10.30 1.64 1.58
N ASP A 154 -10.93 2.32 0.65
CA ASP A 154 -11.14 3.79 0.82
C ASP A 154 -12.02 4.05 2.05
N LYS A 155 -12.96 3.17 2.30
CA LYS A 155 -13.86 3.38 3.47
C LYS A 155 -13.03 3.31 4.76
N LEU A 156 -12.13 2.38 4.85
CA LEU A 156 -11.29 2.27 6.08
C LEU A 156 -10.29 3.44 6.13
N ALA A 157 -9.77 3.81 4.99
CA ALA A 157 -8.79 4.93 4.97
C ALA A 157 -9.48 6.23 5.39
N THR A 158 -10.66 6.47 4.89
CA THR A 158 -11.39 7.72 5.26
C THR A 158 -11.69 7.71 6.76
N GLN A 159 -12.09 6.59 7.30
CA GLN A 159 -12.40 6.53 8.75
C GLN A 159 -11.14 6.85 9.56
N GLY A 160 -10.00 6.44 9.09
CA GLY A 160 -8.74 6.73 9.83
C GLY A 160 -8.56 8.23 10.00
N SER A 161 -8.67 8.98 8.93
CA SER A 161 -8.51 10.45 9.04
C SER A 161 -9.64 11.04 9.89
N TYR A 162 -10.83 10.50 9.76
CA TYR A 162 -11.97 11.03 10.57
C TYR A 162 -11.70 10.80 12.05
N VAL A 163 -11.05 9.72 12.39
CA VAL A 163 -10.76 9.44 13.83
C VAL A 163 -9.80 10.50 14.36
N VAL A 164 -9.17 11.25 13.51
CA VAL A 164 -8.23 12.29 13.98
C VAL A 164 -8.56 13.63 13.30
N ASN A 165 -8.18 14.72 13.91
CA ASN A 165 -8.49 16.05 13.30
C ASN A 165 -7.21 16.90 13.29
N GLY A 1 -8.90 -22.33 -7.51
CA GLY A 1 -7.42 -22.19 -7.48
C GLY A 1 -7.04 -20.72 -7.63
N ALA A 2 -6.09 -20.26 -6.87
CA ALA A 2 -5.68 -18.82 -6.97
C ALA A 2 -5.24 -18.52 -8.40
N MET A 3 -5.28 -17.27 -8.79
CA MET A 3 -4.87 -16.91 -10.17
C MET A 3 -3.36 -17.11 -10.32
N GLY A 4 -2.59 -16.73 -9.33
CA GLY A 4 -1.12 -16.90 -9.41
C GLY A 4 -0.65 -17.79 -8.26
N GLN A 5 -1.51 -18.62 -7.75
CA GLN A 5 -1.11 -19.52 -6.63
C GLN A 5 -0.72 -18.68 -5.41
N TYR A 6 -1.50 -17.68 -5.09
CA TYR A 6 -1.18 -16.83 -3.90
C TYR A 6 -2.10 -17.22 -2.75
N GLU A 7 -1.75 -16.85 -1.56
CA GLU A 7 -2.61 -17.18 -0.39
C GLU A 7 -3.90 -16.36 -0.46
N GLY A 8 -3.79 -15.15 -0.97
CA GLY A 8 -5.00 -14.28 -1.08
C GLY A 8 -4.60 -12.94 -1.71
N VAL A 9 -5.49 -11.98 -1.68
CA VAL A 9 -5.14 -10.66 -2.27
C VAL A 9 -5.31 -9.58 -1.20
N PHE A 10 -4.49 -8.56 -1.23
CA PHE A 10 -4.60 -7.49 -0.21
C PHE A 10 -4.81 -6.14 -0.90
N TYR A 11 -5.70 -5.33 -0.37
CA TYR A 11 -5.95 -4.00 -1.00
C TYR A 11 -5.60 -2.90 0.01
N THR A 12 -4.77 -1.96 -0.37
CA THR A 12 -4.38 -0.87 0.56
C THR A 12 -4.84 0.48 -0.01
N ASP A 13 -5.26 1.37 0.83
CA ASP A 13 -5.72 2.70 0.34
C ASP A 13 -5.29 3.79 1.34
N GLY A 14 -5.04 4.98 0.87
CA GLY A 14 -4.62 6.07 1.78
C GLY A 14 -5.49 7.31 1.54
N SER A 15 -6.15 7.79 2.56
CA SER A 15 -7.01 9.00 2.39
C SER A 15 -6.66 10.02 3.47
N ALA A 16 -6.77 11.29 3.16
CA ALA A 16 -6.44 12.33 4.18
C ALA A 16 -7.49 13.45 4.13
N ILE A 17 -7.71 14.11 5.23
CA ILE A 17 -8.71 15.20 5.25
C ILE A 17 -8.03 16.52 5.65
N LYS A 18 -8.51 17.63 5.15
CA LYS A 18 -7.87 18.93 5.50
C LYS A 18 -8.79 19.71 6.43
N SER A 19 -8.23 20.47 7.33
CA SER A 19 -9.07 21.27 8.28
C SER A 19 -9.25 22.68 7.70
N PRO A 20 -9.98 23.55 8.42
CA PRO A 20 -10.21 24.93 7.98
C PRO A 20 -8.95 25.78 8.09
N ASP A 21 -8.04 25.39 8.94
CA ASP A 21 -6.78 26.17 9.09
C ASP A 21 -5.59 25.20 9.05
N PRO A 22 -5.41 24.53 7.90
CA PRO A 22 -4.33 23.57 7.72
C PRO A 22 -3.01 24.25 7.34
N THR A 23 -2.49 25.07 8.21
CA THR A 23 -1.21 25.76 7.90
C THR A 23 -0.15 24.71 7.55
N LYS A 24 -0.07 23.66 8.32
CA LYS A 24 0.93 22.60 8.04
C LYS A 24 0.50 21.29 8.71
N SER A 25 -0.77 21.01 8.71
CA SER A 25 -1.26 19.75 9.36
C SER A 25 -2.51 19.26 8.64
N ASN A 26 -2.58 17.98 8.36
CA ASN A 26 -3.78 17.43 7.66
C ASN A 26 -4.11 16.04 8.22
N ASN A 27 -5.34 15.62 8.11
CA ASN A 27 -5.71 14.28 8.63
C ASN A 27 -5.37 13.21 7.60
N ALA A 28 -4.81 12.10 8.04
CA ALA A 28 -4.45 11.02 7.06
C ALA A 28 -4.83 9.67 7.67
N GLY A 29 -5.13 8.71 6.84
CA GLY A 29 -5.51 7.37 7.35
C GLY A 29 -5.21 6.30 6.30
N MET A 30 -5.14 5.06 6.70
CA MET A 30 -4.84 3.98 5.72
C MET A 30 -5.91 2.89 5.82
N GLY A 31 -5.94 1.98 4.89
CA GLY A 31 -6.96 0.89 4.93
C GLY A 31 -6.41 -0.34 4.21
N ILE A 32 -6.18 -1.40 4.92
CA ILE A 32 -5.65 -2.64 4.28
C ILE A 32 -6.65 -3.78 4.48
N VAL A 33 -7.25 -4.26 3.42
CA VAL A 33 -8.23 -5.37 3.57
C VAL A 33 -7.74 -6.59 2.80
N HIS A 34 -8.06 -7.77 3.28
CA HIS A 34 -7.62 -9.00 2.57
C HIS A 34 -8.79 -9.57 1.77
N ALA A 35 -8.52 -10.14 0.63
CA ALA A 35 -9.64 -10.71 -0.18
C ALA A 35 -9.22 -12.07 -0.74
N THR A 36 -10.16 -12.82 -1.26
CA THR A 36 -9.83 -14.15 -1.82
C THR A 36 -10.28 -14.23 -3.28
N TYR A 37 -9.81 -15.21 -4.01
CA TYR A 37 -10.21 -15.33 -5.44
C TYR A 37 -11.20 -16.49 -5.58
N LYS A 38 -11.68 -17.02 -4.48
CA LYS A 38 -12.64 -18.14 -4.55
C LYS A 38 -13.78 -17.77 -5.51
N PRO A 39 -14.75 -18.68 -5.72
CA PRO A 39 -15.88 -18.43 -6.63
C PRO A 39 -16.78 -17.31 -6.10
N GLU A 40 -16.50 -16.82 -4.92
CA GLU A 40 -17.33 -15.71 -4.36
C GLU A 40 -16.38 -14.62 -3.83
N TYR A 41 -16.29 -13.53 -4.52
CA TYR A 41 -15.39 -12.43 -4.06
C TYR A 41 -15.82 -11.97 -2.66
N GLN A 42 -14.89 -11.94 -1.73
CA GLN A 42 -15.24 -11.51 -0.35
C GLN A 42 -13.98 -11.08 0.39
N VAL A 43 -14.08 -10.04 1.18
CA VAL A 43 -12.88 -9.56 1.93
C VAL A 43 -12.64 -10.47 3.14
N LEU A 44 -11.48 -11.06 3.22
CA LEU A 44 -11.18 -11.95 4.38
C LEU A 44 -11.11 -11.12 5.66
N ASN A 45 -10.48 -9.97 5.60
CA ASN A 45 -10.37 -9.11 6.82
C ASN A 45 -10.04 -7.68 6.40
N GLN A 46 -10.47 -6.72 7.17
CA GLN A 46 -10.18 -5.30 6.82
C GLN A 46 -9.20 -4.72 7.84
N TRP A 47 -8.39 -3.78 7.44
CA TRP A 47 -7.40 -3.20 8.39
C TRP A 47 -7.45 -1.67 8.30
N SER A 48 -7.41 -0.99 9.41
CA SER A 48 -7.44 0.50 9.39
C SER A 48 -6.24 1.03 10.18
N ILE A 49 -5.53 1.98 9.62
CA ILE A 49 -4.35 2.53 10.35
C ILE A 49 -4.35 4.06 10.23
N PRO A 50 -5.00 4.73 11.19
CA PRO A 50 -5.07 6.20 11.22
C PRO A 50 -3.72 6.84 11.57
N LEU A 51 -3.41 7.95 10.99
CA LEU A 51 -2.11 8.61 11.29
C LEU A 51 -2.35 9.91 12.08
N GLY A 52 -1.45 10.26 12.95
CA GLY A 52 -1.63 11.51 13.75
C GLY A 52 -0.87 12.65 13.08
N ASN A 53 0.42 12.67 13.21
CA ASN A 53 1.23 13.76 12.59
C ASN A 53 1.82 13.28 11.26
N HIS A 54 0.97 12.92 10.33
CA HIS A 54 1.49 12.43 9.02
C HIS A 54 0.77 13.15 7.88
N THR A 55 1.06 12.80 6.66
CA THR A 55 0.39 13.47 5.51
C THR A 55 -0.20 12.41 4.58
N ALA A 56 -1.04 12.81 3.66
CA ALA A 56 -1.63 11.82 2.73
C ALA A 56 -0.53 10.94 2.15
N GLN A 57 0.56 11.53 1.75
CA GLN A 57 1.68 10.72 1.17
C GLN A 57 2.08 9.64 2.17
N MET A 58 2.46 10.02 3.36
CA MET A 58 2.86 9.01 4.38
C MET A 58 1.85 7.86 4.38
N ALA A 59 0.60 8.16 4.14
CA ALA A 59 -0.43 7.09 4.13
C ALA A 59 -0.31 6.29 2.82
N GLU A 60 0.10 6.93 1.76
CA GLU A 60 0.24 6.20 0.47
C GLU A 60 1.46 5.28 0.53
N ILE A 61 2.51 5.72 1.16
CA ILE A 61 3.73 4.87 1.26
C ILE A 61 3.56 3.87 2.40
N ALA A 62 2.96 4.29 3.48
CA ALA A 62 2.77 3.37 4.63
C ALA A 62 1.79 2.25 4.22
N ALA A 63 0.81 2.57 3.42
CA ALA A 63 -0.18 1.54 3.00
C ALA A 63 0.58 0.39 2.33
N VAL A 64 1.46 0.68 1.42
CA VAL A 64 2.23 -0.40 0.74
C VAL A 64 3.10 -1.13 1.76
N GLU A 65 3.83 -0.41 2.56
CA GLU A 65 4.70 -1.07 3.58
C GLU A 65 3.82 -1.93 4.50
N PHE A 66 2.70 -1.42 4.93
CA PHE A 66 1.82 -2.22 5.83
C PHE A 66 1.50 -3.56 5.17
N ALA A 67 0.76 -3.55 4.09
CA ALA A 67 0.42 -4.83 3.41
C ALA A 67 1.72 -5.56 3.04
N CYS A 68 2.81 -4.85 2.99
CA CYS A 68 4.11 -5.50 2.64
C CYS A 68 4.49 -6.49 3.74
N LYS A 69 4.76 -6.00 4.92
CA LYS A 69 5.14 -6.92 6.03
C LYS A 69 4.03 -7.93 6.26
N LYS A 70 2.80 -7.47 6.31
CA LYS A 70 1.66 -8.41 6.53
C LYS A 70 1.65 -9.46 5.42
N ALA A 71 2.11 -9.10 4.25
CA ALA A 71 2.13 -10.07 3.12
C ALA A 71 3.13 -11.19 3.43
N LEU A 72 4.40 -10.86 3.53
CA LEU A 72 5.41 -11.91 3.83
C LEU A 72 4.97 -12.72 5.04
N LYS A 73 4.48 -12.07 6.06
CA LYS A 73 4.02 -12.82 7.27
C LYS A 73 3.22 -14.05 6.83
N ILE A 74 2.29 -13.86 5.94
CA ILE A 74 1.48 -15.02 5.45
C ILE A 74 2.43 -16.16 5.09
N PRO A 75 2.01 -17.41 5.36
CA PRO A 75 2.83 -18.60 5.05
C PRO A 75 3.01 -18.80 3.53
N GLY A 76 2.40 -17.96 2.74
CA GLY A 76 2.54 -18.10 1.26
C GLY A 76 2.67 -16.70 0.64
N PRO A 77 3.06 -16.65 -0.65
CA PRO A 77 3.22 -15.38 -1.35
C PRO A 77 1.88 -14.68 -1.58
N VAL A 78 1.70 -13.52 -1.01
CA VAL A 78 0.42 -12.79 -1.18
C VAL A 78 0.65 -11.56 -2.07
N LEU A 79 -0.35 -11.18 -2.84
CA LEU A 79 -0.18 -9.99 -3.72
C LEU A 79 -0.75 -8.75 -3.03
N VAL A 80 -0.08 -7.64 -3.14
CA VAL A 80 -0.58 -6.40 -2.50
C VAL A 80 -0.90 -5.37 -3.58
N ILE A 81 -2.03 -4.71 -3.47
CA ILE A 81 -2.40 -3.70 -4.50
C ILE A 81 -2.62 -2.35 -3.83
N THR A 82 -2.12 -1.30 -4.43
CA THR A 82 -2.30 0.06 -3.83
C THR A 82 -2.61 1.06 -4.94
N ASP A 83 -3.18 2.19 -4.59
CA ASP A 83 -3.50 3.21 -5.62
C ASP A 83 -2.25 4.02 -5.95
N SER A 84 -1.23 3.92 -5.15
CA SER A 84 0.02 4.68 -5.42
C SER A 84 0.99 3.82 -6.25
N PHE A 85 1.28 4.23 -7.45
CA PHE A 85 2.21 3.43 -8.30
C PHE A 85 3.65 3.76 -7.91
N TYR A 86 3.92 5.00 -7.62
CA TYR A 86 5.31 5.39 -7.23
C TYR A 86 5.77 4.54 -6.05
N VAL A 87 4.94 4.39 -5.05
CA VAL A 87 5.33 3.58 -3.87
C VAL A 87 5.36 2.11 -4.26
N ALA A 88 4.35 1.64 -4.95
CA ALA A 88 4.32 0.21 -5.37
C ALA A 88 5.59 -0.10 -6.18
N GLU A 89 5.90 0.73 -7.14
CA GLU A 89 7.11 0.48 -7.97
C GLU A 89 8.35 0.49 -7.07
N SER A 90 8.38 1.35 -6.08
CA SER A 90 9.55 1.40 -5.17
C SER A 90 9.84 0.00 -4.62
N ALA A 91 8.87 -0.62 -4.02
CA ALA A 91 9.09 -1.99 -3.48
C ALA A 91 8.91 -3.04 -4.58
N ASN A 92 8.59 -2.60 -5.77
CA ASN A 92 8.41 -3.56 -6.89
C ASN A 92 9.77 -3.92 -7.50
N LYS A 93 10.36 -3.02 -8.23
CA LYS A 93 11.68 -3.32 -8.85
C LYS A 93 12.69 -2.22 -8.48
N GLU A 94 12.23 -1.04 -8.18
CA GLU A 94 13.17 0.06 -7.81
C GLU A 94 13.80 -0.24 -6.46
N LEU A 95 13.14 -1.01 -5.64
CA LEU A 95 13.71 -1.34 -4.29
C LEU A 95 15.12 -1.92 -4.46
N PRO A 96 15.25 -3.01 -5.22
CA PRO A 96 16.54 -3.66 -5.46
C PRO A 96 17.48 -2.77 -6.29
N TYR A 97 16.93 -2.03 -7.21
CA TYR A 97 17.78 -1.13 -8.05
C TYR A 97 18.40 -0.06 -7.16
N TRP A 98 17.66 0.45 -6.22
CA TRP A 98 18.21 1.50 -5.31
C TRP A 98 19.35 0.91 -4.49
N LYS A 99 19.13 -0.22 -3.88
CA LYS A 99 20.21 -0.84 -3.06
C LYS A 99 21.51 -0.87 -3.85
N SER A 100 21.44 -1.20 -5.12
CA SER A 100 22.67 -1.24 -5.95
C SER A 100 23.30 0.15 -5.99
N ASN A 101 22.49 1.18 -6.06
CA ASN A 101 23.05 2.56 -6.11
C ASN A 101 23.24 3.08 -4.69
N GLY A 102 23.13 2.21 -3.71
CA GLY A 102 23.31 2.66 -2.30
C GLY A 102 22.09 3.47 -1.87
N PHE A 103 20.92 3.04 -2.23
CA PHE A 103 19.69 3.80 -1.84
C PHE A 103 19.74 5.21 -2.45
N VAL A 104 20.28 5.33 -3.64
CA VAL A 104 20.36 6.66 -4.29
C VAL A 104 19.55 6.65 -5.58
N ASN A 105 18.64 7.57 -5.73
CA ASN A 105 17.81 7.61 -6.97
C ASN A 105 18.73 7.68 -8.19
N ASN A 106 19.76 8.49 -8.13
CA ASN A 106 20.69 8.60 -9.29
C ASN A 106 21.85 9.53 -8.93
N LYS A 107 22.39 10.22 -9.89
CA LYS A 107 23.52 11.15 -9.61
C LYS A 107 23.00 12.34 -8.79
N LYS A 108 23.57 12.56 -7.63
CA LYS A 108 23.11 13.70 -6.79
C LYS A 108 21.60 13.58 -6.55
N LYS A 109 21.08 12.39 -6.52
CA LYS A 109 19.62 12.22 -6.29
C LYS A 109 19.39 11.19 -5.18
N PRO A 110 19.38 11.65 -3.92
CA PRO A 110 19.17 10.78 -2.76
C PRO A 110 17.73 10.27 -2.68
N LEU A 111 17.51 9.13 -2.09
CA LEU A 111 16.14 8.59 -1.98
C LEU A 111 15.45 9.18 -0.75
N LYS A 112 14.20 9.52 -0.86
CA LYS A 112 13.48 10.11 0.30
C LYS A 112 12.77 8.99 1.08
N HIS A 113 12.63 9.15 2.37
CA HIS A 113 11.94 8.10 3.18
C HIS A 113 12.72 6.79 3.07
N ILE A 114 14.02 6.85 2.98
CA ILE A 114 14.83 5.61 2.87
C ILE A 114 14.48 4.68 4.03
N SER A 115 14.41 5.21 5.23
CA SER A 115 14.08 4.35 6.41
C SER A 115 12.81 3.55 6.10
N LYS A 116 11.79 4.19 5.61
CA LYS A 116 10.53 3.45 5.30
C LYS A 116 10.81 2.37 4.27
N TRP A 117 11.70 2.64 3.34
CA TRP A 117 12.02 1.62 2.30
C TRP A 117 12.80 0.47 2.94
N LYS A 118 13.68 0.77 3.85
CA LYS A 118 14.47 -0.30 4.51
C LYS A 118 13.53 -1.30 5.20
N SER A 119 12.48 -0.80 5.80
CA SER A 119 11.52 -1.72 6.47
C SER A 119 10.88 -2.66 5.43
N ILE A 120 10.52 -2.13 4.30
CA ILE A 120 9.89 -2.99 3.25
C ILE A 120 10.97 -3.90 2.64
N ALA A 121 12.16 -3.41 2.50
CA ALA A 121 13.24 -4.24 1.90
C ALA A 121 13.55 -5.42 2.84
N GLU A 122 13.46 -5.20 4.13
CA GLU A 122 13.74 -6.30 5.08
C GLU A 122 12.85 -7.50 4.76
N CYS A 123 11.61 -7.25 4.41
CA CYS A 123 10.69 -8.37 4.09
C CYS A 123 10.95 -8.86 2.66
N LEU A 124 10.99 -7.95 1.72
CA LEU A 124 11.25 -8.35 0.30
C LEU A 124 12.61 -9.05 0.21
N SER A 125 13.55 -8.66 1.03
CA SER A 125 14.89 -9.29 0.98
C SER A 125 14.76 -10.78 1.31
N MET A 126 13.84 -11.12 2.17
CA MET A 126 13.66 -12.55 2.54
C MET A 126 13.22 -13.35 1.31
N LYS A 127 12.37 -12.78 0.49
CA LYS A 127 11.91 -13.50 -0.72
C LYS A 127 10.97 -12.59 -1.53
N PRO A 128 11.01 -12.71 -2.86
CA PRO A 128 10.16 -11.91 -3.75
C PRO A 128 8.68 -12.31 -3.66
N ASP A 129 8.36 -13.26 -2.83
CA ASP A 129 6.95 -13.70 -2.70
C ASP A 129 6.04 -12.46 -2.64
N ILE A 130 6.35 -11.53 -1.79
CA ILE A 130 5.51 -10.30 -1.67
C ILE A 130 5.39 -9.64 -3.05
N THR A 131 4.21 -9.62 -3.60
CA THR A 131 4.02 -8.98 -4.93
C THR A 131 3.20 -7.70 -4.76
N ILE A 132 3.49 -6.68 -5.52
CA ILE A 132 2.72 -5.41 -5.37
C ILE A 132 2.13 -5.01 -6.72
N GLN A 133 0.93 -4.50 -6.72
CA GLN A 133 0.28 -4.09 -7.99
C GLN A 133 -0.22 -2.65 -7.87
N HIS A 134 -0.44 -1.98 -8.96
CA HIS A 134 -0.92 -0.57 -8.89
C HIS A 134 -2.29 -0.47 -9.60
N GLU A 135 -3.18 0.29 -9.05
CA GLU A 135 -4.52 0.45 -9.68
C GLU A 135 -4.84 1.93 -9.82
N LYS A 136 -5.43 2.33 -10.92
CA LYS A 136 -5.76 3.77 -11.12
C LYS A 136 -7.26 3.98 -10.91
N GLY A 137 -7.64 4.82 -9.99
CA GLY A 137 -9.09 5.06 -9.75
C GLY A 137 -9.69 5.77 -10.97
N HIS A 138 -8.92 6.60 -11.62
CA HIS A 138 -9.46 7.32 -12.82
C HIS A 138 -9.78 6.29 -13.91
N GLN A 139 -8.92 5.34 -14.13
CA GLN A 139 -9.19 4.31 -15.18
C GLN A 139 -9.48 2.96 -14.51
N PRO A 140 -10.60 2.34 -14.89
CA PRO A 140 -11.01 1.04 -14.35
C PRO A 140 -10.10 -0.09 -14.82
N THR A 141 -9.85 -1.06 -13.98
CA THR A 141 -8.96 -2.19 -14.39
C THR A 141 -9.73 -3.11 -15.35
N ASN A 142 -9.05 -4.06 -15.93
CA ASN A 142 -9.74 -4.98 -16.88
C ASN A 142 -10.92 -5.65 -16.18
N THR A 143 -10.78 -5.96 -14.93
CA THR A 143 -11.90 -6.61 -14.18
C THR A 143 -12.36 -5.69 -13.05
N SER A 144 -13.65 -5.56 -12.87
CA SER A 144 -14.16 -4.67 -11.78
C SER A 144 -13.76 -5.26 -10.43
N ILE A 145 -13.52 -6.54 -10.37
CA ILE A 145 -13.12 -7.16 -9.08
C ILE A 145 -11.94 -6.39 -8.48
N HIS A 146 -10.95 -6.09 -9.27
CA HIS A 146 -9.77 -5.34 -8.75
C HIS A 146 -10.22 -3.93 -8.33
N THR A 147 -11.11 -3.32 -9.07
CA THR A 147 -11.58 -1.96 -8.72
C THR A 147 -12.40 -2.02 -7.44
N GLU A 148 -13.25 -3.02 -7.31
CA GLU A 148 -14.08 -3.13 -6.08
C GLU A 148 -13.17 -3.10 -4.85
N GLY A 149 -12.03 -3.72 -4.92
CA GLY A 149 -11.11 -3.73 -3.75
C GLY A 149 -10.68 -2.30 -3.44
N ASN A 150 -10.46 -1.51 -4.45
CA ASN A 150 -10.04 -0.10 -4.22
C ASN A 150 -11.15 0.66 -3.49
N ALA A 151 -12.38 0.47 -3.90
CA ALA A 151 -13.50 1.17 -3.23
C ALA A 151 -13.56 0.77 -1.75
N LEU A 152 -13.58 -0.51 -1.48
CA LEU A 152 -13.64 -0.95 -0.06
C LEU A 152 -12.39 -0.44 0.69
N ALA A 153 -11.23 -0.63 0.13
CA ALA A 153 -10.00 -0.16 0.80
C ALA A 153 -10.15 1.32 1.16
N ASP A 154 -10.72 2.10 0.28
CA ASP A 154 -10.89 3.55 0.57
C ASP A 154 -11.74 3.72 1.83
N LYS A 155 -12.86 3.05 1.90
CA LYS A 155 -13.73 3.19 3.10
C LYS A 155 -12.91 2.92 4.36
N LEU A 156 -12.01 1.98 4.30
CA LEU A 156 -11.18 1.66 5.51
C LEU A 156 -10.21 2.82 5.77
N ALA A 157 -9.63 3.37 4.74
CA ALA A 157 -8.68 4.50 4.95
C ALA A 157 -9.45 5.74 5.39
N THR A 158 -10.56 6.03 4.77
CA THR A 158 -11.35 7.23 5.17
C THR A 158 -11.76 7.11 6.64
N GLN A 159 -12.17 5.94 7.05
CA GLN A 159 -12.58 5.75 8.47
C GLN A 159 -11.39 6.03 9.39
N GLY A 160 -10.22 5.61 9.00
CA GLY A 160 -9.02 5.85 9.86
C GLY A 160 -8.80 7.36 10.00
N SER A 161 -8.87 8.09 8.92
CA SER A 161 -8.66 9.56 9.00
C SER A 161 -9.83 10.21 9.74
N TYR A 162 -10.97 9.58 9.71
CA TYR A 162 -12.16 10.16 10.41
C TYR A 162 -11.93 10.13 11.92
N VAL A 163 -11.28 9.10 12.41
CA VAL A 163 -11.03 9.00 13.88
C VAL A 163 -9.94 10.01 14.27
N VAL A 164 -9.18 10.46 13.32
CA VAL A 164 -8.10 11.44 13.63
C VAL A 164 -8.41 12.78 12.98
N ASN A 165 -8.27 13.86 13.71
CA ASN A 165 -8.57 15.20 13.12
C ASN A 165 -7.41 16.15 13.41
N GLY A 1 -3.80 -21.44 -13.16
CA GLY A 1 -3.95 -20.01 -13.55
C GLY A 1 -2.81 -19.19 -12.93
N ALA A 2 -2.41 -18.14 -13.60
CA ALA A 2 -1.30 -17.30 -13.06
C ALA A 2 -1.73 -16.67 -11.73
N MET A 3 -3.01 -16.44 -11.57
CA MET A 3 -3.49 -15.83 -10.29
C MET A 3 -3.23 -16.79 -9.14
N GLY A 4 -3.42 -18.06 -9.35
CA GLY A 4 -3.18 -19.06 -8.27
C GLY A 4 -1.72 -18.99 -7.82
N GLN A 5 -0.88 -18.35 -8.59
CA GLN A 5 0.55 -18.24 -8.20
C GLN A 5 0.66 -17.65 -6.79
N TYR A 6 -0.31 -16.88 -6.39
CA TYR A 6 -0.25 -16.27 -5.03
C TYR A 6 -1.30 -16.88 -4.13
N GLU A 7 -1.18 -16.71 -2.85
CA GLU A 7 -2.18 -17.28 -1.90
C GLU A 7 -3.42 -16.37 -1.88
N GLY A 8 -3.21 -15.08 -1.80
CA GLY A 8 -4.37 -14.15 -1.78
C GLY A 8 -3.90 -12.74 -2.15
N VAL A 9 -4.81 -11.80 -2.20
CA VAL A 9 -4.42 -10.41 -2.55
C VAL A 9 -5.00 -9.44 -1.51
N PHE A 10 -4.30 -8.38 -1.23
CA PHE A 10 -4.80 -7.40 -0.23
C PHE A 10 -5.00 -6.05 -0.90
N TYR A 11 -5.87 -5.22 -0.36
CA TYR A 11 -6.10 -3.88 -0.97
C TYR A 11 -5.72 -2.79 0.04
N THR A 12 -4.82 -1.92 -0.34
CA THR A 12 -4.41 -0.83 0.60
C THR A 12 -4.78 0.52 0.01
N ASP A 13 -5.14 1.46 0.84
CA ASP A 13 -5.52 2.81 0.34
C ASP A 13 -5.04 3.88 1.32
N GLY A 14 -4.79 5.06 0.84
CA GLY A 14 -4.31 6.15 1.76
C GLY A 14 -5.03 7.46 1.41
N SER A 15 -5.80 7.98 2.33
CA SER A 15 -6.51 9.26 2.05
C SER A 15 -6.34 10.20 3.25
N ALA A 16 -6.46 11.48 3.02
CA ALA A 16 -6.30 12.45 4.14
C ALA A 16 -7.35 13.54 4.03
N ILE A 17 -7.64 14.21 5.12
CA ILE A 17 -8.68 15.29 5.08
C ILE A 17 -8.02 16.63 5.44
N LYS A 18 -8.40 17.68 4.77
CA LYS A 18 -7.80 19.00 5.08
C LYS A 18 -8.79 19.83 5.90
N SER A 19 -8.32 20.49 6.92
CA SER A 19 -9.24 21.32 7.77
C SER A 19 -8.89 22.80 7.60
N PRO A 20 -9.71 23.68 8.18
CA PRO A 20 -9.50 25.14 8.10
C PRO A 20 -8.26 25.56 8.90
N ASP A 21 -7.98 24.90 9.99
CA ASP A 21 -6.80 25.27 10.81
C ASP A 21 -5.87 24.05 10.94
N PRO A 22 -5.21 23.68 9.84
CA PRO A 22 -4.30 22.54 9.81
C PRO A 22 -3.03 22.81 10.63
N THR A 23 -3.18 23.18 11.87
CA THR A 23 -1.98 23.46 12.71
C THR A 23 -1.12 22.20 12.80
N LYS A 24 -1.73 21.04 12.75
CA LYS A 24 -0.94 19.78 12.83
C LYS A 24 -0.97 19.08 11.47
N SER A 25 -1.08 19.83 10.41
CA SER A 25 -1.10 19.21 9.05
C SER A 25 -2.45 18.50 8.84
N ASN A 26 -2.77 18.17 7.62
CA ASN A 26 -4.06 17.48 7.35
C ASN A 26 -4.05 16.10 8.01
N ASN A 27 -5.19 15.49 8.16
CA ASN A 27 -5.25 14.15 8.80
C ASN A 27 -5.21 13.07 7.72
N ALA A 28 -4.29 12.15 7.81
CA ALA A 28 -4.20 11.07 6.79
C ALA A 28 -4.78 9.78 7.36
N GLY A 29 -5.24 8.90 6.50
CA GLY A 29 -5.81 7.61 6.99
C GLY A 29 -5.50 6.50 5.98
N MET A 30 -5.34 5.29 6.44
CA MET A 30 -5.04 4.17 5.51
C MET A 30 -6.08 3.06 5.68
N GLY A 31 -6.16 2.15 4.75
CA GLY A 31 -7.15 1.05 4.86
C GLY A 31 -6.60 -0.21 4.18
N ILE A 32 -6.39 -1.26 4.93
CA ILE A 32 -5.85 -2.51 4.31
C ILE A 32 -6.85 -3.65 4.53
N VAL A 33 -7.40 -4.17 3.47
CA VAL A 33 -8.38 -5.29 3.62
C VAL A 33 -7.85 -6.53 2.90
N HIS A 34 -8.17 -7.69 3.38
CA HIS A 34 -7.69 -8.94 2.72
C HIS A 34 -8.81 -9.54 1.88
N ALA A 35 -8.50 -9.99 0.70
CA ALA A 35 -9.55 -10.60 -0.17
C ALA A 35 -9.15 -12.03 -0.54
N THR A 36 -10.09 -12.85 -0.91
CA THR A 36 -9.77 -14.25 -1.28
C THR A 36 -10.30 -14.55 -2.68
N TYR A 37 -9.82 -15.59 -3.30
CA TYR A 37 -10.30 -15.93 -4.67
C TYR A 37 -11.15 -17.19 -4.61
N LYS A 38 -11.51 -17.62 -3.43
CA LYS A 38 -12.36 -18.84 -3.30
C LYS A 38 -13.57 -18.69 -4.21
N PRO A 39 -14.46 -19.71 -4.26
CA PRO A 39 -15.66 -19.66 -5.09
C PRO A 39 -16.63 -18.57 -4.64
N GLU A 40 -16.33 -17.91 -3.55
CA GLU A 40 -17.21 -16.82 -3.06
C GLU A 40 -16.35 -15.59 -2.78
N TYR A 41 -16.41 -14.60 -3.63
CA TYR A 41 -15.59 -13.38 -3.42
C TYR A 41 -16.05 -12.67 -2.14
N GLN A 42 -15.14 -12.42 -1.23
CA GLN A 42 -15.53 -11.73 0.03
C GLN A 42 -14.27 -11.30 0.79
N VAL A 43 -14.21 -10.06 1.19
CA VAL A 43 -13.00 -9.58 1.93
C VAL A 43 -12.82 -10.42 3.20
N LEU A 44 -11.66 -10.99 3.38
CA LEU A 44 -11.42 -11.81 4.60
C LEU A 44 -11.43 -10.91 5.83
N ASN A 45 -10.80 -9.77 5.74
CA ASN A 45 -10.77 -8.85 6.92
C ASN A 45 -10.43 -7.43 6.45
N GLN A 46 -10.84 -6.43 7.18
CA GLN A 46 -10.54 -5.03 6.79
C GLN A 46 -9.58 -4.42 7.81
N TRP A 47 -8.72 -3.53 7.38
CA TRP A 47 -7.76 -2.90 8.34
C TRP A 47 -7.84 -1.39 8.24
N SER A 48 -7.79 -0.71 9.35
CA SER A 48 -7.87 0.78 9.34
C SER A 48 -6.68 1.34 10.12
N ILE A 49 -6.04 2.36 9.61
CA ILE A 49 -4.89 2.95 10.33
C ILE A 49 -4.86 4.46 10.14
N PRO A 50 -5.49 5.20 11.06
CA PRO A 50 -5.55 6.66 11.01
C PRO A 50 -4.17 7.29 11.30
N LEU A 51 -3.89 8.42 10.71
CA LEU A 51 -2.58 9.08 10.96
C LEU A 51 -2.80 10.46 11.57
N GLY A 52 -1.92 10.88 12.44
CA GLY A 52 -2.08 12.22 13.07
C GLY A 52 -0.78 13.01 12.92
N ASN A 53 0.33 12.40 13.24
CA ASN A 53 1.64 13.12 13.11
C ASN A 53 2.22 12.87 11.71
N HIS A 54 1.45 12.28 10.84
CA HIS A 54 1.96 12.02 9.47
C HIS A 54 1.11 12.79 8.45
N THR A 55 1.38 12.61 7.18
CA THR A 55 0.60 13.33 6.14
C THR A 55 -0.01 12.32 5.17
N ALA A 56 -0.94 12.75 4.37
CA ALA A 56 -1.58 11.81 3.40
C ALA A 56 -0.48 11.00 2.69
N GLN A 57 0.56 11.63 2.26
CA GLN A 57 1.65 10.90 1.57
C GLN A 57 2.14 9.75 2.46
N MET A 58 2.60 10.07 3.64
CA MET A 58 3.09 8.99 4.55
C MET A 58 2.10 7.83 4.55
N ALA A 59 0.84 8.12 4.41
CA ALA A 59 -0.18 7.03 4.38
C ALA A 59 -0.07 6.25 3.08
N GLU A 60 0.31 6.92 2.02
CA GLU A 60 0.44 6.21 0.71
C GLU A 60 1.65 5.28 0.75
N ILE A 61 2.69 5.65 1.47
CA ILE A 61 3.88 4.79 1.55
C ILE A 61 3.71 3.79 2.69
N ALA A 62 2.99 4.16 3.71
CA ALA A 62 2.78 3.22 4.86
C ALA A 62 1.77 2.15 4.45
N ALA A 63 0.86 2.48 3.57
CA ALA A 63 -0.15 1.48 3.13
C ALA A 63 0.54 0.33 2.39
N VAL A 64 1.53 0.64 1.59
CA VAL A 64 2.25 -0.42 0.84
C VAL A 64 3.12 -1.23 1.81
N GLU A 65 3.83 -0.57 2.68
CA GLU A 65 4.70 -1.30 3.65
C GLU A 65 3.82 -2.13 4.58
N PHE A 66 2.67 -1.61 4.95
CA PHE A 66 1.77 -2.37 5.86
C PHE A 66 1.45 -3.73 5.25
N ALA A 67 0.71 -3.77 4.18
CA ALA A 67 0.36 -5.06 3.54
C ALA A 67 1.65 -5.76 3.09
N CYS A 68 2.74 -5.05 3.03
CA CYS A 68 4.03 -5.68 2.61
C CYS A 68 4.47 -6.68 3.67
N LYS A 69 4.76 -6.21 4.86
CA LYS A 69 5.21 -7.14 5.94
C LYS A 69 4.13 -8.20 6.19
N LYS A 70 2.90 -7.79 6.26
CA LYS A 70 1.80 -8.76 6.50
C LYS A 70 1.72 -9.74 5.33
N ALA A 71 1.92 -9.27 4.14
CA ALA A 71 1.86 -10.18 2.96
C ALA A 71 2.82 -11.35 3.16
N LEU A 72 4.10 -11.06 3.28
CA LEU A 72 5.09 -12.16 3.49
C LEU A 72 4.65 -13.04 4.65
N LYS A 73 4.22 -12.43 5.74
CA LYS A 73 3.77 -13.24 6.90
C LYS A 73 2.89 -14.39 6.42
N ILE A 74 2.01 -14.11 5.48
CA ILE A 74 1.14 -15.20 4.95
C ILE A 74 2.00 -16.41 4.60
N PRO A 75 1.48 -17.62 4.84
CA PRO A 75 2.21 -18.87 4.54
C PRO A 75 2.49 -19.04 3.04
N GLY A 76 1.99 -18.15 2.22
CA GLY A 76 2.24 -18.26 0.76
C GLY A 76 2.42 -16.86 0.19
N PRO A 77 2.81 -16.77 -1.09
CA PRO A 77 3.02 -15.47 -1.77
C PRO A 77 1.70 -14.73 -1.96
N VAL A 78 1.58 -13.57 -1.37
CA VAL A 78 0.32 -12.78 -1.51
C VAL A 78 0.60 -11.49 -2.28
N LEU A 79 -0.37 -10.98 -2.98
CA LEU A 79 -0.15 -9.73 -3.76
C LEU A 79 -0.63 -8.52 -2.95
N VAL A 80 -0.09 -7.37 -3.22
CA VAL A 80 -0.52 -6.15 -2.48
C VAL A 80 -0.93 -5.07 -3.50
N ILE A 81 -2.06 -4.44 -3.28
CA ILE A 81 -2.51 -3.39 -4.24
C ILE A 81 -2.64 -2.06 -3.50
N THR A 82 -2.14 -1.00 -4.07
CA THR A 82 -2.25 0.32 -3.41
C THR A 82 -2.63 1.39 -4.43
N ASP A 83 -3.11 2.51 -3.99
CA ASP A 83 -3.51 3.58 -4.95
C ASP A 83 -2.31 4.49 -5.22
N SER A 84 -1.13 4.05 -4.87
CA SER A 84 0.07 4.89 -5.12
C SER A 84 1.08 4.09 -5.95
N PHE A 85 1.35 4.54 -7.15
CA PHE A 85 2.32 3.81 -8.01
C PHE A 85 3.75 4.13 -7.57
N TYR A 86 4.02 5.38 -7.27
CA TYR A 86 5.39 5.76 -6.82
C TYR A 86 5.84 4.81 -5.71
N VAL A 87 5.01 4.58 -4.74
CA VAL A 87 5.40 3.67 -3.62
C VAL A 87 5.48 2.24 -4.14
N ALA A 88 4.53 1.81 -4.91
CA ALA A 88 4.56 0.43 -5.45
C ALA A 88 5.89 0.19 -6.16
N GLU A 89 6.29 1.08 -7.03
CA GLU A 89 7.58 0.90 -7.75
C GLU A 89 8.72 0.86 -6.74
N SER A 90 8.62 1.60 -5.68
CA SER A 90 9.70 1.62 -4.66
C SER A 90 9.96 0.19 -4.17
N ALA A 91 8.94 -0.47 -3.67
CA ALA A 91 9.13 -1.86 -3.17
C ALA A 91 9.09 -2.84 -4.34
N ASN A 92 8.90 -2.36 -5.54
CA ASN A 92 8.84 -3.28 -6.70
C ASN A 92 10.26 -3.56 -7.20
N LYS A 93 10.89 -2.60 -7.84
CA LYS A 93 12.27 -2.83 -8.36
C LYS A 93 13.20 -1.72 -7.86
N GLU A 94 12.67 -0.53 -7.69
CA GLU A 94 13.53 0.60 -7.22
C GLU A 94 14.20 0.23 -5.90
N LEU A 95 13.51 -0.46 -5.04
CA LEU A 95 14.13 -0.84 -3.73
C LEU A 95 15.49 -1.50 -3.97
N PRO A 96 15.50 -2.64 -4.68
CA PRO A 96 16.74 -3.37 -4.99
C PRO A 96 17.62 -2.58 -5.95
N TYR A 97 17.04 -1.75 -6.76
CA TYR A 97 17.86 -0.95 -7.72
C TYR A 97 18.59 0.15 -6.95
N TRP A 98 17.97 0.68 -5.93
CA TRP A 98 18.63 1.75 -5.12
C TRP A 98 19.83 1.15 -4.39
N LYS A 99 19.64 0.04 -3.74
CA LYS A 99 20.76 -0.59 -2.99
C LYS A 99 22.03 -0.55 -3.86
N SER A 100 21.89 -0.80 -5.13
CA SER A 100 23.08 -0.78 -6.03
C SER A 100 23.67 0.64 -6.04
N ASN A 101 22.84 1.64 -6.05
CA ASN A 101 23.37 3.03 -6.05
C ASN A 101 23.64 3.49 -4.61
N GLY A 102 23.59 2.57 -3.68
CA GLY A 102 23.85 2.94 -2.26
C GLY A 102 22.59 3.56 -1.66
N PHE A 103 21.44 3.04 -2.01
CA PHE A 103 20.17 3.61 -1.46
C PHE A 103 19.99 5.04 -1.95
N VAL A 104 20.42 5.32 -3.16
CA VAL A 104 20.27 6.70 -3.69
C VAL A 104 19.46 6.66 -4.99
N ASN A 105 18.37 7.39 -5.04
CA ASN A 105 17.54 7.39 -6.28
C ASN A 105 18.40 7.81 -7.47
N ASN A 106 19.13 8.89 -7.34
CA ASN A 106 19.99 9.35 -8.46
C ASN A 106 21.23 10.05 -7.90
N LYS A 107 22.26 10.17 -8.69
CA LYS A 107 23.50 10.83 -8.20
C LYS A 107 23.20 12.31 -7.90
N LYS A 108 22.23 12.86 -8.56
CA LYS A 108 21.90 14.30 -8.33
C LYS A 108 21.35 14.46 -6.90
N LYS A 109 20.50 13.57 -6.48
CA LYS A 109 19.93 13.67 -5.10
C LYS A 109 19.87 12.27 -4.48
N PRO A 110 20.06 12.20 -3.15
CA PRO A 110 20.02 10.92 -2.42
C PRO A 110 18.61 10.34 -2.35
N LEU A 111 18.45 9.19 -1.78
CA LEU A 111 17.10 8.58 -1.67
C LEU A 111 16.41 9.06 -0.40
N LYS A 112 15.17 9.47 -0.49
CA LYS A 112 14.46 9.96 0.72
C LYS A 112 13.56 8.85 1.27
N HIS A 113 13.35 8.80 2.55
CA HIS A 113 12.48 7.75 3.14
C HIS A 113 13.17 6.39 3.01
N ILE A 114 14.47 6.37 3.07
CA ILE A 114 15.20 5.07 2.95
C ILE A 114 14.79 4.16 4.11
N SER A 115 14.68 4.70 5.29
CA SER A 115 14.28 3.86 6.46
C SER A 115 12.99 3.11 6.13
N LYS A 116 12.00 3.80 5.65
CA LYS A 116 10.72 3.13 5.31
C LYS A 116 10.97 2.07 4.23
N TRP A 117 11.83 2.37 3.29
CA TRP A 117 12.13 1.38 2.22
C TRP A 117 12.96 0.24 2.80
N LYS A 118 13.85 0.53 3.70
CA LYS A 118 14.69 -0.54 4.31
C LYS A 118 13.78 -1.61 4.90
N SER A 119 12.76 -1.22 5.61
CA SER A 119 11.84 -2.22 6.22
C SER A 119 11.21 -3.06 5.11
N ILE A 120 10.74 -2.43 4.06
CA ILE A 120 10.12 -3.19 2.95
C ILE A 120 11.20 -4.00 2.22
N ALA A 121 12.39 -3.49 2.15
CA ALA A 121 13.49 -4.23 1.45
C ALA A 121 13.71 -5.56 2.16
N GLU A 122 13.63 -5.59 3.46
CA GLU A 122 13.84 -6.87 4.19
C GLU A 122 12.77 -7.89 3.75
N CYS A 123 11.56 -7.44 3.59
CA CYS A 123 10.48 -8.38 3.15
C CYS A 123 10.78 -8.90 1.75
N LEU A 124 11.05 -8.02 0.84
CA LEU A 124 11.35 -8.46 -0.56
C LEU A 124 12.66 -9.26 -0.55
N SER A 125 13.60 -8.87 0.25
CA SER A 125 14.90 -9.61 0.30
C SER A 125 14.62 -11.09 0.62
N MET A 126 13.65 -11.35 1.45
CA MET A 126 13.34 -12.76 1.80
C MET A 126 12.87 -13.50 0.54
N LYS A 127 12.19 -12.81 -0.35
CA LYS A 127 11.71 -13.48 -1.58
C LYS A 127 10.70 -12.56 -2.29
N PRO A 128 10.59 -12.71 -3.62
CA PRO A 128 9.66 -11.89 -4.43
C PRO A 128 8.21 -12.28 -4.18
N ASP A 129 7.98 -13.23 -3.31
CA ASP A 129 6.59 -13.66 -3.02
C ASP A 129 5.69 -12.43 -2.89
N ILE A 130 6.11 -11.45 -2.12
CA ILE A 130 5.29 -10.23 -1.95
C ILE A 130 5.18 -9.48 -3.28
N THR A 131 3.99 -9.28 -3.76
CA THR A 131 3.82 -8.55 -5.06
C THR A 131 3.06 -7.25 -4.80
N ILE A 132 3.32 -6.24 -5.59
CA ILE A 132 2.61 -4.94 -5.39
C ILE A 132 1.97 -4.50 -6.71
N GLN A 133 0.73 -4.10 -6.67
CA GLN A 133 0.05 -3.64 -7.91
C GLN A 133 -0.36 -2.18 -7.76
N HIS A 134 -0.59 -1.50 -8.84
CA HIS A 134 -0.99 -0.06 -8.75
C HIS A 134 -2.36 0.13 -9.40
N GLU A 135 -3.24 0.84 -8.75
CA GLU A 135 -4.59 1.06 -9.34
C GLU A 135 -4.60 2.40 -10.09
N LYS A 136 -5.33 2.48 -11.17
CA LYS A 136 -5.37 3.75 -11.94
C LYS A 136 -6.52 4.62 -11.42
N GLY A 137 -6.85 4.50 -10.16
CA GLY A 137 -7.95 5.33 -9.60
C GLY A 137 -9.23 5.07 -10.40
N HIS A 138 -9.93 6.12 -10.78
CA HIS A 138 -11.18 5.93 -11.55
C HIS A 138 -10.93 4.93 -12.69
N GLN A 139 -9.85 5.09 -13.40
CA GLN A 139 -9.56 4.14 -14.52
C GLN A 139 -9.77 2.70 -14.04
N PRO A 140 -10.31 1.86 -14.92
CA PRO A 140 -10.57 0.44 -14.59
C PRO A 140 -9.27 -0.36 -14.46
N THR A 141 -9.26 -1.36 -13.62
CA THR A 141 -8.02 -2.17 -13.45
C THR A 141 -8.06 -3.36 -14.42
N ASN A 142 -6.96 -4.06 -14.54
CA ASN A 142 -6.93 -5.23 -15.47
C ASN A 142 -8.12 -6.15 -15.19
N THR A 143 -8.50 -6.28 -13.94
CA THR A 143 -9.66 -7.15 -13.60
C THR A 143 -10.68 -6.35 -12.80
N SER A 144 -11.93 -6.48 -13.15
CA SER A 144 -12.99 -5.72 -12.40
C SER A 144 -13.03 -6.20 -10.95
N ILE A 145 -12.66 -7.43 -10.71
CA ILE A 145 -12.68 -7.96 -9.31
C ILE A 145 -11.73 -7.12 -8.44
N HIS A 146 -10.59 -6.77 -8.96
CA HIS A 146 -9.63 -5.97 -8.16
C HIS A 146 -10.23 -4.59 -7.87
N THR A 147 -11.07 -4.09 -8.75
CA THR A 147 -11.68 -2.76 -8.51
C THR A 147 -12.57 -2.81 -7.28
N GLU A 148 -13.33 -3.87 -7.12
CA GLU A 148 -14.22 -3.98 -5.94
C GLU A 148 -13.38 -3.84 -4.66
N GLY A 149 -12.23 -4.44 -4.63
CA GLY A 149 -11.38 -4.34 -3.41
C GLY A 149 -11.05 -2.87 -3.14
N ASN A 150 -10.87 -2.09 -4.17
CA ASN A 150 -10.55 -0.65 -3.97
C ASN A 150 -11.75 0.05 -3.35
N ALA A 151 -12.95 -0.31 -3.76
CA ALA A 151 -14.15 0.35 -3.19
C ALA A 151 -14.19 0.13 -1.68
N LEU A 152 -14.09 -1.09 -1.24
CA LEU A 152 -14.11 -1.36 0.22
C LEU A 152 -12.86 -0.77 0.87
N ALA A 153 -11.71 -1.01 0.30
CA ALA A 153 -10.46 -0.46 0.88
C ALA A 153 -10.56 1.06 1.00
N ASP A 154 -11.17 1.69 0.02
CA ASP A 154 -11.31 3.18 0.08
C ASP A 154 -12.16 3.56 1.28
N LYS A 155 -13.24 2.86 1.52
CA LYS A 155 -14.12 3.19 2.68
C LYS A 155 -13.29 3.13 3.97
N LEU A 156 -12.44 2.16 4.10
CA LEU A 156 -11.62 2.05 5.34
C LEU A 156 -10.68 3.26 5.42
N ALA A 157 -10.10 3.66 4.31
CA ALA A 157 -9.18 4.83 4.35
C ALA A 157 -9.95 6.08 4.79
N THR A 158 -11.13 6.28 4.27
CA THR A 158 -11.93 7.47 4.66
C THR A 158 -12.11 7.48 6.17
N GLN A 159 -12.46 6.37 6.75
CA GLN A 159 -12.65 6.32 8.23
C GLN A 159 -11.33 6.64 8.93
N GLY A 160 -10.23 6.22 8.36
CA GLY A 160 -8.91 6.51 9.00
C GLY A 160 -8.78 8.01 9.24
N SER A 161 -8.86 8.80 8.21
CA SER A 161 -8.75 10.28 8.38
C SER A 161 -9.90 10.78 9.24
N TYR A 162 -11.06 10.18 9.12
CA TYR A 162 -12.22 10.62 9.93
C TYR A 162 -11.92 10.41 11.41
N VAL A 163 -11.26 9.34 11.75
CA VAL A 163 -10.94 9.09 13.18
C VAL A 163 -10.15 10.26 13.76
N VAL A 164 -9.29 10.85 12.98
CA VAL A 164 -8.50 12.00 13.48
C VAL A 164 -9.05 13.30 12.88
N ASN A 165 -9.23 14.30 13.70
CA ASN A 165 -9.76 15.59 13.18
C ASN A 165 -8.71 16.69 13.34
N GLY A 1 -1.36 -20.61 -15.02
CA GLY A 1 -0.63 -19.43 -14.46
C GLY A 1 -1.64 -18.37 -14.01
N ALA A 2 -2.45 -18.70 -13.04
CA ALA A 2 -3.45 -17.70 -12.55
C ALA A 2 -3.00 -17.14 -11.21
N MET A 3 -3.41 -15.93 -10.90
CA MET A 3 -3.00 -15.32 -9.60
C MET A 3 -3.58 -16.13 -8.45
N GLY A 4 -4.67 -16.81 -8.67
CA GLY A 4 -5.29 -17.62 -7.59
C GLY A 4 -4.20 -18.40 -6.86
N GLN A 5 -3.15 -18.75 -7.55
CA GLN A 5 -2.05 -19.51 -6.89
C GLN A 5 -1.63 -18.79 -5.61
N TYR A 6 -1.43 -17.51 -5.67
CA TYR A 6 -1.03 -16.75 -4.45
C TYR A 6 -1.93 -17.16 -3.29
N GLU A 7 -1.49 -16.96 -2.08
CA GLU A 7 -2.33 -17.34 -0.91
C GLU A 7 -3.57 -16.42 -0.88
N GLY A 8 -3.41 -15.20 -1.31
CA GLY A 8 -4.56 -14.25 -1.31
C GLY A 8 -4.12 -12.91 -1.88
N VAL A 9 -4.99 -11.94 -1.90
CA VAL A 9 -4.62 -10.60 -2.45
C VAL A 9 -4.99 -9.52 -1.44
N PHE A 10 -4.15 -8.55 -1.25
CA PHE A 10 -4.47 -7.46 -0.27
C PHE A 10 -4.58 -6.12 -0.98
N TYR A 11 -5.48 -5.28 -0.55
CA TYR A 11 -5.63 -3.95 -1.20
C TYR A 11 -5.31 -2.86 -0.19
N THR A 12 -4.35 -2.02 -0.48
CA THR A 12 -4.00 -0.94 0.48
C THR A 12 -4.38 0.42 -0.11
N ASP A 13 -4.71 1.37 0.72
CA ASP A 13 -5.09 2.72 0.21
C ASP A 13 -4.76 3.77 1.26
N GLY A 14 -4.39 4.95 0.85
CA GLY A 14 -4.06 6.02 1.83
C GLY A 14 -4.96 7.24 1.59
N SER A 15 -5.48 7.82 2.64
CA SER A 15 -6.36 9.00 2.47
C SER A 15 -6.04 10.04 3.55
N ALA A 16 -6.09 11.30 3.19
CA ALA A 16 -5.79 12.36 4.19
C ALA A 16 -6.83 13.47 4.08
N ILE A 17 -7.12 14.14 5.17
CA ILE A 17 -8.14 15.23 5.12
C ILE A 17 -7.48 16.57 5.44
N LYS A 18 -7.80 17.59 4.71
CA LYS A 18 -7.20 18.93 4.97
C LYS A 18 -8.30 19.91 5.34
N SER A 19 -7.99 20.91 6.12
CA SER A 19 -9.03 21.90 6.51
C SER A 19 -8.64 23.29 6.00
N PRO A 20 -9.53 24.27 6.15
CA PRO A 20 -9.28 25.64 5.71
C PRO A 20 -8.18 26.30 6.55
N ASP A 21 -8.20 26.08 7.83
CA ASP A 21 -7.15 26.67 8.71
C ASP A 21 -6.25 25.55 9.23
N PRO A 22 -5.46 24.96 8.33
CA PRO A 22 -4.54 23.86 8.68
C PRO A 22 -3.43 24.31 9.62
N THR A 23 -3.77 24.82 10.77
CA THR A 23 -2.71 25.28 11.72
C THR A 23 -1.77 24.11 11.99
N LYS A 24 -2.21 22.90 11.75
CA LYS A 24 -1.35 21.72 12.00
C LYS A 24 -1.30 20.86 10.74
N SER A 25 -0.68 19.71 10.80
CA SER A 25 -0.60 18.84 9.60
C SER A 25 -1.99 18.29 9.27
N ASN A 26 -2.33 18.26 8.00
CA ASN A 26 -3.67 17.72 7.62
C ASN A 26 -3.87 16.35 8.26
N ASN A 27 -5.06 15.83 8.20
CA ASN A 27 -5.31 14.48 8.81
C ASN A 27 -4.97 13.40 7.79
N ALA A 28 -4.35 12.33 8.23
CA ALA A 28 -3.99 11.24 7.29
C ALA A 28 -4.56 9.92 7.81
N GLY A 29 -4.87 9.00 6.93
CA GLY A 29 -5.42 7.69 7.39
C GLY A 29 -5.12 6.61 6.33
N MET A 30 -5.12 5.38 6.73
CA MET A 30 -4.82 4.28 5.76
C MET A 30 -5.95 3.24 5.82
N GLY A 31 -6.01 2.37 4.84
CA GLY A 31 -7.08 1.33 4.84
C GLY A 31 -6.64 0.13 4.00
N ILE A 32 -6.64 -1.04 4.57
CA ILE A 32 -6.23 -2.24 3.81
C ILE A 32 -7.41 -3.21 3.68
N VAL A 33 -7.54 -3.85 2.56
CA VAL A 33 -8.67 -4.80 2.37
C VAL A 33 -8.14 -6.16 1.92
N HIS A 34 -8.60 -7.22 2.50
CA HIS A 34 -8.12 -8.57 2.10
C HIS A 34 -9.21 -9.29 1.31
N ALA A 35 -8.83 -9.97 0.26
CA ALA A 35 -9.84 -10.70 -0.56
C ALA A 35 -9.27 -12.06 -1.00
N THR A 36 -10.11 -12.94 -1.44
CA THR A 36 -9.62 -14.28 -1.88
C THR A 36 -10.25 -14.64 -3.23
N TYR A 37 -9.70 -15.62 -3.91
CA TYR A 37 -10.27 -16.01 -5.23
C TYR A 37 -11.08 -17.30 -5.07
N LYS A 38 -11.36 -17.70 -3.87
CA LYS A 38 -12.14 -18.95 -3.64
C LYS A 38 -13.43 -18.87 -4.47
N PRO A 39 -14.28 -19.92 -4.41
CA PRO A 39 -15.54 -19.95 -5.17
C PRO A 39 -16.52 -18.89 -4.66
N GLU A 40 -16.18 -18.21 -3.60
CA GLU A 40 -17.07 -17.16 -3.08
C GLU A 40 -16.25 -15.89 -2.79
N TYR A 41 -16.38 -14.90 -3.62
CA TYR A 41 -15.59 -13.65 -3.40
C TYR A 41 -16.05 -13.00 -2.09
N GLN A 42 -15.14 -12.79 -1.18
CA GLN A 42 -15.53 -12.17 0.11
C GLN A 42 -14.29 -11.57 0.80
N VAL A 43 -14.41 -10.38 1.32
CA VAL A 43 -13.25 -9.74 2.00
C VAL A 43 -12.83 -10.59 3.20
N LEU A 44 -11.59 -10.96 3.27
CA LEU A 44 -11.13 -11.79 4.42
C LEU A 44 -11.16 -10.95 5.69
N ASN A 45 -10.79 -9.70 5.60
CA ASN A 45 -10.80 -8.83 6.81
C ASN A 45 -10.43 -7.40 6.40
N GLN A 46 -10.84 -6.43 7.15
CA GLN A 46 -10.51 -5.02 6.80
C GLN A 46 -9.51 -4.47 7.81
N TRP A 47 -8.54 -3.73 7.36
CA TRP A 47 -7.52 -3.16 8.30
C TRP A 47 -7.49 -1.64 8.16
N SER A 48 -7.65 -0.93 9.24
CA SER A 48 -7.62 0.55 9.17
C SER A 48 -6.51 1.07 10.08
N ILE A 49 -5.78 2.07 9.63
CA ILE A 49 -4.68 2.62 10.47
C ILE A 49 -4.75 4.14 10.46
N PRO A 50 -5.38 4.72 11.49
CA PRO A 50 -5.53 6.17 11.62
C PRO A 50 -4.19 6.85 11.93
N LEU A 51 -3.86 7.88 11.19
CA LEU A 51 -2.57 8.58 11.43
C LEU A 51 -2.85 9.95 12.06
N GLY A 52 -2.00 10.40 12.93
CA GLY A 52 -2.21 11.73 13.57
C GLY A 52 -1.02 12.64 13.28
N ASN A 53 0.14 12.08 13.10
CA ASN A 53 1.34 12.92 12.82
C ASN A 53 1.96 12.49 11.49
N HIS A 54 1.15 12.10 10.54
CA HIS A 54 1.69 11.68 9.22
C HIS A 54 1.03 12.50 8.11
N THR A 55 1.46 12.32 6.89
CA THR A 55 0.85 13.10 5.77
C THR A 55 0.30 12.13 4.72
N ALA A 56 -0.45 12.62 3.77
CA ALA A 56 -1.01 11.73 2.72
C ALA A 56 0.12 10.97 2.03
N GLN A 57 1.22 11.63 1.79
CA GLN A 57 2.36 10.96 1.12
C GLN A 57 2.84 9.78 1.98
N MET A 58 3.15 10.02 3.23
CA MET A 58 3.61 8.92 4.11
C MET A 58 2.47 7.93 4.34
N ALA A 59 1.26 8.40 4.33
CA ALA A 59 0.09 7.49 4.55
C ALA A 59 0.00 6.51 3.38
N GLU A 60 0.16 6.98 2.18
CA GLU A 60 0.08 6.06 1.00
C GLU A 60 1.23 5.04 1.06
N ILE A 61 2.42 5.51 1.27
CA ILE A 61 3.58 4.58 1.33
C ILE A 61 3.42 3.65 2.54
N ALA A 62 2.96 4.17 3.65
CA ALA A 62 2.79 3.32 4.86
C ALA A 62 1.82 2.18 4.54
N ALA A 63 0.88 2.40 3.67
CA ALA A 63 -0.09 1.33 3.33
C ALA A 63 0.64 0.17 2.65
N VAL A 64 1.57 0.48 1.78
CA VAL A 64 2.33 -0.61 1.09
C VAL A 64 3.28 -1.28 2.08
N GLU A 65 3.88 -0.53 2.96
CA GLU A 65 4.81 -1.13 3.95
C GLU A 65 4.00 -1.97 4.94
N PHE A 66 2.84 -1.50 5.33
CA PHE A 66 2.01 -2.27 6.28
C PHE A 66 1.65 -3.62 5.67
N ALA A 67 0.90 -3.62 4.59
CA ALA A 67 0.52 -4.91 3.95
C ALA A 67 1.78 -5.69 3.57
N CYS A 68 2.83 -5.00 3.24
CA CYS A 68 4.09 -5.70 2.86
C CYS A 68 4.48 -6.69 3.95
N LYS A 69 4.60 -6.23 5.16
CA LYS A 69 4.99 -7.15 6.27
C LYS A 69 3.92 -8.23 6.42
N LYS A 70 2.67 -7.85 6.42
CA LYS A 70 1.58 -8.86 6.57
C LYS A 70 1.55 -9.76 5.33
N ALA A 71 1.95 -9.24 4.19
CA ALA A 71 1.94 -10.07 2.95
C ALA A 71 2.90 -11.25 3.13
N LEU A 72 4.18 -10.97 3.27
CA LEU A 72 5.16 -12.08 3.44
C LEU A 72 4.75 -12.95 4.63
N LYS A 73 4.36 -12.34 5.71
CA LYS A 73 3.94 -13.14 6.91
C LYS A 73 3.08 -14.32 6.45
N ILE A 74 2.17 -14.08 5.55
CA ILE A 74 1.30 -15.18 5.06
C ILE A 74 2.18 -16.38 4.70
N PRO A 75 1.69 -17.61 4.96
CA PRO A 75 2.44 -18.84 4.66
C PRO A 75 2.64 -19.04 3.16
N GLY A 76 2.08 -18.17 2.36
CA GLY A 76 2.25 -18.29 0.88
C GLY A 76 2.41 -16.90 0.28
N PRO A 77 2.76 -16.82 -1.01
CA PRO A 77 2.94 -15.54 -1.71
C PRO A 77 1.62 -14.80 -1.90
N VAL A 78 1.52 -13.60 -1.40
CA VAL A 78 0.26 -12.83 -1.54
C VAL A 78 0.52 -11.58 -2.40
N LEU A 79 -0.48 -11.13 -3.11
CA LEU A 79 -0.27 -9.92 -3.97
C LEU A 79 -0.78 -8.67 -3.25
N VAL A 80 0.01 -7.64 -3.20
CA VAL A 80 -0.42 -6.38 -2.52
C VAL A 80 -0.75 -5.33 -3.57
N ILE A 81 -1.88 -4.69 -3.46
CA ILE A 81 -2.25 -3.65 -4.46
C ILE A 81 -2.32 -2.28 -3.79
N THR A 82 -1.93 -1.25 -4.48
CA THR A 82 -1.97 0.11 -3.87
C THR A 82 -2.57 1.09 -4.88
N ASP A 83 -3.03 2.23 -4.41
CA ASP A 83 -3.62 3.23 -5.34
C ASP A 83 -2.54 4.18 -5.84
N SER A 84 -1.31 3.94 -5.46
CA SER A 84 -0.20 4.84 -5.91
C SER A 84 0.86 4.01 -6.65
N PHE A 85 1.18 4.38 -7.85
CA PHE A 85 2.21 3.62 -8.62
C PHE A 85 3.60 3.95 -8.06
N TYR A 86 3.85 5.19 -7.74
CA TYR A 86 5.19 5.56 -7.20
C TYR A 86 5.55 4.63 -6.05
N VAL A 87 4.72 4.56 -5.04
CA VAL A 87 5.00 3.66 -3.89
C VAL A 87 5.14 2.22 -4.38
N ALA A 88 4.22 1.77 -5.20
CA ALA A 88 4.31 0.38 -5.71
C ALA A 88 5.63 0.20 -6.47
N GLU A 89 5.87 1.01 -7.46
CA GLU A 89 7.14 0.89 -8.24
C GLU A 89 8.32 0.88 -7.26
N SER A 90 8.19 1.56 -6.15
CA SER A 90 9.30 1.60 -5.15
C SER A 90 9.61 0.17 -4.68
N ALA A 91 8.65 -0.49 -4.10
CA ALA A 91 8.90 -1.88 -3.61
C ALA A 91 8.89 -2.85 -4.79
N ASN A 92 8.66 -2.37 -5.98
CA ASN A 92 8.64 -3.28 -7.16
C ASN A 92 10.06 -3.51 -7.66
N LYS A 93 10.66 -2.53 -8.29
CA LYS A 93 12.04 -2.70 -8.81
C LYS A 93 12.94 -1.59 -8.28
N GLU A 94 12.38 -0.45 -8.00
CA GLU A 94 13.20 0.68 -7.48
C GLU A 94 13.75 0.32 -6.10
N LEU A 95 13.10 -0.56 -5.40
CA LEU A 95 13.59 -0.95 -4.05
C LEU A 95 15.02 -1.49 -4.15
N PRO A 96 15.20 -2.57 -4.94
CA PRO A 96 16.51 -3.19 -5.13
C PRO A 96 17.47 -2.26 -5.88
N TYR A 97 16.97 -1.50 -6.81
CA TYR A 97 17.85 -0.56 -7.57
C TYR A 97 18.43 0.48 -6.61
N TRP A 98 17.61 0.99 -5.72
CA TRP A 98 18.11 2.00 -4.74
C TRP A 98 19.23 1.39 -3.91
N LYS A 99 19.01 0.23 -3.35
CA LYS A 99 20.05 -0.42 -2.51
C LYS A 99 21.40 -0.28 -3.21
N SER A 100 21.45 -0.51 -4.50
CA SER A 100 22.74 -0.39 -5.23
C SER A 100 23.32 1.01 -5.02
N ASN A 101 22.50 2.02 -5.07
CA ASN A 101 23.01 3.40 -4.88
C ASN A 101 23.02 3.73 -3.38
N GLY A 102 22.86 2.74 -2.55
CA GLY A 102 22.86 3.00 -1.08
C GLY A 102 21.56 3.69 -0.68
N PHE A 103 20.46 3.27 -1.24
CA PHE A 103 19.15 3.91 -0.89
C PHE A 103 19.20 5.39 -1.29
N VAL A 104 19.89 5.71 -2.35
CA VAL A 104 19.98 7.13 -2.78
C VAL A 104 19.39 7.27 -4.18
N ASN A 105 18.57 8.26 -4.40
CA ASN A 105 17.96 8.45 -5.75
C ASN A 105 19.07 8.75 -6.77
N ASN A 106 18.98 8.19 -7.94
CA ASN A 106 20.03 8.45 -8.96
C ASN A 106 20.23 9.96 -9.13
N LYS A 107 19.18 10.73 -8.99
CA LYS A 107 19.32 12.19 -9.13
C LYS A 107 20.05 12.76 -7.91
N LYS A 108 20.62 13.93 -8.04
CA LYS A 108 21.35 14.53 -6.88
C LYS A 108 20.40 14.62 -5.67
N LYS A 109 19.13 14.76 -5.92
CA LYS A 109 18.16 14.85 -4.79
C LYS A 109 18.24 13.58 -3.95
N PRO A 110 18.17 13.72 -2.62
CA PRO A 110 18.23 12.59 -1.69
C PRO A 110 16.96 11.74 -1.75
N LEU A 111 17.04 10.49 -1.36
CA LEU A 111 15.84 9.62 -1.41
C LEU A 111 14.96 9.90 -0.18
N LYS A 112 13.69 10.12 -0.40
CA LYS A 112 12.79 10.40 0.76
C LYS A 112 12.16 9.09 1.23
N HIS A 113 11.77 9.02 2.48
CA HIS A 113 11.16 7.78 3.01
C HIS A 113 12.15 6.63 2.88
N ILE A 114 13.41 6.89 3.10
CA ILE A 114 14.43 5.80 2.99
C ILE A 114 14.16 4.74 4.06
N SER A 115 13.90 5.16 5.26
CA SER A 115 13.63 4.17 6.35
C SER A 115 12.41 3.33 5.97
N LYS A 116 11.39 3.95 5.43
CA LYS A 116 10.17 3.18 5.03
C LYS A 116 10.55 2.10 4.01
N TRP A 117 11.41 2.43 3.09
CA TRP A 117 11.83 1.43 2.07
C TRP A 117 12.63 0.32 2.74
N LYS A 118 13.46 0.67 3.69
CA LYS A 118 14.28 -0.36 4.38
C LYS A 118 13.36 -1.41 4.99
N SER A 119 12.27 -1.00 5.58
CA SER A 119 11.33 -1.98 6.19
C SER A 119 10.79 -2.92 5.11
N ILE A 120 10.40 -2.38 3.99
CA ILE A 120 9.86 -3.24 2.90
C ILE A 120 11.01 -4.03 2.26
N ALA A 121 12.18 -3.44 2.19
CA ALA A 121 13.34 -4.16 1.60
C ALA A 121 13.61 -5.44 2.40
N GLU A 122 13.55 -5.36 3.70
CA GLU A 122 13.80 -6.56 4.53
C GLU A 122 12.78 -7.65 4.17
N CYS A 123 11.55 -7.28 3.96
CA CYS A 123 10.51 -8.29 3.62
C CYS A 123 10.82 -8.89 2.25
N LEU A 124 11.08 -8.06 1.27
CA LEU A 124 11.39 -8.58 -0.09
C LEU A 124 12.69 -9.40 -0.03
N SER A 125 13.60 -9.03 0.83
CA SER A 125 14.88 -9.77 0.93
C SER A 125 14.60 -11.22 1.33
N MET A 126 13.57 -11.45 2.10
CA MET A 126 13.25 -12.84 2.52
C MET A 126 12.78 -13.65 1.31
N LYS A 127 12.13 -13.01 0.37
CA LYS A 127 11.66 -13.75 -0.84
C LYS A 127 10.75 -12.83 -1.66
N PRO A 128 10.76 -13.00 -2.99
CA PRO A 128 9.94 -12.20 -3.90
C PRO A 128 8.45 -12.56 -3.79
N ASP A 129 8.12 -13.50 -2.94
CA ASP A 129 6.70 -13.90 -2.78
C ASP A 129 5.81 -12.65 -2.73
N ILE A 130 6.21 -11.66 -1.97
CA ILE A 130 5.39 -10.41 -1.88
C ILE A 130 5.30 -9.76 -3.26
N THR A 131 4.10 -9.66 -3.79
CA THR A 131 3.94 -9.01 -5.12
C THR A 131 3.25 -7.66 -4.95
N ILE A 132 3.59 -6.69 -5.73
CA ILE A 132 2.94 -5.36 -5.61
C ILE A 132 2.23 -4.99 -6.92
N GLN A 133 1.04 -4.46 -6.82
CA GLN A 133 0.30 -4.08 -8.06
C GLN A 133 -0.11 -2.62 -7.96
N HIS A 134 -0.38 -1.98 -9.07
CA HIS A 134 -0.79 -0.55 -9.03
C HIS A 134 -2.20 -0.40 -9.59
N GLU A 135 -3.04 0.33 -8.91
CA GLU A 135 -4.43 0.51 -9.41
C GLU A 135 -4.74 2.01 -9.53
N LYS A 136 -5.59 2.37 -10.44
CA LYS A 136 -5.92 3.81 -10.63
C LYS A 136 -7.20 4.14 -9.85
N GLY A 137 -7.23 5.27 -9.19
CA GLY A 137 -8.45 5.64 -8.42
C GLY A 137 -9.67 5.67 -9.36
N HIS A 138 -9.47 6.07 -10.59
CA HIS A 138 -10.60 6.12 -11.54
C HIS A 138 -10.32 5.17 -12.71
N GLN A 139 -11.32 4.45 -13.17
CA GLN A 139 -11.11 3.51 -14.30
C GLN A 139 -12.03 3.89 -15.45
N PRO A 140 -11.79 3.31 -16.64
CA PRO A 140 -12.59 3.58 -17.84
C PRO A 140 -14.01 3.01 -17.72
N THR A 141 -14.77 3.08 -18.77
CA THR A 141 -16.16 2.53 -18.72
C THR A 141 -16.13 1.11 -18.15
N ASN A 142 -15.15 0.33 -18.52
CA ASN A 142 -15.07 -1.06 -18.00
C ASN A 142 -14.55 -1.04 -16.57
N THR A 143 -14.85 -2.04 -15.80
CA THR A 143 -14.37 -2.08 -14.39
C THR A 143 -13.50 -3.33 -14.18
N SER A 144 -12.69 -3.34 -13.16
CA SER A 144 -11.82 -4.53 -12.91
C SER A 144 -12.13 -5.09 -11.52
N ILE A 145 -11.97 -6.38 -11.35
CA ILE A 145 -12.25 -6.99 -10.02
C ILE A 145 -11.44 -6.26 -8.94
N HIS A 146 -10.23 -5.88 -9.25
CA HIS A 146 -9.40 -5.17 -8.24
C HIS A 146 -10.04 -3.83 -7.91
N THR A 147 -10.72 -3.23 -8.85
CA THR A 147 -11.37 -1.92 -8.59
C THR A 147 -12.29 -2.04 -7.37
N GLU A 148 -13.11 -3.06 -7.33
CA GLU A 148 -14.02 -3.22 -6.17
C GLU A 148 -13.23 -3.08 -4.87
N GLY A 149 -12.16 -3.82 -4.73
CA GLY A 149 -11.35 -3.71 -3.49
C GLY A 149 -10.98 -2.25 -3.24
N ASN A 150 -10.66 -1.52 -4.27
CA ASN A 150 -10.30 -0.09 -4.10
C ASN A 150 -11.43 0.63 -3.36
N ALA A 151 -12.65 0.46 -3.79
CA ALA A 151 -13.79 1.14 -3.12
C ALA A 151 -13.77 0.79 -1.62
N LEU A 152 -13.76 -0.48 -1.30
CA LEU A 152 -13.74 -0.88 0.13
C LEU A 152 -12.50 -0.29 0.80
N ALA A 153 -11.35 -0.45 0.19
CA ALA A 153 -10.11 0.10 0.80
C ALA A 153 -10.28 1.59 1.06
N ASP A 154 -10.87 2.30 0.13
CA ASP A 154 -11.07 3.76 0.34
C ASP A 154 -11.85 4.00 1.64
N LYS A 155 -12.87 3.23 1.87
CA LYS A 155 -13.66 3.40 3.13
C LYS A 155 -12.73 3.25 4.33
N LEU A 156 -11.85 2.29 4.30
CA LEU A 156 -10.92 2.09 5.45
C LEU A 156 -10.00 3.30 5.58
N ALA A 157 -9.54 3.83 4.47
CA ALA A 157 -8.63 5.01 4.53
C ALA A 157 -9.42 6.21 5.05
N THR A 158 -10.53 6.51 4.44
CA THR A 158 -11.35 7.67 4.89
C THR A 158 -11.74 7.48 6.36
N GLN A 159 -12.12 6.28 6.73
CA GLN A 159 -12.52 6.03 8.14
C GLN A 159 -11.31 6.27 9.06
N GLY A 160 -10.14 5.87 8.63
CA GLY A 160 -8.94 6.08 9.47
C GLY A 160 -8.71 7.58 9.70
N SER A 161 -8.72 8.34 8.66
CA SER A 161 -8.51 9.82 8.81
C SER A 161 -9.68 10.42 9.60
N TYR A 162 -10.85 9.89 9.42
CA TYR A 162 -12.03 10.44 10.16
C TYR A 162 -11.84 10.20 11.66
N VAL A 163 -11.27 9.10 12.04
CA VAL A 163 -11.05 8.82 13.49
C VAL A 163 -10.31 9.99 14.12
N VAL A 164 -9.35 10.54 13.42
CA VAL A 164 -8.58 11.69 13.98
C VAL A 164 -9.51 12.89 14.16
N ASN A 165 -10.50 13.01 13.31
CA ASN A 165 -11.44 14.16 13.42
C ASN A 165 -12.73 13.70 14.10
N GLY A 1 1.81 -17.99 -16.97
CA GLY A 1 1.70 -17.93 -15.49
C GLY A 1 0.22 -18.03 -15.08
N ALA A 2 -0.05 -18.11 -13.81
CA ALA A 2 -1.47 -18.21 -13.36
C ALA A 2 -1.64 -17.45 -12.05
N MET A 3 -2.85 -17.06 -11.73
CA MET A 3 -3.08 -16.30 -10.47
C MET A 3 -2.79 -17.21 -9.27
N GLY A 4 -2.94 -18.49 -9.44
CA GLY A 4 -2.66 -19.43 -8.31
C GLY A 4 -1.24 -19.20 -7.79
N GLN A 5 -0.41 -18.57 -8.57
CA GLN A 5 0.99 -18.33 -8.13
C GLN A 5 0.98 -17.65 -6.76
N TYR A 6 0.01 -16.82 -6.50
CA TYR A 6 -0.06 -16.13 -5.18
C TYR A 6 -1.11 -16.79 -4.29
N GLU A 7 -0.99 -16.65 -3.01
CA GLU A 7 -1.99 -17.27 -2.10
C GLU A 7 -3.22 -16.37 -2.05
N GLY A 8 -3.02 -15.07 -1.98
CA GLY A 8 -4.19 -14.14 -1.93
C GLY A 8 -3.72 -12.75 -2.34
N VAL A 9 -4.63 -11.81 -2.42
CA VAL A 9 -4.24 -10.42 -2.82
C VAL A 9 -4.71 -9.44 -1.75
N PHE A 10 -3.92 -8.44 -1.46
CA PHE A 10 -4.32 -7.44 -0.44
C PHE A 10 -4.45 -6.06 -1.07
N TYR A 11 -5.29 -5.22 -0.54
CA TYR A 11 -5.46 -3.86 -1.11
C TYR A 11 -5.20 -2.81 -0.03
N THR A 12 -4.47 -1.77 -0.35
CA THR A 12 -4.18 -0.73 0.67
C THR A 12 -4.69 0.63 0.16
N ASP A 13 -5.07 1.49 1.05
CA ASP A 13 -5.56 2.83 0.62
C ASP A 13 -5.04 3.90 1.58
N GLY A 14 -4.81 5.10 1.09
CA GLY A 14 -4.30 6.18 1.97
C GLY A 14 -4.88 7.52 1.53
N SER A 15 -5.35 8.31 2.45
CA SER A 15 -5.93 9.63 2.08
C SER A 15 -5.57 10.66 3.15
N ALA A 16 -5.65 11.93 2.82
CA ALA A 16 -5.32 12.98 3.82
C ALA A 16 -6.35 14.11 3.74
N ILE A 17 -6.59 14.78 4.84
CA ILE A 17 -7.57 15.90 4.81
C ILE A 17 -6.92 17.16 5.39
N LYS A 18 -7.08 18.26 4.71
CA LYS A 18 -6.47 19.53 5.21
C LYS A 18 -7.58 20.45 5.74
N SER A 19 -7.30 21.18 6.78
CA SER A 19 -8.34 22.09 7.35
C SER A 19 -7.95 23.54 7.06
N PRO A 20 -8.82 24.49 7.43
CA PRO A 20 -8.57 25.92 7.22
C PRO A 20 -7.40 26.42 8.08
N ASP A 21 -7.29 25.90 9.27
CA ASP A 21 -6.17 26.32 10.17
C ASP A 21 -5.28 25.12 10.44
N PRO A 22 -4.53 24.68 9.41
CA PRO A 22 -3.62 23.53 9.52
C PRO A 22 -2.44 23.81 10.46
N THR A 23 -2.72 24.17 11.69
CA THR A 23 -1.61 24.46 12.64
C THR A 23 -0.75 23.20 12.79
N LYS A 24 -1.25 22.07 12.37
CA LYS A 24 -0.46 20.82 12.49
C LYS A 24 -0.47 20.09 11.13
N SER A 25 -0.11 18.85 11.12
CA SER A 25 -0.09 18.09 9.84
C SER A 25 -1.52 17.68 9.46
N ASN A 26 -1.85 17.75 8.20
CA ASN A 26 -3.22 17.36 7.77
C ASN A 26 -3.60 16.03 8.40
N ASN A 27 -4.82 15.61 8.26
CA ASN A 27 -5.25 14.31 8.87
C ASN A 27 -5.37 13.26 7.76
N ALA A 28 -4.69 12.15 7.91
CA ALA A 28 -4.76 11.09 6.86
C ALA A 28 -5.01 9.74 7.53
N GLY A 29 -5.51 8.79 6.78
CA GLY A 29 -5.78 7.44 7.36
C GLY A 29 -5.46 6.37 6.32
N MET A 30 -5.34 5.14 6.73
CA MET A 30 -5.03 4.05 5.77
C MET A 30 -6.08 2.95 5.89
N GLY A 31 -6.26 2.16 4.86
CA GLY A 31 -7.26 1.07 4.91
C GLY A 31 -6.71 -0.17 4.19
N ILE A 32 -6.74 -1.30 4.84
CA ILE A 32 -6.23 -2.54 4.18
C ILE A 32 -7.39 -3.50 3.95
N VAL A 33 -7.46 -4.08 2.78
CA VAL A 33 -8.58 -5.03 2.50
C VAL A 33 -8.01 -6.35 1.97
N HIS A 34 -8.35 -7.44 2.58
CA HIS A 34 -7.83 -8.76 2.12
C HIS A 34 -8.95 -9.49 1.36
N ALA A 35 -8.62 -10.09 0.24
CA ALA A 35 -9.66 -10.81 -0.54
C ALA A 35 -9.11 -12.17 -1.00
N THR A 36 -9.98 -13.07 -1.36
CA THR A 36 -9.51 -14.40 -1.82
C THR A 36 -10.11 -14.70 -3.21
N TYR A 37 -9.58 -15.66 -3.90
CA TYR A 37 -10.12 -15.98 -5.24
C TYR A 37 -10.88 -17.31 -5.19
N LYS A 38 -11.18 -17.78 -4.01
CA LYS A 38 -11.92 -19.07 -3.87
C LYS A 38 -13.18 -18.99 -4.76
N PRO A 39 -14.01 -20.05 -4.77
CA PRO A 39 -15.23 -20.06 -5.58
C PRO A 39 -16.25 -19.01 -5.11
N GLU A 40 -15.96 -18.34 -4.03
CA GLU A 40 -16.89 -17.29 -3.53
C GLU A 40 -16.09 -16.05 -3.18
N TYR A 41 -16.18 -15.03 -3.99
CA TYR A 41 -15.42 -13.78 -3.71
C TYR A 41 -15.80 -13.24 -2.33
N GLN A 42 -14.84 -13.05 -1.46
CA GLN A 42 -15.15 -12.54 -0.11
C GLN A 42 -13.88 -11.94 0.51
N VAL A 43 -14.03 -10.99 1.39
CA VAL A 43 -12.84 -10.37 2.04
C VAL A 43 -12.47 -11.16 3.29
N LEU A 44 -11.28 -11.69 3.34
CA LEU A 44 -10.87 -12.48 4.54
C LEU A 44 -10.96 -11.59 5.78
N ASN A 45 -10.50 -10.37 5.69
CA ASN A 45 -10.56 -9.46 6.86
C ASN A 45 -10.22 -8.03 6.41
N GLN A 46 -10.65 -7.06 7.17
CA GLN A 46 -10.35 -5.64 6.79
C GLN A 46 -9.47 -5.01 7.87
N TRP A 47 -8.63 -4.07 7.49
CA TRP A 47 -7.75 -3.42 8.49
C TRP A 47 -7.80 -1.91 8.31
N SER A 48 -7.87 -1.17 9.40
CA SER A 48 -7.92 0.31 9.29
C SER A 48 -6.76 0.92 10.09
N ILE A 49 -6.20 2.00 9.63
CA ILE A 49 -5.07 2.63 10.36
C ILE A 49 -5.13 4.15 10.19
N PRO A 50 -5.76 4.84 11.15
CA PRO A 50 -5.88 6.30 11.12
C PRO A 50 -4.53 6.99 11.38
N LEU A 51 -4.19 7.95 10.56
CA LEU A 51 -2.89 8.66 10.76
C LEU A 51 -3.16 10.12 11.13
N GLY A 52 -2.35 10.67 12.00
CA GLY A 52 -2.56 12.10 12.40
C GLY A 52 -1.23 12.85 12.29
N ASN A 53 -0.17 12.26 12.74
CA ASN A 53 1.16 12.94 12.66
C ASN A 53 1.84 12.58 11.35
N HIS A 54 1.14 11.92 10.46
CA HIS A 54 1.76 11.55 9.15
C HIS A 54 1.19 12.42 8.04
N THR A 55 1.96 12.68 7.02
CA THR A 55 1.45 13.53 5.90
C THR A 55 0.82 12.64 4.83
N ALA A 56 0.15 13.23 3.88
CA ALA A 56 -0.48 12.41 2.81
C ALA A 56 0.55 11.44 2.23
N GLN A 57 1.80 11.84 2.23
CA GLN A 57 2.86 10.96 1.67
C GLN A 57 3.22 9.89 2.71
N MET A 58 3.63 10.29 3.88
CA MET A 58 3.99 9.30 4.94
C MET A 58 2.89 8.24 5.03
N ALA A 59 1.66 8.63 4.82
CA ALA A 59 0.55 7.64 4.90
C ALA A 59 0.50 6.83 3.60
N GLU A 60 0.83 7.44 2.50
CA GLU A 60 0.80 6.71 1.20
C GLU A 60 1.84 5.58 1.23
N ILE A 61 2.99 5.85 1.78
CA ILE A 61 4.05 4.80 1.83
C ILE A 61 3.72 3.81 2.95
N ALA A 62 3.05 4.24 3.98
CA ALA A 62 2.70 3.33 5.09
C ALA A 62 1.65 2.31 4.61
N ALA A 63 0.84 2.69 3.67
CA ALA A 63 -0.19 1.75 3.15
C ALA A 63 0.50 0.51 2.57
N VAL A 64 1.56 0.70 1.84
CA VAL A 64 2.28 -0.47 1.24
C VAL A 64 3.08 -1.19 2.32
N GLU A 65 3.83 -0.46 3.11
CA GLU A 65 4.63 -1.11 4.18
C GLU A 65 3.72 -2.00 5.03
N PHE A 66 2.53 -1.54 5.33
CA PHE A 66 1.60 -2.36 6.15
C PHE A 66 1.38 -3.72 5.48
N ALA A 67 0.71 -3.72 4.35
CA ALA A 67 0.46 -5.00 3.64
C ALA A 67 1.78 -5.62 3.20
N CYS A 68 2.84 -4.88 3.25
CA CYS A 68 4.16 -5.43 2.83
C CYS A 68 4.60 -6.51 3.83
N LYS A 69 4.87 -6.12 5.06
CA LYS A 69 5.30 -7.12 6.07
C LYS A 69 4.20 -8.18 6.25
N LYS A 70 2.96 -7.77 6.30
CA LYS A 70 1.86 -8.75 6.47
C LYS A 70 1.79 -9.67 5.25
N ALA A 71 2.07 -9.14 4.09
CA ALA A 71 2.01 -9.99 2.85
C ALA A 71 2.99 -11.16 3.00
N LEU A 72 4.25 -10.88 3.16
CA LEU A 72 5.24 -11.99 3.30
C LEU A 72 4.83 -12.89 4.48
N LYS A 73 4.45 -12.31 5.58
CA LYS A 73 4.04 -13.13 6.76
C LYS A 73 3.15 -14.28 6.29
N ILE A 74 2.25 -14.00 5.38
CA ILE A 74 1.35 -15.08 4.86
C ILE A 74 2.21 -16.29 4.49
N PRO A 75 1.70 -17.51 4.74
CA PRO A 75 2.42 -18.75 4.43
C PRO A 75 2.60 -18.94 2.91
N GLY A 76 2.04 -18.05 2.13
CA GLY A 76 2.20 -18.18 0.65
C GLY A 76 2.43 -16.77 0.06
N PRO A 77 2.84 -16.72 -1.22
CA PRO A 77 3.10 -15.44 -1.90
C PRO A 77 1.81 -14.65 -2.13
N VAL A 78 1.70 -13.50 -1.53
CA VAL A 78 0.46 -12.68 -1.70
C VAL A 78 0.79 -11.42 -2.50
N LEU A 79 -0.17 -10.92 -3.25
CA LEU A 79 0.09 -9.70 -4.07
C LEU A 79 -0.58 -8.49 -3.40
N VAL A 80 0.11 -7.38 -3.36
CA VAL A 80 -0.49 -6.16 -2.73
C VAL A 80 -0.80 -5.13 -3.82
N ILE A 81 -1.98 -4.60 -3.84
CA ILE A 81 -2.33 -3.59 -4.87
C ILE A 81 -2.58 -2.24 -4.23
N THR A 82 -1.99 -1.20 -4.75
CA THR A 82 -2.19 0.15 -4.15
C THR A 82 -2.70 1.11 -5.23
N ASP A 83 -3.26 2.23 -4.82
CA ASP A 83 -3.77 3.21 -5.81
C ASP A 83 -2.65 4.15 -6.23
N SER A 84 -1.43 3.82 -5.90
CA SER A 84 -0.29 4.70 -6.28
C SER A 84 0.72 3.91 -7.10
N PHE A 85 1.06 4.38 -8.27
CA PHE A 85 2.04 3.64 -9.11
C PHE A 85 3.45 3.91 -8.61
N TYR A 86 3.75 5.14 -8.26
CA TYR A 86 5.10 5.47 -7.75
C TYR A 86 5.40 4.62 -6.51
N VAL A 87 4.54 4.64 -5.54
CA VAL A 87 4.77 3.82 -4.31
C VAL A 87 4.89 2.35 -4.70
N ALA A 88 3.94 1.84 -5.43
CA ALA A 88 4.00 0.41 -5.83
C ALA A 88 5.38 0.12 -6.43
N GLU A 89 5.80 0.88 -7.39
CA GLU A 89 7.13 0.65 -8.01
C GLU A 89 8.22 0.78 -6.93
N SER A 90 8.01 1.65 -5.98
CA SER A 90 9.02 1.83 -4.90
C SER A 90 9.34 0.47 -4.27
N ALA A 91 8.32 -0.30 -3.95
CA ALA A 91 8.56 -1.63 -3.35
C ALA A 91 8.57 -2.71 -4.45
N ASN A 92 8.36 -2.32 -5.67
CA ASN A 92 8.36 -3.31 -6.78
C ASN A 92 9.78 -3.54 -7.30
N LYS A 93 10.34 -2.58 -8.00
CA LYS A 93 11.72 -2.75 -8.52
C LYS A 93 12.65 -1.71 -7.89
N GLU A 94 12.15 -0.53 -7.65
CA GLU A 94 13.01 0.53 -7.03
C GLU A 94 13.53 0.05 -5.67
N LEU A 95 12.70 -0.63 -4.92
CA LEU A 95 13.14 -1.12 -3.58
C LEU A 95 14.44 -1.91 -3.73
N PRO A 96 14.40 -3.01 -4.52
CA PRO A 96 15.57 -3.86 -4.76
C PRO A 96 16.64 -3.13 -5.59
N TYR A 97 16.23 -2.27 -6.47
CA TYR A 97 17.22 -1.52 -7.29
C TYR A 97 17.94 -0.49 -6.42
N TRP A 98 17.21 0.17 -5.56
CA TRP A 98 17.84 1.19 -4.67
C TRP A 98 18.89 0.51 -3.78
N LYS A 99 18.56 -0.62 -3.23
CA LYS A 99 19.53 -1.33 -2.35
C LYS A 99 20.88 -1.46 -3.08
N SER A 100 20.85 -1.94 -4.29
CA SER A 100 22.13 -2.09 -5.05
C SER A 100 22.71 -0.70 -5.33
N ASN A 101 21.88 0.27 -5.56
CA ASN A 101 22.40 1.64 -5.85
C ASN A 101 23.09 2.19 -4.59
N GLY A 102 22.70 1.72 -3.44
CA GLY A 102 23.34 2.23 -2.18
C GLY A 102 22.45 3.30 -1.56
N PHE A 103 21.17 3.24 -1.78
CA PHE A 103 20.26 4.26 -1.20
C PHE A 103 20.62 5.65 -1.74
N VAL A 104 21.12 5.71 -2.95
CA VAL A 104 21.49 7.02 -3.53
C VAL A 104 20.66 7.28 -4.79
N ASN A 105 20.11 8.46 -4.92
CA ASN A 105 19.29 8.76 -6.12
C ASN A 105 20.20 9.22 -7.26
N ASN A 106 19.88 8.85 -8.47
CA ASN A 106 20.73 9.25 -9.62
C ASN A 106 20.95 10.77 -9.59
N LYS A 107 19.98 11.51 -9.12
CA LYS A 107 20.13 12.99 -9.07
C LYS A 107 21.05 13.36 -7.89
N LYS A 108 21.58 14.55 -7.89
CA LYS A 108 22.47 14.97 -6.78
C LYS A 108 21.75 14.81 -5.45
N LYS A 109 20.45 14.98 -5.44
CA LYS A 109 19.69 14.84 -4.18
C LYS A 109 19.65 13.36 -3.77
N PRO A 110 19.82 13.09 -2.46
CA PRO A 110 19.80 11.72 -1.93
C PRO A 110 18.40 11.10 -1.98
N LEU A 111 18.29 9.83 -1.73
CA LEU A 111 16.95 9.17 -1.76
C LEU A 111 16.15 9.59 -0.52
N LYS A 112 14.90 9.93 -0.70
CA LYS A 112 14.07 10.36 0.46
C LYS A 112 13.26 9.16 0.97
N HIS A 113 12.98 9.12 2.24
CA HIS A 113 12.19 7.99 2.79
C HIS A 113 13.01 6.69 2.67
N ILE A 114 14.30 6.78 2.79
CA ILE A 114 15.15 5.56 2.69
C ILE A 114 14.79 4.59 3.82
N SER A 115 14.68 5.09 5.03
CA SER A 115 14.33 4.19 6.17
C SER A 115 12.97 3.54 5.91
N LYS A 116 12.03 4.31 5.44
CA LYS A 116 10.67 3.74 5.16
C LYS A 116 10.81 2.60 4.15
N TRP A 117 11.53 2.82 3.09
CA TRP A 117 11.71 1.74 2.07
C TRP A 117 12.58 0.62 2.65
N LYS A 118 13.47 0.96 3.54
CA LYS A 118 14.35 -0.09 4.14
C LYS A 118 13.47 -1.13 4.86
N SER A 119 12.47 -0.69 5.57
CA SER A 119 11.59 -1.65 6.29
C SER A 119 10.98 -2.64 5.29
N ILE A 120 10.58 -2.16 4.14
CA ILE A 120 9.98 -3.07 3.13
C ILE A 120 11.07 -3.95 2.51
N ALA A 121 12.26 -3.42 2.39
CA ALA A 121 13.36 -4.22 1.79
C ALA A 121 13.68 -5.40 2.71
N GLU A 122 13.62 -5.21 4.00
CA GLU A 122 13.92 -6.34 4.93
C GLU A 122 12.94 -7.48 4.69
N CYS A 123 11.71 -7.17 4.33
CA CYS A 123 10.71 -8.24 4.08
C CYS A 123 10.95 -8.84 2.69
N LEU A 124 11.04 -8.00 1.69
CA LEU A 124 11.26 -8.53 0.31
C LEU A 124 12.59 -9.30 0.26
N SER A 125 13.57 -8.86 1.00
CA SER A 125 14.88 -9.56 1.00
C SER A 125 14.68 -11.01 1.45
N MET A 126 13.76 -11.25 2.34
CA MET A 126 13.51 -12.64 2.81
C MET A 126 12.92 -13.47 1.66
N LYS A 127 12.13 -12.86 0.83
CA LYS A 127 11.52 -13.61 -0.30
C LYS A 127 10.75 -12.64 -1.20
N PRO A 128 11.03 -12.70 -2.51
CA PRO A 128 10.37 -11.82 -3.49
C PRO A 128 8.90 -12.20 -3.69
N ASP A 129 8.45 -13.23 -3.02
CA ASP A 129 7.03 -13.65 -3.15
C ASP A 129 6.13 -12.41 -3.12
N ILE A 130 6.39 -11.50 -2.23
CA ILE A 130 5.55 -10.28 -2.15
C ILE A 130 5.48 -9.60 -3.52
N THR A 131 4.30 -9.49 -4.08
CA THR A 131 4.17 -8.84 -5.41
C THR A 131 3.26 -7.61 -5.28
N ILE A 132 3.68 -6.49 -5.76
CA ILE A 132 2.84 -5.27 -5.66
C ILE A 132 2.32 -4.85 -7.03
N GLN A 133 1.12 -4.35 -7.08
CA GLN A 133 0.54 -3.93 -8.39
C GLN A 133 -0.07 -2.53 -8.24
N HIS A 134 -0.16 -1.79 -9.31
CA HIS A 134 -0.75 -0.42 -9.22
C HIS A 134 -2.16 -0.44 -9.79
N GLU A 135 -3.11 0.07 -9.07
CA GLU A 135 -4.52 0.09 -9.57
C GLU A 135 -5.02 1.53 -9.58
N LYS A 136 -5.80 1.89 -10.56
CA LYS A 136 -6.33 3.28 -10.63
C LYS A 136 -7.82 3.29 -10.31
N GLY A 137 -8.25 4.16 -9.44
CA GLY A 137 -9.70 4.21 -9.08
C GLY A 137 -10.28 5.56 -9.52
N HIS A 138 -9.50 6.37 -10.19
CA HIS A 138 -10.02 7.68 -10.65
C HIS A 138 -11.20 7.47 -11.59
N GLN A 139 -11.17 6.42 -12.36
CA GLN A 139 -12.30 6.15 -13.30
C GLN A 139 -13.32 5.24 -12.62
N PRO A 140 -14.52 5.79 -12.32
CA PRO A 140 -15.60 5.04 -11.66
C PRO A 140 -16.20 3.98 -12.60
N THR A 141 -16.09 4.17 -13.88
CA THR A 141 -16.65 3.18 -14.84
C THR A 141 -15.67 2.02 -15.02
N ASN A 142 -16.08 0.98 -15.69
CA ASN A 142 -15.17 -0.18 -15.90
C ASN A 142 -14.79 -0.76 -14.53
N THR A 143 -15.76 -1.02 -13.69
CA THR A 143 -15.44 -1.59 -12.36
C THR A 143 -15.00 -3.05 -12.51
N SER A 144 -14.04 -3.48 -11.75
CA SER A 144 -13.55 -4.88 -11.86
C SER A 144 -13.42 -5.49 -10.46
N ILE A 145 -13.18 -6.77 -10.37
CA ILE A 145 -13.04 -7.41 -9.03
C ILE A 145 -11.97 -6.69 -8.23
N HIS A 146 -10.87 -6.35 -8.86
CA HIS A 146 -9.78 -5.65 -8.13
C HIS A 146 -10.27 -4.26 -7.68
N THR A 147 -11.03 -3.60 -8.51
CA THR A 147 -11.54 -2.25 -8.14
C THR A 147 -12.47 -2.38 -6.92
N GLU A 148 -13.24 -3.42 -6.86
CA GLU A 148 -14.17 -3.59 -5.70
C GLU A 148 -13.40 -3.39 -4.40
N GLY A 149 -12.24 -3.98 -4.28
CA GLY A 149 -11.44 -3.82 -3.03
C GLY A 149 -11.08 -2.35 -2.84
N ASN A 150 -10.78 -1.67 -3.91
CA ASN A 150 -10.42 -0.23 -3.79
C ASN A 150 -11.57 0.54 -3.13
N ALA A 151 -12.78 0.25 -3.51
CA ALA A 151 -13.95 0.96 -2.90
C ALA A 151 -13.99 0.68 -1.40
N LEU A 152 -13.95 -0.57 -1.02
CA LEU A 152 -13.99 -0.90 0.43
C LEU A 152 -12.82 -0.24 1.15
N ALA A 153 -11.64 -0.32 0.59
CA ALA A 153 -10.45 0.30 1.23
C ALA A 153 -10.72 1.79 1.44
N ASP A 154 -11.29 2.44 0.47
CA ASP A 154 -11.57 3.90 0.61
C ASP A 154 -12.49 4.13 1.81
N LYS A 155 -13.42 3.24 2.04
CA LYS A 155 -14.34 3.41 3.20
C LYS A 155 -13.54 3.37 4.50
N LEU A 156 -12.60 2.47 4.61
CA LEU A 156 -11.79 2.37 5.86
C LEU A 156 -10.80 3.54 5.91
N ALA A 157 -10.30 3.95 4.79
CA ALA A 157 -9.33 5.09 4.78
C ALA A 157 -10.02 6.35 5.28
N THR A 158 -11.25 6.58 4.88
CA THR A 158 -11.97 7.80 5.34
C THR A 158 -12.27 7.68 6.84
N GLN A 159 -12.64 6.51 7.28
CA GLN A 159 -12.96 6.33 8.73
C GLN A 159 -11.71 6.62 9.56
N GLY A 160 -10.56 6.30 9.05
CA GLY A 160 -9.30 6.56 9.81
C GLY A 160 -9.12 8.07 10.01
N SER A 161 -9.57 8.85 9.08
CA SER A 161 -9.42 10.33 9.21
C SER A 161 -10.26 10.83 10.39
N TYR A 162 -11.40 10.21 10.61
CA TYR A 162 -12.26 10.66 11.75
C TYR A 162 -11.58 10.31 13.07
N VAL A 163 -10.74 9.31 13.08
CA VAL A 163 -10.05 8.94 14.34
C VAL A 163 -9.31 10.16 14.91
N VAL A 164 -8.69 10.94 14.06
CA VAL A 164 -7.96 12.14 14.54
C VAL A 164 -8.94 13.05 15.30
N ASN A 165 -10.13 13.19 14.81
CA ASN A 165 -11.12 14.06 15.51
C ASN A 165 -12.31 13.22 15.99
N GLY A 1 0.49 -15.93 -13.09
CA GLY A 1 -0.68 -15.69 -13.99
C GLY A 1 -1.97 -16.15 -13.29
N ALA A 2 -2.10 -17.43 -13.04
CA ALA A 2 -3.32 -17.93 -12.37
C ALA A 2 -3.39 -17.36 -10.94
N MET A 3 -4.56 -17.00 -10.51
CA MET A 3 -4.70 -16.43 -9.14
C MET A 3 -4.35 -17.50 -8.11
N GLY A 4 -4.60 -18.75 -8.41
CA GLY A 4 -4.29 -19.83 -7.46
C GLY A 4 -2.81 -19.77 -7.07
N GLN A 5 -1.98 -19.27 -7.94
CA GLN A 5 -0.53 -19.18 -7.63
C GLN A 5 -0.33 -18.51 -6.28
N TYR A 6 -1.10 -17.50 -5.98
CA TYR A 6 -0.96 -16.81 -4.67
C TYR A 6 -2.11 -17.22 -3.74
N GLU A 7 -1.99 -16.94 -2.48
CA GLU A 7 -3.08 -17.31 -1.54
C GLU A 7 -4.24 -16.33 -1.69
N GLY A 8 -3.93 -15.09 -2.01
CA GLY A 8 -5.00 -14.07 -2.19
C GLY A 8 -4.36 -12.74 -2.58
N VAL A 9 -5.12 -11.67 -2.51
CA VAL A 9 -4.56 -10.35 -2.86
C VAL A 9 -5.02 -9.32 -1.84
N PHE A 10 -4.18 -8.38 -1.48
CA PHE A 10 -4.59 -7.37 -0.47
C PHE A 10 -4.65 -5.98 -1.12
N TYR A 11 -5.55 -5.15 -0.68
CA TYR A 11 -5.68 -3.79 -1.26
C TYR A 11 -5.42 -2.74 -0.18
N THR A 12 -4.40 -1.95 -0.35
CA THR A 12 -4.09 -0.91 0.68
C THR A 12 -4.49 0.47 0.15
N ASP A 13 -4.74 1.40 1.02
CA ASP A 13 -5.14 2.77 0.55
C ASP A 13 -4.67 3.80 1.58
N GLY A 14 -4.29 4.96 1.13
CA GLY A 14 -3.83 6.02 2.07
C GLY A 14 -4.22 7.40 1.52
N SER A 15 -5.02 8.13 2.24
CA SER A 15 -5.44 9.48 1.75
C SER A 15 -5.27 10.50 2.87
N ALA A 16 -5.02 11.73 2.53
CA ALA A 16 -4.84 12.78 3.58
C ALA A 16 -5.96 13.81 3.48
N ILE A 17 -6.54 14.19 4.59
CA ILE A 17 -7.63 15.19 4.56
C ILE A 17 -7.15 16.50 5.19
N LYS A 18 -7.55 17.62 4.66
CA LYS A 18 -7.10 18.91 5.23
C LYS A 18 -8.13 19.40 6.27
N SER A 19 -7.66 19.94 7.36
CA SER A 19 -8.59 20.43 8.41
C SER A 19 -8.76 21.95 8.26
N PRO A 20 -9.59 22.57 9.13
CA PRO A 20 -9.83 24.01 9.09
C PRO A 20 -8.61 24.80 9.57
N ASP A 21 -7.77 24.18 10.37
CA ASP A 21 -6.56 24.89 10.88
C ASP A 21 -5.32 24.04 10.61
N PRO A 22 -5.04 23.76 9.32
CA PRO A 22 -3.89 22.95 8.92
C PRO A 22 -2.60 23.78 8.89
N THR A 23 -2.12 24.18 10.03
CA THR A 23 -0.86 24.99 10.06
C THR A 23 0.24 24.21 9.33
N LYS A 24 0.20 22.91 9.38
CA LYS A 24 1.24 22.10 8.69
C LYS A 24 0.98 20.61 8.93
N SER A 25 -0.27 20.23 9.04
CA SER A 25 -0.58 18.79 9.28
C SER A 25 -1.96 18.47 8.72
N ASN A 26 -2.11 17.34 8.08
CA ASN A 26 -3.42 16.96 7.51
C ASN A 26 -3.92 15.68 8.18
N ASN A 27 -5.18 15.36 8.02
CA ASN A 27 -5.72 14.12 8.65
C ASN A 27 -5.76 13.01 7.59
N ALA A 28 -4.77 12.15 7.59
CA ALA A 28 -4.76 11.04 6.59
C ALA A 28 -4.97 9.72 7.30
N GLY A 29 -5.46 8.73 6.60
CA GLY A 29 -5.69 7.40 7.23
C GLY A 29 -5.39 6.30 6.21
N MET A 30 -5.05 5.13 6.67
CA MET A 30 -4.74 4.01 5.73
C MET A 30 -5.77 2.89 5.91
N GLY A 31 -5.97 2.08 4.91
CA GLY A 31 -6.97 0.98 5.03
C GLY A 31 -6.53 -0.20 4.17
N ILE A 32 -6.40 -1.36 4.76
CA ILE A 32 -5.98 -2.55 3.97
C ILE A 32 -7.10 -3.59 4.00
N VAL A 33 -7.43 -4.17 2.87
CA VAL A 33 -8.52 -5.18 2.85
C VAL A 33 -8.01 -6.46 2.19
N HIS A 34 -8.25 -7.58 2.81
CA HIS A 34 -7.80 -8.88 2.22
C HIS A 34 -8.99 -9.58 1.57
N ALA A 35 -8.83 -10.03 0.36
CA ALA A 35 -9.96 -10.72 -0.33
C ALA A 35 -9.48 -12.04 -0.92
N THR A 36 -10.38 -12.95 -1.19
CA THR A 36 -9.97 -14.26 -1.77
C THR A 36 -10.62 -14.41 -3.15
N TYR A 37 -10.10 -15.29 -3.97
CA TYR A 37 -10.68 -15.48 -5.32
C TYR A 37 -11.49 -16.77 -5.36
N LYS A 38 -11.71 -17.38 -4.22
CA LYS A 38 -12.50 -18.64 -4.17
C LYS A 38 -13.84 -18.40 -4.89
N PRO A 39 -14.71 -19.41 -4.94
CA PRO A 39 -16.02 -19.28 -5.62
C PRO A 39 -16.93 -18.29 -4.88
N GLU A 40 -16.49 -17.76 -3.78
CA GLU A 40 -17.33 -16.77 -3.04
C GLU A 40 -16.46 -15.56 -2.69
N TYR A 41 -16.65 -14.47 -3.37
CA TYR A 41 -15.83 -13.26 -3.07
C TYR A 41 -16.18 -12.74 -1.67
N GLN A 42 -15.20 -12.58 -0.83
CA GLN A 42 -15.47 -12.08 0.55
C GLN A 42 -14.18 -11.54 1.15
N VAL A 43 -14.29 -10.61 2.07
CA VAL A 43 -13.07 -10.03 2.69
C VAL A 43 -12.61 -10.95 3.83
N LEU A 44 -11.38 -11.40 3.79
CA LEU A 44 -10.88 -12.30 4.87
C LEU A 44 -10.63 -11.48 6.13
N ASN A 45 -10.06 -10.32 5.99
CA ASN A 45 -9.78 -9.47 7.19
C ASN A 45 -9.61 -8.02 6.77
N GLN A 46 -9.97 -7.09 7.61
CA GLN A 46 -9.82 -5.65 7.25
C GLN A 46 -8.83 -4.98 8.20
N TRP A 47 -8.11 -4.01 7.74
CA TRP A 47 -7.12 -3.33 8.63
C TRP A 47 -7.30 -1.81 8.51
N SER A 48 -7.38 -1.13 9.61
CA SER A 48 -7.55 0.35 9.58
C SER A 48 -6.42 1.02 10.35
N ILE A 49 -5.92 2.13 9.88
CA ILE A 49 -4.82 2.83 10.60
C ILE A 49 -4.93 4.33 10.35
N PRO A 50 -5.57 5.05 11.29
CA PRO A 50 -5.73 6.51 11.19
C PRO A 50 -4.40 7.25 11.36
N LEU A 51 -4.07 8.12 10.45
CA LEU A 51 -2.79 8.87 10.56
C LEU A 51 -3.08 10.34 10.83
N GLY A 52 -2.27 10.97 11.65
CA GLY A 52 -2.51 12.41 11.95
C GLY A 52 -1.22 13.21 11.69
N ASN A 53 -0.10 12.69 12.08
CA ASN A 53 1.18 13.41 11.85
C ASN A 53 1.79 12.96 10.52
N HIS A 54 1.06 12.21 9.74
CA HIS A 54 1.60 11.74 8.44
C HIS A 54 0.85 12.44 7.31
N THR A 55 1.52 12.70 6.21
CA THR A 55 0.86 13.39 5.07
C THR A 55 0.27 12.33 4.12
N ALA A 56 -0.34 12.76 3.05
CA ALA A 56 -0.93 11.79 2.09
C ALA A 56 0.15 10.81 1.62
N GLN A 57 1.29 11.32 1.24
CA GLN A 57 2.39 10.42 0.77
C GLN A 57 2.81 9.50 1.91
N MET A 58 3.29 10.05 2.99
CA MET A 58 3.73 9.20 4.14
C MET A 58 2.69 8.11 4.38
N ALA A 59 1.45 8.39 4.14
CA ALA A 59 0.38 7.36 4.36
C ALA A 59 0.42 6.35 3.23
N GLU A 60 0.81 6.77 2.05
CA GLU A 60 0.87 5.82 0.90
C GLU A 60 2.01 4.83 1.11
N ILE A 61 3.12 5.29 1.63
CA ILE A 61 4.27 4.37 1.86
C ILE A 61 3.96 3.45 3.03
N ALA A 62 3.26 3.95 4.02
CA ALA A 62 2.92 3.09 5.19
C ALA A 62 1.91 2.03 4.78
N ALA A 63 1.05 2.34 3.85
CA ALA A 63 0.04 1.34 3.40
C ALA A 63 0.75 0.16 2.73
N VAL A 64 1.76 0.43 1.95
CA VAL A 64 2.49 -0.66 1.27
C VAL A 64 3.32 -1.44 2.29
N GLU A 65 3.94 -0.75 3.21
CA GLU A 65 4.76 -1.44 4.23
C GLU A 65 3.85 -2.28 5.13
N PHE A 66 2.70 -1.76 5.46
CA PHE A 66 1.76 -2.52 6.33
C PHE A 66 1.42 -3.85 5.67
N ALA A 67 0.80 -3.82 4.52
CA ALA A 67 0.44 -5.08 3.82
C ALA A 67 1.71 -5.82 3.43
N CYS A 68 2.71 -5.12 2.98
CA CYS A 68 3.98 -5.79 2.58
C CYS A 68 4.34 -6.86 3.61
N LYS A 69 4.58 -6.47 4.83
CA LYS A 69 4.93 -7.47 5.87
C LYS A 69 3.79 -8.49 6.01
N LYS A 70 2.57 -8.02 6.08
CA LYS A 70 1.43 -8.96 6.20
C LYS A 70 1.45 -9.97 5.05
N ALA A 71 1.81 -9.53 3.87
CA ALA A 71 1.87 -10.45 2.72
C ALA A 71 2.86 -11.58 3.01
N LEU A 72 4.12 -11.25 3.14
CA LEU A 72 5.13 -12.31 3.43
C LEU A 72 4.65 -13.19 4.57
N LYS A 73 4.18 -12.59 5.64
CA LYS A 73 3.67 -13.39 6.80
C LYS A 73 2.84 -14.56 6.27
N ILE A 74 2.01 -14.31 5.30
CA ILE A 74 1.18 -15.40 4.73
C ILE A 74 2.06 -16.60 4.41
N PRO A 75 1.55 -17.82 4.61
CA PRO A 75 2.31 -19.05 4.34
C PRO A 75 2.62 -19.21 2.85
N GLY A 76 2.12 -18.33 2.03
CA GLY A 76 2.39 -18.42 0.57
C GLY A 76 2.54 -17.00 0.01
N PRO A 77 2.94 -16.89 -1.26
CA PRO A 77 3.12 -15.59 -1.91
C PRO A 77 1.78 -14.88 -2.14
N VAL A 78 1.62 -13.71 -1.59
CA VAL A 78 0.35 -12.97 -1.76
C VAL A 78 0.61 -11.68 -2.55
N LEU A 79 -0.38 -11.17 -3.24
CA LEU A 79 -0.16 -9.94 -4.04
C LEU A 79 -0.64 -8.71 -3.24
N VAL A 80 0.09 -7.63 -3.30
CA VAL A 80 -0.32 -6.41 -2.56
C VAL A 80 -0.59 -5.28 -3.57
N ILE A 81 -1.77 -4.74 -3.57
CA ILE A 81 -2.08 -3.64 -4.53
C ILE A 81 -2.16 -2.31 -3.77
N THR A 82 -1.68 -1.25 -4.39
CA THR A 82 -1.72 0.08 -3.71
C THR A 82 -2.37 1.10 -4.64
N ASP A 83 -2.81 2.21 -4.11
CA ASP A 83 -3.45 3.24 -4.97
C ASP A 83 -2.37 4.19 -5.50
N SER A 84 -1.13 3.88 -5.28
CA SER A 84 -0.04 4.77 -5.79
C SER A 84 0.92 3.94 -6.65
N PHE A 85 1.21 4.42 -7.84
CA PHE A 85 2.14 3.67 -8.72
C PHE A 85 3.59 3.89 -8.27
N TYR A 86 3.91 5.09 -7.86
CA TYR A 86 5.30 5.36 -7.41
C TYR A 86 5.60 4.53 -6.17
N VAL A 87 4.72 4.53 -5.21
CA VAL A 87 4.96 3.73 -3.96
C VAL A 87 5.12 2.26 -4.34
N ALA A 88 4.17 1.71 -5.05
CA ALA A 88 4.28 0.28 -5.45
C ALA A 88 5.66 0.01 -6.03
N GLU A 89 6.05 0.76 -7.02
CA GLU A 89 7.40 0.55 -7.64
C GLU A 89 8.47 0.66 -6.55
N SER A 90 8.27 1.54 -5.60
CA SER A 90 9.27 1.70 -4.52
C SER A 90 9.57 0.34 -3.88
N ALA A 91 8.55 -0.42 -3.58
CA ALA A 91 8.78 -1.76 -2.96
C ALA A 91 8.84 -2.82 -4.06
N ASN A 92 8.68 -2.43 -5.29
CA ASN A 92 8.73 -3.44 -6.39
C ASN A 92 10.18 -3.60 -6.87
N LYS A 93 10.69 -2.64 -7.58
CA LYS A 93 12.09 -2.74 -8.08
C LYS A 93 12.89 -1.50 -7.66
N GLU A 94 12.24 -0.38 -7.52
CA GLU A 94 12.96 0.85 -7.11
C GLU A 94 13.64 0.64 -5.76
N LEU A 95 13.09 -0.21 -4.93
CA LEU A 95 13.71 -0.45 -3.59
C LEU A 95 15.15 -0.95 -3.78
N PRO A 96 15.30 -2.10 -4.44
CA PRO A 96 16.62 -2.69 -4.71
C PRO A 96 17.45 -1.82 -5.64
N TYR A 97 16.82 -1.13 -6.54
CA TYR A 97 17.57 -0.25 -7.48
C TYR A 97 18.16 0.92 -6.69
N TRP A 98 17.42 1.43 -5.75
CA TRP A 98 17.92 2.58 -4.94
C TRP A 98 19.18 2.13 -4.18
N LYS A 99 19.10 1.05 -3.45
CA LYS A 99 20.28 0.57 -2.69
C LYS A 99 21.53 0.66 -3.58
N SER A 100 21.41 0.30 -4.82
CA SER A 100 22.59 0.38 -5.74
C SER A 100 23.10 1.82 -5.80
N ASN A 101 22.21 2.77 -5.87
CA ASN A 101 22.64 4.19 -5.94
C ASN A 101 22.89 4.72 -4.52
N GLY A 102 22.83 3.85 -3.54
CA GLY A 102 23.05 4.30 -2.13
C GLY A 102 21.75 4.89 -1.58
N PHE A 103 20.63 4.37 -2.00
CA PHE A 103 19.34 4.91 -1.50
C PHE A 103 19.18 6.37 -1.92
N VAL A 104 19.68 6.72 -3.06
CA VAL A 104 19.56 8.13 -3.54
C VAL A 104 18.82 8.17 -4.87
N ASN A 105 17.72 8.86 -4.93
CA ASN A 105 16.96 8.95 -6.21
C ASN A 105 17.89 9.41 -7.34
N ASN A 106 18.66 10.43 -7.10
CA ASN A 106 19.59 10.92 -8.16
C ASN A 106 20.85 11.49 -7.51
N LYS A 107 21.81 11.88 -8.29
CA LYS A 107 23.07 12.46 -7.72
C LYS A 107 22.72 13.67 -6.86
N LYS A 108 21.70 14.39 -7.21
CA LYS A 108 21.32 15.59 -6.41
C LYS A 108 19.91 15.40 -5.85
N LYS A 109 19.39 14.19 -5.90
CA LYS A 109 18.03 13.95 -5.36
C LYS A 109 18.04 12.70 -4.49
N PRO A 110 18.31 12.87 -3.18
CA PRO A 110 18.36 11.77 -2.23
C PRO A 110 16.96 11.19 -1.95
N LEU A 111 16.89 9.93 -1.60
CA LEU A 111 15.57 9.31 -1.33
C LEU A 111 15.06 9.80 0.02
N LYS A 112 13.76 9.95 0.16
CA LYS A 112 13.19 10.43 1.45
C LYS A 112 12.57 9.25 2.20
N HIS A 113 12.75 9.20 3.50
CA HIS A 113 12.15 8.08 4.29
C HIS A 113 12.80 6.76 3.87
N ILE A 114 14.07 6.77 3.58
CA ILE A 114 14.75 5.51 3.18
C ILE A 114 14.50 4.44 4.24
N SER A 115 14.62 4.80 5.49
CA SER A 115 14.39 3.79 6.57
C SER A 115 13.07 3.08 6.32
N LYS A 116 12.03 3.81 6.00
CA LYS A 116 10.71 3.16 5.73
C LYS A 116 10.86 2.16 4.58
N TRP A 117 11.49 2.56 3.51
CA TRP A 117 11.67 1.63 2.35
C TRP A 117 12.59 0.48 2.78
N LYS A 118 13.59 0.77 3.56
CA LYS A 118 14.52 -0.31 4.00
C LYS A 118 13.73 -1.40 4.71
N SER A 119 12.86 -1.04 5.61
CA SER A 119 12.06 -2.07 6.34
C SER A 119 11.29 -2.92 5.32
N ILE A 120 10.76 -2.31 4.30
CA ILE A 120 10.00 -3.08 3.28
C ILE A 120 10.95 -4.03 2.54
N ALA A 121 12.15 -3.59 2.28
CA ALA A 121 13.12 -4.47 1.57
C ALA A 121 13.46 -5.68 2.44
N GLU A 122 13.47 -5.51 3.73
CA GLU A 122 13.78 -6.66 4.62
C GLU A 122 12.85 -7.82 4.31
N CYS A 123 11.61 -7.55 4.01
CA CYS A 123 10.66 -8.64 3.68
C CYS A 123 10.86 -9.07 2.22
N LEU A 124 10.88 -8.14 1.32
CA LEU A 124 11.07 -8.48 -0.11
C LEU A 124 12.44 -9.15 -0.30
N SER A 125 13.41 -8.76 0.48
CA SER A 125 14.76 -9.36 0.34
C SER A 125 14.71 -10.84 0.73
N MET A 126 13.86 -11.18 1.67
CA MET A 126 13.77 -12.61 2.10
C MET A 126 13.22 -13.44 0.93
N LYS A 127 12.34 -12.89 0.15
CA LYS A 127 11.77 -13.64 -1.00
C LYS A 127 10.83 -12.74 -1.80
N PRO A 128 10.87 -12.85 -3.14
CA PRO A 128 10.04 -12.05 -4.03
C PRO A 128 8.56 -12.45 -3.94
N ASP A 129 8.25 -13.42 -3.13
CA ASP A 129 6.84 -13.87 -2.99
C ASP A 129 5.93 -12.64 -2.90
N ILE A 130 6.27 -11.69 -2.06
CA ILE A 130 5.44 -10.47 -1.92
C ILE A 130 5.32 -9.78 -3.28
N THR A 131 4.14 -9.73 -3.84
CA THR A 131 3.98 -9.06 -5.16
C THR A 131 3.30 -7.71 -4.96
N ILE A 132 3.63 -6.74 -5.77
CA ILE A 132 3.00 -5.39 -5.62
C ILE A 132 2.30 -5.00 -6.92
N GLN A 133 1.18 -4.35 -6.83
CA GLN A 133 0.47 -3.93 -8.07
C GLN A 133 -0.03 -2.49 -7.91
N HIS A 134 -0.41 -1.86 -8.98
CA HIS A 134 -0.89 -0.44 -8.87
C HIS A 134 -2.38 -0.39 -9.23
N GLU A 135 -3.14 0.38 -8.50
CA GLU A 135 -4.59 0.49 -8.79
C GLU A 135 -4.83 1.59 -9.82
N LYS A 136 -5.91 1.50 -10.56
CA LYS A 136 -6.19 2.55 -11.58
C LYS A 136 -7.16 3.58 -11.01
N GLY A 137 -7.06 3.85 -9.73
CA GLY A 137 -7.98 4.85 -9.10
C GLY A 137 -9.43 4.36 -9.27
N HIS A 138 -10.26 5.16 -9.87
CA HIS A 138 -11.67 4.76 -10.06
C HIS A 138 -11.94 4.46 -11.54
N GLN A 139 -12.78 3.50 -11.82
CA GLN A 139 -13.08 3.17 -13.25
C GLN A 139 -14.56 3.41 -13.52
N PRO A 140 -14.93 3.52 -14.80
CA PRO A 140 -16.31 3.76 -15.23
C PRO A 140 -17.19 2.52 -14.98
N THR A 141 -16.59 1.38 -14.78
CA THR A 141 -17.38 0.14 -14.54
C THR A 141 -16.86 -0.55 -13.29
N ASN A 142 -17.72 -0.89 -12.37
CA ASN A 142 -17.27 -1.57 -11.13
C ASN A 142 -17.38 -3.08 -11.32
N THR A 143 -17.63 -3.53 -12.51
CA THR A 143 -17.75 -5.00 -12.76
C THR A 143 -16.43 -5.68 -12.36
N SER A 144 -15.32 -5.05 -12.63
CA SER A 144 -14.01 -5.67 -12.27
C SER A 144 -13.98 -5.95 -10.76
N ILE A 145 -13.46 -7.08 -10.38
CA ILE A 145 -13.40 -7.41 -8.92
C ILE A 145 -12.36 -6.53 -8.24
N HIS A 146 -11.37 -6.08 -8.96
CA HIS A 146 -10.33 -5.22 -8.35
C HIS A 146 -10.95 -3.86 -7.96
N THR A 147 -11.90 -3.40 -8.73
CA THR A 147 -12.54 -2.10 -8.41
C THR A 147 -13.25 -2.19 -7.07
N GLU A 148 -13.91 -3.29 -6.81
CA GLU A 148 -14.63 -3.43 -5.52
C GLU A 148 -13.64 -3.31 -4.36
N GLY A 149 -12.45 -3.82 -4.53
CA GLY A 149 -11.44 -3.73 -3.43
C GLY A 149 -11.03 -2.27 -3.23
N ASN A 150 -11.06 -1.48 -4.27
CA ASN A 150 -10.68 -0.05 -4.13
C ASN A 150 -11.78 0.70 -3.37
N ALA A 151 -13.01 0.32 -3.54
CA ALA A 151 -14.11 1.01 -2.83
C ALA A 151 -14.02 0.70 -1.33
N LEU A 152 -13.94 -0.55 -0.98
CA LEU A 152 -13.85 -0.91 0.47
C LEU A 152 -12.61 -0.25 1.08
N ALA A 153 -11.48 -0.36 0.44
CA ALA A 153 -10.25 0.26 0.99
C ALA A 153 -10.48 1.76 1.22
N ASP A 154 -11.18 2.40 0.32
CA ASP A 154 -11.44 3.86 0.48
C ASP A 154 -12.29 4.10 1.73
N LYS A 155 -13.15 3.18 2.06
CA LYS A 155 -14.01 3.35 3.27
C LYS A 155 -13.13 3.29 4.53
N LEU A 156 -12.20 2.38 4.58
CA LEU A 156 -11.32 2.28 5.78
C LEU A 156 -10.33 3.45 5.80
N ALA A 157 -9.94 3.93 4.65
CA ALA A 157 -8.98 5.06 4.61
C ALA A 157 -9.69 6.34 5.05
N THR A 158 -10.68 6.77 4.32
CA THR A 158 -11.41 8.02 4.69
C THR A 158 -12.00 7.85 6.10
N GLN A 159 -12.58 6.73 6.39
CA GLN A 159 -13.18 6.52 7.74
C GLN A 159 -12.09 6.62 8.80
N GLY A 160 -10.90 6.20 8.49
CA GLY A 160 -9.79 6.28 9.49
C GLY A 160 -9.43 7.74 9.74
N SER A 161 -9.58 8.58 8.75
CA SER A 161 -9.24 10.02 8.93
C SER A 161 -10.22 10.65 9.93
N TYR A 162 -11.42 10.15 9.99
CA TYR A 162 -12.43 10.72 10.94
C TYR A 162 -12.10 10.27 12.36
N VAL A 163 -11.37 9.19 12.49
CA VAL A 163 -11.01 8.70 13.86
C VAL A 163 -10.06 9.70 14.52
N VAL A 164 -9.08 10.18 13.80
CA VAL A 164 -8.13 11.16 14.39
C VAL A 164 -8.87 12.43 14.77
N ASN A 165 -9.89 12.78 14.02
CA ASN A 165 -10.66 14.01 14.34
C ASN A 165 -9.75 15.24 14.18
N GLY A 1 -4.29 -19.39 -13.37
CA GLY A 1 -3.91 -18.89 -14.72
C GLY A 1 -3.01 -17.67 -14.57
N ALA A 2 -3.37 -16.58 -15.20
CA ALA A 2 -2.54 -15.34 -15.10
C ALA A 2 -2.56 -14.84 -13.65
N MET A 3 -3.56 -15.20 -12.90
CA MET A 3 -3.63 -14.74 -11.49
C MET A 3 -2.49 -15.37 -10.68
N GLY A 4 -2.07 -16.54 -11.05
CA GLY A 4 -0.96 -17.21 -10.31
C GLY A 4 -1.53 -18.05 -9.18
N GLN A 5 -2.77 -17.82 -8.81
CA GLN A 5 -3.39 -18.61 -7.72
C GLN A 5 -2.61 -18.38 -6.42
N TYR A 6 -2.14 -17.17 -6.20
CA TYR A 6 -1.38 -16.89 -4.95
C TYR A 6 -2.24 -17.24 -3.74
N GLU A 7 -1.70 -17.08 -2.56
CA GLU A 7 -2.49 -17.40 -1.34
C GLU A 7 -3.69 -16.44 -1.24
N GLY A 8 -3.50 -15.20 -1.60
CA GLY A 8 -4.61 -14.23 -1.53
C GLY A 8 -4.14 -12.86 -2.04
N VAL A 9 -4.98 -11.87 -1.96
CA VAL A 9 -4.59 -10.51 -2.45
C VAL A 9 -4.99 -9.46 -1.41
N PHE A 10 -4.19 -8.45 -1.22
CA PHE A 10 -4.52 -7.41 -0.23
C PHE A 10 -4.56 -6.03 -0.91
N TYR A 11 -5.50 -5.20 -0.55
CA TYR A 11 -5.58 -3.85 -1.18
C TYR A 11 -5.28 -2.79 -0.13
N THR A 12 -4.43 -1.85 -0.44
CA THR A 12 -4.10 -0.79 0.55
C THR A 12 -4.46 0.59 -0.02
N ASP A 13 -4.96 1.47 0.81
CA ASP A 13 -5.33 2.82 0.33
C ASP A 13 -4.85 3.88 1.32
N GLY A 14 -4.65 5.09 0.88
CA GLY A 14 -4.18 6.15 1.81
C GLY A 14 -4.86 7.47 1.45
N SER A 15 -5.48 8.12 2.41
CA SER A 15 -6.15 9.41 2.13
C SER A 15 -5.60 10.49 3.07
N ALA A 16 -5.73 11.73 2.70
CA ALA A 16 -5.21 12.83 3.57
C ALA A 16 -6.12 14.04 3.46
N ILE A 17 -6.30 14.76 4.54
CA ILE A 17 -7.18 15.96 4.51
C ILE A 17 -6.38 17.19 4.95
N LYS A 18 -6.52 18.28 4.24
CA LYS A 18 -5.76 19.51 4.61
C LYS A 18 -6.70 20.49 5.31
N SER A 19 -6.27 21.06 6.40
CA SER A 19 -7.14 22.02 7.13
C SER A 19 -6.47 23.39 7.16
N PRO A 20 -7.25 24.45 7.43
CA PRO A 20 -6.74 25.82 7.49
C PRO A 20 -5.84 26.06 8.71
N ASP A 21 -6.02 25.26 9.74
CA ASP A 21 -5.18 25.44 10.95
C ASP A 21 -3.82 24.77 10.74
N PRO A 22 -3.81 23.44 10.62
CA PRO A 22 -2.58 22.67 10.40
C PRO A 22 -2.00 22.90 9.01
N THR A 23 -1.58 24.10 8.72
CA THR A 23 -1.01 24.40 7.38
C THR A 23 0.15 23.43 7.10
N LYS A 24 1.02 23.24 8.06
CA LYS A 24 2.18 22.33 7.86
C LYS A 24 1.82 20.94 8.39
N SER A 25 0.56 20.59 8.38
CA SER A 25 0.16 19.26 8.89
C SER A 25 -1.16 18.83 8.23
N ASN A 26 -1.33 17.57 7.96
CA ASN A 26 -2.57 17.09 7.31
C ASN A 26 -3.03 15.79 7.97
N ASN A 27 -4.31 15.50 7.91
CA ASN A 27 -4.81 14.26 8.55
C ASN A 27 -4.82 13.13 7.51
N ALA A 28 -3.99 12.14 7.69
CA ALA A 28 -3.95 11.02 6.71
C ALA A 28 -4.48 9.73 7.35
N GLY A 29 -5.14 8.92 6.59
CA GLY A 29 -5.69 7.65 7.15
C GLY A 29 -5.31 6.48 6.24
N MET A 30 -5.45 5.27 6.70
CA MET A 30 -5.10 4.11 5.85
C MET A 30 -6.21 3.06 5.92
N GLY A 31 -6.38 2.29 4.88
CA GLY A 31 -7.44 1.25 4.89
C GLY A 31 -6.99 0.05 4.05
N ILE A 32 -6.90 -1.11 4.65
CA ILE A 32 -6.45 -2.30 3.89
C ILE A 32 -7.62 -3.26 3.72
N VAL A 33 -7.74 -3.88 2.56
CA VAL A 33 -8.86 -4.82 2.34
C VAL A 33 -8.30 -6.18 1.90
N HIS A 34 -8.73 -7.24 2.52
CA HIS A 34 -8.22 -8.59 2.13
C HIS A 34 -9.29 -9.34 1.35
N ALA A 35 -8.90 -10.03 0.30
CA ALA A 35 -9.90 -10.77 -0.51
C ALA A 35 -9.36 -12.19 -0.79
N THR A 36 -10.19 -13.06 -1.29
CA THR A 36 -9.73 -14.45 -1.59
C THR A 36 -10.30 -14.90 -2.94
N TYR A 37 -9.76 -15.96 -3.48
CA TYR A 37 -10.27 -16.46 -4.79
C TYR A 37 -11.07 -17.74 -4.57
N LYS A 38 -11.36 -18.07 -3.33
CA LYS A 38 -12.14 -19.31 -3.06
C LYS A 38 -13.41 -19.30 -3.92
N PRO A 39 -14.25 -20.34 -3.80
CA PRO A 39 -15.49 -20.45 -4.59
C PRO A 39 -16.49 -19.36 -4.19
N GLU A 40 -16.17 -18.58 -3.19
CA GLU A 40 -17.09 -17.49 -2.77
C GLU A 40 -16.29 -16.20 -2.61
N TYR A 41 -16.43 -15.28 -3.53
CA TYR A 41 -15.67 -14.00 -3.42
C TYR A 41 -16.11 -13.25 -2.17
N GLN A 42 -15.20 -13.02 -1.25
CA GLN A 42 -15.57 -12.30 -0.01
C GLN A 42 -14.32 -11.69 0.62
N VAL A 43 -14.44 -10.54 1.22
CA VAL A 43 -13.26 -9.90 1.86
C VAL A 43 -12.90 -10.65 3.15
N LEU A 44 -11.68 -11.10 3.26
CA LEU A 44 -11.28 -11.84 4.49
C LEU A 44 -11.47 -10.93 5.71
N ASN A 45 -11.15 -9.67 5.59
CA ASN A 45 -11.31 -8.75 6.74
C ASN A 45 -10.88 -7.33 6.32
N GLN A 46 -11.36 -6.33 7.00
CA GLN A 46 -10.98 -4.94 6.64
C GLN A 46 -10.05 -4.37 7.71
N TRP A 47 -9.03 -3.65 7.31
CA TRP A 47 -8.09 -3.07 8.30
C TRP A 47 -8.11 -1.55 8.20
N SER A 48 -8.06 -0.87 9.31
CA SER A 48 -8.09 0.62 9.28
C SER A 48 -6.95 1.16 10.16
N ILE A 49 -6.11 2.00 9.61
CA ILE A 49 -4.99 2.55 10.41
C ILE A 49 -4.94 4.08 10.23
N PRO A 50 -5.56 4.82 11.16
CA PRO A 50 -5.60 6.29 11.12
C PRO A 50 -4.23 6.90 11.40
N LEU A 51 -3.84 7.87 10.62
CA LEU A 51 -2.50 8.51 10.84
C LEU A 51 -2.71 9.96 11.30
N GLY A 52 -1.79 10.49 12.04
CA GLY A 52 -1.93 11.90 12.52
C GLY A 52 -0.63 12.66 12.24
N ASN A 53 0.49 12.10 12.59
CA ASN A 53 1.78 12.80 12.35
C ASN A 53 2.31 12.42 10.96
N HIS A 54 1.53 11.71 10.19
CA HIS A 54 2.00 11.32 8.83
C HIS A 54 1.18 12.07 7.77
N THR A 55 1.81 12.48 6.71
CA THR A 55 1.06 13.22 5.65
C THR A 55 0.46 12.23 4.66
N ALA A 56 -0.17 12.71 3.63
CA ALA A 56 -0.79 11.79 2.63
C ALA A 56 0.29 10.90 2.02
N GLN A 57 1.40 11.47 1.66
CA GLN A 57 2.50 10.66 1.06
C GLN A 57 2.97 9.62 2.07
N MET A 58 3.24 10.02 3.28
CA MET A 58 3.70 9.06 4.32
C MET A 58 2.63 8.00 4.54
N ALA A 59 1.38 8.35 4.37
CA ALA A 59 0.29 7.37 4.57
C ALA A 59 0.31 6.33 3.44
N GLU A 60 0.77 6.72 2.28
CA GLU A 60 0.81 5.76 1.15
C GLU A 60 1.96 4.76 1.37
N ILE A 61 3.10 5.23 1.77
CA ILE A 61 4.24 4.31 2.01
C ILE A 61 3.89 3.35 3.15
N ALA A 62 3.11 3.80 4.10
CA ALA A 62 2.74 2.91 5.23
C ALA A 62 1.72 1.88 4.75
N ALA A 63 0.86 2.25 3.85
CA ALA A 63 -0.17 1.30 3.34
C ALA A 63 0.53 0.06 2.79
N VAL A 64 1.59 0.23 2.05
CA VAL A 64 2.32 -0.94 1.49
C VAL A 64 3.03 -1.69 2.61
N GLU A 65 3.71 -0.98 3.47
CA GLU A 65 4.43 -1.65 4.60
C GLU A 65 3.45 -2.51 5.39
N PHE A 66 2.23 -2.07 5.54
CA PHE A 66 1.23 -2.86 6.30
C PHE A 66 1.00 -4.21 5.61
N ALA A 67 0.40 -4.21 4.46
CA ALA A 67 0.15 -5.49 3.74
C ALA A 67 1.49 -6.12 3.36
N CYS A 68 2.56 -5.38 3.44
CA CYS A 68 3.89 -5.94 3.08
C CYS A 68 4.26 -7.03 4.09
N LYS A 69 4.37 -6.69 5.34
CA LYS A 69 4.74 -7.71 6.38
C LYS A 69 3.63 -8.75 6.47
N LYS A 70 2.39 -8.33 6.41
CA LYS A 70 1.27 -9.30 6.50
C LYS A 70 1.31 -10.25 5.30
N ALA A 71 1.70 -9.76 4.15
CA ALA A 71 1.77 -10.63 2.95
C ALA A 71 2.81 -11.73 3.17
N LEU A 72 4.05 -11.38 3.30
CA LEU A 72 5.11 -12.41 3.52
C LEU A 72 4.70 -13.31 4.68
N LYS A 73 4.22 -12.74 5.76
CA LYS A 73 3.81 -13.57 6.92
C LYS A 73 3.03 -14.79 6.43
N ILE A 74 2.09 -14.59 5.55
CA ILE A 74 1.29 -15.73 5.02
C ILE A 74 2.25 -16.84 4.59
N PRO A 75 1.87 -18.11 4.82
CA PRO A 75 2.69 -19.27 4.44
C PRO A 75 2.84 -19.38 2.92
N GLY A 76 2.16 -18.54 2.18
CA GLY A 76 2.26 -18.58 0.70
C GLY A 76 2.43 -17.15 0.18
N PRO A 77 2.77 -17.01 -1.10
CA PRO A 77 2.96 -15.69 -1.74
C PRO A 77 1.63 -14.94 -1.87
N VAL A 78 1.62 -13.67 -1.58
CA VAL A 78 0.36 -12.89 -1.69
C VAL A 78 0.57 -11.69 -2.62
N LEU A 79 -0.48 -11.16 -3.17
CA LEU A 79 -0.33 -10.00 -4.09
C LEU A 79 -0.77 -8.71 -3.38
N VAL A 80 0.09 -7.73 -3.31
CA VAL A 80 -0.30 -6.46 -2.63
C VAL A 80 -0.60 -5.39 -3.69
N ILE A 81 -1.79 -4.85 -3.66
CA ILE A 81 -2.14 -3.81 -4.67
C ILE A 81 -2.18 -2.44 -3.97
N THR A 82 -1.68 -1.42 -4.61
CA THR A 82 -1.68 -0.07 -3.98
C THR A 82 -2.28 0.94 -4.96
N ASP A 83 -2.70 2.08 -4.48
CA ASP A 83 -3.28 3.11 -5.38
C ASP A 83 -2.19 4.08 -5.82
N SER A 84 -1.00 3.91 -5.32
CA SER A 84 0.11 4.83 -5.71
C SER A 84 1.10 4.09 -6.62
N PHE A 85 1.30 4.58 -7.81
CA PHE A 85 2.24 3.90 -8.76
C PHE A 85 3.68 4.11 -8.27
N TYR A 86 3.93 5.20 -7.59
CA TYR A 86 5.31 5.46 -7.10
C TYR A 86 5.58 4.64 -5.85
N VAL A 87 4.66 4.64 -4.92
CA VAL A 87 4.87 3.85 -3.67
C VAL A 87 5.10 2.38 -4.03
N ALA A 88 4.15 1.75 -4.65
CA ALA A 88 4.32 0.32 -5.02
C ALA A 88 5.62 0.15 -5.81
N GLU A 89 5.82 0.94 -6.83
CA GLU A 89 7.08 0.82 -7.63
C GLU A 89 8.28 0.89 -6.69
N SER A 90 8.21 1.72 -5.68
CA SER A 90 9.36 1.83 -4.73
C SER A 90 9.66 0.46 -4.14
N ALA A 91 8.64 -0.23 -3.66
CA ALA A 91 8.88 -1.57 -3.07
C ALA A 91 8.98 -2.63 -4.17
N ASN A 92 8.84 -2.23 -5.41
CA ASN A 92 8.91 -3.22 -6.51
C ASN A 92 10.35 -3.30 -7.04
N LYS A 93 10.79 -2.32 -7.77
CA LYS A 93 12.18 -2.35 -8.31
C LYS A 93 12.93 -1.07 -7.96
N GLU A 94 12.22 0.01 -7.77
CA GLU A 94 12.90 1.30 -7.42
C GLU A 94 13.63 1.17 -6.08
N LEU A 95 13.26 0.22 -5.27
CA LEU A 95 13.93 0.06 -3.95
C LEU A 95 15.40 -0.33 -4.18
N PRO A 96 15.64 -1.45 -4.87
CA PRO A 96 16.99 -1.93 -5.17
C PRO A 96 17.73 -0.97 -6.11
N TYR A 97 17.03 -0.39 -7.04
CA TYR A 97 17.69 0.56 -7.98
C TYR A 97 18.16 1.79 -7.20
N TRP A 98 17.43 2.18 -6.19
CA TRP A 98 17.83 3.36 -5.38
C TRP A 98 19.15 3.04 -4.66
N LYS A 99 19.20 1.92 -3.99
CA LYS A 99 20.45 1.55 -3.27
C LYS A 99 21.67 1.82 -4.15
N SER A 100 21.51 1.70 -5.45
CA SER A 100 22.65 1.95 -6.37
C SER A 100 22.93 3.45 -6.43
N ASN A 101 21.93 4.27 -6.25
CA ASN A 101 22.14 5.74 -6.31
C ASN A 101 22.26 6.30 -4.89
N GLY A 102 22.63 5.47 -3.94
CA GLY A 102 22.76 5.96 -2.54
C GLY A 102 21.40 6.41 -2.03
N PHE A 103 20.35 5.74 -2.43
CA PHE A 103 18.99 6.11 -1.97
C PHE A 103 18.85 7.64 -1.95
N VAL A 104 19.48 8.31 -2.87
CA VAL A 104 19.37 9.80 -2.91
C VAL A 104 18.34 10.22 -3.97
N ASN A 105 17.25 10.79 -3.55
CA ASN A 105 16.21 11.22 -4.54
C ASN A 105 16.85 12.07 -5.63
N ASN A 106 16.10 12.42 -6.63
CA ASN A 106 16.66 13.25 -7.74
C ASN A 106 15.73 14.45 -7.98
N LYS A 107 15.06 14.50 -9.11
CA LYS A 107 14.15 15.65 -9.37
C LYS A 107 13.01 15.61 -8.34
N LYS A 108 12.65 14.44 -7.89
CA LYS A 108 11.56 14.33 -6.88
C LYS A 108 12.17 13.93 -5.53
N LYS A 109 11.37 13.42 -4.63
CA LYS A 109 11.92 13.01 -3.31
C LYS A 109 11.39 11.62 -2.93
N PRO A 110 11.36 10.69 -3.90
CA PRO A 110 10.88 9.32 -3.67
C PRO A 110 11.87 8.50 -2.83
N LEU A 111 13.11 8.92 -2.77
CA LEU A 111 14.11 8.15 -1.97
C LEU A 111 14.16 8.69 -0.55
N LYS A 112 13.13 9.37 -0.13
CA LYS A 112 13.10 9.91 1.26
C LYS A 112 12.51 8.86 2.20
N HIS A 113 12.81 8.94 3.46
CA HIS A 113 12.27 7.94 4.41
C HIS A 113 12.79 6.54 4.02
N ILE A 114 14.00 6.47 3.54
CA ILE A 114 14.56 5.16 3.14
C ILE A 114 14.33 4.15 4.27
N SER A 115 14.53 4.57 5.49
CA SER A 115 14.33 3.64 6.64
C SER A 115 12.98 2.93 6.45
N LYS A 116 11.97 3.66 6.08
CA LYS A 116 10.63 3.03 5.87
C LYS A 116 10.74 2.02 4.73
N TRP A 117 11.36 2.40 3.64
CA TRP A 117 11.50 1.47 2.49
C TRP A 117 12.32 0.26 2.93
N LYS A 118 13.37 0.47 3.67
CA LYS A 118 14.21 -0.67 4.14
C LYS A 118 13.31 -1.72 4.80
N SER A 119 12.45 -1.31 5.68
CA SER A 119 11.55 -2.28 6.36
C SER A 119 10.89 -3.17 5.30
N ILE A 120 10.50 -2.59 4.19
CA ILE A 120 9.86 -3.40 3.12
C ILE A 120 10.91 -4.27 2.44
N ALA A 121 12.11 -3.78 2.33
CA ALA A 121 13.18 -4.59 1.68
C ALA A 121 13.46 -5.83 2.51
N GLU A 122 13.41 -5.71 3.81
CA GLU A 122 13.67 -6.90 4.68
C GLU A 122 12.76 -8.05 4.26
N CYS A 123 11.52 -7.75 3.96
CA CYS A 123 10.58 -8.83 3.54
C CYS A 123 10.87 -9.24 2.10
N LEU A 124 10.94 -8.29 1.21
CA LEU A 124 11.23 -8.62 -0.22
C LEU A 124 12.57 -9.35 -0.31
N SER A 125 13.51 -8.97 0.50
CA SER A 125 14.84 -9.64 0.46
C SER A 125 14.68 -11.14 0.73
N MET A 126 13.75 -11.49 1.58
CA MET A 126 13.53 -12.93 1.89
C MET A 126 13.03 -13.65 0.62
N LYS A 127 12.25 -12.98 -0.17
CA LYS A 127 11.73 -13.63 -1.41
C LYS A 127 10.70 -12.72 -2.08
N PRO A 128 10.55 -12.83 -3.40
CA PRO A 128 9.59 -12.03 -4.17
C PRO A 128 8.15 -12.45 -3.90
N ASP A 129 7.94 -13.39 -3.02
CA ASP A 129 6.55 -13.84 -2.72
C ASP A 129 5.62 -12.63 -2.64
N ILE A 130 6.13 -11.51 -2.23
CA ILE A 130 5.28 -10.29 -2.11
C ILE A 130 5.16 -9.62 -3.48
N THR A 131 4.00 -9.65 -4.07
CA THR A 131 3.83 -9.01 -5.41
C THR A 131 3.22 -7.61 -5.22
N ILE A 132 3.51 -6.71 -6.12
CA ILE A 132 2.97 -5.34 -5.99
C ILE A 132 2.22 -4.95 -7.28
N GLN A 133 1.01 -4.48 -7.16
CA GLN A 133 0.23 -4.09 -8.37
C GLN A 133 -0.11 -2.61 -8.29
N HIS A 134 -0.38 -1.99 -9.41
CA HIS A 134 -0.72 -0.54 -9.40
C HIS A 134 -2.18 -0.36 -9.79
N GLU A 135 -2.91 0.45 -9.07
CA GLU A 135 -4.34 0.67 -9.40
C GLU A 135 -4.46 1.87 -10.35
N LYS A 136 -5.41 1.83 -11.25
CA LYS A 136 -5.56 2.97 -12.20
C LYS A 136 -6.51 4.00 -11.62
N GLY A 137 -6.53 4.14 -10.32
CA GLY A 137 -7.45 5.13 -9.69
C GLY A 137 -7.25 6.50 -10.34
N HIS A 138 -6.03 6.92 -10.50
CA HIS A 138 -5.77 8.25 -11.13
C HIS A 138 -6.45 8.29 -12.50
N GLN A 139 -6.33 7.25 -13.27
CA GLN A 139 -6.98 7.25 -14.62
C GLN A 139 -7.91 6.04 -14.72
N PRO A 140 -9.15 6.17 -14.25
CA PRO A 140 -10.15 5.10 -14.29
C PRO A 140 -10.63 4.82 -15.71
N THR A 141 -9.73 4.57 -16.62
CA THR A 141 -10.13 4.30 -18.03
C THR A 141 -11.02 3.05 -18.06
N ASN A 142 -10.72 2.08 -17.25
CA ASN A 142 -11.54 0.84 -17.24
C ASN A 142 -11.75 0.37 -15.80
N THR A 143 -12.44 -0.72 -15.59
CA THR A 143 -12.67 -1.21 -14.21
C THR A 143 -12.26 -2.68 -14.13
N SER A 144 -11.97 -3.16 -12.95
CA SER A 144 -11.57 -4.59 -12.81
C SER A 144 -12.09 -5.14 -11.47
N ILE A 145 -12.15 -6.43 -11.34
CA ILE A 145 -12.66 -7.03 -10.06
C ILE A 145 -11.84 -6.48 -8.88
N HIS A 146 -10.59 -6.18 -9.11
CA HIS A 146 -9.74 -5.65 -8.01
C HIS A 146 -10.25 -4.27 -7.59
N THR A 147 -10.80 -3.53 -8.52
CA THR A 147 -11.31 -2.18 -8.18
C THR A 147 -12.26 -2.28 -6.98
N GLU A 148 -13.19 -3.19 -7.02
CA GLU A 148 -14.13 -3.35 -5.88
C GLU A 148 -13.36 -3.35 -4.57
N GLY A 149 -12.35 -4.18 -4.47
CA GLY A 149 -11.56 -4.23 -3.21
C GLY A 149 -11.09 -2.82 -2.84
N ASN A 150 -10.69 -2.05 -3.80
CA ASN A 150 -10.22 -0.66 -3.50
C ASN A 150 -11.40 0.16 -2.96
N ALA A 151 -12.56 -0.03 -3.50
CA ALA A 151 -13.74 0.75 -3.01
C ALA A 151 -13.90 0.54 -1.50
N LEU A 152 -13.86 -0.68 -1.06
CA LEU A 152 -14.00 -0.94 0.40
C LEU A 152 -12.82 -0.31 1.15
N ALA A 153 -11.64 -0.42 0.62
CA ALA A 153 -10.45 0.17 1.30
C ALA A 153 -10.59 1.69 1.34
N ASP A 154 -11.13 2.27 0.31
CA ASP A 154 -11.29 3.75 0.28
C ASP A 154 -12.21 4.18 1.44
N LYS A 155 -13.27 3.46 1.66
CA LYS A 155 -14.19 3.82 2.77
C LYS A 155 -13.44 3.77 4.10
N LEU A 156 -12.68 2.73 4.32
CA LEU A 156 -11.92 2.62 5.60
C LEU A 156 -10.90 3.75 5.70
N ALA A 157 -10.28 4.10 4.60
CA ALA A 157 -9.29 5.20 4.63
C ALA A 157 -9.96 6.50 5.08
N THR A 158 -11.15 6.74 4.62
CA THR A 158 -11.86 8.00 5.03
C THR A 158 -12.14 7.96 6.53
N GLN A 159 -12.55 6.83 7.04
CA GLN A 159 -12.85 6.74 8.50
C GLN A 159 -11.59 7.05 9.30
N GLY A 160 -10.44 6.70 8.78
CA GLY A 160 -9.17 6.99 9.52
C GLY A 160 -9.05 8.49 9.77
N SER A 161 -9.36 9.29 8.79
CA SER A 161 -9.26 10.77 8.97
C SER A 161 -10.10 11.20 10.17
N TYR A 162 -11.15 10.48 10.47
CA TYR A 162 -12.00 10.86 11.63
C TYR A 162 -11.27 10.54 12.93
N VAL A 163 -10.36 9.61 12.90
CA VAL A 163 -9.61 9.25 14.14
C VAL A 163 -8.78 10.45 14.59
N VAL A 164 -8.14 11.12 13.67
CA VAL A 164 -7.32 12.30 14.05
C VAL A 164 -7.82 13.54 13.30
N ASN A 165 -7.52 14.70 13.80
CA ASN A 165 -7.98 15.95 13.12
C ASN A 165 -7.03 17.09 13.44
N GLY A 1 -0.52 -16.96 -15.31
CA GLY A 1 -0.75 -15.63 -14.68
C GLY A 1 0.26 -15.43 -13.54
N ALA A 2 0.86 -14.27 -13.46
CA ALA A 2 1.84 -14.02 -12.38
C ALA A 2 1.14 -14.08 -11.02
N MET A 3 -0.14 -13.80 -10.99
CA MET A 3 -0.87 -13.85 -9.69
C MET A 3 -0.83 -15.27 -9.13
N GLY A 4 -0.88 -16.25 -9.98
CA GLY A 4 -0.85 -17.66 -9.50
C GLY A 4 0.20 -17.80 -8.40
N GLN A 5 0.15 -18.87 -7.65
CA GLN A 5 1.14 -19.07 -6.56
C GLN A 5 0.94 -18.01 -5.47
N TYR A 6 -0.29 -17.71 -5.16
CA TYR A 6 -0.57 -16.68 -4.12
C TYR A 6 -1.68 -17.18 -3.20
N GLU A 7 -1.69 -16.74 -1.97
CA GLU A 7 -2.76 -17.19 -1.04
C GLU A 7 -3.96 -16.24 -1.17
N GLY A 8 -3.68 -15.00 -1.48
CA GLY A 8 -4.78 -14.01 -1.64
C GLY A 8 -4.20 -12.66 -2.07
N VAL A 9 -5.01 -11.66 -2.20
CA VAL A 9 -4.49 -10.33 -2.60
C VAL A 9 -4.92 -9.28 -1.56
N PHE A 10 -4.07 -8.34 -1.28
CA PHE A 10 -4.43 -7.30 -0.27
C PHE A 10 -4.55 -5.93 -0.94
N TYR A 11 -5.42 -5.10 -0.46
CA TYR A 11 -5.59 -3.75 -1.07
C TYR A 11 -5.30 -2.68 -0.01
N THR A 12 -4.46 -1.74 -0.31
CA THR A 12 -4.14 -0.68 0.69
C THR A 12 -4.55 0.69 0.15
N ASP A 13 -4.96 1.57 1.01
CA ASP A 13 -5.38 2.92 0.53
C ASP A 13 -4.98 3.98 1.57
N GLY A 14 -4.71 5.18 1.13
CA GLY A 14 -4.31 6.24 2.09
C GLY A 14 -5.08 7.53 1.77
N SER A 15 -5.82 8.04 2.71
CA SER A 15 -6.61 9.29 2.45
C SER A 15 -6.41 10.25 3.62
N ALA A 16 -6.49 11.53 3.37
CA ALA A 16 -6.32 12.52 4.46
C ALA A 16 -7.59 13.37 4.59
N ILE A 17 -7.85 13.91 5.74
CA ILE A 17 -9.07 14.74 5.92
C ILE A 17 -8.67 16.14 6.40
N LYS A 18 -9.24 17.16 5.81
CA LYS A 18 -8.90 18.54 6.23
C LYS A 18 -10.04 19.10 7.10
N SER A 19 -9.73 20.01 7.98
CA SER A 19 -10.79 20.59 8.85
C SER A 19 -10.79 22.11 8.71
N PRO A 20 -11.73 22.79 9.37
CA PRO A 20 -11.84 24.25 9.33
C PRO A 20 -10.66 24.92 10.05
N ASP A 21 -10.00 25.84 9.40
CA ASP A 21 -8.84 26.51 10.06
C ASP A 21 -7.86 25.44 10.54
N PRO A 22 -7.34 24.63 9.61
CA PRO A 22 -6.40 23.55 9.93
C PRO A 22 -5.06 24.09 10.42
N THR A 23 -5.02 24.67 11.58
CA THR A 23 -3.74 25.21 12.12
C THR A 23 -2.70 24.08 12.19
N LYS A 24 -3.15 22.86 12.12
CA LYS A 24 -2.20 21.71 12.17
C LYS A 24 -2.28 20.90 10.87
N SER A 25 -1.59 19.80 10.80
CA SER A 25 -1.63 18.98 9.55
C SER A 25 -3.00 18.31 9.43
N ASN A 26 -3.44 18.04 8.23
CA ASN A 26 -4.77 17.39 8.05
C ASN A 26 -4.77 16.03 8.75
N ASN A 27 -5.86 15.32 8.67
CA ASN A 27 -5.92 13.98 9.33
C ASN A 27 -5.67 12.89 8.28
N ALA A 28 -4.58 12.18 8.40
CA ALA A 28 -4.29 11.10 7.41
C ALA A 28 -4.82 9.77 7.94
N GLY A 29 -5.20 8.87 7.07
CA GLY A 29 -5.72 7.57 7.54
C GLY A 29 -5.46 6.50 6.46
N MET A 30 -5.15 5.31 6.86
CA MET A 30 -4.89 4.24 5.86
C MET A 30 -5.95 3.14 6.00
N GLY A 31 -6.09 2.31 5.01
CA GLY A 31 -7.11 1.22 5.09
C GLY A 31 -6.64 0.02 4.25
N ILE A 32 -6.67 -1.16 4.82
CA ILE A 32 -6.24 -2.36 4.07
C ILE A 32 -7.43 -3.28 3.85
N VAL A 33 -7.53 -3.89 2.70
CA VAL A 33 -8.67 -4.81 2.44
C VAL A 33 -8.15 -6.15 1.94
N HIS A 34 -8.60 -7.23 2.53
CA HIS A 34 -8.12 -8.57 2.08
C HIS A 34 -9.23 -9.26 1.28
N ALA A 35 -8.90 -9.90 0.19
CA ALA A 35 -9.94 -10.57 -0.62
C ALA A 35 -9.39 -11.88 -1.20
N THR A 36 -10.23 -12.71 -1.75
CA THR A 36 -9.76 -13.99 -2.32
C THR A 36 -10.45 -14.24 -3.66
N TYR A 37 -9.94 -15.14 -4.45
CA TYR A 37 -10.57 -15.42 -5.77
C TYR A 37 -11.38 -16.72 -5.68
N LYS A 38 -11.64 -17.18 -4.49
CA LYS A 38 -12.43 -18.43 -4.33
C LYS A 38 -13.72 -18.31 -5.15
N PRO A 39 -14.56 -19.36 -5.14
CA PRO A 39 -15.83 -19.35 -5.90
C PRO A 39 -16.80 -18.30 -5.35
N GLU A 40 -16.45 -17.68 -4.26
CA GLU A 40 -17.34 -16.64 -3.68
C GLU A 40 -16.50 -15.43 -3.27
N TYR A 41 -16.58 -14.36 -4.02
CA TYR A 41 -15.77 -13.15 -3.69
C TYR A 41 -16.13 -12.69 -2.27
N GLN A 42 -15.16 -12.60 -1.40
CA GLN A 42 -15.45 -12.16 0.00
C GLN A 42 -14.19 -11.53 0.60
N VAL A 43 -14.37 -10.57 1.47
CA VAL A 43 -13.19 -9.92 2.10
C VAL A 43 -12.71 -10.76 3.28
N LEU A 44 -11.47 -11.15 3.27
CA LEU A 44 -10.94 -11.98 4.40
C LEU A 44 -10.98 -11.17 5.69
N ASN A 45 -10.76 -9.89 5.60
CA ASN A 45 -10.78 -9.03 6.83
C ASN A 45 -10.46 -7.58 6.45
N GLN A 46 -10.90 -6.64 7.24
CA GLN A 46 -10.62 -5.22 6.93
C GLN A 46 -9.61 -4.67 7.94
N TRP A 47 -8.71 -3.83 7.51
CA TRP A 47 -7.71 -3.27 8.45
C TRP A 47 -7.72 -1.73 8.35
N SER A 48 -7.68 -1.07 9.48
CA SER A 48 -7.68 0.42 9.46
C SER A 48 -6.50 0.95 10.27
N ILE A 49 -5.77 1.88 9.74
CA ILE A 49 -4.60 2.43 10.48
C ILE A 49 -4.62 3.96 10.43
N PRO A 50 -5.26 4.59 11.43
CA PRO A 50 -5.36 6.05 11.51
C PRO A 50 -4.01 6.70 11.83
N LEU A 51 -3.68 7.77 11.15
CA LEU A 51 -2.38 8.44 11.43
C LEU A 51 -2.62 9.68 12.28
N GLY A 52 -1.72 9.98 13.18
CA GLY A 52 -1.90 11.17 14.05
C GLY A 52 -1.22 12.38 13.41
N ASN A 53 0.09 12.37 13.35
CA ASN A 53 0.82 13.52 12.74
C ASN A 53 1.43 13.09 11.41
N HIS A 54 0.62 12.74 10.45
CA HIS A 54 1.16 12.31 9.13
C HIS A 54 0.42 13.03 8.02
N THR A 55 0.87 12.89 6.80
CA THR A 55 0.19 13.58 5.67
C THR A 55 -0.26 12.54 4.64
N ALA A 56 -0.99 12.96 3.64
CA ALA A 56 -1.46 11.99 2.61
C ALA A 56 -0.27 11.24 2.02
N GLN A 57 0.78 11.95 1.69
CA GLN A 57 1.98 11.28 1.11
C GLN A 57 2.52 10.25 2.13
N MET A 58 2.97 10.72 3.26
CA MET A 58 3.53 9.77 4.27
C MET A 58 2.59 8.57 4.39
N ALA A 59 1.31 8.77 4.27
CA ALA A 59 0.35 7.64 4.37
C ALA A 59 0.32 6.88 3.05
N GLU A 60 0.64 7.54 1.97
CA GLU A 60 0.62 6.84 0.65
C GLU A 60 1.68 5.75 0.63
N ILE A 61 2.83 6.02 1.18
CA ILE A 61 3.91 4.99 1.19
C ILE A 61 3.70 4.05 2.39
N ALA A 62 3.11 4.54 3.44
CA ALA A 62 2.88 3.67 4.63
C ALA A 62 1.86 2.59 4.29
N ALA A 63 1.00 2.85 3.33
CA ALA A 63 -0.03 1.85 2.95
C ALA A 63 0.66 0.64 2.31
N VAL A 64 1.70 0.86 1.56
CA VAL A 64 2.41 -0.28 0.92
C VAL A 64 3.33 -0.95 1.94
N GLU A 65 3.97 -0.19 2.77
CA GLU A 65 4.87 -0.79 3.79
C GLU A 65 4.04 -1.60 4.79
N PHE A 66 2.89 -1.09 5.15
CA PHE A 66 2.02 -1.82 6.10
C PHE A 66 1.65 -3.19 5.54
N ALA A 67 0.93 -3.22 4.45
CA ALA A 67 0.54 -4.52 3.84
C ALA A 67 1.80 -5.32 3.47
N CYS A 68 2.85 -4.64 3.10
CA CYS A 68 4.10 -5.36 2.71
C CYS A 68 4.53 -6.28 3.86
N LYS A 69 4.66 -5.75 5.04
CA LYS A 69 5.08 -6.60 6.19
C LYS A 69 4.01 -7.67 6.45
N LYS A 70 2.77 -7.29 6.46
CA LYS A 70 1.68 -8.29 6.70
C LYS A 70 1.67 -9.32 5.57
N ALA A 71 1.91 -8.90 4.36
CA ALA A 71 1.92 -9.87 3.23
C ALA A 71 2.93 -10.99 3.50
N LEU A 72 4.18 -10.65 3.61
CA LEU A 72 5.22 -11.70 3.87
C LEU A 72 4.81 -12.50 5.12
N LYS A 73 4.41 -11.82 6.16
CA LYS A 73 4.01 -12.54 7.40
C LYS A 73 3.15 -13.75 7.03
N ILE A 74 2.24 -13.58 6.11
CA ILE A 74 1.38 -14.73 5.70
C ILE A 74 2.28 -15.94 5.42
N PRO A 75 1.80 -17.15 5.78
CA PRO A 75 2.57 -18.39 5.56
C PRO A 75 2.74 -18.69 4.08
N GLY A 76 2.14 -17.91 3.22
CA GLY A 76 2.27 -18.13 1.76
C GLY A 76 2.39 -16.79 1.05
N PRO A 77 2.79 -16.80 -0.22
CA PRO A 77 2.95 -15.57 -1.01
C PRO A 77 1.61 -14.89 -1.27
N VAL A 78 1.50 -13.63 -0.96
CA VAL A 78 0.21 -12.91 -1.17
C VAL A 78 0.45 -11.69 -2.06
N LEU A 79 -0.54 -11.28 -2.80
CA LEU A 79 -0.35 -10.09 -3.70
C LEU A 79 -0.80 -8.82 -2.96
N VAL A 80 -0.15 -7.72 -3.23
CA VAL A 80 -0.55 -6.45 -2.55
C VAL A 80 -1.01 -5.43 -3.60
N ILE A 81 -2.08 -4.75 -3.34
CA ILE A 81 -2.59 -3.75 -4.32
C ILE A 81 -2.50 -2.35 -3.71
N THR A 82 -1.97 -1.40 -4.45
CA THR A 82 -1.84 -0.02 -3.91
C THR A 82 -2.42 0.97 -4.93
N ASP A 83 -2.73 2.16 -4.49
CA ASP A 83 -3.29 3.18 -5.42
C ASP A 83 -2.16 4.05 -5.96
N SER A 84 -0.93 3.67 -5.73
CA SER A 84 0.21 4.49 -6.22
C SER A 84 1.22 3.58 -6.93
N PHE A 85 1.47 3.81 -8.18
CA PHE A 85 2.44 2.97 -8.92
C PHE A 85 3.86 3.35 -8.52
N TYR A 86 4.08 4.61 -8.26
CA TYR A 86 5.46 5.06 -7.86
C TYR A 86 5.89 4.29 -6.62
N VAL A 87 5.10 4.31 -5.58
CA VAL A 87 5.46 3.58 -4.34
C VAL A 87 5.60 2.08 -4.64
N ALA A 88 4.65 1.53 -5.35
CA ALA A 88 4.72 0.08 -5.68
C ALA A 88 6.07 -0.21 -6.35
N GLU A 89 6.41 0.54 -7.36
CA GLU A 89 7.71 0.30 -8.04
C GLU A 89 8.85 0.38 -7.02
N SER A 90 8.73 1.27 -6.07
CA SER A 90 9.81 1.40 -5.05
C SER A 90 10.05 0.03 -4.39
N ALA A 91 9.01 -0.62 -3.96
CA ALA A 91 9.19 -1.95 -3.31
C ALA A 91 9.23 -3.05 -4.37
N ASN A 92 9.09 -2.69 -5.62
CA ASN A 92 9.11 -3.72 -6.70
C ASN A 92 10.56 -3.97 -7.14
N LYS A 93 11.14 -3.05 -7.86
CA LYS A 93 12.55 -3.24 -8.32
C LYS A 93 13.39 -2.02 -7.92
N GLU A 94 12.78 -0.86 -7.85
CA GLU A 94 13.56 0.35 -7.48
C GLU A 94 14.20 0.16 -6.10
N LEU A 95 13.59 -0.63 -5.26
CA LEU A 95 14.18 -0.86 -3.91
C LEU A 95 15.58 -1.44 -4.04
N PRO A 96 15.70 -2.62 -4.66
CA PRO A 96 16.98 -3.29 -4.86
C PRO A 96 17.88 -2.51 -5.82
N TYR A 97 17.29 -1.81 -6.75
CA TYR A 97 18.11 -1.02 -7.72
C TYR A 97 18.79 0.13 -6.97
N TRP A 98 18.08 0.74 -6.04
CA TRP A 98 18.68 1.85 -5.28
C TRP A 98 19.86 1.33 -4.46
N LYS A 99 19.65 0.27 -3.71
CA LYS A 99 20.77 -0.29 -2.90
C LYS A 99 22.03 -0.36 -3.74
N SER A 100 21.91 -0.77 -4.98
CA SER A 100 23.12 -0.86 -5.85
C SER A 100 23.79 0.51 -5.94
N ASN A 101 23.01 1.55 -6.07
CA ASN A 101 23.61 2.92 -6.16
C ASN A 101 23.83 3.47 -4.75
N GLY A 102 23.70 2.64 -3.76
CA GLY A 102 23.91 3.12 -2.36
C GLY A 102 22.70 3.93 -1.90
N PHE A 103 21.52 3.49 -2.26
CA PHE A 103 20.30 4.23 -1.85
C PHE A 103 20.32 5.64 -2.46
N VAL A 104 20.68 5.74 -3.71
CA VAL A 104 20.73 7.07 -4.37
C VAL A 104 19.70 7.13 -5.50
N ASN A 105 18.96 8.20 -5.59
CA ASN A 105 17.93 8.31 -6.66
C ASN A 105 18.63 8.42 -8.01
N ASN A 106 18.09 7.79 -9.02
CA ASN A 106 18.73 7.86 -10.37
C ASN A 106 18.97 9.32 -10.74
N LYS A 107 18.11 10.21 -10.35
CA LYS A 107 18.29 11.64 -10.68
C LYS A 107 19.35 12.25 -9.74
N LYS A 108 19.87 13.40 -10.08
CA LYS A 108 20.90 14.03 -9.20
C LYS A 108 20.34 14.19 -7.79
N LYS A 109 19.05 14.39 -7.66
CA LYS A 109 18.45 14.55 -6.31
C LYS A 109 18.68 13.28 -5.49
N PRO A 110 18.95 13.43 -4.19
CA PRO A 110 19.21 12.30 -3.28
C PRO A 110 17.93 11.51 -3.02
N LEU A 111 18.06 10.25 -2.68
CA LEU A 111 16.85 9.42 -2.41
C LEU A 111 16.37 9.68 -0.97
N LYS A 112 15.10 9.86 -0.79
CA LYS A 112 14.56 10.11 0.58
C LYS A 112 13.65 8.96 1.00
N HIS A 113 13.31 8.89 2.24
CA HIS A 113 12.41 7.78 2.71
C HIS A 113 13.13 6.44 2.56
N ILE A 114 14.42 6.43 2.76
CA ILE A 114 15.18 5.15 2.62
C ILE A 114 14.78 4.20 3.75
N SER A 115 14.66 4.71 4.95
CA SER A 115 14.25 3.83 6.09
C SER A 115 12.93 3.13 5.76
N LYS A 116 12.02 3.84 5.17
CA LYS A 116 10.71 3.22 4.81
C LYS A 116 10.93 2.14 3.77
N TRP A 117 11.80 2.38 2.82
CA TRP A 117 12.06 1.36 1.77
C TRP A 117 12.83 0.18 2.39
N LYS A 118 13.76 0.47 3.26
CA LYS A 118 14.55 -0.64 3.89
C LYS A 118 13.59 -1.61 4.59
N SER A 119 12.60 -1.09 5.27
CA SER A 119 11.64 -1.99 5.97
C SER A 119 10.98 -2.93 4.95
N ILE A 120 10.61 -2.42 3.82
CA ILE A 120 9.97 -3.28 2.78
C ILE A 120 11.03 -4.13 2.10
N ALA A 121 12.21 -3.61 1.94
CA ALA A 121 13.30 -4.40 1.28
C ALA A 121 13.62 -5.62 2.13
N GLU A 122 13.65 -5.47 3.43
CA GLU A 122 13.97 -6.62 4.31
C GLU A 122 12.97 -7.75 4.05
N CYS A 123 11.72 -7.42 3.91
CA CYS A 123 10.69 -8.48 3.65
C CYS A 123 10.92 -9.08 2.26
N LEU A 124 11.05 -8.26 1.26
CA LEU A 124 11.28 -8.79 -0.12
C LEU A 124 12.59 -9.56 -0.16
N SER A 125 13.55 -9.17 0.65
CA SER A 125 14.86 -9.88 0.65
C SER A 125 14.63 -11.38 0.92
N MET A 126 13.68 -11.70 1.75
CA MET A 126 13.41 -13.13 2.06
C MET A 126 12.93 -13.84 0.79
N LYS A 127 12.19 -13.16 -0.05
CA LYS A 127 11.69 -13.79 -1.30
C LYS A 127 10.68 -12.86 -1.97
N PRO A 128 10.50 -13.03 -3.29
CA PRO A 128 9.56 -12.21 -4.07
C PRO A 128 8.11 -12.58 -3.76
N ASP A 129 7.88 -13.48 -2.85
CA ASP A 129 6.49 -13.89 -2.51
C ASP A 129 5.59 -12.64 -2.45
N ILE A 130 6.07 -11.60 -1.83
CA ILE A 130 5.24 -10.36 -1.73
C ILE A 130 5.09 -9.74 -3.12
N THR A 131 3.89 -9.68 -3.64
CA THR A 131 3.69 -9.07 -4.98
C THR A 131 3.00 -7.72 -4.83
N ILE A 132 3.36 -6.76 -5.63
CA ILE A 132 2.72 -5.41 -5.52
C ILE A 132 2.12 -5.00 -6.86
N GLN A 133 0.95 -4.44 -6.86
CA GLN A 133 0.31 -4.01 -8.13
C GLN A 133 -0.23 -2.59 -7.98
N HIS A 134 -0.48 -1.92 -9.07
CA HIS A 134 -1.00 -0.53 -8.98
C HIS A 134 -2.49 -0.52 -9.33
N GLU A 135 -3.29 0.18 -8.58
CA GLU A 135 -4.75 0.22 -8.86
C GLU A 135 -5.00 1.13 -10.08
N LYS A 136 -6.07 0.91 -10.78
CA LYS A 136 -6.37 1.76 -11.97
C LYS A 136 -7.27 2.93 -11.55
N GLY A 137 -7.10 3.42 -10.36
CA GLY A 137 -7.94 4.56 -9.89
C GLY A 137 -9.26 4.02 -9.34
N HIS A 138 -10.24 4.88 -9.18
CA HIS A 138 -11.55 4.42 -8.65
C HIS A 138 -12.64 4.68 -9.70
N GLN A 139 -13.47 3.70 -9.94
CA GLN A 139 -14.56 3.90 -10.95
C GLN A 139 -15.83 3.17 -10.48
N PRO A 140 -16.99 3.81 -10.65
CA PRO A 140 -18.28 3.23 -10.25
C PRO A 140 -18.69 2.06 -11.16
N THR A 141 -18.18 2.04 -12.37
CA THR A 141 -18.53 0.93 -13.30
C THR A 141 -18.01 -0.39 -12.74
N ASN A 142 -16.86 -0.36 -12.10
CA ASN A 142 -16.29 -1.62 -11.53
C ASN A 142 -16.14 -2.66 -12.65
N THR A 143 -15.55 -2.28 -13.75
CA THR A 143 -15.38 -3.26 -14.87
C THR A 143 -14.34 -4.30 -14.48
N SER A 144 -13.51 -3.99 -13.51
CA SER A 144 -12.47 -4.97 -13.08
C SER A 144 -12.71 -5.36 -11.63
N ILE A 145 -12.31 -6.55 -11.25
CA ILE A 145 -12.52 -6.98 -9.84
C ILE A 145 -11.65 -6.13 -8.90
N HIS A 146 -10.54 -5.65 -9.39
CA HIS A 146 -9.66 -4.81 -8.54
C HIS A 146 -10.37 -3.52 -8.16
N THR A 147 -11.17 -3.00 -9.05
CA THR A 147 -11.90 -1.74 -8.77
C THR A 147 -12.73 -1.91 -7.49
N GLU A 148 -13.50 -2.97 -7.41
CA GLU A 148 -14.33 -3.20 -6.20
C GLU A 148 -13.45 -3.10 -4.95
N GLY A 149 -12.33 -3.77 -4.95
CA GLY A 149 -11.43 -3.71 -3.76
C GLY A 149 -11.05 -2.25 -3.48
N ASN A 150 -10.85 -1.48 -4.51
CA ASN A 150 -10.47 -0.05 -4.30
C ASN A 150 -11.57 0.66 -3.52
N ALA A 151 -12.81 0.37 -3.82
CA ALA A 151 -13.94 1.02 -3.10
C ALA A 151 -13.86 0.66 -1.61
N LEU A 152 -13.79 -0.60 -1.30
CA LEU A 152 -13.72 -1.02 0.13
C LEU A 152 -12.51 -0.36 0.79
N ALA A 153 -11.36 -0.44 0.16
CA ALA A 153 -10.14 0.19 0.76
C ALA A 153 -10.41 1.66 1.05
N ASP A 154 -11.10 2.33 0.17
CA ASP A 154 -11.41 3.78 0.40
C ASP A 154 -12.20 3.93 1.70
N LYS A 155 -13.12 3.05 1.95
CA LYS A 155 -13.92 3.14 3.20
C LYS A 155 -12.99 3.05 4.42
N LEU A 156 -12.04 2.15 4.39
CA LEU A 156 -11.10 2.02 5.53
C LEU A 156 -10.25 3.27 5.65
N ALA A 157 -9.82 3.82 4.54
CA ALA A 157 -8.98 5.05 4.60
C ALA A 157 -9.79 6.19 5.22
N THR A 158 -10.96 6.46 4.70
CA THR A 158 -11.79 7.55 5.26
C THR A 158 -12.08 7.27 6.74
N GLN A 159 -12.40 6.05 7.06
CA GLN A 159 -12.70 5.72 8.48
C GLN A 159 -11.45 5.94 9.33
N GLY A 160 -10.30 5.59 8.83
CA GLY A 160 -9.05 5.79 9.60
C GLY A 160 -8.85 7.28 9.88
N SER A 161 -8.91 8.10 8.86
CA SER A 161 -8.73 9.56 9.07
C SER A 161 -9.83 10.09 10.01
N TYR A 162 -11.00 9.52 9.92
CA TYR A 162 -12.11 10.00 10.80
C TYR A 162 -11.74 9.75 12.26
N VAL A 163 -11.06 8.67 12.54
CA VAL A 163 -10.68 8.37 13.96
C VAL A 163 -9.71 9.45 14.45
N VAL A 164 -9.12 10.20 13.56
CA VAL A 164 -8.16 11.26 13.97
C VAL A 164 -8.80 12.63 13.74
N ASN A 165 -8.69 13.52 14.70
CA ASN A 165 -9.28 14.88 14.53
C ASN A 165 -8.22 15.94 14.84
N GLY A 1 -6.20 -16.72 -14.22
CA GLY A 1 -5.12 -17.64 -13.76
C GLY A 1 -3.77 -17.15 -14.28
N ALA A 2 -3.79 -16.23 -15.20
CA ALA A 2 -2.50 -15.72 -15.76
C ALA A 2 -1.68 -15.07 -14.63
N MET A 3 -2.32 -14.42 -13.71
CA MET A 3 -1.58 -13.77 -12.60
C MET A 3 -0.86 -14.84 -11.77
N GLY A 4 -1.43 -16.01 -11.67
CA GLY A 4 -0.79 -17.09 -10.88
C GLY A 4 -1.64 -17.41 -9.66
N GLN A 5 -1.24 -18.38 -8.88
CA GLN A 5 -2.04 -18.73 -7.67
C GLN A 5 -1.34 -18.19 -6.42
N TYR A 6 -1.96 -17.27 -5.73
CA TYR A 6 -1.34 -16.70 -4.50
C TYR A 6 -2.24 -16.99 -3.30
N GLU A 7 -1.74 -16.77 -2.11
CA GLU A 7 -2.59 -17.03 -0.90
C GLU A 7 -3.80 -16.12 -0.94
N GLY A 8 -3.62 -14.89 -1.37
CA GLY A 8 -4.77 -13.94 -1.42
C GLY A 8 -4.28 -12.59 -1.96
N VAL A 9 -5.11 -11.59 -1.90
CA VAL A 9 -4.70 -10.25 -2.41
C VAL A 9 -5.10 -9.18 -1.37
N PHE A 10 -4.25 -8.22 -1.14
CA PHE A 10 -4.57 -7.17 -0.13
C PHE A 10 -4.73 -5.82 -0.83
N TYR A 11 -5.72 -5.06 -0.43
CA TYR A 11 -5.93 -3.73 -1.06
C TYR A 11 -5.68 -2.63 -0.02
N THR A 12 -4.70 -1.80 -0.25
CA THR A 12 -4.39 -0.73 0.74
C THR A 12 -4.67 0.64 0.11
N ASP A 13 -4.89 1.64 0.91
CA ASP A 13 -5.16 3.00 0.37
C ASP A 13 -4.81 4.05 1.42
N GLY A 14 -4.52 5.25 1.00
CA GLY A 14 -4.16 6.31 1.98
C GLY A 14 -4.97 7.58 1.69
N SER A 15 -5.40 8.27 2.70
CA SER A 15 -6.19 9.51 2.48
C SER A 15 -5.80 10.56 3.52
N ALA A 16 -5.67 11.80 3.10
CA ALA A 16 -5.28 12.86 4.07
C ALA A 16 -6.39 13.92 4.13
N ILE A 17 -6.64 14.47 5.29
CA ILE A 17 -7.70 15.50 5.42
C ILE A 17 -7.08 16.81 5.92
N LYS A 18 -7.44 17.91 5.32
CA LYS A 18 -6.87 19.22 5.76
C LYS A 18 -7.85 19.91 6.72
N SER A 19 -7.38 20.30 7.87
CA SER A 19 -8.29 20.97 8.85
C SER A 19 -7.82 22.41 9.06
N PRO A 20 -8.71 23.28 9.54
CA PRO A 20 -8.41 24.69 9.79
C PRO A 20 -7.47 24.85 11.00
N ASP A 21 -7.52 23.96 11.93
CA ASP A 21 -6.64 24.07 13.13
C ASP A 21 -5.20 23.74 12.73
N PRO A 22 -4.94 22.48 12.35
CA PRO A 22 -3.60 22.03 11.94
C PRO A 22 -3.19 22.64 10.59
N THR A 23 -3.00 23.93 10.54
CA THR A 23 -2.60 24.57 9.26
C THR A 23 -1.33 23.91 8.74
N LYS A 24 -0.39 23.65 9.60
CA LYS A 24 0.88 23.00 9.14
C LYS A 24 0.80 21.49 9.42
N SER A 25 -0.37 20.93 9.32
CA SER A 25 -0.51 19.46 9.57
C SER A 25 -1.83 18.97 8.99
N ASN A 26 -1.87 17.74 8.54
CA ASN A 26 -3.13 17.19 7.95
C ASN A 26 -3.43 15.83 8.57
N ASN A 27 -4.65 15.39 8.51
CA ASN A 27 -5.01 14.06 9.08
C ASN A 27 -4.86 12.98 8.00
N ALA A 28 -3.94 12.07 8.19
CA ALA A 28 -3.76 10.99 7.17
C ALA A 28 -4.46 9.72 7.65
N GLY A 29 -5.04 8.98 6.75
CA GLY A 29 -5.75 7.73 7.15
C GLY A 29 -5.35 6.60 6.20
N MET A 30 -5.36 5.38 6.67
CA MET A 30 -4.99 4.24 5.79
C MET A 30 -6.08 3.16 5.84
N GLY A 31 -6.12 2.30 4.87
CA GLY A 31 -7.16 1.22 4.87
C GLY A 31 -6.64 0.02 4.08
N ILE A 32 -6.46 -1.09 4.74
CA ILE A 32 -5.96 -2.31 4.03
C ILE A 32 -6.95 -3.46 4.23
N VAL A 33 -7.47 -3.98 3.17
CA VAL A 33 -8.44 -5.10 3.30
C VAL A 33 -7.92 -6.32 2.54
N HIS A 34 -8.23 -7.50 3.02
CA HIS A 34 -7.74 -8.73 2.33
C HIS A 34 -8.92 -9.44 1.66
N ALA A 35 -8.69 -10.05 0.52
CA ALA A 35 -9.80 -10.76 -0.17
C ALA A 35 -9.32 -12.14 -0.63
N THR A 36 -10.20 -12.96 -1.14
CA THR A 36 -9.79 -14.31 -1.59
C THR A 36 -10.38 -14.58 -2.99
N TYR A 37 -9.77 -15.49 -3.73
CA TYR A 37 -10.29 -15.80 -5.09
C TYR A 37 -11.04 -17.13 -5.05
N LYS A 38 -11.34 -17.63 -3.87
CA LYS A 38 -12.07 -18.92 -3.77
C LYS A 38 -13.33 -18.85 -4.66
N PRO A 39 -14.13 -19.92 -4.70
CA PRO A 39 -15.35 -19.95 -5.52
C PRO A 39 -16.38 -18.93 -5.03
N GLU A 40 -16.11 -18.31 -3.91
CA GLU A 40 -17.06 -17.29 -3.39
C GLU A 40 -16.28 -16.00 -3.09
N TYR A 41 -16.44 -15.01 -3.90
CA TYR A 41 -15.72 -13.73 -3.67
C TYR A 41 -16.15 -13.15 -2.32
N GLN A 42 -15.21 -12.84 -1.47
CA GLN A 42 -15.57 -12.27 -0.13
C GLN A 42 -14.35 -11.57 0.47
N VAL A 43 -14.57 -10.62 1.33
CA VAL A 43 -13.43 -9.90 1.96
C VAL A 43 -13.05 -10.61 3.26
N LEU A 44 -11.82 -11.04 3.38
CA LEU A 44 -11.40 -11.74 4.64
C LEU A 44 -11.52 -10.77 5.82
N ASN A 45 -11.15 -9.53 5.63
CA ASN A 45 -11.26 -8.55 6.74
C ASN A 45 -10.74 -7.19 6.27
N GLN A 46 -11.20 -6.13 6.88
CA GLN A 46 -10.73 -4.77 6.48
C GLN A 46 -9.81 -4.23 7.56
N TRP A 47 -8.78 -3.51 7.18
CA TRP A 47 -7.84 -2.96 8.19
C TRP A 47 -7.85 -1.43 8.11
N SER A 48 -7.97 -0.77 9.23
CA SER A 48 -7.98 0.73 9.22
C SER A 48 -6.85 1.24 10.11
N ILE A 49 -6.25 2.35 9.74
CA ILE A 49 -5.14 2.90 10.56
C ILE A 49 -5.12 4.42 10.43
N PRO A 50 -5.73 5.12 11.39
CA PRO A 50 -5.78 6.59 11.39
C PRO A 50 -4.41 7.20 11.67
N LEU A 51 -3.97 8.11 10.84
CA LEU A 51 -2.64 8.75 11.06
C LEU A 51 -2.82 10.23 11.38
N GLY A 52 -1.95 10.79 12.17
CA GLY A 52 -2.08 12.24 12.52
C GLY A 52 -0.76 12.95 12.21
N ASN A 53 0.34 12.39 12.63
CA ASN A 53 1.66 13.04 12.36
C ASN A 53 2.18 12.59 10.99
N HIS A 54 1.35 11.95 10.21
CA HIS A 54 1.79 11.48 8.86
C HIS A 54 1.05 12.26 7.78
N THR A 55 1.68 12.51 6.67
CA THR A 55 1.00 13.27 5.57
C THR A 55 0.28 12.28 4.66
N ALA A 56 -0.55 12.75 3.78
CA ALA A 56 -1.28 11.83 2.87
C ALA A 56 -0.27 10.87 2.22
N GLN A 57 0.89 11.35 1.89
CA GLN A 57 1.92 10.48 1.27
C GLN A 57 2.45 9.50 2.31
N MET A 58 3.00 10.00 3.39
CA MET A 58 3.52 9.09 4.45
C MET A 58 2.51 7.99 4.72
N ALA A 59 1.24 8.28 4.55
CA ALA A 59 0.20 7.25 4.81
C ALA A 59 0.18 6.25 3.65
N GLU A 60 0.38 6.72 2.44
CA GLU A 60 0.38 5.80 1.28
C GLU A 60 1.52 4.78 1.42
N ILE A 61 2.68 5.23 1.78
CA ILE A 61 3.83 4.30 1.93
C ILE A 61 3.57 3.36 3.12
N ALA A 62 2.93 3.85 4.15
CA ALA A 62 2.64 2.99 5.33
C ALA A 62 1.66 1.89 4.91
N ALA A 63 0.82 2.17 3.95
CA ALA A 63 -0.17 1.14 3.50
C ALA A 63 0.57 0.03 2.76
N VAL A 64 1.48 0.38 1.89
CA VAL A 64 2.23 -0.67 1.15
C VAL A 64 3.04 -1.51 2.12
N GLU A 65 3.75 -0.87 3.02
CA GLU A 65 4.58 -1.63 4.01
C GLU A 65 3.65 -2.44 4.91
N PHE A 66 2.53 -1.90 5.28
CA PHE A 66 1.58 -2.64 6.16
C PHE A 66 1.27 -4.00 5.55
N ALA A 67 0.56 -4.02 4.45
CA ALA A 67 0.23 -5.32 3.80
C ALA A 67 1.52 -6.00 3.35
N CYS A 68 2.61 -5.27 3.29
CA CYS A 68 3.89 -5.89 2.85
C CYS A 68 4.40 -6.83 3.94
N LYS A 69 4.60 -6.33 5.13
CA LYS A 69 5.09 -7.20 6.24
C LYS A 69 4.10 -8.34 6.48
N LYS A 70 2.84 -8.02 6.59
CA LYS A 70 1.82 -9.08 6.83
C LYS A 70 1.83 -10.06 5.65
N ALA A 71 2.00 -9.57 4.46
CA ALA A 71 2.01 -10.48 3.27
C ALA A 71 3.08 -11.56 3.48
N LEU A 72 4.34 -11.18 3.43
CA LEU A 72 5.42 -12.18 3.61
C LEU A 72 5.08 -13.10 4.79
N LYS A 73 4.70 -12.52 5.90
CA LYS A 73 4.36 -13.36 7.09
C LYS A 73 3.50 -14.54 6.64
N ILE A 74 2.53 -14.29 5.79
CA ILE A 74 1.66 -15.39 5.31
C ILE A 74 2.54 -16.56 4.85
N PRO A 75 2.09 -17.80 5.09
CA PRO A 75 2.85 -19.01 4.70
C PRO A 75 2.93 -19.15 3.17
N GLY A 76 2.31 -18.26 2.44
CA GLY A 76 2.37 -18.34 0.96
C GLY A 76 2.48 -16.92 0.39
N PRO A 77 2.82 -16.80 -0.90
CA PRO A 77 2.95 -15.50 -1.56
C PRO A 77 1.60 -14.81 -1.73
N VAL A 78 1.47 -13.61 -1.22
CA VAL A 78 0.18 -12.89 -1.34
C VAL A 78 0.38 -11.66 -2.23
N LEU A 79 -0.68 -11.18 -2.83
CA LEU A 79 -0.56 -9.99 -3.72
C LEU A 79 -1.04 -8.74 -2.98
N VAL A 80 -0.35 -7.64 -3.16
CA VAL A 80 -0.76 -6.38 -2.47
C VAL A 80 -1.05 -5.31 -3.53
N ILE A 81 -2.18 -4.66 -3.44
CA ILE A 81 -2.51 -3.61 -4.44
C ILE A 81 -2.66 -2.26 -3.74
N THR A 82 -2.11 -1.22 -4.31
CA THR A 82 -2.23 0.12 -3.69
C THR A 82 -2.43 1.18 -4.79
N ASP A 83 -3.23 2.18 -4.52
CA ASP A 83 -3.48 3.22 -5.56
C ASP A 83 -2.19 4.00 -5.81
N SER A 84 -1.30 4.05 -4.85
CA SER A 84 -0.04 4.80 -5.04
C SER A 84 0.78 4.13 -6.14
N PHE A 85 0.92 4.79 -7.27
CA PHE A 85 1.71 4.19 -8.39
C PHE A 85 3.20 4.35 -8.11
N TYR A 86 3.60 5.50 -7.62
CA TYR A 86 5.05 5.72 -7.33
C TYR A 86 5.47 4.89 -6.11
N VAL A 87 4.62 4.73 -5.15
CA VAL A 87 4.98 3.94 -3.95
C VAL A 87 5.15 2.46 -4.35
N ALA A 88 4.21 1.93 -5.09
CA ALA A 88 4.30 0.50 -5.51
C ALA A 88 5.65 0.29 -6.20
N GLU A 89 5.97 1.11 -7.17
CA GLU A 89 7.27 0.96 -7.88
C GLU A 89 8.40 0.99 -6.85
N SER A 90 8.24 1.75 -5.80
CA SER A 90 9.30 1.82 -4.76
C SER A 90 9.59 0.42 -4.22
N ALA A 91 8.56 -0.31 -3.87
CA ALA A 91 8.77 -1.68 -3.33
C ALA A 91 8.85 -2.68 -4.49
N ASN A 92 8.73 -2.21 -5.71
CA ASN A 92 8.79 -3.14 -6.87
C ASN A 92 10.24 -3.29 -7.33
N LYS A 93 10.79 -2.30 -7.97
CA LYS A 93 12.20 -2.40 -8.44
C LYS A 93 13.01 -1.20 -7.95
N GLU A 94 12.37 -0.07 -7.77
CA GLU A 94 13.12 1.14 -7.31
C GLU A 94 13.81 0.85 -5.97
N LEU A 95 13.24 0.00 -5.17
CA LEU A 95 13.89 -0.32 -3.86
C LEU A 95 15.29 -0.87 -4.09
N PRO A 96 15.39 -2.00 -4.81
CA PRO A 96 16.68 -2.64 -5.11
C PRO A 96 17.51 -1.77 -6.06
N TYR A 97 16.88 -0.95 -6.85
CA TYR A 97 17.65 -0.08 -7.78
C TYR A 97 18.31 1.05 -6.98
N TRP A 98 17.63 1.54 -5.98
CA TRP A 98 18.21 2.63 -5.15
C TRP A 98 19.44 2.10 -4.41
N LYS A 99 19.31 0.99 -3.75
CA LYS A 99 20.47 0.42 -3.00
C LYS A 99 21.67 0.34 -3.94
N SER A 100 21.47 -0.04 -5.17
CA SER A 100 22.60 -0.13 -6.13
C SER A 100 23.21 1.26 -6.34
N ASN A 101 22.39 2.28 -6.34
CA ASN A 101 22.92 3.66 -6.53
C ASN A 101 23.37 4.23 -5.19
N GLY A 102 23.38 3.41 -4.16
CA GLY A 102 23.82 3.92 -2.82
C GLY A 102 22.67 4.72 -2.19
N PHE A 103 21.45 4.29 -2.39
CA PHE A 103 20.29 5.03 -1.80
C PHE A 103 20.23 6.43 -2.40
N VAL A 104 20.31 6.54 -3.70
CA VAL A 104 20.26 7.88 -4.34
C VAL A 104 18.94 8.04 -5.10
N ASN A 105 18.29 9.16 -4.95
CA ASN A 105 16.99 9.37 -5.66
C ASN A 105 17.24 10.20 -6.92
N ASN A 106 16.64 9.83 -8.01
CA ASN A 106 16.83 10.60 -9.28
C ASN A 106 16.42 12.05 -9.05
N LYS A 107 15.37 12.27 -8.31
CA LYS A 107 14.92 13.68 -8.06
C LYS A 107 15.96 14.39 -7.20
N LYS A 108 16.41 13.76 -6.14
CA LYS A 108 17.42 14.40 -5.27
C LYS A 108 18.55 13.41 -4.98
N LYS A 109 19.76 13.90 -4.86
CA LYS A 109 20.89 12.99 -4.58
C LYS A 109 20.50 11.99 -3.47
N PRO A 110 20.26 12.50 -2.26
CA PRO A 110 19.88 11.68 -1.12
C PRO A 110 18.46 11.11 -1.28
N LEU A 111 18.26 9.87 -0.92
CA LEU A 111 16.90 9.27 -1.05
C LEU A 111 16.09 9.58 0.20
N LYS A 112 14.82 9.84 0.05
CA LYS A 112 13.98 10.15 1.24
C LYS A 112 13.16 8.91 1.63
N HIS A 113 12.82 8.79 2.89
CA HIS A 113 12.03 7.60 3.32
C HIS A 113 12.86 6.33 3.14
N ILE A 114 14.15 6.43 3.22
CA ILE A 114 15.01 5.23 3.05
C ILE A 114 14.71 4.23 4.16
N SER A 115 14.62 4.70 5.38
CA SER A 115 14.33 3.78 6.52
C SER A 115 13.03 3.02 6.23
N LYS A 116 12.01 3.71 5.80
CA LYS A 116 10.73 3.03 5.50
C LYS A 116 10.94 1.97 4.42
N TRP A 117 11.65 2.29 3.38
CA TRP A 117 11.91 1.30 2.30
C TRP A 117 12.78 0.17 2.85
N LYS A 118 13.71 0.49 3.71
CA LYS A 118 14.59 -0.57 4.28
C LYS A 118 13.74 -1.65 4.94
N SER A 119 12.78 -1.25 5.73
CA SER A 119 11.90 -2.25 6.41
C SER A 119 11.20 -3.11 5.35
N ILE A 120 10.69 -2.50 4.32
CA ILE A 120 9.99 -3.28 3.26
C ILE A 120 11.02 -4.12 2.50
N ALA A 121 12.17 -3.58 2.24
CA ALA A 121 13.21 -4.36 1.50
C ALA A 121 13.60 -5.58 2.32
N GLU A 122 13.66 -5.45 3.62
CA GLU A 122 14.04 -6.61 4.48
C GLU A 122 13.10 -7.79 4.19
N CYS A 123 11.85 -7.52 3.98
CA CYS A 123 10.89 -8.62 3.69
C CYS A 123 11.02 -9.06 2.23
N LEU A 124 10.97 -8.13 1.32
CA LEU A 124 11.10 -8.48 -0.12
C LEU A 124 12.44 -9.18 -0.36
N SER A 125 13.46 -8.80 0.36
CA SER A 125 14.79 -9.44 0.18
C SER A 125 14.68 -10.93 0.50
N MET A 126 13.83 -11.30 1.40
CA MET A 126 13.67 -12.73 1.75
C MET A 126 13.10 -13.49 0.56
N LYS A 127 12.24 -12.86 -0.21
CA LYS A 127 11.66 -13.54 -1.39
C LYS A 127 10.65 -12.60 -2.07
N PRO A 128 10.56 -12.70 -3.41
CA PRO A 128 9.64 -11.86 -4.20
C PRO A 128 8.18 -12.28 -4.01
N ASP A 129 7.94 -13.25 -3.17
CA ASP A 129 6.55 -13.71 -2.95
C ASP A 129 5.62 -12.50 -2.84
N ILE A 130 6.00 -11.51 -2.08
CA ILE A 130 5.15 -10.30 -1.94
C ILE A 130 4.98 -9.63 -3.31
N THR A 131 3.77 -9.50 -3.77
CA THR A 131 3.55 -8.86 -5.09
C THR A 131 2.87 -7.50 -4.89
N ILE A 132 3.16 -6.54 -5.72
CA ILE A 132 2.54 -5.20 -5.58
C ILE A 132 1.85 -4.81 -6.89
N GLN A 133 0.61 -4.43 -6.83
CA GLN A 133 -0.11 -4.03 -8.07
C GLN A 133 -0.74 -2.65 -7.88
N HIS A 134 -0.97 -1.93 -8.95
CA HIS A 134 -1.57 -0.58 -8.82
C HIS A 134 -3.10 -0.68 -8.90
N GLU A 135 -3.80 0.09 -8.11
CA GLU A 135 -5.28 0.05 -8.14
C GLU A 135 -5.78 0.78 -9.39
N LYS A 136 -6.87 0.33 -9.96
CA LYS A 136 -7.40 1.01 -11.17
C LYS A 136 -8.57 1.90 -10.78
N GLY A 137 -8.49 2.56 -9.66
CA GLY A 137 -9.61 3.45 -9.23
C GLY A 137 -10.04 4.32 -10.41
N HIS A 138 -9.12 4.71 -11.25
CA HIS A 138 -9.47 5.56 -12.41
C HIS A 138 -9.81 4.67 -13.61
N GLN A 139 -10.87 4.96 -14.31
CA GLN A 139 -11.24 4.13 -15.49
C GLN A 139 -11.66 2.73 -15.03
N PRO A 140 -12.85 2.63 -14.42
CA PRO A 140 -13.38 1.35 -13.92
C PRO A 140 -13.78 0.42 -15.07
N THR A 141 -13.93 0.96 -16.25
CA THR A 141 -14.33 0.09 -17.40
C THR A 141 -13.12 -0.70 -17.88
N ASN A 142 -13.31 -1.94 -18.23
CA ASN A 142 -12.17 -2.77 -18.70
C ASN A 142 -11.12 -2.88 -17.61
N THR A 143 -11.53 -3.12 -16.39
CA THR A 143 -10.56 -3.23 -15.27
C THR A 143 -10.67 -4.63 -14.65
N SER A 144 -9.64 -5.06 -13.95
CA SER A 144 -9.68 -6.40 -13.32
C SER A 144 -10.66 -6.39 -12.15
N ILE A 145 -10.90 -7.53 -11.55
CA ILE A 145 -11.84 -7.57 -10.40
C ILE A 145 -11.21 -6.88 -9.18
N HIS A 146 -9.94 -6.55 -9.27
CA HIS A 146 -9.28 -5.87 -8.13
C HIS A 146 -9.91 -4.49 -7.93
N THR A 147 -10.43 -3.90 -8.96
CA THR A 147 -11.05 -2.55 -8.84
C THR A 147 -12.06 -2.56 -7.68
N GLU A 148 -12.89 -3.56 -7.60
CA GLU A 148 -13.88 -3.62 -6.49
C GLU A 148 -13.17 -3.44 -5.16
N GLY A 149 -12.12 -4.19 -4.92
CA GLY A 149 -11.39 -4.06 -3.64
C GLY A 149 -10.91 -2.61 -3.45
N ASN A 150 -10.52 -1.97 -4.52
CA ASN A 150 -10.07 -0.56 -4.41
C ASN A 150 -11.19 0.31 -3.84
N ALA A 151 -12.40 0.09 -4.27
CA ALA A 151 -13.53 0.90 -3.77
C ALA A 151 -13.68 0.68 -2.25
N LEU A 152 -13.68 -0.55 -1.83
CA LEU A 152 -13.83 -0.84 -0.38
C LEU A 152 -12.59 -0.32 0.37
N ALA A 153 -11.42 -0.51 -0.19
CA ALA A 153 -10.20 -0.02 0.49
C ALA A 153 -10.24 1.51 0.59
N ASP A 154 -10.69 2.17 -0.46
CA ASP A 154 -10.75 3.66 -0.42
C ASP A 154 -11.64 4.10 0.75
N LYS A 155 -12.75 3.45 0.95
CA LYS A 155 -13.65 3.85 2.07
C LYS A 155 -12.92 3.66 3.40
N LEU A 156 -12.13 2.62 3.52
CA LEU A 156 -11.39 2.38 4.79
C LEU A 156 -10.39 3.53 5.02
N ALA A 157 -9.77 4.00 3.97
CA ALA A 157 -8.79 5.10 4.14
C ALA A 157 -9.49 6.35 4.65
N THR A 158 -10.61 6.70 4.08
CA THR A 158 -11.35 7.91 4.54
C THR A 158 -11.78 7.71 6.01
N GLN A 159 -12.23 6.53 6.34
CA GLN A 159 -12.66 6.27 7.75
C GLN A 159 -11.46 6.45 8.68
N GLY A 160 -10.30 6.06 8.25
CA GLY A 160 -9.10 6.19 9.12
C GLY A 160 -8.85 7.68 9.42
N SER A 161 -8.72 8.48 8.41
CA SER A 161 -8.48 9.94 8.63
C SER A 161 -9.72 10.57 9.26
N TYR A 162 -10.87 10.03 8.99
CA TYR A 162 -12.12 10.61 9.57
C TYR A 162 -12.09 10.46 11.09
N VAL A 163 -11.54 9.38 11.58
CA VAL A 163 -11.48 9.19 13.06
C VAL A 163 -10.59 10.26 13.68
N VAL A 164 -9.85 10.98 12.87
CA VAL A 164 -8.96 12.03 13.42
C VAL A 164 -9.25 13.36 12.71
N ASN A 165 -8.95 14.46 13.35
CA ASN A 165 -9.20 15.78 12.73
C ASN A 165 -8.03 16.72 13.00
N GLY A 1 -9.25 -19.17 -15.61
CA GLY A 1 -9.24 -19.84 -14.29
C GLY A 1 -8.57 -18.91 -13.26
N ALA A 2 -8.48 -19.34 -12.03
CA ALA A 2 -7.85 -18.48 -10.99
C ALA A 2 -6.40 -18.22 -11.37
N MET A 3 -5.90 -17.06 -11.04
CA MET A 3 -4.48 -16.73 -11.39
C MET A 3 -3.54 -17.68 -10.63
N GLY A 4 -3.84 -17.97 -9.39
CA GLY A 4 -2.97 -18.89 -8.60
C GLY A 4 -1.63 -18.21 -8.33
N GLN A 5 -0.69 -18.93 -7.79
CA GLN A 5 0.65 -18.35 -7.48
C GLN A 5 0.62 -17.61 -6.14
N TYR A 6 -0.53 -17.14 -5.73
CA TYR A 6 -0.61 -16.40 -4.44
C TYR A 6 -1.73 -16.99 -3.58
N GLU A 7 -1.78 -16.65 -2.32
CA GLU A 7 -2.85 -17.18 -1.44
C GLU A 7 -4.00 -16.18 -1.38
N GLY A 8 -3.70 -14.91 -1.45
CA GLY A 8 -4.77 -13.89 -1.40
C GLY A 8 -4.22 -12.53 -1.84
N VAL A 9 -5.05 -11.54 -1.95
CA VAL A 9 -4.57 -10.20 -2.37
C VAL A 9 -4.98 -9.16 -1.32
N PHE A 10 -4.11 -8.25 -1.00
CA PHE A 10 -4.45 -7.22 0.02
C PHE A 10 -4.55 -5.85 -0.66
N TYR A 11 -5.52 -5.06 -0.27
CA TYR A 11 -5.66 -3.71 -0.89
C TYR A 11 -5.39 -2.64 0.15
N THR A 12 -4.51 -1.71 -0.13
CA THR A 12 -4.20 -0.65 0.85
C THR A 12 -4.56 0.72 0.26
N ASP A 13 -4.88 1.67 1.09
CA ASP A 13 -5.24 3.02 0.57
C ASP A 13 -4.88 4.08 1.63
N GLY A 14 -4.61 5.28 1.20
CA GLY A 14 -4.25 6.35 2.17
C GLY A 14 -5.00 7.63 1.81
N SER A 15 -5.84 8.10 2.69
CA SER A 15 -6.61 9.36 2.40
C SER A 15 -6.32 10.39 3.49
N ALA A 16 -6.37 11.65 3.15
CA ALA A 16 -6.11 12.71 4.16
C ALA A 16 -7.30 13.65 4.24
N ILE A 17 -7.59 14.17 5.41
CA ILE A 17 -8.75 15.10 5.54
C ILE A 17 -8.25 16.46 6.00
N LYS A 18 -8.83 17.52 5.49
CA LYS A 18 -8.39 18.88 5.89
C LYS A 18 -9.41 19.49 6.85
N SER A 19 -8.96 20.12 7.90
CA SER A 19 -9.91 20.74 8.87
C SER A 19 -9.64 22.24 8.95
N PRO A 20 -10.66 23.02 9.35
CA PRO A 20 -10.54 24.48 9.47
C PRO A 20 -9.61 24.89 10.61
N ASP A 21 -9.34 24.00 11.53
CA ASP A 21 -8.43 24.33 12.65
C ASP A 21 -6.99 24.18 12.20
N PRO A 22 -6.57 22.93 11.92
CA PRO A 22 -5.21 22.64 11.46
C PRO A 22 -4.97 23.11 10.03
N THR A 23 -4.94 24.40 9.83
CA THR A 23 -4.72 24.94 8.45
C THR A 23 -3.43 24.34 7.89
N LYS A 24 -2.39 24.29 8.67
CA LYS A 24 -1.12 23.72 8.18
C LYS A 24 -0.98 22.26 8.64
N SER A 25 -2.08 21.55 8.68
CA SER A 25 -2.03 20.13 9.13
C SER A 25 -3.29 19.40 8.67
N ASN A 26 -3.15 18.20 8.18
CA ASN A 26 -4.35 17.44 7.71
C ASN A 26 -4.40 16.09 8.41
N ASN A 27 -5.55 15.47 8.45
CA ASN A 27 -5.67 14.15 9.12
C ASN A 27 -5.47 13.04 8.08
N ALA A 28 -4.43 12.26 8.22
CA ALA A 28 -4.20 11.16 7.23
C ALA A 28 -4.69 9.84 7.82
N GLY A 29 -5.16 8.94 7.00
CA GLY A 29 -5.66 7.64 7.50
C GLY A 29 -5.26 6.53 6.53
N MET A 30 -5.12 5.32 7.02
CA MET A 30 -4.73 4.20 6.13
C MET A 30 -5.82 3.12 6.15
N GLY A 31 -5.84 2.25 5.18
CA GLY A 31 -6.88 1.19 5.15
C GLY A 31 -6.36 -0.01 4.37
N ILE A 32 -6.23 -1.14 5.00
CA ILE A 32 -5.73 -2.35 4.29
C ILE A 32 -6.73 -3.49 4.48
N VAL A 33 -7.27 -4.01 3.41
CA VAL A 33 -8.26 -5.13 3.54
C VAL A 33 -7.74 -6.36 2.81
N HIS A 34 -8.03 -7.53 3.32
CA HIS A 34 -7.55 -8.78 2.65
C HIS A 34 -8.73 -9.45 1.95
N ALA A 35 -8.54 -9.91 0.74
CA ALA A 35 -9.65 -10.57 0.01
C ALA A 35 -9.16 -11.88 -0.59
N THR A 36 -10.07 -12.71 -1.05
CA THR A 36 -9.66 -14.02 -1.66
C THR A 36 -10.24 -14.12 -3.07
N TYR A 37 -9.68 -14.97 -3.89
CA TYR A 37 -10.21 -15.11 -5.28
C TYR A 37 -10.97 -16.44 -5.40
N LYS A 38 -11.32 -17.03 -4.30
CA LYS A 38 -12.07 -18.31 -4.35
C LYS A 38 -13.28 -18.14 -5.29
N PRO A 39 -14.11 -19.19 -5.46
CA PRO A 39 -15.29 -19.12 -6.33
C PRO A 39 -16.32 -18.11 -5.81
N GLU A 40 -16.09 -17.58 -4.65
CA GLU A 40 -17.03 -16.58 -4.08
C GLU A 40 -16.24 -15.37 -3.59
N TYR A 41 -16.29 -14.27 -4.30
CA TYR A 41 -15.53 -13.07 -3.87
C TYR A 41 -15.95 -12.67 -2.46
N GLN A 42 -15.02 -12.54 -1.56
CA GLN A 42 -15.38 -12.15 -0.17
C GLN A 42 -14.17 -11.48 0.50
N VAL A 43 -14.41 -10.57 1.40
CA VAL A 43 -13.27 -9.88 2.08
C VAL A 43 -12.92 -10.64 3.36
N LEU A 44 -11.70 -11.09 3.47
CA LEU A 44 -11.29 -11.83 4.70
C LEU A 44 -11.37 -10.89 5.91
N ASN A 45 -10.99 -9.66 5.74
CA ASN A 45 -11.04 -8.70 6.88
C ASN A 45 -10.55 -7.33 6.42
N GLN A 46 -10.94 -6.29 7.10
CA GLN A 46 -10.49 -4.92 6.71
C GLN A 46 -9.55 -4.39 7.78
N TRP A 47 -8.59 -3.59 7.41
CA TRP A 47 -7.63 -3.05 8.41
C TRP A 47 -7.59 -1.52 8.32
N SER A 48 -7.67 -0.86 9.44
CA SER A 48 -7.63 0.64 9.42
C SER A 48 -6.53 1.13 10.37
N ILE A 49 -5.70 2.02 9.92
CA ILE A 49 -4.61 2.54 10.80
C ILE A 49 -4.52 4.05 10.69
N PRO A 50 -4.87 4.76 11.78
CA PRO A 50 -4.84 6.23 11.81
C PRO A 50 -3.41 6.76 11.83
N LEU A 51 -3.12 7.76 11.04
CA LEU A 51 -1.74 8.31 11.01
C LEU A 51 -1.70 9.65 11.76
N GLY A 52 -0.69 9.88 12.54
CA GLY A 52 -0.60 11.15 13.29
C GLY A 52 0.58 11.97 12.78
N ASN A 53 0.36 13.21 12.42
CA ASN A 53 1.47 14.05 11.91
C ASN A 53 1.99 13.47 10.59
N HIS A 54 1.11 12.97 9.76
CA HIS A 54 1.56 12.39 8.46
C HIS A 54 0.82 13.07 7.31
N THR A 55 1.29 12.89 6.11
CA THR A 55 0.62 13.54 4.94
C THR A 55 -0.06 12.46 4.09
N ALA A 56 -0.84 12.85 3.13
CA ALA A 56 -1.51 11.84 2.27
C ALA A 56 -0.46 10.89 1.69
N GLN A 57 0.67 11.41 1.30
CA GLN A 57 1.75 10.54 0.74
C GLN A 57 2.27 9.62 1.83
N MET A 58 2.69 10.18 2.93
CA MET A 58 3.22 9.33 4.04
C MET A 58 2.30 8.12 4.24
N ALA A 59 1.02 8.30 4.05
CA ALA A 59 0.06 7.17 4.23
C ALA A 59 0.15 6.24 3.01
N GLU A 60 0.42 6.79 1.85
CA GLU A 60 0.51 5.94 0.63
C GLU A 60 1.67 4.94 0.78
N ILE A 61 2.77 5.38 1.33
CA ILE A 61 3.93 4.47 1.50
C ILE A 61 3.65 3.51 2.66
N ALA A 62 2.98 3.97 3.67
CA ALA A 62 2.68 3.08 4.83
C ALA A 62 1.64 2.04 4.43
N ALA A 63 0.78 2.38 3.51
CA ALA A 63 -0.27 1.40 3.07
C ALA A 63 0.41 0.16 2.50
N VAL A 64 1.48 0.33 1.76
CA VAL A 64 2.19 -0.85 1.19
C VAL A 64 3.02 -1.54 2.27
N GLU A 65 3.71 -0.78 3.07
CA GLU A 65 4.54 -1.40 4.15
C GLU A 65 3.66 -2.28 5.03
N PHE A 66 2.45 -1.88 5.27
CA PHE A 66 1.54 -2.69 6.12
C PHE A 66 1.35 -4.08 5.50
N ALA A 67 0.67 -4.14 4.38
CA ALA A 67 0.44 -5.46 3.72
C ALA A 67 1.79 -6.08 3.35
N CYS A 68 2.85 -5.32 3.40
CA CYS A 68 4.19 -5.87 3.05
C CYS A 68 4.59 -6.92 4.09
N LYS A 69 4.71 -6.52 5.33
CA LYS A 69 5.10 -7.49 6.39
C LYS A 69 3.99 -8.53 6.57
N LYS A 70 2.76 -8.12 6.53
CA LYS A 70 1.63 -9.09 6.68
C LYS A 70 1.62 -10.05 5.49
N ALA A 71 2.10 -9.62 4.36
CA ALA A 71 2.11 -10.50 3.17
C ALA A 71 3.10 -11.64 3.38
N LEU A 72 4.34 -11.32 3.62
CA LEU A 72 5.37 -12.39 3.84
C LEU A 72 4.98 -13.22 5.06
N LYS A 73 4.49 -12.60 6.09
CA LYS A 73 4.09 -13.36 7.30
C LYS A 73 3.27 -14.58 6.89
N ILE A 74 2.44 -14.44 5.90
CA ILE A 74 1.62 -15.59 5.43
C ILE A 74 2.54 -16.71 4.95
N PRO A 75 2.17 -17.97 5.22
CA PRO A 75 2.97 -19.13 4.80
C PRO A 75 3.06 -19.25 3.28
N GLY A 76 2.34 -18.42 2.57
CA GLY A 76 2.37 -18.47 1.09
C GLY A 76 2.51 -17.05 0.54
N PRO A 77 2.82 -16.91 -0.75
CA PRO A 77 2.99 -15.60 -1.39
C PRO A 77 1.65 -14.86 -1.51
N VAL A 78 1.67 -13.57 -1.29
CA VAL A 78 0.40 -12.79 -1.38
C VAL A 78 0.58 -11.63 -2.35
N LEU A 79 -0.49 -11.10 -2.87
CA LEU A 79 -0.38 -9.96 -3.82
C LEU A 79 -0.97 -8.70 -3.20
N VAL A 80 -0.20 -7.64 -3.14
CA VAL A 80 -0.72 -6.38 -2.54
C VAL A 80 -1.02 -5.38 -3.67
N ILE A 81 -2.17 -4.75 -3.63
CA ILE A 81 -2.52 -3.77 -4.70
C ILE A 81 -2.74 -2.40 -4.06
N THR A 82 -2.21 -1.37 -4.67
CA THR A 82 -2.39 0.00 -4.11
C THR A 82 -2.85 0.94 -5.22
N ASP A 83 -3.41 2.07 -4.86
CA ASP A 83 -3.88 3.03 -5.90
C ASP A 83 -2.74 4.00 -6.25
N SER A 84 -1.55 3.72 -5.80
CA SER A 84 -0.41 4.62 -6.12
C SER A 84 0.57 3.90 -7.04
N PHE A 85 0.89 4.50 -8.16
CA PHE A 85 1.84 3.85 -9.11
C PHE A 85 3.27 4.09 -8.63
N TYR A 86 3.57 5.27 -8.14
CA TYR A 86 4.95 5.56 -7.66
C TYR A 86 5.29 4.61 -6.51
N VAL A 87 4.42 4.50 -5.54
CA VAL A 87 4.70 3.59 -4.39
C VAL A 87 4.82 2.16 -4.90
N ALA A 88 3.84 1.70 -5.64
CA ALA A 88 3.90 0.30 -6.17
C ALA A 88 5.23 0.09 -6.90
N GLU A 89 5.47 0.85 -7.93
CA GLU A 89 6.75 0.69 -8.69
C GLU A 89 7.93 0.92 -7.73
N SER A 90 7.68 1.53 -6.62
CA SER A 90 8.78 1.79 -5.64
C SER A 90 9.27 0.45 -5.06
N ALA A 91 8.42 -0.22 -4.33
CA ALA A 91 8.83 -1.54 -3.74
C ALA A 91 8.98 -2.57 -4.85
N ASN A 92 8.59 -2.24 -6.05
CA ASN A 92 8.70 -3.21 -7.17
C ASN A 92 10.11 -3.13 -7.79
N LYS A 93 10.58 -1.93 -8.06
CA LYS A 93 11.93 -1.79 -8.66
C LYS A 93 12.79 -0.85 -7.80
N GLU A 94 12.25 0.28 -7.42
CA GLU A 94 13.02 1.24 -6.59
C GLU A 94 13.62 0.52 -5.38
N LEU A 95 12.83 -0.31 -4.74
CA LEU A 95 13.35 -1.03 -3.55
C LEU A 95 14.68 -1.71 -3.90
N PRO A 96 14.65 -2.67 -4.84
CA PRO A 96 15.84 -3.41 -5.27
C PRO A 96 16.82 -2.51 -6.03
N TYR A 97 16.32 -1.67 -6.91
CA TYR A 97 17.23 -0.78 -7.69
C TYR A 97 17.96 0.16 -6.73
N TRP A 98 17.27 0.67 -5.74
CA TRP A 98 17.93 1.60 -4.77
C TRP A 98 19.01 0.85 -4.00
N LYS A 99 18.72 -0.34 -3.56
CA LYS A 99 19.75 -1.11 -2.79
C LYS A 99 21.07 -1.13 -3.57
N SER A 100 21.01 -1.26 -4.87
CA SER A 100 22.26 -1.27 -5.67
C SER A 100 22.94 0.10 -5.58
N ASN A 101 22.17 1.14 -5.42
CA ASN A 101 22.77 2.50 -5.34
C ASN A 101 23.08 2.84 -3.88
N GLY A 102 22.96 1.87 -3.00
CA GLY A 102 23.25 2.14 -1.57
C GLY A 102 22.18 3.06 -0.98
N PHE A 103 20.97 2.94 -1.46
CA PHE A 103 19.87 3.80 -0.92
C PHE A 103 20.12 5.24 -1.36
N VAL A 104 20.70 5.45 -2.51
CA VAL A 104 20.96 6.84 -2.99
C VAL A 104 20.34 7.03 -4.36
N ASN A 105 19.54 8.05 -4.53
CA ASN A 105 18.91 8.29 -5.87
C ASN A 105 19.84 9.14 -6.73
N ASN A 106 19.95 10.40 -6.43
CA ASN A 106 20.84 11.28 -7.24
C ASN A 106 21.49 12.33 -6.33
N LYS A 107 22.61 12.86 -6.73
CA LYS A 107 23.30 13.87 -5.89
C LYS A 107 22.38 15.09 -5.69
N LYS A 108 21.56 15.39 -6.67
CA LYS A 108 20.64 16.55 -6.53
C LYS A 108 19.68 16.31 -5.37
N LYS A 109 19.26 15.10 -5.19
CA LYS A 109 18.31 14.80 -4.07
C LYS A 109 18.44 13.32 -3.68
N PRO A 110 18.68 13.06 -2.38
CA PRO A 110 18.82 11.69 -1.86
C PRO A 110 17.49 10.93 -1.89
N LEU A 111 17.53 9.64 -1.70
CA LEU A 111 16.28 8.84 -1.72
C LEU A 111 15.33 9.36 -0.63
N LYS A 112 15.87 9.70 0.51
CA LYS A 112 15.00 10.21 1.61
C LYS A 112 13.98 9.14 1.99
N HIS A 113 13.53 9.13 3.22
CA HIS A 113 12.52 8.12 3.65
C HIS A 113 13.11 6.72 3.47
N ILE A 114 14.41 6.60 3.53
CA ILE A 114 15.04 5.26 3.37
C ILE A 114 14.57 4.33 4.48
N SER A 115 14.44 4.85 5.68
CA SER A 115 13.99 4.00 6.81
C SER A 115 12.65 3.35 6.46
N LYS A 116 11.73 4.12 5.93
CA LYS A 116 10.40 3.55 5.56
C LYS A 116 10.59 2.44 4.52
N TRP A 117 11.27 2.73 3.45
CA TRP A 117 11.49 1.69 2.40
C TRP A 117 12.37 0.58 2.98
N LYS A 118 13.27 0.91 3.85
CA LYS A 118 14.16 -0.12 4.45
C LYS A 118 13.30 -1.24 5.05
N SER A 119 12.29 -0.88 5.79
CA SER A 119 11.42 -1.92 6.39
C SER A 119 10.93 -2.88 5.31
N ILE A 120 10.52 -2.36 4.19
CA ILE A 120 10.03 -3.24 3.08
C ILE A 120 11.22 -3.98 2.47
N ALA A 121 12.37 -3.35 2.43
CA ALA A 121 13.57 -4.01 1.84
C ALA A 121 13.89 -5.28 2.63
N GLU A 122 13.75 -5.23 3.92
CA GLU A 122 14.05 -6.43 4.75
C GLU A 122 13.01 -7.51 4.46
N CYS A 123 11.77 -7.15 4.28
CA CYS A 123 10.72 -8.15 4.00
C CYS A 123 10.94 -8.74 2.60
N LEU A 124 11.23 -7.91 1.64
CA LEU A 124 11.47 -8.42 0.27
C LEU A 124 12.76 -9.23 0.23
N SER A 125 13.73 -8.86 1.01
CA SER A 125 15.02 -9.62 1.03
C SER A 125 14.75 -11.06 1.45
N MET A 126 13.78 -11.27 2.31
CA MET A 126 13.47 -12.66 2.74
C MET A 126 12.89 -13.45 1.58
N LYS A 127 12.15 -12.80 0.73
CA LYS A 127 11.55 -13.51 -0.44
C LYS A 127 10.68 -12.54 -1.25
N PRO A 128 10.79 -12.59 -2.58
CA PRO A 128 10.02 -11.71 -3.47
C PRO A 128 8.53 -12.10 -3.51
N ASP A 129 8.14 -13.08 -2.76
CA ASP A 129 6.71 -13.49 -2.76
C ASP A 129 5.81 -12.26 -2.73
N ILE A 130 6.19 -11.25 -1.99
CA ILE A 130 5.35 -10.02 -1.91
C ILE A 130 5.20 -9.42 -3.31
N THR A 131 4.01 -9.39 -3.83
CA THR A 131 3.78 -8.80 -5.18
C THR A 131 2.98 -7.51 -5.05
N ILE A 132 3.40 -6.47 -5.72
CA ILE A 132 2.66 -5.18 -5.61
C ILE A 132 2.06 -4.81 -6.98
N GLN A 133 0.83 -4.37 -7.00
CA GLN A 133 0.19 -3.98 -8.29
C GLN A 133 -0.36 -2.56 -8.17
N HIS A 134 -0.47 -1.86 -9.27
CA HIS A 134 -0.99 -0.47 -9.22
C HIS A 134 -2.40 -0.44 -9.82
N GLU A 135 -3.35 0.09 -9.10
CA GLU A 135 -4.74 0.15 -9.63
C GLU A 135 -4.80 1.18 -10.77
N LYS A 136 -5.62 0.93 -11.76
CA LYS A 136 -5.73 1.89 -12.90
C LYS A 136 -6.92 2.82 -12.66
N GLY A 137 -7.18 3.18 -11.43
CA GLY A 137 -8.32 4.08 -11.14
C GLY A 137 -9.63 3.29 -11.19
N HIS A 138 -10.72 3.95 -11.47
CA HIS A 138 -12.03 3.23 -11.54
C HIS A 138 -11.93 2.08 -12.55
N GLN A 139 -11.29 2.32 -13.66
CA GLN A 139 -11.16 1.24 -14.69
C GLN A 139 -10.32 0.08 -14.11
N PRO A 140 -10.87 -1.14 -14.15
CA PRO A 140 -10.18 -2.33 -13.64
C PRO A 140 -9.00 -2.73 -14.54
N THR A 141 -7.90 -3.07 -13.94
CA THR A 141 -6.72 -3.47 -14.76
C THR A 141 -7.09 -4.64 -15.67
N ASN A 142 -7.79 -5.62 -15.14
CA ASN A 142 -8.19 -6.79 -15.98
C ASN A 142 -9.62 -7.19 -15.64
N THR A 143 -9.96 -7.21 -14.37
CA THR A 143 -11.35 -7.59 -13.98
C THR A 143 -11.91 -6.55 -13.01
N SER A 144 -13.21 -6.49 -12.88
CA SER A 144 -13.81 -5.50 -11.95
C SER A 144 -13.50 -5.89 -10.50
N ILE A 145 -13.07 -7.10 -10.29
CA ILE A 145 -12.75 -7.55 -8.90
C ILE A 145 -11.63 -6.68 -8.33
N HIS A 146 -10.70 -6.28 -9.15
CA HIS A 146 -9.58 -5.43 -8.65
C HIS A 146 -10.11 -4.04 -8.26
N THR A 147 -11.05 -3.54 -9.02
CA THR A 147 -11.62 -2.19 -8.71
C THR A 147 -12.43 -2.27 -7.41
N GLU A 148 -13.17 -3.33 -7.22
CA GLU A 148 -13.98 -3.47 -5.97
C GLU A 148 -13.07 -3.30 -4.75
N GLY A 149 -11.88 -3.81 -4.82
CA GLY A 149 -10.94 -3.68 -3.66
C GLY A 149 -10.60 -2.20 -3.43
N ASN A 150 -10.51 -1.45 -4.49
CA ASN A 150 -10.18 0.00 -4.34
C ASN A 150 -11.32 0.72 -3.60
N ALA A 151 -12.53 0.34 -3.89
CA ALA A 151 -13.69 1.00 -3.21
C ALA A 151 -13.68 0.65 -1.72
N LEU A 152 -13.54 -0.62 -1.40
CA LEU A 152 -13.51 -1.02 0.04
C LEU A 152 -12.28 -0.45 0.72
N ALA A 153 -11.14 -0.53 0.07
CA ALA A 153 -9.89 0.01 0.69
C ALA A 153 -10.05 1.52 0.92
N ASP A 154 -10.71 2.20 0.02
CA ASP A 154 -10.88 3.67 0.19
C ASP A 154 -11.71 3.94 1.45
N LYS A 155 -12.73 3.16 1.68
CA LYS A 155 -13.57 3.37 2.89
C LYS A 155 -12.73 3.15 4.15
N LEU A 156 -11.82 2.21 4.11
CA LEU A 156 -10.97 1.95 5.31
C LEU A 156 -10.01 3.13 5.52
N ALA A 157 -9.51 3.70 4.47
CA ALA A 157 -8.57 4.85 4.61
C ALA A 157 -9.33 6.07 5.12
N THR A 158 -10.49 6.33 4.57
CA THR A 158 -11.28 7.52 5.02
C THR A 158 -11.61 7.38 6.50
N GLN A 159 -11.98 6.20 6.93
CA GLN A 159 -12.31 6.01 8.37
C GLN A 159 -11.06 6.22 9.22
N GLY A 160 -9.92 5.87 8.71
CA GLY A 160 -8.66 6.05 9.49
C GLY A 160 -8.45 7.54 9.78
N SER A 161 -8.60 8.38 8.80
CA SER A 161 -8.41 9.84 9.01
C SER A 161 -9.58 10.40 9.83
N TYR A 162 -10.73 9.77 9.74
CA TYR A 162 -11.91 10.26 10.50
C TYR A 162 -11.67 10.06 12.00
N VAL A 163 -11.03 8.99 12.36
CA VAL A 163 -10.78 8.74 13.81
C VAL A 163 -9.74 9.72 14.33
N VAL A 164 -9.04 10.40 13.45
CA VAL A 164 -8.01 11.38 13.90
C VAL A 164 -8.54 12.80 13.69
N ASN A 165 -8.37 13.64 14.67
CA ASN A 165 -8.87 15.05 14.54
C ASN A 165 -7.68 16.00 14.36
N GLY A 1 -7.87 -21.06 -12.61
CA GLY A 1 -7.77 -20.22 -11.38
C GLY A 1 -6.31 -19.77 -11.20
N ALA A 2 -5.83 -18.94 -12.06
CA ALA A 2 -4.41 -18.46 -11.93
C ALA A 2 -4.27 -17.66 -10.64
N MET A 3 -5.31 -16.99 -10.22
CA MET A 3 -5.23 -16.19 -8.96
C MET A 3 -4.95 -17.12 -7.78
N GLY A 4 -5.45 -18.32 -7.84
CA GLY A 4 -5.22 -19.28 -6.71
C GLY A 4 -3.72 -19.47 -6.51
N GLN A 5 -2.93 -19.13 -7.49
CA GLN A 5 -1.46 -19.29 -7.37
C GLN A 5 -0.98 -18.63 -6.07
N TYR A 6 -1.60 -17.56 -5.68
CA TYR A 6 -1.19 -16.86 -4.43
C TYR A 6 -2.13 -17.24 -3.30
N GLU A 7 -1.86 -16.79 -2.11
CA GLU A 7 -2.74 -17.11 -0.96
C GLU A 7 -4.01 -16.27 -1.04
N GLY A 8 -3.88 -15.04 -1.48
CA GLY A 8 -5.09 -14.17 -1.59
C GLY A 8 -4.69 -12.80 -2.14
N VAL A 9 -5.56 -11.83 -2.03
CA VAL A 9 -5.23 -10.47 -2.55
C VAL A 9 -5.43 -9.46 -1.42
N PHE A 10 -4.57 -8.48 -1.31
CA PHE A 10 -4.71 -7.48 -0.23
C PHE A 10 -4.94 -6.09 -0.84
N TYR A 11 -5.86 -5.34 -0.31
CA TYR A 11 -6.11 -3.98 -0.86
C TYR A 11 -5.74 -2.93 0.21
N THR A 12 -4.80 -2.08 -0.10
CA THR A 12 -4.39 -1.06 0.90
C THR A 12 -4.70 0.34 0.36
N ASP A 13 -4.95 1.28 1.23
CA ASP A 13 -5.27 2.66 0.77
C ASP A 13 -4.74 3.67 1.80
N GLY A 14 -4.49 4.88 1.38
CA GLY A 14 -3.98 5.91 2.33
C GLY A 14 -4.17 7.29 1.72
N SER A 15 -4.96 8.13 2.34
CA SER A 15 -5.17 9.50 1.79
C SER A 15 -5.19 10.52 2.92
N ALA A 16 -4.72 11.72 2.66
CA ALA A 16 -4.71 12.76 3.72
C ALA A 16 -5.79 13.80 3.44
N ILE A 17 -6.46 14.27 4.45
CA ILE A 17 -7.53 15.28 4.23
C ILE A 17 -7.05 16.65 4.75
N LYS A 18 -7.31 17.69 4.00
CA LYS A 18 -6.87 19.04 4.45
C LYS A 18 -8.00 19.71 5.23
N SER A 19 -7.68 20.49 6.22
CA SER A 19 -8.73 21.16 7.03
C SER A 19 -8.47 22.68 7.04
N PRO A 20 -9.37 23.45 7.66
CA PRO A 20 -9.23 24.91 7.75
C PRO A 20 -8.05 25.29 8.66
N ASP A 21 -7.47 24.33 9.33
CA ASP A 21 -6.32 24.63 10.22
C ASP A 21 -5.23 23.59 9.99
N PRO A 22 -4.56 23.67 8.82
CA PRO A 22 -3.48 22.74 8.46
C PRO A 22 -2.23 22.90 9.32
N THR A 23 -2.29 23.71 10.35
CA THR A 23 -1.10 23.89 11.21
C THR A 23 -0.67 22.54 11.77
N LYS A 24 -1.58 21.61 11.87
CA LYS A 24 -1.23 20.27 12.40
C LYS A 24 -1.13 19.27 11.24
N SER A 25 -0.84 19.75 10.06
CA SER A 25 -0.72 18.84 8.89
C SER A 25 -2.09 18.25 8.56
N ASN A 26 -2.24 17.70 7.39
CA ASN A 26 -3.54 17.09 7.01
C ASN A 26 -3.70 15.74 7.69
N ASN A 27 -4.92 15.35 7.99
CA ASN A 27 -5.13 14.03 8.66
C ASN A 27 -5.41 12.98 7.59
N ALA A 28 -4.72 11.87 7.62
CA ALA A 28 -4.95 10.82 6.59
C ALA A 28 -5.40 9.52 7.26
N GLY A 29 -5.94 8.62 6.49
CA GLY A 29 -6.39 7.33 7.05
C GLY A 29 -5.96 6.20 6.11
N MET A 30 -5.64 5.05 6.65
CA MET A 30 -5.22 3.92 5.78
C MET A 30 -6.18 2.74 5.96
N GLY A 31 -6.42 2.00 4.91
CA GLY A 31 -7.35 0.84 5.03
C GLY A 31 -6.75 -0.36 4.28
N ILE A 32 -6.49 -1.43 4.98
CA ILE A 32 -5.91 -2.64 4.33
C ILE A 32 -6.86 -3.82 4.52
N VAL A 33 -7.39 -4.35 3.47
CA VAL A 33 -8.33 -5.51 3.60
C VAL A 33 -7.82 -6.68 2.75
N HIS A 34 -8.00 -7.89 3.22
CA HIS A 34 -7.54 -9.07 2.44
C HIS A 34 -8.73 -9.71 1.73
N ALA A 35 -8.54 -10.18 0.54
CA ALA A 35 -9.67 -10.81 -0.21
C ALA A 35 -9.21 -12.16 -0.76
N THR A 36 -10.14 -12.99 -1.19
CA THR A 36 -9.75 -14.32 -1.73
C THR A 36 -10.37 -14.49 -3.12
N TYR A 37 -9.90 -15.46 -3.86
CA TYR A 37 -10.45 -15.68 -5.23
C TYR A 37 -11.30 -16.94 -5.23
N LYS A 38 -11.59 -17.48 -4.08
CA LYS A 38 -12.43 -18.71 -4.02
C LYS A 38 -13.70 -18.50 -4.83
N PRO A 39 -14.60 -19.51 -4.89
CA PRO A 39 -15.85 -19.40 -5.64
C PRO A 39 -16.79 -18.35 -5.03
N GLU A 40 -16.41 -17.80 -3.90
CA GLU A 40 -17.26 -16.76 -3.26
C GLU A 40 -16.39 -15.53 -2.95
N TYR A 41 -16.53 -14.48 -3.70
CA TYR A 41 -15.70 -13.27 -3.45
C TYR A 41 -16.05 -12.69 -2.08
N GLN A 42 -15.07 -12.43 -1.26
CA GLN A 42 -15.33 -11.85 0.08
C GLN A 42 -14.03 -11.36 0.70
N VAL A 43 -14.10 -10.41 1.59
CA VAL A 43 -12.86 -9.88 2.24
C VAL A 43 -12.56 -10.70 3.49
N LEU A 44 -11.41 -11.32 3.54
CA LEU A 44 -11.06 -12.14 4.74
C LEU A 44 -11.11 -11.24 5.98
N ASN A 45 -10.66 -10.02 5.87
CA ASN A 45 -10.67 -9.10 7.04
C ASN A 45 -10.35 -7.68 6.58
N GLN A 46 -10.78 -6.70 7.33
CA GLN A 46 -10.50 -5.29 6.95
C GLN A 46 -9.55 -4.68 7.98
N TRP A 47 -8.57 -3.93 7.54
CA TRP A 47 -7.61 -3.32 8.49
C TRP A 47 -7.70 -1.79 8.40
N SER A 48 -7.77 -1.12 9.52
CA SER A 48 -7.85 0.37 9.49
C SER A 48 -6.65 0.95 10.24
N ILE A 49 -6.08 2.01 9.74
CA ILE A 49 -4.91 2.62 10.42
C ILE A 49 -4.95 4.14 10.25
N PRO A 50 -5.56 4.85 11.22
CA PRO A 50 -5.67 6.31 11.18
C PRO A 50 -4.31 6.98 11.43
N LEU A 51 -4.08 8.11 10.82
CA LEU A 51 -2.78 8.82 11.01
C LEU A 51 -3.04 10.23 11.53
N GLY A 52 -2.37 10.62 12.58
CA GLY A 52 -2.56 11.98 13.14
C GLY A 52 -1.52 12.92 12.52
N ASN A 53 -0.29 12.81 12.95
CA ASN A 53 0.78 13.68 12.38
C ASN A 53 1.61 12.89 11.37
N HIS A 54 1.19 12.88 10.13
CA HIS A 54 1.94 12.11 9.10
C HIS A 54 2.16 12.98 7.86
N THR A 55 2.50 12.37 6.75
CA THR A 55 2.71 13.13 5.50
C THR A 55 1.91 12.46 4.39
N ALA A 56 1.36 13.22 3.47
CA ALA A 56 0.57 12.60 2.38
C ALA A 56 1.32 11.38 1.84
N GLN A 57 2.62 11.44 1.83
CA GLN A 57 3.42 10.28 1.33
C GLN A 57 3.45 9.19 2.40
N MET A 58 3.75 9.55 3.62
CA MET A 58 3.80 8.53 4.70
C MET A 58 2.53 7.68 4.64
N ALA A 59 1.42 8.28 4.30
CA ALA A 59 0.15 7.50 4.23
C ALA A 59 0.16 6.62 2.98
N GLU A 60 0.55 7.16 1.85
CA GLU A 60 0.59 6.35 0.61
C GLU A 60 1.69 5.27 0.72
N ILE A 61 2.76 5.59 1.38
CA ILE A 61 3.87 4.59 1.52
C ILE A 61 3.50 3.58 2.60
N ALA A 62 2.85 4.02 3.65
CA ALA A 62 2.47 3.07 4.74
C ALA A 62 1.44 2.07 4.20
N ALA A 63 0.64 2.46 3.25
CA ALA A 63 -0.38 1.54 2.69
C ALA A 63 0.31 0.30 2.12
N VAL A 64 1.38 0.49 1.39
CA VAL A 64 2.10 -0.68 0.81
C VAL A 64 2.94 -1.35 1.88
N GLU A 65 3.73 -0.60 2.61
CA GLU A 65 4.57 -1.21 3.67
C GLU A 65 3.69 -2.05 4.60
N PHE A 66 2.52 -1.57 4.92
CA PHE A 66 1.63 -2.35 5.82
C PHE A 66 1.36 -3.72 5.23
N ALA A 67 0.63 -3.80 4.15
CA ALA A 67 0.34 -5.11 3.52
C ALA A 67 1.65 -5.76 3.07
N CYS A 68 2.71 -5.00 2.98
CA CYS A 68 4.02 -5.58 2.55
C CYS A 68 4.50 -6.58 3.61
N LYS A 69 4.76 -6.11 4.79
CA LYS A 69 5.24 -7.03 5.86
C LYS A 69 4.18 -8.10 6.13
N LYS A 70 2.95 -7.72 6.23
CA LYS A 70 1.87 -8.70 6.48
C LYS A 70 1.80 -9.71 5.32
N ALA A 71 2.02 -9.25 4.12
CA ALA A 71 1.96 -10.18 2.95
C ALA A 71 3.00 -11.28 3.14
N LEU A 72 4.26 -10.94 3.17
CA LEU A 72 5.31 -11.97 3.35
C LEU A 72 5.00 -12.82 4.57
N LYS A 73 4.66 -12.19 5.67
CA LYS A 73 4.34 -12.96 6.91
C LYS A 73 3.48 -14.16 6.55
N ILE A 74 2.53 -13.99 5.65
CA ILE A 74 1.67 -15.12 5.25
C ILE A 74 2.57 -16.31 4.83
N PRO A 75 2.14 -17.53 5.14
CA PRO A 75 2.90 -18.75 4.79
C PRO A 75 3.00 -18.95 3.28
N GLY A 76 2.39 -18.10 2.50
CA GLY A 76 2.46 -18.24 1.03
C GLY A 76 2.53 -16.85 0.40
N PRO A 77 2.79 -16.78 -0.92
CA PRO A 77 2.87 -15.50 -1.63
C PRO A 77 1.51 -14.82 -1.75
N VAL A 78 1.38 -13.64 -1.21
CA VAL A 78 0.08 -12.92 -1.29
C VAL A 78 0.24 -11.66 -2.15
N LEU A 79 -0.79 -11.29 -2.87
CA LEU A 79 -0.70 -10.09 -3.74
C LEU A 79 -1.21 -8.86 -2.98
N VAL A 80 -0.59 -7.73 -3.19
CA VAL A 80 -1.03 -6.50 -2.48
C VAL A 80 -1.35 -5.41 -3.52
N ILE A 81 -2.52 -4.85 -3.46
CA ILE A 81 -2.88 -3.80 -4.45
C ILE A 81 -3.04 -2.45 -3.74
N THR A 82 -2.52 -1.40 -4.31
CA THR A 82 -2.63 -0.06 -3.69
C THR A 82 -2.84 0.99 -4.77
N ASP A 83 -3.36 2.13 -4.42
CA ASP A 83 -3.57 3.20 -5.43
C ASP A 83 -2.36 4.13 -5.47
N SER A 84 -1.24 3.67 -4.99
CA SER A 84 -0.02 4.52 -5.00
C SER A 84 0.93 4.03 -6.09
N PHE A 85 1.01 4.74 -7.19
CA PHE A 85 1.92 4.31 -8.29
C PHE A 85 3.37 4.49 -7.85
N TYR A 86 3.71 5.65 -7.35
CA TYR A 86 5.11 5.89 -6.92
C TYR A 86 5.47 4.91 -5.80
N VAL A 87 4.57 4.66 -4.90
CA VAL A 87 4.87 3.71 -3.79
C VAL A 87 5.13 2.32 -4.37
N ALA A 88 4.38 1.93 -5.36
CA ALA A 88 4.57 0.59 -5.97
C ALA A 88 6.02 0.46 -6.47
N GLU A 89 6.42 1.31 -7.38
CA GLU A 89 7.81 1.24 -7.91
C GLU A 89 8.79 1.22 -6.74
N SER A 90 8.49 1.93 -5.68
CA SER A 90 9.40 1.96 -4.51
C SER A 90 9.66 0.53 -4.02
N ALA A 91 8.63 -0.25 -3.88
CA ALA A 91 8.82 -1.65 -3.40
C ALA A 91 9.06 -2.58 -4.59
N ASN A 92 9.05 -2.05 -5.80
CA ASN A 92 9.28 -2.91 -6.99
C ASN A 92 10.78 -2.96 -7.31
N LYS A 93 11.31 -1.89 -7.86
CA LYS A 93 12.77 -1.89 -8.20
C LYS A 93 13.44 -0.67 -7.57
N GLU A 94 12.73 0.41 -7.44
CA GLU A 94 13.34 1.64 -6.84
C GLU A 94 13.99 1.30 -5.50
N LEU A 95 13.36 0.47 -4.70
CA LEU A 95 13.96 0.11 -3.39
C LEU A 95 15.29 -0.62 -3.61
N PRO A 96 15.27 -1.74 -4.34
CA PRO A 96 16.47 -2.52 -4.63
C PRO A 96 17.44 -1.74 -5.53
N TYR A 97 16.93 -0.82 -6.29
CA TYR A 97 17.83 -0.01 -7.17
C TYR A 97 18.54 1.02 -6.31
N TRP A 98 17.88 1.54 -5.32
CA TRP A 98 18.53 2.55 -4.43
C TRP A 98 19.71 1.88 -3.72
N LYS A 99 19.50 0.73 -3.14
CA LYS A 99 20.61 0.04 -2.43
C LYS A 99 21.89 0.13 -3.27
N SER A 100 21.79 -0.09 -4.55
CA SER A 100 23.00 -0.02 -5.42
C SER A 100 23.54 1.41 -5.41
N ASN A 101 22.68 2.39 -5.50
CA ASN A 101 23.14 3.80 -5.49
C ASN A 101 23.71 4.14 -4.11
N GLY A 102 23.44 3.32 -3.13
CA GLY A 102 23.97 3.60 -1.76
C GLY A 102 23.02 4.56 -1.04
N PHE A 103 21.74 4.45 -1.30
CA PHE A 103 20.76 5.35 -0.62
C PHE A 103 20.97 6.78 -1.12
N VAL A 104 21.26 6.95 -2.38
CA VAL A 104 21.48 8.32 -2.91
C VAL A 104 20.42 8.62 -3.97
N ASN A 105 19.76 9.74 -3.86
CA ASN A 105 18.71 10.10 -4.86
C ASN A 105 19.36 10.81 -6.05
N ASN A 106 19.29 10.23 -7.21
CA ASN A 106 19.90 10.87 -8.41
C ASN A 106 19.29 12.25 -8.61
N LYS A 107 18.02 12.41 -8.33
CA LYS A 107 17.37 13.73 -8.51
C LYS A 107 18.10 14.78 -7.66
N LYS A 108 18.55 14.40 -6.49
CA LYS A 108 19.27 15.36 -5.62
C LYS A 108 20.51 14.70 -5.03
N LYS A 109 20.35 13.96 -3.98
CA LYS A 109 21.52 13.27 -3.36
C LYS A 109 21.05 12.33 -2.26
N PRO A 110 20.51 12.88 -1.17
CA PRO A 110 20.01 12.08 -0.03
C PRO A 110 18.71 11.36 -0.38
N LEU A 111 18.56 10.15 0.09
CA LEU A 111 17.32 9.38 -0.21
C LEU A 111 16.31 9.59 0.93
N LYS A 112 15.08 9.87 0.60
CA LYS A 112 14.05 10.07 1.66
C LYS A 112 13.27 8.78 1.88
N HIS A 113 12.81 8.56 3.08
CA HIS A 113 12.03 7.31 3.36
C HIS A 113 12.94 6.09 3.21
N ILE A 114 14.20 6.24 3.49
CA ILE A 114 15.13 5.07 3.36
C ILE A 114 14.74 4.01 4.38
N SER A 115 14.57 4.39 5.61
CA SER A 115 14.20 3.39 6.66
C SER A 115 12.85 2.76 6.28
N LYS A 116 11.91 3.57 5.87
CA LYS A 116 10.58 3.02 5.49
C LYS A 116 10.75 2.00 4.36
N TRP A 117 11.46 2.37 3.32
CA TRP A 117 11.66 1.43 2.19
C TRP A 117 12.57 0.28 2.64
N LYS A 118 13.53 0.58 3.49
CA LYS A 118 14.45 -0.49 3.96
C LYS A 118 13.64 -1.60 4.63
N SER A 119 12.71 -1.25 5.46
CA SER A 119 11.88 -2.28 6.13
C SER A 119 11.23 -3.18 5.07
N ILE A 120 10.69 -2.60 4.04
CA ILE A 120 10.04 -3.41 2.97
C ILE A 120 11.10 -4.23 2.24
N ALA A 121 12.27 -3.66 2.05
CA ALA A 121 13.35 -4.41 1.34
C ALA A 121 13.63 -5.72 2.08
N GLU A 122 13.70 -5.67 3.38
CA GLU A 122 13.97 -6.91 4.15
C GLU A 122 12.94 -7.98 3.79
N CYS A 123 11.69 -7.62 3.73
CA CYS A 123 10.65 -8.62 3.37
C CYS A 123 10.83 -9.06 1.92
N LEU A 124 11.03 -8.12 1.03
CA LEU A 124 11.23 -8.49 -0.40
C LEU A 124 12.54 -9.26 -0.56
N SER A 125 13.52 -8.94 0.25
CA SER A 125 14.82 -9.66 0.15
C SER A 125 14.61 -11.15 0.44
N MET A 126 13.71 -11.48 1.32
CA MET A 126 13.46 -12.91 1.65
C MET A 126 12.90 -13.61 0.41
N LYS A 127 12.12 -12.93 -0.38
CA LYS A 127 11.54 -13.56 -1.60
C LYS A 127 10.56 -12.59 -2.27
N PRO A 128 10.50 -12.62 -3.61
CA PRO A 128 9.61 -11.75 -4.38
C PRO A 128 8.15 -12.18 -4.24
N ASP A 129 7.88 -13.19 -3.45
CA ASP A 129 6.48 -13.66 -3.28
C ASP A 129 5.55 -12.45 -3.14
N ILE A 130 5.91 -11.50 -2.33
CA ILE A 130 5.05 -10.29 -2.14
C ILE A 130 4.81 -9.63 -3.50
N THR A 131 3.58 -9.50 -3.90
CA THR A 131 3.28 -8.85 -5.21
C THR A 131 2.59 -7.50 -4.97
N ILE A 132 2.91 -6.52 -5.76
CA ILE A 132 2.27 -5.18 -5.57
C ILE A 132 1.64 -4.72 -6.88
N GLN A 133 0.44 -4.23 -6.83
CA GLN A 133 -0.24 -3.77 -8.08
C GLN A 133 -0.68 -2.31 -7.90
N HIS A 134 -0.88 -1.61 -8.99
CA HIS A 134 -1.31 -0.19 -8.89
C HIS A 134 -2.73 -0.04 -9.45
N GLU A 135 -3.61 0.55 -8.69
CA GLU A 135 -5.00 0.72 -9.18
C GLU A 135 -4.99 1.51 -10.49
N LYS A 136 -5.96 1.29 -11.33
CA LYS A 136 -6.00 2.04 -12.63
C LYS A 136 -6.87 3.29 -12.47
N GLY A 137 -6.87 3.88 -11.31
CA GLY A 137 -7.69 5.11 -11.09
C GLY A 137 -9.06 4.70 -10.55
N HIS A 138 -10.01 5.59 -10.60
CA HIS A 138 -11.38 5.25 -10.10
C HIS A 138 -12.11 4.41 -11.14
N GLN A 139 -11.77 4.57 -12.39
CA GLN A 139 -12.45 3.78 -13.45
C GLN A 139 -11.43 2.86 -14.13
N PRO A 140 -11.05 1.76 -13.46
CA PRO A 140 -10.08 0.80 -14.00
C PRO A 140 -10.66 0.00 -15.18
N THR A 141 -9.81 -0.47 -16.05
CA THR A 141 -10.31 -1.25 -17.21
C THR A 141 -9.71 -2.66 -17.18
N ASN A 142 -10.47 -3.65 -17.55
CA ASN A 142 -9.95 -5.04 -17.54
C ASN A 142 -9.43 -5.37 -16.14
N THR A 143 -10.22 -5.10 -15.13
CA THR A 143 -9.77 -5.41 -13.74
C THR A 143 -10.83 -4.91 -12.76
N SER A 144 -12.08 -4.99 -13.12
CA SER A 144 -13.15 -4.52 -12.20
C SER A 144 -13.17 -5.39 -10.94
N ILE A 145 -12.66 -6.59 -11.03
CA ILE A 145 -12.65 -7.49 -9.85
C ILE A 145 -11.87 -6.82 -8.71
N HIS A 146 -10.65 -6.43 -8.96
CA HIS A 146 -9.84 -5.77 -7.90
C HIS A 146 -10.47 -4.42 -7.54
N THR A 147 -11.27 -3.87 -8.43
CA THR A 147 -11.91 -2.56 -8.14
C THR A 147 -12.81 -2.70 -6.90
N GLU A 148 -13.62 -3.72 -6.85
CA GLU A 148 -14.51 -3.91 -5.67
C GLU A 148 -13.70 -3.79 -4.39
N GLY A 149 -12.57 -4.44 -4.33
CA GLY A 149 -11.73 -4.36 -3.10
C GLY A 149 -11.29 -2.90 -2.87
N ASN A 150 -11.02 -2.19 -3.92
CA ASN A 150 -10.59 -0.77 -3.76
C ASN A 150 -11.73 0.04 -3.13
N ALA A 151 -12.95 -0.26 -3.49
CA ALA A 151 -14.10 0.49 -2.92
C ALA A 151 -14.15 0.26 -1.41
N LEU A 152 -14.13 -0.98 -1.00
CA LEU A 152 -14.20 -1.27 0.47
C LEU A 152 -12.91 -0.76 1.14
N ALA A 153 -11.78 -0.99 0.53
CA ALA A 153 -10.50 -0.52 1.13
C ALA A 153 -10.49 1.01 1.20
N ASP A 154 -11.03 1.65 0.19
CA ASP A 154 -11.06 3.14 0.19
C ASP A 154 -11.96 3.64 1.32
N LYS A 155 -13.09 3.01 1.52
CA LYS A 155 -14.01 3.45 2.61
C LYS A 155 -13.28 3.38 3.96
N LEU A 156 -12.50 2.36 4.17
CA LEU A 156 -11.76 2.24 5.45
C LEU A 156 -10.76 3.38 5.59
N ALA A 157 -10.13 3.75 4.51
CA ALA A 157 -9.13 4.86 4.57
C ALA A 157 -9.83 6.17 4.95
N THR A 158 -10.98 6.42 4.37
CA THR A 158 -11.71 7.68 4.69
C THR A 158 -12.06 7.70 6.18
N GLN A 159 -12.49 6.60 6.72
CA GLN A 159 -12.85 6.56 8.16
C GLN A 159 -11.61 6.85 9.02
N GLY A 160 -10.46 6.42 8.56
CA GLY A 160 -9.22 6.66 9.35
C GLY A 160 -9.04 8.16 9.58
N SER A 161 -9.31 8.96 8.58
CA SER A 161 -9.16 10.44 8.75
C SER A 161 -10.12 10.93 9.83
N TYR A 162 -11.30 10.37 9.89
CA TYR A 162 -12.28 10.81 10.93
C TYR A 162 -11.79 10.37 12.31
N VAL A 163 -10.93 9.38 12.37
CA VAL A 163 -10.42 8.91 13.69
C VAL A 163 -9.59 10.02 14.34
N VAL A 164 -8.96 10.85 13.54
CA VAL A 164 -8.14 11.95 14.12
C VAL A 164 -8.79 13.29 13.80
N ASN A 165 -8.81 14.19 14.76
CA ASN A 165 -9.43 15.52 14.50
C ASN A 165 -8.41 16.62 14.84
N GLY A 1 -0.17 -13.62 -17.69
CA GLY A 1 -0.89 -14.87 -18.08
C GLY A 1 -1.71 -15.37 -16.89
N ALA A 2 -1.54 -16.61 -16.51
CA ALA A 2 -2.30 -17.16 -15.36
C ALA A 2 -1.98 -16.34 -14.10
N MET A 3 -2.96 -16.11 -13.26
CA MET A 3 -2.71 -15.31 -12.02
C MET A 3 -1.70 -16.05 -11.14
N GLY A 4 -1.77 -17.36 -11.10
CA GLY A 4 -0.81 -18.12 -10.25
C GLY A 4 -1.54 -18.66 -9.01
N GLN A 5 -2.71 -18.15 -8.74
CA GLN A 5 -3.47 -18.62 -7.54
C GLN A 5 -2.68 -18.30 -6.28
N TYR A 6 -2.16 -17.10 -6.18
CA TYR A 6 -1.38 -16.73 -4.96
C TYR A 6 -2.21 -17.07 -3.72
N GLU A 7 -1.68 -16.79 -2.56
CA GLU A 7 -2.45 -17.10 -1.32
C GLU A 7 -3.65 -16.17 -1.24
N GLY A 8 -3.49 -14.94 -1.65
CA GLY A 8 -4.64 -13.98 -1.60
C GLY A 8 -4.19 -12.63 -2.16
N VAL A 9 -5.05 -11.65 -2.13
CA VAL A 9 -4.67 -10.31 -2.65
C VAL A 9 -5.12 -9.25 -1.65
N PHE A 10 -4.25 -8.33 -1.30
CA PHE A 10 -4.63 -7.28 -0.32
C PHE A 10 -4.68 -5.92 -1.00
N TYR A 11 -5.65 -5.12 -0.66
CA TYR A 11 -5.76 -3.76 -1.27
C TYR A 11 -5.47 -2.70 -0.21
N THR A 12 -4.66 -1.73 -0.52
CA THR A 12 -4.34 -0.68 0.48
C THR A 12 -4.75 0.69 -0.07
N ASP A 13 -5.06 1.61 0.81
CA ASP A 13 -5.47 2.97 0.34
C ASP A 13 -5.13 4.00 1.42
N GLY A 14 -4.89 5.22 1.04
CA GLY A 14 -4.55 6.27 2.05
C GLY A 14 -5.43 7.50 1.82
N SER A 15 -6.09 7.97 2.84
CA SER A 15 -6.96 9.18 2.68
C SER A 15 -6.49 10.28 3.64
N ALA A 16 -6.65 11.51 3.27
CA ALA A 16 -6.21 12.62 4.16
C ALA A 16 -7.31 13.68 4.25
N ILE A 17 -7.47 14.29 5.38
CA ILE A 17 -8.52 15.33 5.54
C ILE A 17 -7.87 16.66 5.91
N LYS A 18 -8.31 17.74 5.32
CA LYS A 18 -7.71 19.06 5.64
C LYS A 18 -8.61 19.81 6.64
N SER A 19 -8.06 20.75 7.35
CA SER A 19 -8.88 21.50 8.34
C SER A 19 -8.74 23.00 8.07
N PRO A 20 -9.38 23.83 8.92
CA PRO A 20 -9.32 25.28 8.78
C PRO A 20 -8.10 25.87 9.50
N ASP A 21 -7.10 26.26 8.76
CA ASP A 21 -5.87 26.84 9.40
C ASP A 21 -5.25 25.83 10.37
N PRO A 22 -5.21 24.54 9.97
CA PRO A 22 -4.63 23.49 10.81
C PRO A 22 -3.11 23.57 10.84
N THR A 23 -2.57 24.29 11.78
CA THR A 23 -1.09 24.41 11.85
C THR A 23 -0.48 23.01 11.85
N LYS A 24 -1.25 22.01 12.19
CA LYS A 24 -0.72 20.61 12.19
C LYS A 24 -1.03 19.98 10.83
N SER A 25 -0.11 19.22 10.30
CA SER A 25 -0.35 18.56 8.98
C SER A 25 -1.78 18.03 8.91
N ASN A 26 -2.37 18.03 7.73
CA ASN A 26 -3.76 17.52 7.58
C ASN A 26 -3.88 16.17 8.30
N ASN A 27 -5.06 15.62 8.35
CA ASN A 27 -5.24 14.31 9.03
C ASN A 27 -5.19 13.19 7.99
N ALA A 28 -4.39 12.19 8.21
CA ALA A 28 -4.30 11.07 7.23
C ALA A 28 -4.87 9.79 7.85
N GLY A 29 -5.32 8.88 7.03
CA GLY A 29 -5.89 7.60 7.56
C GLY A 29 -5.45 6.44 6.68
N MET A 30 -5.51 5.23 7.18
CA MET A 30 -5.10 4.06 6.36
C MET A 30 -6.27 3.08 6.22
N GLY A 31 -6.32 2.36 5.15
CA GLY A 31 -7.42 1.38 4.95
C GLY A 31 -6.94 0.24 4.06
N ILE A 32 -6.93 -0.96 4.58
CA ILE A 32 -6.46 -2.12 3.75
C ILE A 32 -7.57 -3.16 3.65
N VAL A 33 -7.74 -3.76 2.50
CA VAL A 33 -8.81 -4.78 2.34
C VAL A 33 -8.16 -6.14 2.07
N HIS A 34 -8.67 -7.19 2.64
CA HIS A 34 -8.08 -8.53 2.41
C HIS A 34 -9.01 -9.36 1.51
N ALA A 35 -8.45 -10.11 0.59
CA ALA A 35 -9.29 -10.93 -0.31
C ALA A 35 -8.65 -12.30 -0.53
N THR A 36 -9.37 -13.24 -1.06
CA THR A 36 -8.80 -14.59 -1.29
C THR A 36 -9.26 -15.13 -2.64
N TYR A 37 -8.62 -16.16 -3.15
CA TYR A 37 -9.02 -16.73 -4.46
C TYR A 37 -9.92 -17.95 -4.23
N LYS A 38 -10.41 -18.13 -3.03
CA LYS A 38 -11.29 -19.29 -2.75
C LYS A 38 -12.39 -19.34 -3.81
N PRO A 39 -13.28 -20.35 -3.75
CA PRO A 39 -14.38 -20.49 -4.71
C PRO A 39 -15.38 -19.34 -4.59
N GLU A 40 -15.21 -18.49 -3.61
CA GLU A 40 -16.13 -17.33 -3.45
C GLU A 40 -15.31 -16.09 -3.10
N TYR A 41 -15.16 -15.18 -4.03
CA TYR A 41 -14.38 -13.95 -3.74
C TYR A 41 -15.07 -13.14 -2.64
N GLN A 42 -14.41 -12.96 -1.53
CA GLN A 42 -15.03 -12.19 -0.42
C GLN A 42 -13.94 -11.51 0.42
N VAL A 43 -14.22 -10.35 0.93
CA VAL A 43 -13.19 -9.64 1.75
C VAL A 43 -12.89 -10.46 3.01
N LEU A 44 -11.67 -10.90 3.15
CA LEU A 44 -11.31 -11.72 4.36
C LEU A 44 -11.47 -10.85 5.61
N ASN A 45 -11.13 -9.60 5.52
CA ASN A 45 -11.26 -8.71 6.71
C ASN A 45 -10.86 -7.28 6.33
N GLN A 46 -11.29 -6.30 7.09
CA GLN A 46 -10.94 -4.89 6.77
C GLN A 46 -9.91 -4.39 7.79
N TRP A 47 -8.92 -3.67 7.34
CA TRP A 47 -7.88 -3.15 8.29
C TRP A 47 -7.75 -1.64 8.14
N SER A 48 -7.77 -0.92 9.22
CA SER A 48 -7.63 0.56 9.14
C SER A 48 -6.56 1.02 10.13
N ILE A 49 -5.70 1.92 9.71
CA ILE A 49 -4.62 2.40 10.62
C ILE A 49 -4.52 3.92 10.54
N PRO A 50 -4.88 4.61 11.63
CA PRO A 50 -4.84 6.09 11.69
C PRO A 50 -3.40 6.60 11.72
N LEU A 51 -3.12 7.64 11.00
CA LEU A 51 -1.72 8.20 11.00
C LEU A 51 -1.71 9.55 11.69
N GLY A 52 -0.70 9.81 12.48
CA GLY A 52 -0.63 11.13 13.18
C GLY A 52 0.59 11.90 12.68
N ASN A 53 0.40 13.15 12.34
CA ASN A 53 1.55 13.97 11.83
C ASN A 53 2.05 13.37 10.52
N HIS A 54 1.17 12.89 9.69
CA HIS A 54 1.60 12.30 8.40
C HIS A 54 0.88 13.00 7.25
N THR A 55 1.42 12.91 6.06
CA THR A 55 0.75 13.57 4.90
C THR A 55 0.00 12.52 4.08
N ALA A 56 -0.81 12.94 3.15
CA ALA A 56 -1.57 11.95 2.33
C ALA A 56 -0.57 11.03 1.63
N GLN A 57 0.58 11.54 1.27
CA GLN A 57 1.59 10.69 0.60
C GLN A 57 2.20 9.71 1.62
N MET A 58 2.64 10.20 2.74
CA MET A 58 3.23 9.31 3.77
C MET A 58 2.23 8.21 4.12
N ALA A 59 0.96 8.48 4.00
CA ALA A 59 -0.07 7.45 4.33
C ALA A 59 -0.10 6.40 3.21
N GLU A 60 0.00 6.82 1.98
CA GLU A 60 -0.02 5.84 0.85
C GLU A 60 1.13 4.87 0.99
N ILE A 61 2.30 5.34 1.34
CA ILE A 61 3.47 4.44 1.49
C ILE A 61 3.26 3.55 2.73
N ALA A 62 2.61 4.07 3.73
CA ALA A 62 2.39 3.26 4.96
C ALA A 62 1.46 2.09 4.64
N ALA A 63 0.60 2.26 3.66
CA ALA A 63 -0.33 1.15 3.28
C ALA A 63 0.46 0.02 2.62
N VAL A 64 1.42 0.35 1.82
CA VAL A 64 2.23 -0.70 1.13
C VAL A 64 3.09 -1.43 2.17
N GLU A 65 3.66 -0.73 3.10
CA GLU A 65 4.50 -1.38 4.13
C GLU A 65 3.62 -2.31 4.98
N PHE A 66 2.45 -1.85 5.33
CA PHE A 66 1.53 -2.69 6.14
C PHE A 66 1.22 -3.99 5.40
N ALA A 67 0.55 -3.90 4.28
CA ALA A 67 0.21 -5.13 3.51
C ALA A 67 1.49 -5.88 3.15
N CYS A 68 2.56 -5.17 2.91
CA CYS A 68 3.83 -5.86 2.55
C CYS A 68 4.26 -6.78 3.69
N LYS A 69 4.35 -6.26 4.89
CA LYS A 69 4.76 -7.11 6.04
C LYS A 69 3.78 -8.27 6.21
N LYS A 70 2.50 -7.98 6.24
CA LYS A 70 1.50 -9.07 6.40
C LYS A 70 1.59 -10.04 5.22
N ALA A 71 1.86 -9.55 4.04
CA ALA A 71 1.95 -10.45 2.86
C ALA A 71 3.01 -11.52 3.11
N LEU A 72 4.26 -11.15 3.15
CA LEU A 72 5.33 -12.15 3.40
C LEU A 72 4.93 -13.05 4.57
N LYS A 73 4.47 -12.47 5.64
CA LYS A 73 4.07 -13.28 6.83
C LYS A 73 3.26 -14.49 6.35
N ILE A 74 2.33 -14.28 5.46
CA ILE A 74 1.51 -15.41 4.95
C ILE A 74 2.44 -16.56 4.55
N PRO A 75 2.01 -17.81 4.81
CA PRO A 75 2.81 -19.00 4.47
C PRO A 75 2.99 -19.16 2.97
N GLY A 76 2.36 -18.31 2.19
CA GLY A 76 2.51 -18.41 0.71
C GLY A 76 2.59 -16.99 0.14
N PRO A 77 2.95 -16.87 -1.15
CA PRO A 77 3.07 -15.57 -1.82
C PRO A 77 1.70 -14.90 -2.00
N VAL A 78 1.55 -13.72 -1.47
CA VAL A 78 0.24 -13.01 -1.60
C VAL A 78 0.44 -11.76 -2.46
N LEU A 79 -0.60 -11.29 -3.09
CA LEU A 79 -0.46 -10.08 -3.95
C LEU A 79 -0.95 -8.84 -3.19
N VAL A 80 -0.37 -7.71 -3.48
CA VAL A 80 -0.79 -6.46 -2.79
C VAL A 80 -1.06 -5.37 -3.84
N ILE A 81 -2.14 -4.65 -3.70
CA ILE A 81 -2.44 -3.59 -4.71
C ILE A 81 -2.51 -2.23 -3.99
N THR A 82 -1.98 -1.21 -4.60
CA THR A 82 -2.02 0.14 -3.96
C THR A 82 -2.59 1.15 -4.95
N ASP A 83 -3.03 2.29 -4.48
CA ASP A 83 -3.59 3.32 -5.39
C ASP A 83 -2.48 4.29 -5.81
N SER A 84 -1.25 3.94 -5.56
CA SER A 84 -0.13 4.84 -5.95
C SER A 84 0.96 4.03 -6.65
N PHE A 85 1.34 4.45 -7.83
CA PHE A 85 2.39 3.70 -8.58
C PHE A 85 3.77 4.05 -8.00
N TYR A 86 3.99 5.31 -7.71
CA TYR A 86 5.31 5.72 -7.15
C TYR A 86 5.66 4.81 -5.98
N VAL A 87 4.82 4.74 -4.98
CA VAL A 87 5.10 3.87 -3.81
C VAL A 87 5.21 2.42 -4.27
N ALA A 88 4.28 1.98 -5.08
CA ALA A 88 4.32 0.57 -5.57
C ALA A 88 5.66 0.31 -6.24
N GLU A 89 6.01 1.10 -7.22
CA GLU A 89 7.31 0.92 -7.92
C GLU A 89 8.44 0.92 -6.89
N SER A 90 8.28 1.66 -5.84
CA SER A 90 9.34 1.72 -4.78
C SER A 90 9.62 0.29 -4.28
N ALA A 91 8.61 -0.38 -3.81
CA ALA A 91 8.82 -1.77 -3.29
C ALA A 91 8.87 -2.75 -4.47
N ASN A 92 8.71 -2.27 -5.68
CA ASN A 92 8.75 -3.18 -6.85
C ASN A 92 10.19 -3.42 -7.29
N LYS A 93 10.81 -2.45 -7.90
CA LYS A 93 12.22 -2.64 -8.36
C LYS A 93 13.11 -1.50 -7.83
N GLU A 94 12.54 -0.35 -7.60
CA GLU A 94 13.36 0.79 -7.10
C GLU A 94 13.97 0.43 -5.74
N LEU A 95 13.31 -0.37 -4.97
CA LEU A 95 13.87 -0.75 -3.64
C LEU A 95 15.20 -1.48 -3.82
N PRO A 96 15.19 -2.60 -4.55
CA PRO A 96 16.41 -3.39 -4.82
C PRO A 96 17.42 -2.61 -5.67
N TYR A 97 16.96 -1.68 -6.45
CA TYR A 97 17.89 -0.88 -7.29
C TYR A 97 18.69 0.06 -6.39
N TRP A 98 18.05 0.62 -5.39
CA TRP A 98 18.78 1.54 -4.47
C TRP A 98 19.82 0.75 -3.68
N LYS A 99 19.44 -0.36 -3.12
CA LYS A 99 20.41 -1.18 -2.35
C LYS A 99 21.71 -1.33 -3.14
N SER A 100 21.61 -1.58 -4.41
CA SER A 100 22.84 -1.73 -5.24
C SER A 100 23.68 -0.46 -5.13
N ASN A 101 23.07 0.68 -5.10
CA ASN A 101 23.83 1.95 -4.99
C ASN A 101 24.01 2.31 -3.51
N GLY A 102 23.67 1.41 -2.63
CA GLY A 102 23.82 1.70 -1.18
C GLY A 102 22.74 2.70 -0.74
N PHE A 103 21.54 2.53 -1.23
CA PHE A 103 20.44 3.47 -0.85
C PHE A 103 20.81 4.89 -1.29
N VAL A 104 21.52 5.02 -2.37
CA VAL A 104 21.91 6.38 -2.85
C VAL A 104 21.19 6.69 -4.16
N ASN A 105 20.62 7.86 -4.28
CA ASN A 105 19.90 8.23 -5.53
C ASN A 105 20.92 8.59 -6.62
N ASN A 106 20.60 8.31 -7.86
CA ASN A 106 21.54 8.64 -8.96
C ASN A 106 22.01 10.09 -8.82
N LYS A 107 21.16 10.94 -8.31
CA LYS A 107 21.55 12.37 -8.15
C LYS A 107 22.45 12.51 -6.93
N LYS A 108 23.24 13.56 -6.87
CA LYS A 108 24.15 13.75 -5.70
C LYS A 108 23.33 13.74 -4.41
N LYS A 109 22.10 14.19 -4.47
CA LYS A 109 21.27 14.21 -3.24
C LYS A 109 21.04 12.77 -2.76
N PRO A 110 20.99 12.58 -1.43
CA PRO A 110 20.78 11.26 -0.83
C PRO A 110 19.35 10.75 -1.05
N LEU A 111 19.12 9.50 -0.82
CA LEU A 111 17.75 8.95 -1.03
C LEU A 111 16.87 9.31 0.17
N LYS A 112 15.67 9.75 -0.08
CA LYS A 112 14.76 10.13 1.05
C LYS A 112 13.80 8.97 1.34
N HIS A 113 13.34 8.87 2.55
CA HIS A 113 12.39 7.77 2.90
C HIS A 113 13.12 6.42 2.82
N ILE A 114 14.40 6.40 3.10
CA ILE A 114 15.16 5.13 3.03
C ILE A 114 14.69 4.20 4.17
N SER A 115 14.44 4.75 5.32
CA SER A 115 13.98 3.91 6.46
C SER A 115 12.64 3.25 6.10
N LYS A 116 11.74 4.01 5.54
CA LYS A 116 10.42 3.43 5.17
C LYS A 116 10.63 2.31 4.14
N TRP A 117 11.50 2.52 3.19
CA TRP A 117 11.74 1.47 2.17
C TRP A 117 12.61 0.36 2.77
N LYS A 118 13.46 0.70 3.70
CA LYS A 118 14.33 -0.34 4.32
C LYS A 118 13.46 -1.42 4.98
N SER A 119 12.39 -1.02 5.59
CA SER A 119 11.49 -2.03 6.24
C SER A 119 10.93 -2.97 5.19
N ILE A 120 10.48 -2.45 4.08
CA ILE A 120 9.93 -3.32 3.01
C ILE A 120 11.06 -4.08 2.33
N ALA A 121 12.23 -3.51 2.28
CA ALA A 121 13.37 -4.20 1.62
C ALA A 121 13.67 -5.51 2.37
N GLU A 122 13.63 -5.47 3.68
CA GLU A 122 13.91 -6.71 4.46
C GLU A 122 12.91 -7.80 4.07
N CYS A 123 11.67 -7.43 3.87
CA CYS A 123 10.64 -8.44 3.48
C CYS A 123 10.94 -8.94 2.07
N LEU A 124 11.19 -8.05 1.15
CA LEU A 124 11.49 -8.48 -0.24
C LEU A 124 12.77 -9.31 -0.26
N SER A 125 13.69 -9.00 0.62
CA SER A 125 14.97 -9.77 0.65
C SER A 125 14.68 -11.24 0.97
N MET A 126 13.65 -11.50 1.74
CA MET A 126 13.31 -12.92 2.08
C MET A 126 12.84 -13.64 0.82
N LYS A 127 12.17 -12.95 -0.06
CA LYS A 127 11.67 -13.61 -1.31
C LYS A 127 10.73 -12.66 -2.04
N PRO A 128 10.73 -12.73 -3.39
CA PRO A 128 9.87 -11.88 -4.22
C PRO A 128 8.39 -12.30 -4.12
N ASP A 129 8.11 -13.30 -3.34
CA ASP A 129 6.69 -13.75 -3.19
C ASP A 129 5.77 -12.54 -3.07
N ILE A 130 6.13 -11.60 -2.24
CA ILE A 130 5.27 -10.39 -2.08
C ILE A 130 5.13 -9.69 -3.42
N THR A 131 3.92 -9.57 -3.92
CA THR A 131 3.72 -8.88 -5.22
C THR A 131 2.95 -7.57 -4.99
N ILE A 132 3.32 -6.53 -5.69
CA ILE A 132 2.62 -5.23 -5.51
C ILE A 132 2.03 -4.76 -6.84
N GLN A 133 0.83 -4.26 -6.84
CA GLN A 133 0.21 -3.79 -8.10
C GLN A 133 -0.18 -2.32 -7.96
N HIS A 134 -0.42 -1.64 -9.04
CA HIS A 134 -0.81 -0.20 -8.95
C HIS A 134 -2.20 -0.01 -9.55
N GLU A 135 -3.06 0.67 -8.84
CA GLU A 135 -4.44 0.90 -9.37
C GLU A 135 -4.78 2.39 -9.29
N LYS A 136 -5.40 2.93 -10.29
CA LYS A 136 -5.75 4.37 -10.27
C LYS A 136 -7.27 4.53 -10.34
N GLY A 137 -7.85 5.23 -9.40
CA GLY A 137 -9.33 5.41 -9.42
C GLY A 137 -9.75 6.08 -10.73
N HIS A 138 -9.02 7.05 -11.17
CA HIS A 138 -9.38 7.74 -12.45
C HIS A 138 -9.44 6.71 -13.59
N GLN A 139 -8.47 5.85 -13.66
CA GLN A 139 -8.46 4.83 -14.74
C GLN A 139 -9.30 3.62 -14.31
N PRO A 140 -9.88 2.91 -15.28
CA PRO A 140 -10.71 1.73 -15.02
C PRO A 140 -9.88 0.55 -14.50
N THR A 141 -10.40 -0.22 -13.59
CA THR A 141 -9.64 -1.38 -13.06
C THR A 141 -9.63 -2.51 -14.09
N ASN A 142 -8.53 -3.17 -14.24
CA ASN A 142 -8.46 -4.27 -15.24
C ASN A 142 -9.62 -5.25 -15.01
N THR A 143 -9.93 -5.54 -13.78
CA THR A 143 -11.06 -6.48 -13.49
C THR A 143 -12.05 -5.80 -12.53
N SER A 144 -13.29 -6.19 -12.60
CA SER A 144 -14.31 -5.59 -11.70
C SER A 144 -14.06 -6.05 -10.26
N ILE A 145 -13.47 -7.20 -10.08
CA ILE A 145 -13.20 -7.70 -8.71
C ILE A 145 -12.28 -6.72 -7.97
N HIS A 146 -11.24 -6.27 -8.62
CA HIS A 146 -10.32 -5.30 -7.95
C HIS A 146 -11.03 -3.97 -7.75
N THR A 147 -12.02 -3.69 -8.53
CA THR A 147 -12.76 -2.40 -8.39
C THR A 147 -13.50 -2.37 -7.06
N GLU A 148 -14.18 -3.43 -6.72
CA GLU A 148 -14.93 -3.46 -5.43
C GLU A 148 -13.97 -3.18 -4.28
N GLY A 149 -12.76 -3.67 -4.37
CA GLY A 149 -11.78 -3.44 -3.27
C GLY A 149 -11.36 -1.96 -3.27
N ASN A 150 -11.39 -1.32 -4.40
CA ASN A 150 -11.00 0.12 -4.46
C ASN A 150 -12.05 0.97 -3.74
N ALA A 151 -13.29 0.61 -3.84
CA ALA A 151 -14.36 1.39 -3.16
C ALA A 151 -14.30 1.16 -1.65
N LEU A 152 -14.31 -0.08 -1.23
CA LEU A 152 -14.26 -0.37 0.22
C LEU A 152 -12.94 0.16 0.80
N ALA A 153 -11.87 0.05 0.07
CA ALA A 153 -10.57 0.54 0.58
C ALA A 153 -10.63 2.06 0.77
N ASP A 154 -11.33 2.75 -0.10
CA ASP A 154 -11.42 4.23 0.03
C ASP A 154 -12.22 4.59 1.29
N LYS A 155 -13.23 3.82 1.60
CA LYS A 155 -14.04 4.13 2.81
C LYS A 155 -13.23 3.83 4.07
N LEU A 156 -12.42 2.80 4.04
CA LEU A 156 -11.60 2.47 5.25
C LEU A 156 -10.55 3.56 5.48
N ALA A 157 -10.03 4.13 4.42
CA ALA A 157 -9.00 5.20 4.59
C ALA A 157 -9.65 6.46 5.15
N THR A 158 -10.84 6.78 4.71
CA THR A 158 -11.52 8.00 5.22
C THR A 158 -11.86 7.81 6.70
N GLN A 159 -12.25 6.63 7.09
CA GLN A 159 -12.60 6.39 8.51
C GLN A 159 -11.34 6.50 9.37
N GLY A 160 -10.22 6.11 8.85
CA GLY A 160 -8.95 6.19 9.63
C GLY A 160 -8.61 7.67 9.89
N SER A 161 -8.73 8.50 8.89
CA SER A 161 -8.40 9.94 9.07
C SER A 161 -9.37 10.56 10.07
N TYR A 162 -10.61 10.15 10.04
CA TYR A 162 -11.60 10.72 11.00
C TYR A 162 -11.20 10.37 12.44
N VAL A 163 -10.73 9.15 12.65
CA VAL A 163 -10.32 8.75 14.02
C VAL A 163 -9.32 9.76 14.57
N VAL A 164 -8.42 10.22 13.74
CA VAL A 164 -7.40 11.20 14.22
C VAL A 164 -8.11 12.42 14.84
N ASN A 165 -9.13 12.90 14.18
CA ASN A 165 -9.86 14.09 14.72
C ASN A 165 -8.86 15.18 15.11
#